data_8U7V
#
_entry.id   8U7V
#
_cell.length_a   1.00
_cell.length_b   1.00
_cell.length_c   1.00
_cell.angle_alpha   90.00
_cell.angle_beta   90.00
_cell.angle_gamma   90.00
#
_symmetry.space_group_name_H-M   'P 1'
#
loop_
_entity.id
_entity.type
_entity.pdbx_description
1 polymer "Inosine-5'-monophosphate dehydrogenase 1"
2 non-polymer "GUANOSINE-5'-TRIPHOSPHATE"
3 non-polymer NICOTINAMIDE-ADENINE-DINUCLEOTIDE
4 non-polymer 'INOSINIC ACID'
5 non-polymer "ADENOSINE-5'-TRIPHOSPHATE"
#
_entity_poly.entity_id   1
_entity_poly.type   'polypeptide(L)'
_entity_poly.pdbx_seq_one_letter_code
;GSMADYLISGGTGYVPEDGLTAQQLFASADGLTYNDFLILPGFIDFIADEVDLTSALTRKITLKTPLISSPMDTVTEADM
AIAMALMGGIGFIHHNCTPEFQANEVRKVKKFEQGFITDPVVLSPSHTVGDVLEAKMRHGFSGIPITETGTMGSKLVGIV
TSRDIDFLAEKDHTTLLSEVMTPRIELVVAPAGVTLKEANEILQRSKKGKLPIVNDCDELVAIIARTDLKKNRDYPLASK
DSQKQLLCGAAVGTREDDKYRLDLLTQAGVDVIVLDSSQGNSVYQIAMVHYIKQKYPHLQVIGGNVVTAAQAKNLIDAGV
DGLRVGMGCGSICITQEVMACGRPQGTAVYKVAEYARRFGVPIIADGGIQTVGHVVKALALGASTVMMGSLLAATTEAPG
EYFFSDGVRLKKYRGMGSLDAMEKSSSSQKRYFSEGDKVKIAQGVSGSIQDKGSIQKFVPYLIAGIQHGCQDIGARSLDV
LRSMMYSGELKFEKRTMSAQIEGGVHGLHSYTFLPFTKSGCTEDSGGGRGGGGDAPQCPLLGTASLHN
;
_entity_poly.pdbx_strand_id   A,B,C,D,E,F,G,H
#
loop_
_chem_comp.id
_chem_comp.type
_chem_comp.name
_chem_comp.formula
ATP non-polymer ADENOSINE-5'-TRIPHOSPHATE 'C10 H16 N5 O13 P3'
GTP non-polymer GUANOSINE-5'-TRIPHOSPHATE 'C10 H16 N5 O14 P3'
IMP non-polymer 'INOSINIC ACID' 'C10 H13 N4 O8 P'
NAD non-polymer NICOTINAMIDE-ADENINE-DINUCLEOTIDE 'C21 H27 N7 O14 P2'
#
# COMPACT_ATOMS: atom_id res chain seq x y z
N TYR A 14 -5.92 18.16 24.14
CA TYR A 14 -5.62 17.02 23.27
C TYR A 14 -4.46 17.35 22.34
N VAL A 15 -3.53 16.40 22.21
CA VAL A 15 -2.34 16.58 21.38
C VAL A 15 -2.10 15.30 20.58
N PRO A 16 -1.94 15.37 19.26
CA PRO A 16 -1.87 14.13 18.47
C PRO A 16 -0.61 13.33 18.77
N GLU A 17 -0.72 12.02 18.57
CA GLU A 17 0.40 11.12 18.80
C GLU A 17 1.37 11.16 17.62
N ASP A 18 2.66 11.14 17.92
CA ASP A 18 3.71 11.23 16.92
C ASP A 18 4.63 10.02 17.02
N GLY A 19 5.02 9.49 15.87
CA GLY A 19 5.99 8.42 15.81
C GLY A 19 5.36 7.04 15.71
N LEU A 20 6.23 6.04 15.59
CA LEU A 20 5.83 4.66 15.42
C LEU A 20 6.14 3.87 16.70
N THR A 21 5.18 3.06 17.14
CA THR A 21 5.47 2.11 18.19
C THR A 21 6.53 1.12 17.68
N ALA A 22 7.09 0.34 18.60
CA ALA A 22 8.07 -0.65 18.18
C ALA A 22 7.46 -1.66 17.23
N GLN A 23 6.24 -2.08 17.51
CA GLN A 23 5.56 -3.05 16.65
C GLN A 23 5.36 -2.49 15.25
N GLN A 24 4.93 -1.23 15.15
CA GLN A 24 4.77 -0.60 13.84
C GLN A 24 6.10 -0.44 13.13
N LEU A 25 7.14 -0.07 13.87
CA LEU A 25 8.45 0.14 13.28
C LEU A 25 9.02 -1.15 12.70
N PHE A 26 8.91 -2.25 13.46
CA PHE A 26 9.47 -3.53 13.03
C PHE A 26 8.55 -4.40 12.17
N ALA A 27 7.33 -3.94 11.88
CA ALA A 27 6.43 -4.74 11.06
C ALA A 27 6.82 -4.71 9.59
N SER A 28 7.42 -3.61 9.13
CA SER A 28 7.78 -3.48 7.73
C SER A 28 8.76 -4.54 7.26
N ALA A 29 9.55 -5.13 8.16
CA ALA A 29 10.52 -6.16 7.80
C ALA A 29 11.53 -5.65 6.78
N ASP A 30 12.27 -4.62 7.17
CA ASP A 30 13.32 -4.05 6.33
C ASP A 30 14.72 -4.31 6.87
N GLY A 31 14.85 -4.78 8.11
CA GLY A 31 16.15 -5.07 8.66
C GLY A 31 16.82 -3.91 9.37
N LEU A 32 16.14 -3.32 10.35
CA LEU A 32 16.73 -2.22 11.11
C LEU A 32 17.83 -2.65 12.06
N THR A 33 18.78 -1.75 12.29
CA THR A 33 19.80 -1.92 13.31
C THR A 33 19.74 -0.74 14.27
N TYR A 34 20.65 -0.71 15.23
CA TYR A 34 20.64 0.34 16.24
C TYR A 34 20.83 1.72 15.62
N ASN A 35 21.62 1.81 14.54
CA ASN A 35 21.89 3.10 13.91
C ASN A 35 20.80 3.52 12.93
N ASP A 36 19.62 2.92 13.01
CA ASP A 36 18.58 3.10 12.01
C ASP A 36 17.26 3.55 12.58
N PHE A 37 17.24 4.07 13.82
CA PHE A 37 16.02 4.59 14.40
C PHE A 37 16.35 5.34 15.68
N LEU A 38 15.35 6.03 16.21
CA LEU A 38 15.50 6.86 17.41
C LEU A 38 14.28 6.66 18.30
N ILE A 39 14.42 7.08 19.56
CA ILE A 39 13.33 7.05 20.53
C ILE A 39 12.95 8.49 20.86
N LEU A 40 11.68 8.83 20.65
CA LEU A 40 11.25 10.19 20.92
C LEU A 40 11.15 10.43 22.43
N PRO A 41 11.44 11.64 22.89
CA PRO A 41 11.52 11.89 24.34
C PRO A 41 10.14 11.93 24.98
N GLY A 42 10.15 12.07 26.31
CA GLY A 42 8.93 12.10 27.08
C GLY A 42 8.89 13.19 28.14
N PHE A 43 8.63 12.80 29.38
CA PHE A 43 8.45 13.74 30.49
C PHE A 43 9.45 13.41 31.58
N ILE A 44 10.07 14.44 32.16
CA ILE A 44 11.11 14.28 33.17
C ILE A 44 10.55 14.81 34.48
N ASP A 45 10.41 13.93 35.49
CA ASP A 45 10.06 14.37 36.82
C ASP A 45 10.91 13.67 37.88
N PHE A 46 12.19 13.48 37.62
CA PHE A 46 13.07 12.83 38.58
C PHE A 46 14.52 13.06 38.20
N ILE A 47 15.37 13.11 39.22
CA ILE A 47 16.80 13.23 39.00
C ILE A 47 17.31 11.98 38.30
N ALA A 48 18.37 12.13 37.52
CA ALA A 48 18.90 11.00 36.75
C ALA A 48 19.36 9.87 37.66
N ASP A 49 20.03 10.20 38.77
CA ASP A 49 20.59 9.17 39.64
C ASP A 49 19.50 8.26 40.20
N GLU A 50 18.24 8.71 40.23
CA GLU A 50 17.18 7.90 40.79
C GLU A 50 16.87 6.67 39.94
N VAL A 51 17.21 6.69 38.65
CA VAL A 51 16.90 5.56 37.78
C VAL A 51 17.55 4.30 38.33
N ASP A 52 16.85 3.18 38.21
CA ASP A 52 17.28 1.90 38.76
C ASP A 52 17.51 0.93 37.62
N LEU A 53 18.69 0.30 37.60
CA LEU A 53 19.12 -0.52 36.47
C LEU A 53 19.13 -2.02 36.78
N THR A 54 18.51 -2.45 37.88
CA THR A 54 18.54 -3.86 38.22
C THR A 54 18.02 -4.69 37.06
N SER A 55 18.89 -5.54 36.50
CA SER A 55 18.57 -6.34 35.32
C SER A 55 18.75 -7.81 35.66
N ALA A 56 18.08 -8.67 34.90
CA ALA A 56 18.09 -10.10 35.17
C ALA A 56 19.00 -10.80 34.16
N LEU A 57 20.03 -11.48 34.66
CA LEU A 57 20.93 -12.23 33.78
C LEU A 57 20.28 -13.52 33.32
N THR A 58 19.94 -14.41 34.25
CA THR A 58 19.13 -15.58 33.95
C THR A 58 17.99 -15.62 34.96
N ARG A 59 17.24 -16.73 34.94
CA ARG A 59 16.02 -16.80 35.73
C ARG A 59 16.27 -16.88 37.23
N LYS A 60 17.53 -16.98 37.67
CA LYS A 60 17.84 -16.96 39.10
C LYS A 60 19.01 -16.06 39.44
N ILE A 61 19.46 -15.20 38.51
CA ILE A 61 20.52 -14.24 38.77
C ILE A 61 20.05 -12.87 38.33
N THR A 62 20.09 -11.91 39.24
CA THR A 62 19.71 -10.53 38.98
C THR A 62 20.94 -9.65 39.21
N LEU A 63 21.32 -8.90 38.19
CA LEU A 63 22.48 -8.02 38.29
C LEU A 63 22.02 -6.59 38.52
N LYS A 64 22.78 -5.86 39.33
CA LYS A 64 22.46 -4.47 39.59
C LYS A 64 22.79 -3.56 38.41
N THR A 65 23.49 -4.05 37.40
CA THR A 65 23.70 -3.33 36.16
C THR A 65 23.64 -4.33 35.01
N PRO A 66 23.27 -3.88 33.81
CA PRO A 66 23.10 -4.83 32.69
C PRO A 66 24.36 -5.09 31.89
N LEU A 67 25.53 -4.69 32.37
CA LEU A 67 26.76 -4.80 31.59
C LEU A 67 27.35 -6.20 31.73
N ILE A 68 27.73 -6.78 30.60
CA ILE A 68 28.40 -8.08 30.54
C ILE A 68 29.60 -7.95 29.63
N SER A 69 30.68 -8.66 29.94
CA SER A 69 31.87 -8.70 29.10
C SER A 69 31.89 -10.02 28.33
N SER A 70 32.05 -9.93 27.02
CA SER A 70 31.90 -11.11 26.18
C SER A 70 33.04 -12.09 26.45
N PRO A 71 32.80 -13.39 26.31
CA PRO A 71 33.89 -14.37 26.49
C PRO A 71 34.77 -14.46 25.26
N MET A 72 35.98 -13.92 25.35
CA MET A 72 36.93 -13.92 24.26
C MET A 72 38.33 -13.97 24.83
N ASP A 73 39.30 -14.34 24.00
CA ASP A 73 40.67 -14.47 24.48
C ASP A 73 41.40 -13.14 24.56
N THR A 74 40.77 -12.04 24.13
CA THR A 74 41.33 -10.71 24.27
C THR A 74 40.53 -9.87 25.25
N VAL A 75 39.74 -10.50 26.11
CA VAL A 75 38.90 -9.80 27.07
C VAL A 75 38.38 -10.85 28.05
N THR A 76 38.00 -10.43 29.26
CA THR A 76 37.56 -11.36 30.30
C THR A 76 38.68 -12.33 30.71
N GLU A 77 39.78 -11.75 31.20
CA GLU A 77 40.67 -12.51 32.05
C GLU A 77 40.04 -12.67 33.43
N ALA A 78 40.74 -13.35 34.33
CA ALA A 78 40.33 -13.33 35.72
C ALA A 78 40.37 -11.93 36.29
N ASP A 79 41.41 -11.16 35.96
CA ASP A 79 41.57 -9.80 36.47
C ASP A 79 40.56 -8.82 35.88
N MET A 80 39.83 -9.19 34.83
CA MET A 80 38.73 -8.37 34.35
C MET A 80 37.39 -8.88 34.85
N ALA A 81 37.22 -10.20 34.97
CA ALA A 81 36.02 -10.69 35.60
C ALA A 81 35.87 -10.17 37.02
N ILE A 82 36.97 -10.10 37.77
CA ILE A 82 36.93 -9.51 39.11
C ILE A 82 36.52 -8.05 39.02
N ALA A 83 37.19 -7.29 38.16
CA ALA A 83 36.98 -5.84 38.13
C ALA A 83 35.65 -5.46 37.50
N MET A 84 34.96 -6.39 36.86
CA MET A 84 33.63 -6.12 36.32
C MET A 84 32.53 -6.66 37.22
N ALA A 85 32.78 -7.73 37.96
CA ALA A 85 31.85 -8.15 38.99
C ALA A 85 31.82 -7.15 40.14
N LEU A 86 32.95 -6.52 40.44
CA LEU A 86 32.96 -5.49 41.48
C LEU A 86 32.04 -4.34 41.13
N MET A 87 31.93 -3.98 39.86
CA MET A 87 31.15 -2.83 39.44
C MET A 87 29.69 -3.19 39.12
N GLY A 88 29.22 -4.34 39.59
CA GLY A 88 27.83 -4.70 39.44
C GLY A 88 27.53 -5.67 38.33
N GLY A 89 28.36 -5.74 37.31
CA GLY A 89 28.12 -6.62 36.17
C GLY A 89 28.64 -8.02 36.40
N ILE A 90 28.88 -8.73 35.30
CA ILE A 90 29.39 -10.10 35.35
C ILE A 90 30.26 -10.31 34.12
N GLY A 91 31.24 -11.19 34.26
CA GLY A 91 32.16 -11.48 33.17
C GLY A 91 32.29 -12.97 32.94
N PHE A 92 32.35 -13.35 31.68
CA PHE A 92 32.42 -14.75 31.27
C PHE A 92 33.85 -15.07 30.86
N ILE A 93 34.43 -16.09 31.49
CA ILE A 93 35.83 -16.45 31.22
C ILE A 93 35.87 -17.22 29.91
N HIS A 94 36.73 -16.77 28.99
CA HIS A 94 36.82 -17.42 27.68
C HIS A 94 37.35 -18.85 27.83
N HIS A 95 36.98 -19.68 26.87
CA HIS A 95 37.31 -21.10 26.88
C HIS A 95 38.35 -21.48 25.84
N ASN A 96 39.14 -20.52 25.35
CA ASN A 96 40.25 -20.83 24.46
C ASN A 96 41.52 -21.07 25.26
N CYS A 97 41.45 -21.98 26.23
CA CYS A 97 42.57 -22.22 27.11
C CYS A 97 42.43 -23.60 27.74
N THR A 98 43.50 -24.06 28.37
CA THR A 98 43.52 -25.37 29.00
C THR A 98 42.43 -25.44 30.07
N PRO A 99 41.74 -26.58 30.24
CA PRO A 99 40.71 -26.66 31.28
C PRO A 99 41.23 -26.32 32.67
N GLU A 100 42.44 -26.73 33.01
CA GLU A 100 43.04 -26.33 34.27
C GLU A 100 43.22 -24.82 34.33
N PHE A 101 43.58 -24.20 33.21
CA PHE A 101 43.71 -22.75 33.18
C PHE A 101 42.39 -22.06 33.45
N GLN A 102 41.31 -22.56 32.84
CA GLN A 102 39.99 -21.96 33.08
C GLN A 102 39.55 -22.15 34.52
N ALA A 103 39.79 -23.34 35.08
CA ALA A 103 39.46 -23.56 36.49
C ALA A 103 40.24 -22.62 37.39
N ASN A 104 41.52 -22.41 37.09
CA ASN A 104 42.32 -21.47 37.86
C ASN A 104 41.77 -20.05 37.76
N GLU A 105 41.35 -19.66 36.55
CA GLU A 105 40.76 -18.34 36.38
C GLU A 105 39.53 -18.18 37.25
N VAL A 106 38.64 -19.19 37.25
CA VAL A 106 37.43 -19.09 38.05
C VAL A 106 37.75 -19.09 39.53
N ARG A 107 38.76 -19.87 39.95
CA ARG A 107 39.16 -19.85 41.34
C ARG A 107 39.62 -18.45 41.75
N LYS A 108 40.43 -17.80 40.92
CA LYS A 108 40.91 -16.48 41.27
C LYS A 108 39.78 -15.45 41.24
N VAL A 109 38.77 -15.69 40.41
CA VAL A 109 37.62 -14.80 40.40
C VAL A 109 36.82 -14.94 41.68
N LYS A 110 36.63 -16.18 42.15
CA LYS A 110 35.81 -16.41 43.33
C LYS A 110 36.53 -16.01 44.61
N LYS A 111 37.86 -16.16 44.65
CA LYS A 111 38.64 -15.80 45.84
C LYS A 111 39.19 -14.39 45.74
N PHE A 112 38.28 -13.41 45.66
CA PHE A 112 38.67 -12.01 45.74
C PHE A 112 38.08 -11.40 47.01
N GLU A 113 36.79 -11.63 47.25
CA GLU A 113 36.18 -11.38 48.54
C GLU A 113 35.39 -12.61 48.91
N GLN A 114 35.40 -12.96 50.20
CA GLN A 114 35.00 -14.29 50.62
C GLN A 114 33.93 -14.34 51.70
N GLY A 115 33.90 -13.41 52.64
CA GLY A 115 33.07 -13.61 53.82
C GLY A 115 33.77 -14.59 54.74
N PHE A 116 33.12 -15.72 55.03
CA PHE A 116 33.80 -16.81 55.73
C PHE A 116 34.83 -17.46 54.82
N ILE A 117 36.11 -17.23 55.12
CA ILE A 117 37.20 -17.88 54.40
C ILE A 117 37.30 -19.30 54.97
N THR A 118 36.69 -20.26 54.28
CA THR A 118 36.52 -21.60 54.80
C THR A 118 37.68 -22.54 54.48
N ASP A 119 38.57 -22.16 53.56
CA ASP A 119 39.72 -22.99 53.18
C ASP A 119 41.03 -22.21 53.26
N PRO A 120 41.25 -21.46 54.33
CA PRO A 120 42.49 -20.69 54.45
C PRO A 120 43.70 -21.61 54.49
N VAL A 121 44.78 -21.17 53.84
CA VAL A 121 46.02 -21.92 53.90
C VAL A 121 46.67 -21.65 55.26
N VAL A 122 47.08 -22.73 55.94
CA VAL A 122 47.59 -22.64 57.30
C VAL A 122 48.90 -23.40 57.38
N LEU A 123 49.63 -23.17 58.46
CA LEU A 123 50.93 -23.79 58.65
C LEU A 123 51.07 -24.25 60.10
N SER A 124 52.12 -25.04 60.35
CA SER A 124 52.41 -25.50 61.69
C SER A 124 53.53 -24.67 62.31
N PRO A 125 53.62 -24.66 63.64
CA PRO A 125 54.66 -23.82 64.29
C PRO A 125 56.07 -24.16 63.86
N SER A 126 56.31 -25.37 63.37
CA SER A 126 57.64 -25.80 62.97
C SER A 126 58.07 -25.22 61.62
N HIS A 127 57.19 -24.50 60.94
CA HIS A 127 57.57 -23.89 59.68
C HIS A 127 58.49 -22.70 59.94
N THR A 128 58.89 -22.04 58.86
CA THR A 128 59.89 -20.98 58.93
C THR A 128 59.36 -19.69 58.29
N VAL A 129 59.92 -18.58 58.76
CA VAL A 129 59.57 -17.28 58.21
C VAL A 129 59.80 -17.27 56.71
N GLY A 130 60.81 -18.00 56.24
CA GLY A 130 60.97 -18.17 54.81
C GLY A 130 59.78 -18.85 54.19
N ASP A 131 59.20 -19.85 54.86
CA ASP A 131 58.01 -20.50 54.34
C ASP A 131 56.83 -19.54 54.28
N VAL A 132 56.66 -18.71 55.32
CA VAL A 132 55.57 -17.74 55.30
C VAL A 132 55.75 -16.75 54.16
N LEU A 133 56.98 -16.26 53.97
CA LEU A 133 57.25 -15.35 52.87
C LEU A 133 57.02 -16.01 51.52
N GLU A 134 57.38 -17.28 51.40
CA GLU A 134 57.16 -18.02 50.15
C GLU A 134 55.67 -18.14 49.86
N ALA A 135 54.87 -18.46 50.86
CA ALA A 135 53.43 -18.54 50.66
C ALA A 135 52.85 -17.17 50.29
N LYS A 136 53.35 -16.12 50.93
CA LYS A 136 52.92 -14.77 50.57
C LYS A 136 53.20 -14.49 49.09
N MET A 137 54.42 -14.74 48.65
CA MET A 137 54.76 -14.51 47.26
C MET A 137 53.96 -15.42 46.33
N ARG A 138 53.59 -16.60 46.82
CA ARG A 138 52.88 -17.57 45.98
C ARG A 138 51.45 -17.14 45.73
N HIS A 139 50.74 -16.71 46.78
CA HIS A 139 49.31 -16.41 46.67
C HIS A 139 49.03 -14.91 46.79
N GLY A 140 49.46 -14.28 47.87
CA GLY A 140 49.10 -12.90 48.12
C GLY A 140 48.63 -12.67 49.54
N PHE A 141 48.01 -13.68 50.13
CA PHE A 141 47.56 -13.58 51.51
C PHE A 141 48.75 -13.73 52.44
N SER A 142 48.80 -12.87 53.47
CA SER A 142 49.94 -12.82 54.37
C SER A 142 49.60 -13.20 55.81
N GLY A 143 48.32 -13.14 56.19
CA GLY A 143 47.91 -13.49 57.53
C GLY A 143 47.75 -14.99 57.71
N ILE A 144 48.86 -15.70 57.78
CA ILE A 144 48.87 -17.16 57.81
C ILE A 144 48.46 -17.66 59.19
N PRO A 145 47.33 -18.37 59.31
CA PRO A 145 47.00 -19.00 60.60
C PRO A 145 47.94 -20.15 60.89
N ILE A 146 48.14 -20.42 62.18
CA ILE A 146 49.04 -21.46 62.64
C ILE A 146 48.27 -22.42 63.54
N THR A 147 48.41 -23.72 63.26
CA THR A 147 47.78 -24.77 64.04
C THR A 147 48.79 -25.87 64.31
N GLU A 148 48.57 -26.60 65.41
CA GLU A 148 49.57 -27.58 65.86
C GLU A 148 49.95 -28.55 64.75
N THR A 149 48.95 -29.06 64.02
CA THR A 149 49.20 -30.02 62.95
C THR A 149 49.38 -29.36 61.60
N GLY A 150 49.32 -28.02 61.53
CA GLY A 150 49.41 -27.34 60.25
C GLY A 150 48.25 -27.60 59.33
N THR A 151 47.03 -27.67 59.88
CA THR A 151 45.84 -27.86 59.06
C THR A 151 44.64 -27.30 59.83
N MET A 152 43.47 -27.40 59.20
CA MET A 152 42.26 -26.88 59.82
C MET A 152 41.87 -27.68 61.06
N GLY A 153 42.02 -29.00 61.00
CA GLY A 153 41.62 -29.84 62.12
C GLY A 153 42.67 -29.90 63.21
N SER A 154 42.84 -28.81 63.97
CA SER A 154 43.81 -28.79 65.06
C SER A 154 43.57 -27.57 65.93
N LYS A 155 44.25 -27.55 67.08
CA LYS A 155 44.17 -26.41 67.97
C LYS A 155 44.75 -25.17 67.31
N LEU A 156 44.09 -24.03 67.54
CA LEU A 156 44.61 -22.74 67.10
C LEU A 156 45.64 -22.27 68.11
N VAL A 157 46.90 -22.17 67.69
CA VAL A 157 47.96 -21.69 68.58
C VAL A 157 48.35 -20.24 68.32
N GLY A 158 48.20 -19.75 67.09
CA GLY A 158 48.53 -18.37 66.81
C GLY A 158 48.39 -18.06 65.34
N ILE A 159 48.74 -16.82 64.99
CA ILE A 159 48.64 -16.31 63.62
C ILE A 159 49.85 -15.43 63.36
N VAL A 160 50.34 -15.45 62.13
CA VAL A 160 51.47 -14.62 61.71
C VAL A 160 51.05 -13.84 60.48
N THR A 161 51.30 -12.52 60.51
CA THR A 161 50.84 -11.61 59.47
C THR A 161 52.02 -10.82 58.94
N SER A 162 51.75 -9.93 57.99
CA SER A 162 52.80 -9.11 57.42
C SER A 162 53.44 -8.22 58.48
N ARG A 163 52.64 -7.67 59.38
CA ARG A 163 53.19 -6.82 60.43
C ARG A 163 54.17 -7.57 61.33
N ASP A 164 54.11 -8.91 61.34
CA ASP A 164 55.06 -9.70 62.10
C ASP A 164 56.36 -9.94 61.36
N ILE A 165 56.45 -9.56 60.07
CA ILE A 165 57.57 -9.93 59.23
C ILE A 165 58.16 -8.69 58.56
N ASP A 166 58.04 -7.53 59.20
CA ASP A 166 58.64 -6.31 58.66
C ASP A 166 60.11 -6.22 59.07
N PHE A 167 60.89 -7.18 58.58
CA PHE A 167 62.32 -7.21 58.84
C PHE A 167 63.01 -6.11 58.04
N ASP A 172 68.11 -15.14 59.12
CA ASP A 172 66.94 -14.54 59.73
C ASP A 172 65.66 -15.23 59.27
N HIS A 173 65.68 -15.71 58.02
CA HIS A 173 64.52 -16.41 57.49
C HIS A 173 64.44 -17.86 57.97
N THR A 174 65.46 -18.33 58.69
CA THR A 174 65.43 -19.69 59.20
C THR A 174 64.68 -19.80 60.53
N THR A 175 64.36 -18.68 61.16
CA THR A 175 63.68 -18.71 62.46
C THR A 175 62.30 -19.35 62.33
N LEU A 176 61.95 -20.17 63.32
CA LEU A 176 60.66 -20.84 63.31
C LEU A 176 59.53 -19.85 63.57
N LEU A 177 58.31 -20.27 63.24
CA LEU A 177 57.15 -19.41 63.44
C LEU A 177 56.82 -19.24 64.91
N SER A 178 57.23 -20.17 65.76
CA SER A 178 56.94 -20.03 67.19
C SER A 178 57.59 -18.78 67.77
N GLU A 179 58.66 -18.27 67.14
CA GLU A 179 59.34 -17.10 67.66
C GLU A 179 58.74 -15.79 67.17
N VAL A 180 57.81 -15.84 66.21
CA VAL A 180 57.23 -14.65 65.62
C VAL A 180 55.71 -14.62 65.71
N MET A 181 55.08 -15.71 66.12
CA MET A 181 53.62 -15.76 66.24
C MET A 181 53.17 -14.78 67.33
N THR A 182 51.94 -14.29 67.19
CA THR A 182 51.21 -13.73 68.33
C THR A 182 50.47 -14.89 69.00
N PRO A 183 50.81 -15.28 70.24
CA PRO A 183 50.29 -16.50 70.81
C PRO A 183 48.80 -16.49 71.05
N ARG A 184 48.20 -17.62 71.39
CA ARG A 184 46.76 -17.72 71.61
C ARG A 184 46.33 -17.06 72.91
N ILE A 185 47.24 -16.99 73.90
CA ILE A 185 46.93 -16.31 75.14
C ILE A 185 46.55 -14.86 74.89
N GLU A 186 47.01 -14.28 73.79
CA GLU A 186 46.75 -12.88 73.48
C GLU A 186 45.62 -12.69 72.50
N LEU A 187 45.36 -13.68 71.64
CA LEU A 187 44.40 -13.50 70.56
C LEU A 187 43.00 -13.21 71.08
N VAL A 188 42.27 -12.41 70.31
CA VAL A 188 40.85 -12.18 70.52
C VAL A 188 40.10 -12.96 69.44
N VAL A 189 39.31 -13.94 69.87
CA VAL A 189 38.71 -14.90 68.96
C VAL A 189 37.22 -14.99 69.26
N ALA A 190 36.45 -15.37 68.26
CA ALA A 190 35.01 -15.53 68.39
C ALA A 190 34.62 -17.01 68.35
N PRO A 191 33.73 -17.45 69.22
CA PRO A 191 33.33 -18.86 69.19
C PRO A 191 32.62 -19.21 67.90
N ALA A 192 32.83 -20.43 67.44
CA ALA A 192 32.22 -20.87 66.19
C ALA A 192 30.72 -21.04 66.37
N GLY A 193 30.00 -21.10 65.25
CA GLY A 193 28.57 -21.21 65.25
C GLY A 193 27.84 -19.90 65.35
N VAL A 194 28.55 -18.79 65.55
CA VAL A 194 27.91 -17.49 65.61
C VAL A 194 27.59 -17.00 64.20
N THR A 195 26.46 -16.33 64.06
CA THR A 195 26.06 -15.77 62.77
C THR A 195 27.13 -14.81 62.27
N LEU A 196 27.02 -14.46 60.98
CA LEU A 196 28.02 -13.57 60.39
C LEU A 196 27.99 -12.20 61.05
N LYS A 197 26.80 -11.66 61.31
CA LYS A 197 26.70 -10.32 61.88
C LYS A 197 27.47 -10.21 63.18
N GLU A 198 27.21 -11.14 64.11
CA GLU A 198 27.89 -11.07 65.41
C GLU A 198 29.40 -11.23 65.24
N ALA A 199 29.82 -12.05 64.27
CA ALA A 199 31.25 -12.20 64.02
C ALA A 199 31.87 -10.86 63.60
N ASN A 200 31.21 -10.13 62.71
CA ASN A 200 31.67 -8.80 62.34
C ASN A 200 31.65 -7.86 63.53
N GLU A 201 30.64 -7.94 64.38
CA GLU A 201 30.60 -7.09 65.55
C GLU A 201 31.83 -7.30 66.42
N ILE A 202 32.14 -8.56 66.76
CA ILE A 202 33.27 -8.78 67.65
C ILE A 202 34.56 -8.43 66.93
N LEU A 203 34.62 -8.62 65.61
CA LEU A 203 35.80 -8.20 64.86
C LEU A 203 36.01 -6.70 64.97
N GLN A 204 34.92 -5.93 64.82
CA GLN A 204 35.04 -4.48 64.76
C GLN A 204 35.28 -3.85 66.13
N ARG A 205 34.70 -4.42 67.19
CA ARG A 205 35.13 -3.97 68.51
C ARG A 205 36.57 -4.33 68.79
N SER A 206 37.09 -5.39 68.16
CA SER A 206 38.43 -5.84 68.46
C SER A 206 39.49 -4.87 67.94
N LYS A 207 39.20 -4.17 66.84
CA LYS A 207 40.14 -3.25 66.22
C LYS A 207 41.42 -3.93 65.75
N LYS A 208 41.34 -5.24 65.46
CA LYS A 208 42.46 -5.99 64.93
C LYS A 208 42.05 -6.67 63.63
N GLY A 209 43.03 -6.90 62.77
CA GLY A 209 42.74 -7.24 61.39
C GLY A 209 42.01 -8.55 61.18
N LYS A 210 42.45 -9.62 61.83
CA LYS A 210 41.91 -10.96 61.60
C LYS A 210 41.17 -11.44 62.84
N LEU A 211 40.11 -12.21 62.60
CA LEU A 211 39.34 -12.84 63.68
C LEU A 211 39.14 -14.31 63.34
N PRO A 212 40.14 -15.16 63.56
CA PRO A 212 39.90 -16.60 63.44
C PRO A 212 38.64 -17.02 64.16
N ILE A 213 38.10 -18.16 63.75
CA ILE A 213 36.89 -18.72 64.35
C ILE A 213 37.20 -20.14 64.78
N VAL A 214 37.03 -20.43 66.08
CA VAL A 214 37.28 -21.74 66.64
C VAL A 214 35.99 -22.22 67.30
N ASN A 215 35.82 -23.54 67.35
CA ASN A 215 34.62 -24.12 67.94
C ASN A 215 34.83 -24.35 69.44
N ASP A 216 33.82 -24.93 70.09
CA ASP A 216 33.89 -25.17 71.52
C ASP A 216 35.06 -26.07 71.89
N CYS A 217 35.58 -26.85 70.95
CA CYS A 217 36.73 -27.70 71.18
C CYS A 217 38.05 -27.00 70.88
N ASP A 218 38.01 -25.71 70.55
CA ASP A 218 39.21 -24.93 70.25
C ASP A 218 39.86 -25.34 68.95
N GLU A 219 39.05 -25.71 67.95
CA GLU A 219 39.57 -26.19 66.68
C GLU A 219 39.21 -25.20 65.57
N LEU A 220 40.18 -24.90 64.71
CA LEU A 220 40.01 -23.86 63.73
C LEU A 220 38.99 -24.30 62.67
N VAL A 221 38.02 -23.43 62.40
CA VAL A 221 36.94 -23.73 61.48
C VAL A 221 36.99 -22.83 60.24
N ALA A 222 37.21 -21.53 60.44
CA ALA A 222 37.28 -20.58 59.34
C ALA A 222 37.70 -19.23 59.92
N ILE A 223 37.99 -18.28 59.04
CA ILE A 223 38.41 -16.95 59.44
C ILE A 223 37.71 -15.91 58.57
N ILE A 224 37.74 -14.66 59.05
CA ILE A 224 37.23 -13.52 58.31
C ILE A 224 38.29 -12.42 58.37
N ALA A 225 38.21 -11.49 57.41
CA ALA A 225 39.21 -10.45 57.27
C ALA A 225 38.55 -9.07 57.25
N ARG A 226 39.20 -8.12 57.92
CA ARG A 226 38.73 -6.73 57.89
C ARG A 226 38.64 -6.21 56.46
N THR A 227 39.55 -6.66 55.61
CA THR A 227 39.61 -6.12 54.26
C THR A 227 38.39 -6.52 53.44
N ASP A 228 37.75 -7.65 53.76
CA ASP A 228 36.57 -8.06 53.00
C ASP A 228 35.40 -7.11 53.25
N LEU A 229 35.13 -6.79 54.51
CA LEU A 229 34.10 -5.80 54.79
C LEU A 229 34.53 -4.40 54.35
N LYS A 230 35.83 -4.11 54.33
CA LYS A 230 36.26 -2.84 53.76
C LYS A 230 35.96 -2.77 52.27
N LYS A 231 36.15 -3.88 51.55
CA LYS A 231 35.80 -3.93 50.15
C LYS A 231 34.30 -3.80 49.95
N ASN A 232 33.51 -4.44 50.82
CA ASN A 232 32.07 -4.26 50.76
C ASN A 232 31.69 -2.80 50.92
N ARG A 233 32.32 -2.12 51.89
CA ARG A 233 32.07 -0.70 52.09
C ARG A 233 32.45 0.09 50.84
N ASP A 234 33.58 -0.25 50.23
CA ASP A 234 34.08 0.52 49.08
C ASP A 234 33.20 0.33 47.85
N TYR A 235 32.79 -0.90 47.55
CA TYR A 235 32.04 -1.23 46.34
C TYR A 235 30.60 -1.58 46.74
N PRO A 236 29.67 -0.63 46.63
CA PRO A 236 28.30 -0.91 47.07
C PRO A 236 27.48 -1.71 46.08
N LEU A 237 27.85 -1.75 44.81
CA LEU A 237 27.04 -2.37 43.76
C LEU A 237 27.53 -3.75 43.34
N ALA A 238 28.53 -4.32 44.01
CA ALA A 238 29.11 -5.58 43.59
C ALA A 238 28.03 -6.67 43.50
N SER A 239 28.33 -7.71 42.72
CA SER A 239 27.45 -8.86 42.57
C SER A 239 28.03 -10.03 43.35
N LYS A 240 27.23 -10.61 44.24
CA LYS A 240 27.69 -11.69 45.11
C LYS A 240 26.59 -12.72 45.26
N ASP A 241 27.00 -13.93 45.66
CA ASP A 241 26.06 -14.98 45.99
C ASP A 241 25.82 -15.00 47.51
N SER A 242 25.11 -16.02 47.99
CA SER A 242 24.73 -16.03 49.39
C SER A 242 25.92 -16.11 50.32
N GLN A 243 27.08 -16.54 49.82
CA GLN A 243 28.29 -16.62 50.62
C GLN A 243 29.13 -15.35 50.54
N LYS A 244 28.62 -14.30 49.90
CA LYS A 244 29.31 -13.01 49.85
C LYS A 244 30.65 -13.14 49.15
N GLN A 245 30.66 -13.87 48.03
CA GLN A 245 31.85 -14.01 47.20
C GLN A 245 31.47 -13.77 45.74
N LEU A 246 32.36 -13.10 45.02
CA LEU A 246 32.00 -12.54 43.72
C LEU A 246 31.37 -13.59 42.82
N LEU A 247 30.41 -13.15 42.03
CA LEU A 247 29.73 -14.03 41.10
C LEU A 247 30.56 -14.20 39.84
N CYS A 248 30.79 -15.44 39.43
CA CYS A 248 31.61 -15.74 38.26
C CYS A 248 30.80 -16.54 37.25
N GLY A 249 31.09 -16.30 35.97
CA GLY A 249 30.52 -17.09 34.90
C GLY A 249 31.61 -17.59 33.99
N ALA A 250 31.34 -18.65 33.22
CA ALA A 250 32.33 -19.22 32.33
C ALA A 250 31.64 -19.76 31.09
N ALA A 251 32.38 -19.81 29.99
CA ALA A 251 31.87 -20.31 28.73
C ALA A 251 32.53 -21.66 28.41
N VAL A 252 31.78 -22.51 27.71
CA VAL A 252 32.27 -23.81 27.28
C VAL A 252 31.63 -24.17 25.95
N GLY A 253 32.36 -24.94 25.15
CA GLY A 253 31.90 -25.36 23.85
C GLY A 253 30.84 -26.44 23.95
N THR A 254 30.77 -27.28 22.91
CA THR A 254 29.81 -28.37 22.87
C THR A 254 30.43 -29.67 22.35
N ARG A 255 31.75 -29.82 22.46
CA ARG A 255 32.41 -31.06 22.10
C ARG A 255 32.24 -32.09 23.22
N GLU A 256 32.97 -33.19 23.10
CA GLU A 256 32.98 -34.20 24.16
C GLU A 256 33.88 -33.78 25.31
N ASP A 257 35.05 -33.22 25.01
CA ASP A 257 35.96 -32.78 26.07
C ASP A 257 35.35 -31.71 26.95
N ASP A 258 34.32 -31.03 26.47
CA ASP A 258 33.63 -30.05 27.28
C ASP A 258 33.00 -30.66 28.53
N LYS A 259 32.78 -31.98 28.55
CA LYS A 259 32.29 -32.61 29.77
C LYS A 259 33.34 -32.55 30.88
N TYR A 260 34.58 -32.91 30.57
CA TYR A 260 35.66 -32.78 31.55
C TYR A 260 35.93 -31.31 31.86
N ARG A 261 35.85 -30.45 30.84
CA ARG A 261 35.98 -29.02 31.08
C ARG A 261 34.98 -28.54 32.10
N LEU A 262 33.72 -28.97 31.95
CA LEU A 262 32.66 -28.54 32.85
C LEU A 262 32.84 -29.14 34.24
N ASP A 263 33.32 -30.38 34.32
CA ASP A 263 33.64 -30.96 35.61
C ASP A 263 34.64 -30.08 36.35
N LEU A 264 35.74 -29.71 35.67
CA LEU A 264 36.73 -28.85 36.29
C LEU A 264 36.12 -27.50 36.67
N LEU A 265 35.32 -26.91 35.78
CA LEU A 265 34.73 -25.61 36.07
C LEU A 265 33.87 -25.65 37.32
N THR A 266 32.98 -26.63 37.42
CA THR A 266 32.12 -26.75 38.60
C THR A 266 32.92 -27.07 39.84
N GLN A 267 34.05 -27.78 39.71
CA GLN A 267 34.94 -27.92 40.85
C GLN A 267 35.46 -26.56 41.29
N ALA A 268 35.79 -25.69 40.32
CA ALA A 268 36.26 -24.36 40.67
C ALA A 268 35.20 -23.56 41.41
N GLY A 269 33.92 -23.76 41.06
CA GLY A 269 32.83 -23.09 41.74
C GLY A 269 32.07 -22.12 40.86
N VAL A 270 32.02 -22.39 39.55
CA VAL A 270 31.30 -21.52 38.64
C VAL A 270 29.84 -21.41 39.08
N ASP A 271 29.22 -20.27 38.79
CA ASP A 271 27.82 -20.05 39.10
C ASP A 271 26.90 -20.11 37.89
N VAL A 272 27.35 -19.59 36.75
CA VAL A 272 26.55 -19.58 35.52
C VAL A 272 27.47 -19.92 34.36
N ILE A 273 26.95 -20.73 33.43
CA ILE A 273 27.73 -21.23 32.30
C ILE A 273 27.00 -20.89 31.02
N VAL A 274 27.74 -20.48 30.00
CA VAL A 274 27.18 -20.09 28.71
C VAL A 274 27.76 -21.01 27.63
N LEU A 275 26.89 -21.51 26.76
CA LEU A 275 27.35 -22.35 25.67
C LEU A 275 27.74 -21.48 24.47
N ASP A 276 28.93 -21.73 23.94
CA ASP A 276 29.54 -20.89 22.92
C ASP A 276 29.48 -21.61 21.58
N SER A 277 28.73 -21.02 20.63
CA SER A 277 28.60 -21.59 19.30
C SER A 277 28.12 -20.51 18.36
N SER A 278 28.54 -20.61 17.10
CA SER A 278 28.17 -19.60 16.11
C SER A 278 26.67 -19.60 15.87
N GLN A 279 26.06 -20.77 15.77
CA GLN A 279 24.61 -20.92 15.66
C GLN A 279 24.15 -21.90 16.72
N GLY A 280 23.31 -21.43 17.64
CA GLY A 280 22.91 -22.22 18.78
C GLY A 280 22.02 -23.40 18.46
N ASN A 281 21.11 -23.23 17.51
CA ASN A 281 20.07 -24.21 17.26
C ASN A 281 20.62 -25.48 16.61
N SER A 282 21.06 -26.44 17.42
CA SER A 282 21.63 -27.67 16.88
C SER A 282 21.49 -28.80 17.89
N VAL A 283 21.48 -30.02 17.36
CA VAL A 283 21.32 -31.20 18.22
C VAL A 283 22.47 -31.29 19.22
N TYR A 284 23.66 -30.84 18.85
CA TYR A 284 24.79 -30.92 19.76
C TYR A 284 24.62 -29.96 20.94
N GLN A 285 24.18 -28.73 20.66
CA GLN A 285 23.89 -27.80 21.74
C GLN A 285 22.78 -28.32 22.64
N ILE A 286 21.73 -28.90 22.03
CA ILE A 286 20.63 -29.42 22.84
C ILE A 286 21.10 -30.58 23.71
N ALA A 287 21.98 -31.43 23.19
CA ALA A 287 22.53 -32.52 23.99
C ALA A 287 23.36 -31.99 25.14
N MET A 288 24.15 -30.93 24.90
CA MET A 288 24.89 -30.32 26.00
C MET A 288 23.95 -29.75 27.05
N VAL A 289 22.86 -29.11 26.62
CA VAL A 289 21.90 -28.56 27.58
C VAL A 289 21.31 -29.68 28.43
N HIS A 290 20.96 -30.79 27.81
CA HIS A 290 20.37 -31.90 28.56
C HIS A 290 21.39 -32.50 29.53
N TYR A 291 22.64 -32.68 29.09
CA TYR A 291 23.67 -33.19 29.98
C TYR A 291 23.87 -32.26 31.17
N ILE A 292 23.89 -30.95 30.92
CA ILE A 292 24.11 -30.00 32.00
C ILE A 292 22.96 -30.06 32.99
N LYS A 293 21.73 -30.05 32.49
CA LYS A 293 20.58 -30.03 33.39
C LYS A 293 20.35 -31.39 34.05
N GLN A 294 21.04 -32.44 33.61
CA GLN A 294 20.99 -33.70 34.35
C GLN A 294 22.07 -33.75 35.42
N LYS A 295 23.33 -33.54 35.05
CA LYS A 295 24.41 -33.68 36.03
C LYS A 295 24.42 -32.57 37.07
N TYR A 296 24.15 -31.33 36.67
CA TYR A 296 24.23 -30.18 37.56
C TYR A 296 22.91 -29.41 37.50
N PRO A 297 21.86 -29.91 38.17
CA PRO A 297 20.58 -29.19 38.17
C PRO A 297 20.66 -27.79 38.75
N HIS A 298 21.64 -27.51 39.62
CA HIS A 298 21.75 -26.21 40.28
C HIS A 298 22.50 -25.19 39.44
N LEU A 299 22.96 -25.55 38.24
CA LEU A 299 23.76 -24.65 37.43
C LEU A 299 22.90 -24.03 36.34
N GLN A 300 23.03 -22.71 36.17
CA GLN A 300 22.28 -21.98 35.17
C GLN A 300 23.06 -22.00 33.86
N VAL A 301 22.41 -22.48 32.79
CA VAL A 301 23.02 -22.62 31.48
C VAL A 301 22.33 -21.64 30.54
N ILE A 302 23.14 -20.88 29.80
CA ILE A 302 22.64 -19.88 28.86
C ILE A 302 22.76 -20.43 27.45
N GLY A 303 21.69 -20.31 26.67
CA GLY A 303 21.66 -20.94 25.36
C GLY A 303 22.60 -20.26 24.38
N GLY A 304 22.68 -20.84 23.18
CA GLY A 304 23.58 -20.36 22.16
C GLY A 304 23.00 -19.22 21.37
N ASN A 305 23.76 -18.79 20.35
CA ASN A 305 23.37 -17.63 19.57
C ASN A 305 22.17 -17.94 18.68
N VAL A 306 21.04 -17.30 18.97
CA VAL A 306 19.82 -17.45 18.19
C VAL A 306 19.34 -16.07 17.79
N VAL A 307 18.77 -15.99 16.59
CA VAL A 307 18.34 -14.69 16.02
C VAL A 307 16.86 -14.81 15.66
N THR A 308 16.22 -16.00 15.84
CA THR A 308 14.86 -16.24 15.41
C THR A 308 14.01 -16.94 16.46
N ALA A 309 12.69 -16.78 16.34
CA ALA A 309 11.78 -17.44 17.26
C ALA A 309 11.85 -18.95 17.14
N ALA A 310 11.96 -19.46 15.91
CA ALA A 310 12.09 -20.90 15.72
C ALA A 310 13.34 -21.45 16.39
N GLN A 311 14.47 -20.74 16.26
CA GLN A 311 15.68 -21.16 16.95
C GLN A 311 15.51 -21.09 18.46
N ALA A 312 14.86 -20.04 18.95
CA ALA A 312 14.71 -19.86 20.38
C ALA A 312 13.83 -20.94 20.99
N LYS A 313 12.83 -21.42 20.25
CA LYS A 313 11.84 -22.31 20.83
C LYS A 313 12.46 -23.60 21.34
N ASN A 314 13.24 -24.28 20.51
CA ASN A 314 13.78 -25.57 20.93
C ASN A 314 14.86 -25.43 21.99
N LEU A 315 15.63 -24.34 22.01
CA LEU A 315 16.51 -24.10 23.14
C LEU A 315 15.71 -23.89 24.43
N ILE A 316 14.62 -23.12 24.36
CA ILE A 316 13.78 -22.94 25.54
C ILE A 316 13.26 -24.29 26.03
N ASP A 317 12.82 -25.13 25.09
CA ASP A 317 12.34 -26.46 25.48
C ASP A 317 13.45 -27.29 26.10
N ALA A 318 14.66 -27.21 25.54
CA ALA A 318 15.80 -27.89 26.13
C ALA A 318 16.01 -27.43 27.56
N GLY A 319 15.71 -26.16 27.84
CA GLY A 319 15.75 -25.67 29.20
C GLY A 319 16.87 -24.69 29.49
N VAL A 320 17.21 -23.86 28.51
CA VAL A 320 18.19 -22.81 28.75
C VAL A 320 17.57 -21.73 29.62
N ASP A 321 18.26 -21.39 30.71
CA ASP A 321 17.80 -20.34 31.62
C ASP A 321 17.99 -18.94 31.05
N GLY A 322 18.70 -18.81 29.94
CA GLY A 322 18.85 -17.53 29.29
C GLY A 322 19.15 -17.75 27.82
N LEU A 323 19.20 -16.64 27.09
CA LEU A 323 19.42 -16.67 25.65
C LEU A 323 20.34 -15.57 25.17
N ARG A 324 21.27 -15.94 24.28
CA ARG A 324 22.19 -15.00 23.66
C ARG A 324 21.71 -14.73 22.25
N VAL A 325 21.41 -13.48 21.95
CA VAL A 325 20.81 -13.10 20.68
C VAL A 325 21.80 -12.27 19.88
N GLY A 326 21.94 -12.60 18.60
CA GLY A 326 22.80 -11.87 17.69
C GLY A 326 23.74 -12.80 16.96
N MET A 327 23.92 -12.57 15.67
CA MET A 327 24.81 -13.42 14.86
C MET A 327 25.16 -12.67 13.60
N GLY A 328 26.45 -12.51 13.34
CA GLY A 328 26.93 -11.83 12.15
C GLY A 328 27.19 -10.35 12.29
N CYS A 329 26.87 -9.75 13.43
CA CYS A 329 26.97 -8.30 13.59
C CYS A 329 28.08 -7.86 14.55
N GLY A 330 28.99 -8.75 14.91
CA GLY A 330 30.08 -8.36 15.80
C GLY A 330 31.06 -7.43 15.10
N SER A 331 31.77 -6.64 15.92
CA SER A 331 32.81 -5.77 15.37
C SER A 331 33.92 -6.58 14.73
N ILE A 332 34.32 -7.67 15.37
CA ILE A 332 35.42 -8.52 14.90
C ILE A 332 34.91 -9.70 14.09
N CYS A 333 33.67 -9.65 13.62
CA CYS A 333 33.01 -10.80 13.02
C CYS A 333 32.98 -10.66 11.51
N ILE A 334 33.39 -11.73 10.83
CA ILE A 334 33.34 -11.81 9.37
C ILE A 334 32.36 -12.87 8.90
N THR A 335 31.47 -13.33 9.78
CA THR A 335 30.57 -14.43 9.46
C THR A 335 29.64 -14.06 8.32
N GLN A 336 29.10 -12.84 8.32
CA GLN A 336 28.16 -12.45 7.27
C GLN A 336 28.78 -12.55 5.89
N GLU A 337 30.11 -12.41 5.78
CA GLU A 337 30.80 -12.53 4.50
C GLU A 337 31.29 -13.94 4.21
N VAL A 338 31.79 -14.66 5.21
CA VAL A 338 32.20 -16.05 5.00
C VAL A 338 31.02 -16.97 4.72
N MET A 339 29.84 -16.66 5.25
CA MET A 339 28.62 -17.39 4.95
C MET A 339 27.51 -16.35 4.83
N ALA A 340 26.40 -16.75 4.21
CA ALA A 340 25.36 -15.78 3.87
C ALA A 340 24.36 -15.57 5.00
N CYS A 341 24.50 -16.27 6.12
CA CYS A 341 23.47 -16.25 7.15
C CYS A 341 23.68 -15.10 8.13
N GLY A 342 22.61 -14.71 8.79
CA GLY A 342 22.66 -13.67 9.79
C GLY A 342 21.32 -12.96 9.88
N ARG A 343 21.32 -11.87 10.65
CA ARG A 343 20.16 -11.00 10.80
C ARG A 343 20.60 -9.69 11.45
N PRO A 344 20.05 -8.56 11.03
CA PRO A 344 20.40 -7.29 11.68
C PRO A 344 20.05 -7.31 13.17
N GLN A 345 20.91 -6.66 13.96
CA GLN A 345 20.87 -6.83 15.40
C GLN A 345 19.57 -6.30 16.01
N GLY A 346 19.09 -5.14 15.55
CA GLY A 346 17.89 -4.59 16.13
C GLY A 346 16.68 -5.50 15.95
N THR A 347 16.45 -5.95 14.71
CA THR A 347 15.35 -6.87 14.45
C THR A 347 15.54 -8.18 15.20
N ALA A 348 16.75 -8.72 15.22
CA ALA A 348 17.00 -9.94 15.95
C ALA A 348 16.66 -9.83 17.44
N VAL A 349 17.19 -8.82 18.11
CA VAL A 349 16.94 -8.68 19.55
C VAL A 349 15.45 -8.45 19.79
N TYR A 350 14.82 -7.58 19.00
CA TYR A 350 13.40 -7.34 19.22
C TYR A 350 12.59 -8.62 19.08
N LYS A 351 12.82 -9.39 18.01
CA LYS A 351 11.93 -10.50 17.70
C LYS A 351 12.27 -11.78 18.43
N VAL A 352 13.36 -11.92 19.19
CA VAL A 352 13.58 -13.12 20.06
C VAL A 352 13.27 -12.61 21.45
N ALA A 353 13.46 -11.34 21.85
CA ALA A 353 13.04 -10.91 23.17
C ALA A 353 11.55 -10.68 23.34
N GLU A 354 10.81 -10.45 22.26
CA GLU A 354 9.36 -10.37 22.36
C GLU A 354 8.74 -11.75 22.50
N TYR A 355 9.42 -12.79 22.01
CA TYR A 355 8.93 -14.16 22.11
C TYR A 355 9.36 -14.81 23.43
N ALA A 356 10.62 -14.60 23.82
CA ALA A 356 11.12 -15.20 25.05
C ALA A 356 10.37 -14.72 26.28
N ARG A 357 10.00 -13.44 26.31
CA ARG A 357 9.29 -12.87 27.45
C ARG A 357 8.14 -13.67 28.06
N ARG A 358 7.47 -14.48 27.25
CA ARG A 358 6.35 -15.26 27.75
C ARG A 358 6.82 -16.36 28.70
N PHE A 359 8.04 -16.86 28.51
CA PHE A 359 8.58 -17.93 29.33
C PHE A 359 9.54 -17.43 30.40
N GLY A 360 9.81 -16.13 30.45
CA GLY A 360 10.63 -15.56 31.49
C GLY A 360 12.12 -15.71 31.29
N VAL A 361 12.57 -16.25 30.17
CA VAL A 361 14.00 -16.38 29.92
C VAL A 361 14.53 -15.04 29.42
N PRO A 362 15.46 -14.40 30.14
CA PRO A 362 16.00 -13.13 29.66
C PRO A 362 16.89 -13.32 28.44
N ILE A 363 17.21 -12.21 27.80
CA ILE A 363 18.00 -12.19 26.56
C ILE A 363 19.25 -11.37 26.81
N ILE A 364 20.33 -11.74 26.12
CA ILE A 364 21.60 -11.02 26.19
C ILE A 364 21.95 -10.61 24.76
N ALA A 365 21.57 -9.40 24.37
CA ALA A 365 21.88 -8.90 23.04
C ALA A 365 23.36 -8.58 22.95
N ASP A 366 24.11 -9.38 22.20
CA ASP A 366 25.55 -9.25 22.10
C ASP A 366 25.96 -8.86 20.70
N GLY A 367 27.00 -8.04 20.59
CA GLY A 367 27.50 -7.60 19.30
C GLY A 367 26.81 -6.37 18.78
N GLY A 368 27.58 -5.49 18.14
CA GLY A 368 27.05 -4.27 17.59
C GLY A 368 27.02 -3.09 18.55
N ILE A 369 27.27 -3.32 19.83
CA ILE A 369 27.26 -2.25 20.82
C ILE A 369 28.53 -1.43 20.66
N GLN A 370 28.39 -0.19 20.19
CA GLN A 370 29.51 0.73 20.05
C GLN A 370 29.43 1.92 21.00
N THR A 371 28.23 2.26 21.49
CA THR A 371 28.06 3.46 22.27
C THR A 371 26.95 3.27 23.28
N VAL A 372 26.86 4.23 24.22
CA VAL A 372 25.79 4.24 25.20
C VAL A 372 24.45 4.29 24.52
N GLY A 373 24.36 4.98 23.39
CA GLY A 373 23.13 5.01 22.64
C GLY A 373 22.70 3.63 22.18
N HIS A 374 23.65 2.82 21.71
CA HIS A 374 23.33 1.45 21.33
C HIS A 374 22.97 0.61 22.54
N VAL A 375 23.63 0.82 23.67
CA VAL A 375 23.29 0.05 24.87
C VAL A 375 21.84 0.33 25.26
N VAL A 376 21.46 1.60 25.31
CA VAL A 376 20.09 1.94 25.71
C VAL A 376 19.09 1.49 24.66
N LYS A 377 19.43 1.59 23.37
CA LYS A 377 18.54 1.11 22.33
C LYS A 377 18.30 -0.38 22.48
N ALA A 378 19.35 -1.15 22.74
CA ALA A 378 19.18 -2.58 22.97
C ALA A 378 18.37 -2.92 24.21
N LEU A 379 18.55 -2.18 25.30
CA LEU A 379 17.73 -2.42 26.49
C LEU A 379 16.29 -1.96 26.31
N ALA A 380 16.04 -1.06 25.34
CA ALA A 380 14.67 -0.62 25.12
C ALA A 380 13.88 -1.63 24.32
N LEU A 381 14.56 -2.48 23.55
CA LEU A 381 13.89 -3.40 22.64
C LEU A 381 13.59 -4.75 23.28
N GLY A 382 13.85 -4.92 24.57
CA GLY A 382 13.52 -6.15 25.25
C GLY A 382 14.70 -6.94 25.76
N ALA A 383 15.92 -6.57 25.39
CA ALA A 383 17.09 -7.29 25.88
C ALA A 383 17.33 -6.97 27.35
N SER A 384 17.22 -8.01 28.19
CA SER A 384 17.40 -7.81 29.61
C SER A 384 18.80 -7.31 29.94
N THR A 385 19.82 -7.83 29.27
CA THR A 385 21.20 -7.44 29.50
C THR A 385 21.88 -7.27 28.15
N VAL A 386 23.03 -6.61 28.16
CA VAL A 386 23.80 -6.32 26.96
C VAL A 386 25.23 -6.79 27.17
N MET A 387 25.77 -7.52 26.20
CA MET A 387 27.11 -8.09 26.28
C MET A 387 28.02 -7.34 25.32
N MET A 388 29.18 -6.90 25.81
CA MET A 388 30.07 -6.04 25.06
C MET A 388 31.36 -6.77 24.69
N GLY A 389 31.87 -6.42 23.52
CA GLY A 389 33.14 -6.91 23.03
C GLY A 389 34.17 -5.80 22.93
N SER A 390 34.31 -5.24 21.73
CA SER A 390 35.34 -4.23 21.48
C SER A 390 35.29 -3.09 22.48
N LEU A 391 34.10 -2.73 22.97
CA LEU A 391 34.00 -1.60 23.89
C LEU A 391 34.92 -1.77 25.10
N LEU A 392 35.18 -3.00 25.50
CA LEU A 392 36.00 -3.29 26.67
C LEU A 392 37.32 -3.97 26.33
N ALA A 393 37.66 -4.08 25.04
CA ALA A 393 38.83 -4.86 24.64
C ALA A 393 40.14 -4.22 25.06
N ALA A 394 40.26 -2.90 24.94
CA ALA A 394 41.49 -2.18 25.29
C ALA A 394 41.23 -1.46 26.61
N THR A 395 41.71 -2.04 27.70
CA THR A 395 41.54 -1.49 29.03
C THR A 395 42.65 -2.03 29.91
N THR A 396 42.88 -1.37 31.04
CA THR A 396 43.95 -1.81 31.93
C THR A 396 43.71 -3.23 32.41
N GLU A 397 42.46 -3.69 32.42
CA GLU A 397 42.15 -5.03 32.90
C GLU A 397 42.08 -6.07 31.78
N ALA A 398 42.25 -5.67 30.52
CA ALA A 398 42.14 -6.61 29.43
C ALA A 398 43.46 -7.38 29.26
N PRO A 399 43.40 -8.60 28.70
CA PRO A 399 44.63 -9.41 28.59
C PRO A 399 45.64 -8.84 27.61
N GLY A 400 46.92 -9.15 27.84
CA GLY A 400 47.94 -8.80 26.86
C GLY A 400 48.79 -7.60 27.27
N GLU A 401 49.31 -6.92 26.26
CA GLU A 401 50.15 -5.75 26.47
C GLU A 401 50.00 -4.79 25.30
N TYR A 402 50.44 -3.56 25.50
CA TYR A 402 50.17 -2.48 24.57
C TYR A 402 51.28 -2.34 23.53
N PHE A 403 50.98 -1.58 22.47
CA PHE A 403 51.98 -1.15 21.51
C PHE A 403 52.02 0.37 21.44
N PHE A 404 53.09 0.90 20.84
CA PHE A 404 53.17 2.32 20.52
C PHE A 404 54.48 2.61 19.80
N ARG A 414 41.13 -9.41 18.69
CA ARG A 414 41.22 -10.71 18.02
C ARG A 414 39.96 -11.53 18.26
N GLY A 415 39.19 -11.76 17.20
CA GLY A 415 38.04 -12.64 17.30
C GLY A 415 38.48 -14.05 17.66
N MET A 416 37.69 -14.71 18.49
CA MET A 416 38.06 -16.02 19.01
C MET A 416 37.99 -17.11 17.94
N GLY A 417 37.46 -16.80 16.76
CA GLY A 417 37.50 -17.71 15.64
C GLY A 417 38.31 -17.15 14.49
N SER A 418 39.31 -16.33 14.82
CA SER A 418 40.11 -15.60 13.84
C SER A 418 41.40 -16.30 13.46
N LEU A 419 41.61 -17.52 13.95
CA LEU A 419 42.84 -18.27 13.64
C LEU A 419 44.07 -17.53 14.17
N LYS A 440 40.13 -24.12 10.45
CA LYS A 440 40.19 -24.46 9.03
C LYS A 440 39.69 -23.31 8.17
N ILE A 441 38.92 -22.40 8.77
CA ILE A 441 38.40 -21.23 8.06
C ILE A 441 38.37 -20.06 9.05
N ALA A 442 38.69 -18.86 8.55
CA ALA A 442 38.74 -17.68 9.40
C ALA A 442 37.35 -17.17 9.67
N GLN A 443 36.95 -17.18 10.95
CA GLN A 443 35.69 -16.61 11.39
C GLN A 443 35.83 -15.24 12.03
N GLY A 444 37.05 -14.74 12.17
CA GLY A 444 37.26 -13.49 12.86
C GLY A 444 38.38 -12.69 12.25
N VAL A 445 38.94 -11.79 13.06
CA VAL A 445 39.92 -10.81 12.63
C VAL A 445 40.73 -10.38 13.84
N SER A 446 41.96 -9.94 13.59
CA SER A 446 42.84 -9.44 14.65
C SER A 446 42.96 -7.93 14.52
N GLY A 447 42.49 -7.22 15.55
CA GLY A 447 42.41 -5.77 15.50
C GLY A 447 43.32 -5.09 16.50
N SER A 448 43.07 -3.80 16.70
CA SER A 448 43.79 -2.99 17.67
C SER A 448 42.91 -1.82 18.08
N ILE A 449 43.00 -1.41 19.35
CA ILE A 449 42.15 -0.37 19.90
C ILE A 449 43.00 0.58 20.74
N GLN A 450 42.50 1.80 20.93
CA GLN A 450 43.23 2.95 21.47
C GLN A 450 43.46 2.90 22.98
N ASP A 451 43.19 1.84 23.75
CA ASP A 451 43.40 1.88 25.19
C ASP A 451 42.42 2.85 25.85
N LYS A 452 41.79 2.44 26.95
CA LYS A 452 40.74 3.26 27.56
C LYS A 452 40.80 3.25 29.09
N GLY A 453 41.98 3.16 29.68
CA GLY A 453 42.05 3.26 31.13
C GLY A 453 41.65 1.96 31.81
N SER A 454 40.96 2.11 32.93
CA SER A 454 40.55 0.98 33.75
C SER A 454 39.03 0.85 33.79
N ILE A 455 38.56 -0.38 34.03
CA ILE A 455 37.14 -0.62 34.15
C ILE A 455 36.56 0.16 35.32
N GLN A 456 37.26 0.16 36.45
CA GLN A 456 36.73 0.79 37.65
C GLN A 456 36.57 2.29 37.51
N LYS A 457 37.16 2.89 36.47
CA LYS A 457 36.99 4.31 36.18
C LYS A 457 36.23 4.53 34.88
N PHE A 458 35.96 3.46 34.13
CA PHE A 458 35.30 3.58 32.83
C PHE A 458 33.83 3.19 32.90
N VAL A 459 33.48 2.25 33.78
CA VAL A 459 32.10 1.76 33.83
C VAL A 459 31.18 2.75 34.51
N PRO A 460 31.59 3.49 35.54
CA PRO A 460 30.67 4.48 36.12
C PRO A 460 30.15 5.48 35.09
N TYR A 461 30.99 5.91 34.16
CA TYR A 461 30.52 6.76 33.07
C TYR A 461 29.52 6.02 32.20
N LEU A 462 29.75 4.73 31.98
CA LEU A 462 28.85 3.94 31.15
C LEU A 462 27.49 3.75 31.83
N ILE A 463 27.47 3.75 33.16
CA ILE A 463 26.21 3.69 33.90
C ILE A 463 25.51 5.05 33.85
N ALA A 464 26.26 6.13 34.06
CA ALA A 464 25.67 7.45 34.07
C ALA A 464 25.05 7.79 32.72
N GLY A 465 25.72 7.37 31.65
CA GLY A 465 25.15 7.60 30.32
C GLY A 465 23.81 6.93 30.15
N ILE A 466 23.69 5.68 30.59
CA ILE A 466 22.42 4.96 30.50
C ILE A 466 21.36 5.65 31.36
N GLN A 467 21.74 6.04 32.57
CA GLN A 467 20.79 6.70 33.46
C GLN A 467 20.26 7.98 32.82
N HIS A 468 21.15 8.78 32.24
CA HIS A 468 20.70 10.03 31.61
C HIS A 468 19.85 9.76 30.39
N GLY A 469 20.20 8.73 29.60
CA GLY A 469 19.39 8.38 28.45
C GLY A 469 17.99 7.93 28.80
N CYS A 470 17.83 7.17 29.88
CA CYS A 470 16.49 6.79 30.32
C CYS A 470 15.76 7.96 30.97
N GLN A 471 16.48 8.82 31.69
CA GLN A 471 15.85 9.97 32.32
C GLN A 471 15.31 10.94 31.28
N ASP A 472 16.04 11.12 30.17
CA ASP A 472 15.54 11.96 29.08
C ASP A 472 14.31 11.37 28.42
N ILE A 473 14.01 10.10 28.67
CA ILE A 473 12.83 9.47 28.08
C ILE A 473 11.66 9.44 29.05
N GLY A 474 11.94 9.37 30.35
CA GLY A 474 10.89 9.34 31.34
C GLY A 474 10.60 7.97 31.91
N ALA A 475 11.60 7.09 31.97
CA ALA A 475 11.44 5.77 32.55
C ALA A 475 12.20 5.70 33.87
N ARG A 476 11.49 5.35 34.94
CA ARG A 476 12.11 5.28 36.26
C ARG A 476 13.02 4.07 36.41
N SER A 477 13.01 3.15 35.44
CA SER A 477 13.84 1.95 35.51
C SER A 477 13.78 1.24 34.16
N LEU A 478 14.69 0.29 33.99
CA LEU A 478 14.73 -0.49 32.75
C LEU A 478 13.47 -1.33 32.59
N ASP A 479 12.96 -1.90 33.68
CA ASP A 479 11.74 -2.68 33.58
C ASP A 479 10.58 -1.81 33.13
N VAL A 480 10.48 -0.60 33.66
CA VAL A 480 9.44 0.33 33.23
C VAL A 480 9.66 0.73 31.78
N LEU A 481 10.91 0.88 31.35
CA LEU A 481 11.18 1.22 29.96
C LEU A 481 10.69 0.11 29.02
N ARG A 482 10.97 -1.14 29.36
CA ARG A 482 10.54 -2.24 28.50
C ARG A 482 9.03 -2.43 28.56
N SER A 483 8.41 -2.18 29.71
CA SER A 483 6.95 -2.21 29.77
C SER A 483 6.36 -1.11 28.91
N MET A 484 6.98 0.06 28.90
CA MET A 484 6.55 1.15 28.01
C MET A 484 6.66 0.74 26.56
N MET A 485 7.76 0.08 26.20
CA MET A 485 7.92 -0.38 24.82
C MET A 485 6.84 -1.38 24.46
N TYR A 486 6.55 -2.33 25.36
CA TYR A 486 5.50 -3.32 25.12
C TYR A 486 4.08 -2.77 25.03
N SER A 487 3.69 -1.82 25.90
CA SER A 487 2.33 -1.30 25.89
C SER A 487 2.08 -0.33 24.75
N GLY A 488 3.12 0.19 24.12
CA GLY A 488 2.97 1.14 23.04
C GLY A 488 3.17 2.58 23.41
N GLU A 489 3.53 2.87 24.66
CA GLU A 489 3.70 4.25 25.10
C GLU A 489 4.99 4.86 24.56
N LEU A 490 6.05 4.08 24.45
CA LEU A 490 7.34 4.57 24.00
C LEU A 490 7.41 4.38 22.49
N LYS A 491 7.63 5.47 21.76
CA LYS A 491 7.49 5.49 20.32
C LYS A 491 8.80 5.83 19.63
N PHE A 492 8.99 5.23 18.47
CA PHE A 492 10.24 5.29 17.72
C PHE A 492 10.07 6.10 16.45
N GLU A 493 11.18 6.60 15.93
CA GLU A 493 11.21 7.34 14.68
C GLU A 493 12.34 6.79 13.82
N LYS A 494 12.07 6.60 12.53
CA LYS A 494 13.10 6.11 11.63
C LYS A 494 14.09 7.22 11.29
N ARG A 495 15.29 6.82 10.90
CA ARG A 495 16.45 7.71 10.81
C ARG A 495 17.19 7.40 9.51
N THR A 496 16.79 8.06 8.43
CA THR A 496 17.43 7.86 7.14
C THR A 496 18.88 8.35 7.19
N MET A 497 19.60 8.14 6.09
CA MET A 497 21.04 8.42 6.10
C MET A 497 21.33 9.89 6.34
N SER A 498 20.56 10.78 5.70
CA SER A 498 20.74 12.20 5.90
C SER A 498 20.38 12.65 7.31
N ALA A 499 19.68 11.80 8.08
CA ALA A 499 19.49 12.04 9.50
C ALA A 499 20.53 11.33 10.36
N GLN A 500 21.22 10.34 9.81
CA GLN A 500 22.34 9.71 10.51
C GLN A 500 23.58 10.59 10.48
N ILE A 501 23.77 11.31 9.38
CA ILE A 501 24.93 12.18 9.25
C ILE A 501 24.87 13.36 10.23
N GLU A 502 23.76 13.51 10.96
CA GLU A 502 23.58 14.62 11.89
C GLU A 502 24.05 14.27 13.29
N GLY A 503 25.02 13.38 13.40
CA GLY A 503 25.71 13.18 14.66
C GLY A 503 26.86 14.15 14.77
N GLY A 504 28.09 13.64 14.82
CA GLY A 504 29.25 14.50 14.77
C GLY A 504 29.44 15.09 13.39
N VAL A 505 28.57 16.05 13.03
CA VAL A 505 28.53 16.55 11.66
C VAL A 505 29.91 17.06 11.26
N HIS A 506 30.20 17.00 9.96
CA HIS A 506 31.52 17.33 9.44
C HIS A 506 31.70 18.83 9.23
N GLY A 507 30.90 19.64 9.92
CA GLY A 507 31.06 21.09 9.81
C GLY A 507 32.37 21.57 10.40
N LEU A 508 33.01 20.76 11.23
CA LEU A 508 34.25 21.15 11.89
C LEU A 508 35.45 20.73 11.06
N HIS A 509 36.61 21.35 11.36
CA HIS A 509 37.84 21.00 10.67
C HIS A 509 38.57 19.87 11.40
N SER A 510 38.68 19.98 12.72
CA SER A 510 39.27 18.94 13.55
C SER A 510 38.64 19.08 14.93
N TYR A 511 38.78 18.03 15.75
CA TYR A 511 38.18 18.11 17.08
C TYR A 511 38.70 17.00 17.99
N THR A 512 38.32 17.11 19.26
CA THR A 512 38.62 16.13 20.30
C THR A 512 37.33 15.83 21.07
N PHE A 513 37.27 14.66 21.69
CA PHE A 513 36.03 14.24 22.36
C PHE A 513 36.10 14.43 23.86
N LEU A 514 37.06 13.78 24.51
CA LEU A 514 37.21 13.83 25.95
C LEU A 514 35.88 13.49 26.61
N PRO A 515 35.49 12.22 26.64
CA PRO A 515 34.42 11.82 27.56
C PRO A 515 34.99 11.68 28.97
N PHE A 516 34.20 12.12 29.95
CA PHE A 516 34.71 12.13 31.33
C PHE A 516 35.13 10.74 31.78
N THR A 517 34.49 9.71 31.25
CA THR A 517 34.90 8.33 31.51
C THR A 517 35.00 8.06 32.99
N TYR B 14 3.80 -23.95 18.97
CA TYR B 14 3.68 -23.10 17.79
C TYR B 14 4.58 -21.88 17.91
N VAL B 15 5.25 -21.54 16.81
CA VAL B 15 6.20 -20.43 16.77
C VAL B 15 6.00 -19.66 15.48
N PRO B 16 5.83 -18.34 15.52
CA PRO B 16 5.47 -17.62 14.28
C PRO B 16 6.61 -17.63 13.27
N GLU B 17 6.23 -17.53 12.00
CA GLU B 17 7.21 -17.50 10.91
C GLU B 17 7.81 -16.11 10.78
N ASP B 18 9.12 -16.08 10.54
CA ASP B 18 9.87 -14.83 10.43
C ASP B 18 10.58 -14.76 9.08
N GLY B 19 10.54 -13.58 8.47
CA GLY B 19 11.26 -13.32 7.25
C GLY B 19 10.40 -13.43 6.01
N LEU B 20 11.03 -13.15 4.87
CA LEU B 20 10.37 -13.16 3.57
C LEU B 20 10.86 -14.34 2.76
N THR B 21 9.93 -15.05 2.13
CA THR B 21 10.32 -16.04 1.14
C THR B 21 11.02 -15.32 -0.01
N ALA B 22 11.67 -16.10 -0.88
CA ALA B 22 12.33 -15.51 -2.04
C ALA B 22 11.32 -14.78 -2.92
N GLN B 23 10.15 -15.39 -3.12
CA GLN B 23 9.13 -14.78 -3.95
C GLN B 23 8.66 -13.46 -3.37
N GLN B 24 8.45 -13.40 -2.06
CA GLN B 24 8.05 -12.16 -1.41
C GLN B 24 9.16 -11.12 -1.49
N LEU B 25 10.41 -11.55 -1.31
CA LEU B 25 11.53 -10.63 -1.33
C LEU B 25 11.70 -9.99 -2.71
N PHE B 26 11.61 -10.80 -3.76
CA PHE B 26 11.82 -10.31 -5.12
C PHE B 26 10.57 -9.76 -5.81
N ALA B 27 9.41 -9.77 -5.16
CA ALA B 27 8.20 -9.25 -5.78
C ALA B 27 8.19 -7.73 -5.82
N SER B 28 8.83 -7.07 -4.84
CA SER B 28 8.84 -5.62 -4.78
C SER B 28 9.46 -4.96 -6.00
N ALA B 29 10.36 -5.66 -6.70
CA ALA B 29 11.01 -5.12 -7.89
C ALA B 29 11.77 -3.83 -7.58
N ASP B 30 12.76 -3.97 -6.70
CA ASP B 30 13.63 -2.86 -6.32
C ASP B 30 15.07 -3.03 -6.81
N GLY B 31 15.42 -4.21 -7.32
CA GLY B 31 16.76 -4.43 -7.83
C GLY B 31 17.75 -4.90 -6.80
N LEU B 32 17.47 -6.01 -6.12
CA LEU B 32 18.40 -6.56 -5.14
C LEU B 32 19.65 -7.19 -5.74
N THR B 33 20.75 -7.12 -5.01
CA THR B 33 21.97 -7.83 -5.35
C THR B 33 22.36 -8.72 -4.18
N TYR B 34 23.49 -9.42 -4.31
CA TYR B 34 23.93 -10.33 -3.28
C TYR B 34 24.19 -9.61 -1.96
N ASN B 35 24.64 -8.36 -2.00
CA ASN B 35 24.98 -7.63 -0.80
C ASN B 35 23.78 -6.93 -0.17
N ASP B 36 22.57 -7.36 -0.51
CA ASP B 36 21.37 -6.61 -0.16
C ASP B 36 20.34 -7.48 0.56
N PHE B 37 20.68 -8.71 0.89
CA PHE B 37 19.76 -9.57 1.64
C PHE B 37 20.55 -10.67 2.33
N LEU B 38 19.87 -11.38 3.23
CA LEU B 38 20.46 -12.46 4.01
C LEU B 38 19.50 -13.64 4.04
N ILE B 39 20.03 -14.79 4.46
CA ILE B 39 19.25 -16.01 4.63
C ILE B 39 19.22 -16.34 6.11
N LEU B 40 18.02 -16.49 6.66
CA LEU B 40 17.92 -16.79 8.08
C LEU B 40 18.25 -18.26 8.33
N PRO B 41 18.84 -18.58 9.47
CA PRO B 41 19.35 -19.94 9.70
C PRO B 41 18.21 -20.92 9.99
N GLY B 42 18.59 -22.19 10.12
CA GLY B 42 17.64 -23.26 10.36
C GLY B 42 18.07 -24.22 11.44
N PHE B 43 18.10 -25.52 11.11
CA PHE B 43 18.36 -26.58 12.07
C PHE B 43 19.55 -27.40 11.58
N ILE B 44 20.45 -27.74 12.49
CA ILE B 44 21.68 -28.46 12.15
C ILE B 44 21.58 -29.84 12.77
N ASP B 45 21.58 -30.89 11.94
CA ASP B 45 21.66 -32.25 12.43
C ASP B 45 22.62 -33.09 11.61
N PHE B 46 23.74 -32.51 11.17
CA PHE B 46 24.71 -33.24 10.38
C PHE B 46 26.03 -32.49 10.36
N ILE B 47 27.11 -33.26 10.26
CA ILE B 47 28.43 -32.67 10.13
C ILE B 47 28.52 -31.92 8.79
N ALA B 48 29.36 -30.88 8.75
CA ALA B 48 29.47 -30.06 7.55
C ALA B 48 29.94 -30.88 6.37
N ASP B 49 30.93 -31.76 6.57
CA ASP B 49 31.50 -32.51 5.46
C ASP B 49 30.48 -33.39 4.77
N GLU B 50 29.36 -33.70 5.42
CA GLU B 50 28.36 -34.56 4.81
C GLU B 50 27.62 -33.88 3.66
N VAL B 51 27.63 -32.54 3.61
CA VAL B 51 26.91 -31.84 2.54
C VAL B 51 27.46 -32.27 1.20
N ASP B 52 26.57 -32.37 0.21
CA ASP B 52 26.92 -32.86 -1.12
C ASP B 52 26.65 -31.74 -2.13
N LEU B 53 27.65 -31.43 -2.94
CA LEU B 53 27.62 -30.28 -3.83
C LEU B 53 27.45 -30.65 -5.30
N THR B 54 27.12 -31.90 -5.61
CA THR B 54 26.97 -32.30 -7.01
C THR B 54 26.01 -31.36 -7.74
N SER B 55 26.53 -30.66 -8.74
CA SER B 55 25.77 -29.66 -9.48
C SER B 55 25.81 -29.98 -10.96
N ALA B 56 24.83 -29.47 -11.69
CA ALA B 56 24.69 -29.78 -13.11
C ALA B 56 25.17 -28.60 -13.94
N LEU B 57 26.17 -28.84 -14.79
CA LEU B 57 26.65 -27.79 -15.68
C LEU B 57 25.69 -27.58 -16.84
N THR B 58 25.46 -28.62 -17.64
CA THR B 58 24.42 -28.60 -18.66
C THR B 58 23.58 -29.86 -18.50
N ARG B 59 22.69 -30.09 -19.46
CA ARG B 59 21.73 -31.17 -19.33
C ARG B 59 22.35 -32.57 -19.45
N LYS B 60 23.64 -32.66 -19.72
CA LYS B 60 24.32 -33.96 -19.76
C LYS B 60 25.69 -33.94 -19.07
N ILE B 61 26.00 -32.89 -18.32
CA ILE B 61 27.25 -32.81 -17.57
C ILE B 61 26.92 -32.45 -16.13
N THR B 62 27.39 -33.26 -15.19
CA THR B 62 27.20 -33.04 -13.76
C THR B 62 28.59 -32.88 -13.12
N LEU B 63 28.79 -31.77 -12.43
CA LEU B 63 30.06 -31.49 -11.79
C LEU B 63 29.95 -31.73 -10.29
N LYS B 64 30.99 -32.32 -9.72
CA LYS B 64 30.97 -32.60 -8.29
C LYS B 64 31.11 -31.34 -7.44
N THR B 65 31.41 -30.20 -8.04
CA THR B 65 31.37 -28.91 -7.36
C THR B 65 30.88 -27.86 -8.33
N PRO B 66 30.22 -26.80 -7.83
CA PRO B 66 29.65 -25.80 -8.73
C PRO B 66 30.67 -24.89 -9.40
N LEU B 67 31.91 -24.89 -8.95
CA LEU B 67 32.86 -23.84 -9.30
C LEU B 67 33.19 -23.88 -10.79
N ILE B 68 33.20 -22.72 -11.42
CA ILE B 68 33.61 -22.57 -12.81
C ILE B 68 34.53 -21.36 -12.91
N SER B 69 35.49 -21.41 -13.83
CA SER B 69 36.38 -20.30 -14.12
C SER B 69 35.94 -19.63 -15.41
N SER B 70 35.84 -18.31 -15.39
CA SER B 70 35.29 -17.59 -16.53
C SER B 70 36.26 -17.62 -17.70
N PRO B 71 35.77 -17.59 -18.95
CA PRO B 71 36.68 -17.52 -20.09
C PRO B 71 37.19 -16.11 -20.34
N MET B 72 38.45 -15.86 -20.02
CA MET B 72 39.07 -14.56 -20.19
C MET B 72 40.54 -14.76 -20.48
N ASP B 73 41.18 -13.73 -21.02
CA ASP B 73 42.59 -13.83 -21.39
C ASP B 73 43.53 -13.67 -20.21
N THR B 74 43.00 -13.35 -19.01
CA THR B 74 43.81 -13.28 -17.80
C THR B 74 43.44 -14.39 -16.83
N VAL B 75 42.82 -15.46 -17.30
CA VAL B 75 42.37 -16.57 -16.46
C VAL B 75 41.96 -17.70 -17.41
N THR B 76 41.97 -18.94 -16.93
CA THR B 76 41.69 -20.10 -17.76
C THR B 76 42.70 -20.25 -18.91
N GLU B 77 43.96 -20.42 -18.54
CA GLU B 77 44.90 -21.05 -19.44
C GLU B 77 44.63 -22.56 -19.49
N ALA B 78 45.43 -23.27 -20.28
CA ALA B 78 45.40 -24.71 -20.19
C ALA B 78 45.83 -25.19 -18.82
N ASP B 79 46.86 -24.56 -18.24
CA ASP B 79 47.37 -24.95 -16.94
C ASP B 79 46.42 -24.61 -15.80
N MET B 80 45.39 -23.80 -16.03
CA MET B 80 44.36 -23.58 -15.02
C MET B 80 43.13 -24.43 -15.30
N ALA B 81 42.79 -24.66 -16.56
CA ALA B 81 41.71 -25.59 -16.83
C ALA B 81 42.04 -26.97 -16.29
N ILE B 82 43.30 -27.42 -16.42
CA ILE B 82 43.70 -28.68 -15.83
C ILE B 82 43.55 -28.63 -14.31
N ALA B 83 44.09 -27.59 -13.69
CA ALA B 83 44.13 -27.54 -12.22
C ALA B 83 42.77 -27.27 -11.61
N MET B 84 41.78 -26.87 -12.41
CA MET B 84 40.43 -26.69 -11.91
C MET B 84 39.52 -27.86 -12.23
N ALA B 85 39.77 -28.57 -13.33
CA ALA B 85 39.09 -29.82 -13.58
C ALA B 85 39.54 -30.89 -12.59
N LEU B 86 40.80 -30.85 -12.15
CA LEU B 86 41.26 -31.80 -11.15
C LEU B 86 40.51 -31.65 -9.83
N MET B 87 40.07 -30.44 -9.50
CA MET B 87 39.42 -30.17 -8.22
C MET B 87 37.91 -30.25 -8.31
N GLY B 88 37.37 -30.87 -9.37
CA GLY B 88 35.94 -31.10 -9.47
C GLY B 88 35.19 -30.13 -10.35
N GLY B 89 35.74 -28.95 -10.61
CA GLY B 89 35.08 -27.94 -11.41
C GLY B 89 35.36 -28.12 -12.89
N ILE B 90 35.19 -27.03 -13.64
CA ILE B 90 35.45 -27.02 -15.08
C ILE B 90 35.93 -25.62 -15.45
N GLY B 91 36.75 -25.55 -16.48
CA GLY B 91 37.29 -24.29 -16.93
C GLY B 91 37.10 -24.10 -18.41
N PHE B 92 36.76 -22.87 -18.80
CA PHE B 92 36.49 -22.53 -20.19
C PHE B 92 37.68 -21.79 -20.76
N ILE B 93 38.22 -22.30 -21.87
CA ILE B 93 39.40 -21.69 -22.46
C ILE B 93 38.98 -20.45 -23.24
N HIS B 94 39.63 -19.33 -22.96
CA HIS B 94 39.28 -18.08 -23.61
C HIS B 94 39.56 -18.14 -25.10
N HIS B 95 38.81 -17.35 -25.86
CA HIS B 95 38.90 -17.34 -27.32
C HIS B 95 39.54 -16.08 -27.88
N ASN B 96 40.32 -15.37 -27.07
CA ASN B 96 41.09 -14.24 -27.58
C ASN B 96 42.47 -14.69 -28.03
N CYS B 97 42.51 -15.70 -28.90
CA CYS B 97 43.76 -16.26 -29.36
C CYS B 97 43.55 -16.96 -30.70
N THR B 98 44.67 -17.33 -31.32
CA THR B 98 44.62 -17.99 -32.61
C THR B 98 43.85 -19.31 -32.49
N PRO B 99 43.06 -19.70 -33.49
CA PRO B 99 42.34 -20.98 -33.39
C PRO B 99 43.24 -22.17 -33.14
N GLU B 100 44.43 -22.20 -33.76
CA GLU B 100 45.39 -23.24 -33.47
C GLU B 100 45.83 -23.19 -32.01
N PHE B 101 45.99 -21.99 -31.47
CA PHE B 101 46.35 -21.85 -30.06
C PHE B 101 45.28 -22.42 -29.15
N GLN B 102 44.00 -22.14 -29.45
CA GLN B 102 42.92 -22.68 -28.63
C GLN B 102 42.84 -24.19 -28.74
N ALA B 103 43.02 -24.73 -29.95
CA ALA B 103 43.04 -26.18 -30.11
C ALA B 103 44.18 -26.80 -29.32
N ASN B 104 45.36 -26.17 -29.33
CA ASN B 104 46.48 -26.67 -28.54
C ASN B 104 46.16 -26.64 -27.06
N GLU B 105 45.52 -25.56 -26.60
CA GLU B 105 45.14 -25.49 -25.18
C GLU B 105 44.22 -26.64 -24.81
N VAL B 106 43.22 -26.91 -25.65
CA VAL B 106 42.28 -27.99 -25.34
C VAL B 106 42.98 -29.34 -25.40
N ARG B 107 43.91 -29.52 -26.34
CA ARG B 107 44.67 -30.76 -26.39
C ARG B 107 45.44 -30.97 -25.09
N LYS B 108 46.11 -29.92 -24.60
CA LYS B 108 46.88 -30.08 -23.38
C LYS B 108 45.98 -30.29 -22.17
N VAL B 109 44.75 -29.76 -22.23
CA VAL B 109 43.80 -30.00 -21.14
C VAL B 109 43.36 -31.45 -21.13
N LYS B 110 43.09 -32.02 -22.32
CA LYS B 110 42.58 -33.38 -22.39
C LYS B 110 43.68 -34.41 -22.13
N LYS B 111 44.92 -34.10 -22.51
CA LYS B 111 46.03 -35.04 -22.30
C LYS B 111 46.78 -34.73 -21.00
N PHE B 112 46.05 -34.85 -19.89
CA PHE B 112 46.68 -34.76 -18.57
C PHE B 112 46.56 -36.11 -17.86
N GLU B 113 45.35 -36.67 -17.86
CA GLU B 113 45.16 -38.07 -17.51
C GLU B 113 44.29 -38.69 -18.58
N GLN B 114 44.59 -39.94 -18.93
CA GLN B 114 44.10 -40.52 -20.16
C GLN B 114 43.34 -41.83 -20.02
N GLY B 115 43.73 -42.72 -19.12
CA GLY B 115 43.22 -44.07 -19.18
C GLY B 115 43.96 -44.83 -20.27
N PHE B 116 43.24 -45.29 -21.28
CA PHE B 116 43.90 -45.87 -22.46
C PHE B 116 44.55 -44.76 -23.29
N ILE B 117 45.88 -44.71 -23.27
CA ILE B 117 46.62 -43.75 -24.08
C ILE B 117 46.66 -44.32 -25.50
N THR B 118 45.75 -43.86 -26.35
CA THR B 118 45.56 -44.46 -27.66
C THR B 118 46.42 -43.84 -28.75
N ASP B 119 47.05 -42.70 -28.50
CA ASP B 119 47.99 -42.08 -29.44
C ASP B 119 49.30 -41.74 -28.73
N PRO B 120 49.99 -42.74 -28.20
CA PRO B 120 51.31 -42.49 -27.61
C PRO B 120 52.35 -42.22 -28.67
N VAL B 121 53.39 -41.48 -28.28
CA VAL B 121 54.54 -41.29 -29.14
C VAL B 121 55.36 -42.57 -29.15
N VAL B 122 55.67 -43.05 -30.36
CA VAL B 122 56.44 -44.29 -30.53
C VAL B 122 57.55 -44.02 -31.53
N LEU B 123 58.57 -44.88 -31.50
CA LEU B 123 59.75 -44.72 -32.34
C LEU B 123 60.22 -46.09 -32.82
N SER B 124 61.08 -46.06 -33.84
CA SER B 124 61.67 -47.30 -34.34
C SER B 124 63.01 -47.56 -33.67
N PRO B 125 63.47 -48.82 -33.66
CA PRO B 125 64.75 -49.13 -33.01
C PRO B 125 65.92 -48.36 -33.59
N SER B 126 65.80 -47.87 -34.82
CA SER B 126 66.89 -47.15 -35.48
C SER B 126 67.03 -45.71 -34.99
N HIS B 127 66.13 -45.25 -34.12
CA HIS B 127 66.26 -43.91 -33.58
C HIS B 127 67.41 -43.87 -32.57
N THR B 128 67.62 -42.69 -31.99
CA THR B 128 68.77 -42.45 -31.13
C THR B 128 68.32 -41.91 -29.77
N VAL B 129 69.16 -42.16 -28.77
CA VAL B 129 68.89 -41.65 -27.43
C VAL B 129 68.73 -40.15 -27.46
N GLY B 130 69.45 -39.48 -28.36
CA GLY B 130 69.20 -38.06 -28.56
C GLY B 130 67.78 -37.78 -29.02
N ASP B 131 67.25 -38.64 -29.90
CA ASP B 131 65.86 -38.48 -30.33
C ASP B 131 64.89 -38.67 -29.17
N VAL B 132 65.13 -39.69 -28.33
CA VAL B 132 64.26 -39.90 -27.19
C VAL B 132 64.31 -38.71 -26.24
N LEU B 133 65.50 -38.18 -25.97
CA LEU B 133 65.64 -37.00 -25.13
C LEU B 133 64.94 -35.80 -25.75
N GLU B 134 65.05 -35.65 -27.06
CA GLU B 134 64.39 -34.54 -27.74
C GLU B 134 62.89 -34.63 -27.60
N ALA B 135 62.32 -35.83 -27.76
CA ALA B 135 60.88 -36.00 -27.59
C ALA B 135 60.46 -35.73 -26.15
N LYS B 136 61.28 -36.18 -25.19
CA LYS B 136 61.01 -35.87 -23.80
C LYS B 136 60.93 -34.37 -23.58
N MET B 137 61.95 -33.64 -24.04
CA MET B 137 61.94 -32.18 -23.88
C MET B 137 60.77 -31.54 -24.63
N ARG B 138 60.35 -32.17 -25.73
CA ARG B 138 59.30 -31.58 -26.55
C ARG B 138 57.94 -31.69 -25.89
N HIS B 139 57.62 -32.87 -25.32
CA HIS B 139 56.29 -33.11 -24.77
C HIS B 139 56.31 -33.22 -23.26
N GLY B 140 57.10 -34.12 -22.70
CA GLY B 140 57.06 -34.38 -21.27
C GLY B 140 57.02 -35.86 -20.97
N PHE B 141 56.40 -36.64 -21.84
CA PHE B 141 56.35 -38.08 -21.67
C PHE B 141 57.69 -38.69 -22.04
N SER B 142 58.16 -39.62 -21.22
CA SER B 142 59.48 -40.21 -21.40
C SER B 142 59.45 -41.69 -21.74
N GLY B 143 58.37 -42.40 -21.42
CA GLY B 143 58.29 -43.81 -21.70
C GLY B 143 57.84 -44.14 -23.10
N ILE B 144 58.65 -43.79 -24.09
CA ILE B 144 58.31 -43.97 -25.49
C ILE B 144 58.36 -45.47 -25.83
N PRO B 145 57.26 -46.08 -26.27
CA PRO B 145 57.36 -47.46 -26.77
C PRO B 145 58.07 -47.50 -28.11
N ILE B 146 58.62 -48.67 -28.44
CA ILE B 146 59.39 -48.88 -29.65
C ILE B 146 58.73 -49.98 -30.47
N THR B 147 58.54 -49.73 -31.77
CA THR B 147 57.97 -50.68 -32.69
C THR B 147 58.81 -50.74 -33.96
N GLU B 148 58.77 -51.89 -34.64
CA GLU B 148 59.66 -52.11 -35.77
C GLU B 148 59.56 -50.98 -36.79
N THR B 149 58.35 -50.57 -37.13
CA THR B 149 58.13 -49.52 -38.11
C THR B 149 58.07 -48.12 -37.50
N GLY B 150 58.22 -48.01 -36.19
CA GLY B 150 58.09 -46.73 -35.53
C GLY B 150 56.69 -46.16 -35.58
N THR B 151 55.67 -47.00 -35.44
CA THR B 151 54.29 -46.53 -35.43
C THR B 151 53.44 -47.55 -34.67
N MET B 152 52.15 -47.24 -34.53
CA MET B 152 51.26 -48.13 -33.81
C MET B 152 51.10 -49.46 -34.53
N GLY B 153 50.98 -49.44 -35.86
CA GLY B 153 50.76 -50.66 -36.60
C GLY B 153 52.04 -51.45 -36.84
N SER B 154 52.56 -52.09 -35.80
CA SER B 154 53.78 -52.89 -35.96
C SER B 154 53.99 -53.74 -34.72
N LYS B 155 54.95 -54.65 -34.81
CA LYS B 155 55.30 -55.50 -33.67
C LYS B 155 55.88 -54.65 -32.55
N LEU B 156 55.52 -54.99 -31.32
CA LEU B 156 56.11 -54.38 -30.13
C LEU B 156 57.43 -55.07 -29.84
N VAL B 157 58.54 -54.34 -30.00
CA VAL B 157 59.86 -54.89 -29.72
C VAL B 157 60.38 -54.48 -28.34
N GLY B 158 60.02 -53.31 -27.85
CA GLY B 158 60.51 -52.88 -26.56
C GLY B 158 60.02 -51.48 -26.23
N ILE B 159 60.52 -50.96 -25.11
CA ILE B 159 60.13 -49.65 -24.60
C ILE B 159 61.36 -48.98 -24.00
N VAL B 160 61.39 -47.66 -24.08
CA VAL B 160 62.48 -46.86 -23.52
C VAL B 160 61.88 -45.82 -22.60
N THR B 161 62.42 -45.70 -21.39
CA THR B 161 61.88 -44.81 -20.37
C THR B 161 63.01 -44.00 -19.77
N SER B 162 62.66 -43.11 -18.83
CA SER B 162 63.65 -42.25 -18.21
C SER B 162 64.69 -43.06 -17.45
N ARG B 163 64.26 -44.12 -16.76
CA ARG B 163 65.21 -44.94 -16.01
C ARG B 163 66.24 -45.59 -16.92
N ASP B 164 65.96 -45.68 -18.22
CA ASP B 164 66.93 -46.21 -19.17
C ASP B 164 67.94 -45.15 -19.64
N ILE B 165 67.74 -43.89 -19.28
CA ILE B 165 68.53 -42.79 -19.84
C ILE B 165 69.13 -41.93 -18.72
N ASP B 166 69.37 -42.52 -17.56
CA ASP B 166 70.01 -41.81 -16.45
C ASP B 166 71.53 -41.81 -16.63
N PHE B 167 71.98 -41.18 -17.71
CA PHE B 167 73.40 -41.06 -17.99
C PHE B 167 74.04 -40.06 -17.04
N ASP B 172 77.62 -40.22 -26.83
CA ASP B 172 76.78 -41.10 -26.03
C ASP B 172 75.33 -41.01 -26.48
N HIS B 173 74.93 -39.82 -26.96
CA HIS B 173 73.57 -39.64 -27.44
C HIS B 173 73.39 -40.20 -28.85
N THR B 174 74.46 -40.65 -29.50
CA THR B 174 74.34 -41.21 -30.84
C THR B 174 73.96 -42.68 -30.81
N THR B 175 74.02 -43.34 -29.66
CA THR B 175 73.72 -44.76 -29.59
C THR B 175 72.27 -45.02 -29.97
N LEU B 176 72.04 -46.09 -30.73
CA LEU B 176 70.69 -46.43 -31.15
C LEU B 176 69.87 -46.95 -29.97
N LEU B 177 68.55 -46.93 -30.14
CA LEU B 177 67.67 -47.39 -29.07
C LEU B 177 67.82 -48.88 -28.79
N SER B 178 68.21 -49.66 -29.80
CA SER B 178 68.32 -51.10 -29.59
C SER B 178 69.30 -51.43 -28.48
N GLU B 179 70.23 -50.53 -28.18
CA GLU B 179 71.21 -50.79 -27.13
C GLU B 179 70.71 -50.40 -25.74
N VAL B 180 69.54 -49.77 -25.65
CA VAL B 180 69.01 -49.29 -24.37
C VAL B 180 67.59 -49.77 -24.10
N MET B 181 66.91 -50.33 -25.10
CA MET B 181 65.56 -50.86 -24.90
C MET B 181 65.59 -51.98 -23.86
N THR B 182 64.50 -52.12 -23.10
CA THR B 182 64.20 -53.38 -22.42
C THR B 182 63.47 -54.27 -23.42
N PRO B 183 64.04 -55.41 -23.88
CA PRO B 183 63.49 -56.14 -24.99
C PRO B 183 62.15 -56.78 -24.70
N ARG B 184 61.47 -57.31 -25.72
CA ARG B 184 60.14 -57.89 -25.57
C ARG B 184 60.21 -59.24 -24.85
N ILE B 185 61.34 -59.94 -24.94
CA ILE B 185 61.51 -61.20 -24.22
C ILE B 185 61.30 -61.01 -22.73
N GLU B 186 61.56 -59.80 -22.22
CA GLU B 186 61.47 -59.52 -20.79
C GLU B 186 60.19 -58.80 -20.41
N LEU B 187 59.56 -58.09 -21.35
CA LEU B 187 58.40 -57.28 -21.03
C LEU B 187 57.25 -58.13 -20.48
N VAL B 188 56.49 -57.54 -19.57
CA VAL B 188 55.23 -58.10 -19.08
C VAL B 188 54.10 -57.29 -19.71
N VAL B 189 53.29 -57.95 -20.53
CA VAL B 189 52.32 -57.27 -21.36
C VAL B 189 50.97 -57.96 -21.19
N ALA B 190 49.90 -57.21 -21.44
CA ALA B 190 48.55 -57.71 -21.33
C ALA B 190 47.92 -57.84 -22.71
N PRO B 191 47.21 -58.94 -22.99
CA PRO B 191 46.61 -59.08 -24.32
C PRO B 191 45.52 -58.05 -24.55
N ALA B 192 45.39 -57.59 -25.79
CA ALA B 192 44.42 -56.57 -26.11
C ALA B 192 43.00 -57.14 -26.02
N GLY B 193 42.03 -56.25 -25.95
CA GLY B 193 40.64 -56.63 -25.80
C GLY B 193 40.20 -56.85 -24.38
N VAL B 194 41.12 -56.80 -23.41
CA VAL B 194 40.74 -56.97 -22.02
C VAL B 194 40.15 -55.67 -21.49
N THR B 195 39.14 -55.79 -20.63
CA THR B 195 38.54 -54.62 -20.02
C THR B 195 39.57 -53.81 -19.26
N LEU B 196 39.20 -52.58 -18.89
CA LEU B 196 40.14 -51.71 -18.20
C LEU B 196 40.51 -52.29 -16.84
N LYS B 197 39.54 -52.82 -16.11
CA LYS B 197 39.83 -53.34 -14.77
C LYS B 197 40.92 -54.39 -14.80
N GLU B 198 40.76 -55.41 -15.66
CA GLU B 198 41.76 -56.47 -15.72
C GLU B 198 43.11 -55.94 -16.16
N ALA B 199 43.11 -54.95 -17.06
CA ALA B 199 44.38 -54.35 -17.47
C ALA B 199 45.09 -53.72 -16.28
N ASN B 200 44.35 -52.98 -15.45
CA ASN B 200 44.93 -52.43 -14.23
C ASN B 200 45.40 -53.54 -13.30
N GLU B 201 44.63 -54.61 -13.16
CA GLU B 201 45.05 -55.70 -12.28
C GLU B 201 46.41 -56.24 -12.70
N ILE B 202 46.57 -56.56 -14.00
CA ILE B 202 47.84 -57.14 -14.42
C ILE B 202 48.94 -56.09 -14.30
N LEU B 203 48.61 -54.81 -14.49
CA LEU B 203 49.61 -53.76 -14.28
C LEU B 203 50.09 -53.74 -12.84
N GLN B 204 49.16 -53.83 -11.88
CA GLN B 204 49.52 -53.66 -10.48
C GLN B 204 50.20 -54.91 -9.91
N ARG B 205 49.82 -56.10 -10.35
CA ARG B 205 50.65 -57.25 -9.99
C ARG B 205 52.03 -57.16 -10.61
N SER B 206 52.17 -56.49 -11.75
CA SER B 206 53.46 -56.44 -12.41
C SER B 206 54.49 -55.64 -11.64
N LYS B 207 54.05 -54.61 -10.91
CA LYS B 207 54.94 -53.73 -10.16
C LYS B 207 55.92 -52.99 -11.08
N LYS B 208 55.53 -52.77 -12.33
CA LYS B 208 56.33 -52.01 -13.28
C LYS B 208 55.48 -50.90 -13.90
N GLY B 209 56.16 -49.82 -14.30
CA GLY B 209 55.46 -48.57 -14.58
C GLY B 209 54.50 -48.62 -15.74
N LYS B 210 54.91 -49.18 -16.87
CA LYS B 210 54.12 -49.16 -18.09
C LYS B 210 53.65 -50.58 -18.45
N LEU B 211 52.45 -50.65 -19.01
CA LEU B 211 51.88 -51.92 -19.47
C LEU B 211 51.36 -51.74 -20.88
N PRO B 212 52.22 -51.74 -21.89
CA PRO B 212 51.74 -51.76 -23.27
C PRO B 212 50.63 -52.79 -23.46
N ILE B 213 49.82 -52.59 -24.49
CA ILE B 213 48.74 -53.49 -24.83
C ILE B 213 48.91 -53.91 -26.29
N VAL B 214 49.00 -55.21 -26.53
CA VAL B 214 49.17 -55.76 -27.86
C VAL B 214 48.05 -56.76 -28.12
N ASN B 215 47.67 -56.91 -29.38
CA ASN B 215 46.59 -57.82 -29.74
C ASN B 215 47.15 -59.22 -30.01
N ASP B 216 46.25 -60.13 -30.39
CA ASP B 216 46.66 -61.51 -30.64
C ASP B 216 47.72 -61.61 -31.73
N CYS B 217 47.83 -60.60 -32.59
CA CYS B 217 48.85 -60.57 -33.63
C CYS B 217 50.13 -59.89 -33.17
N ASP B 218 50.23 -59.52 -31.89
CA ASP B 218 51.42 -58.90 -31.33
C ASP B 218 51.63 -57.48 -31.85
N GLU B 219 50.54 -56.75 -32.09
CA GLU B 219 50.61 -55.41 -32.64
C GLU B 219 50.15 -54.39 -31.61
N LEU B 220 50.90 -53.30 -31.48
CA LEU B 220 50.65 -52.34 -30.43
C LEU B 220 49.34 -51.60 -30.69
N VAL B 221 48.48 -51.54 -29.67
CA VAL B 221 47.17 -50.94 -29.78
C VAL B 221 47.04 -49.71 -28.90
N ALA B 222 47.53 -49.77 -27.67
CA ALA B 222 47.48 -48.65 -26.74
C ALA B 222 48.27 -49.04 -25.49
N ILE B 223 48.45 -48.07 -24.60
CA ILE B 223 49.18 -48.29 -23.35
C ILE B 223 48.46 -47.59 -22.21
N ILE B 224 48.83 -47.98 -20.99
CA ILE B 224 48.35 -47.34 -19.77
C ILE B 224 49.56 -47.07 -18.88
N ALA B 225 49.40 -46.12 -17.96
CA ALA B 225 50.48 -45.68 -17.11
C ALA B 225 50.08 -45.75 -15.64
N ARG B 226 51.02 -46.19 -14.81
CA ARG B 226 50.82 -46.21 -13.37
C ARG B 226 50.44 -44.83 -12.84
N THR B 227 51.03 -43.79 -13.44
CA THR B 227 50.80 -42.45 -12.93
C THR B 227 49.36 -41.99 -13.10
N ASP B 228 48.66 -42.52 -14.10
CA ASP B 228 47.27 -42.11 -14.30
C ASP B 228 46.39 -42.60 -13.16
N LEU B 229 46.51 -43.87 -12.79
CA LEU B 229 45.77 -44.36 -11.63
C LEU B 229 46.29 -43.76 -10.33
N LYS B 230 47.57 -43.39 -10.27
CA LYS B 230 48.07 -42.67 -9.10
C LYS B 230 47.39 -41.31 -8.99
N LYS B 231 47.20 -40.62 -10.11
CA LYS B 231 46.49 -39.35 -10.10
C LYS B 231 45.03 -39.54 -9.71
N ASN B 232 44.41 -40.62 -10.20
CA ASN B 232 43.04 -40.92 -9.78
C ASN B 232 42.99 -41.11 -8.26
N ARG B 233 43.94 -41.85 -7.70
CA ARG B 233 44.00 -42.02 -6.26
C ARG B 233 44.17 -40.69 -5.55
N ASP B 234 45.02 -39.82 -6.09
CA ASP B 234 45.32 -38.55 -5.43
C ASP B 234 44.13 -37.60 -5.46
N TYR B 235 43.46 -37.48 -6.61
CA TYR B 235 42.37 -36.51 -6.80
C TYR B 235 41.05 -37.28 -6.88
N PRO B 236 40.30 -37.38 -5.79
CA PRO B 236 39.06 -38.17 -5.80
C PRO B 236 37.89 -37.46 -6.46
N LEU B 237 37.91 -36.13 -6.57
CA LEU B 237 36.76 -35.36 -7.03
C LEU B 237 36.88 -34.90 -8.48
N ALA B 238 37.91 -35.33 -9.21
CA ALA B 238 38.13 -34.84 -10.57
C ALA B 238 36.91 -35.07 -11.43
N SER B 239 36.81 -34.30 -12.52
CA SER B 239 35.73 -34.44 -13.49
C SER B 239 36.27 -35.08 -14.76
N LYS B 240 35.66 -36.19 -15.16
CA LYS B 240 36.14 -36.96 -16.31
C LYS B 240 34.95 -37.44 -17.13
N ASP B 241 35.24 -37.78 -18.39
CA ASP B 241 34.25 -38.40 -19.26
C ASP B 241 34.43 -39.92 -19.22
N SER B 242 33.71 -40.62 -20.10
CA SER B 242 33.72 -42.08 -20.05
C SER B 242 35.09 -42.66 -20.33
N GLN B 243 35.97 -41.90 -20.99
CA GLN B 243 37.32 -42.34 -21.28
C GLN B 243 38.31 -41.98 -20.17
N LYS B 244 37.84 -41.48 -19.04
CA LYS B 244 38.69 -41.18 -17.90
C LYS B 244 39.76 -40.16 -18.27
N GLN B 245 39.36 -39.12 -18.98
CA GLN B 245 40.24 -38.02 -19.33
C GLN B 245 39.53 -36.71 -19.04
N LEU B 246 40.31 -35.74 -18.53
CA LEU B 246 39.73 -34.55 -17.93
C LEU B 246 38.71 -33.90 -18.85
N LEU B 247 37.67 -33.35 -18.24
CA LEU B 247 36.62 -32.67 -19.00
C LEU B 247 37.06 -31.25 -19.30
N CYS B 248 36.95 -30.86 -20.57
CA CYS B 248 37.37 -29.54 -21.02
C CYS B 248 36.21 -28.81 -21.66
N GLY B 249 36.18 -27.50 -21.47
CA GLY B 249 35.23 -26.64 -22.16
C GLY B 249 35.94 -25.51 -22.85
N ALA B 250 35.30 -24.89 -23.84
CA ALA B 250 35.91 -23.80 -24.58
C ALA B 250 34.84 -22.80 -24.98
N ALA B 251 35.25 -21.55 -25.17
CA ALA B 251 34.35 -20.49 -25.58
C ALA B 251 34.66 -20.08 -27.01
N VAL B 252 33.63 -19.63 -27.72
CA VAL B 252 33.75 -19.15 -29.10
C VAL B 252 32.74 -18.05 -29.34
N GLY B 253 33.08 -17.13 -30.22
CA GLY B 253 32.23 -16.02 -30.56
C GLY B 253 31.07 -16.44 -31.44
N THR B 254 30.59 -15.49 -32.24
CA THR B 254 29.48 -15.76 -33.16
C THR B 254 29.71 -15.15 -34.54
N ARG B 255 30.97 -14.93 -34.92
CA ARG B 255 31.28 -14.47 -36.25
C ARG B 255 31.25 -15.64 -37.24
N GLU B 256 31.74 -15.39 -38.46
CA GLU B 256 31.84 -16.47 -39.44
C GLU B 256 33.07 -17.32 -39.20
N ASP B 257 34.19 -16.70 -38.85
CA ASP B 257 35.42 -17.45 -38.58
C ASP B 257 35.24 -18.42 -37.41
N ASP B 258 34.25 -18.19 -36.56
CA ASP B 258 33.98 -19.11 -35.47
C ASP B 258 33.60 -20.49 -35.97
N LYS B 259 33.19 -20.65 -37.22
CA LYS B 259 32.93 -21.98 -37.74
C LYS B 259 34.23 -22.78 -37.87
N TYR B 260 35.27 -22.18 -38.46
CA TYR B 260 36.57 -22.83 -38.51
C TYR B 260 37.16 -22.99 -37.12
N ARG B 261 36.95 -21.99 -36.25
CA ARG B 261 37.39 -22.11 -34.87
C ARG B 261 36.78 -23.34 -34.21
N LEU B 262 35.47 -23.54 -34.42
CA LEU B 262 34.77 -24.66 -33.80
C LEU B 262 35.21 -25.98 -34.43
N ASP B 263 35.47 -26.00 -35.73
CA ASP B 263 36.02 -27.19 -36.36
C ASP B 263 37.32 -27.59 -35.67
N LEU B 264 38.24 -26.64 -35.51
CA LEU B 264 39.49 -26.95 -34.82
C LEU B 264 39.24 -27.41 -33.39
N LEU B 265 38.35 -26.73 -32.67
CA LEU B 265 38.08 -27.09 -31.28
C LEU B 265 37.60 -28.52 -31.17
N THR B 266 36.60 -28.90 -31.98
CA THR B 266 36.07 -30.26 -31.93
C THR B 266 37.10 -31.27 -32.40
N GLN B 267 38.02 -30.88 -33.28
CA GLN B 267 39.15 -31.75 -33.58
C GLN B 267 39.99 -31.98 -32.33
N ALA B 268 40.19 -30.93 -31.54
CA ALA B 268 40.96 -31.07 -30.31
C ALA B 268 40.28 -32.03 -29.34
N GLY B 269 38.94 -32.02 -29.31
CA GLY B 269 38.19 -32.93 -28.46
C GLY B 269 37.41 -32.23 -27.37
N VAL B 270 36.96 -31.00 -27.63
CA VAL B 270 36.19 -30.26 -26.64
C VAL B 270 34.94 -31.06 -26.28
N ASP B 271 34.48 -30.88 -25.04
CA ASP B 271 33.26 -31.55 -24.57
C ASP B 271 32.06 -30.61 -24.47
N VAL B 272 32.28 -29.36 -24.07
CA VAL B 272 31.20 -28.39 -23.93
C VAL B 272 31.71 -27.05 -24.42
N ILE B 273 30.85 -26.30 -25.11
CA ILE B 273 31.20 -25.05 -25.75
C ILE B 273 30.22 -23.98 -25.28
N VAL B 274 30.73 -22.78 -25.02
CA VAL B 274 29.92 -21.67 -24.54
C VAL B 274 30.04 -20.53 -25.54
N LEU B 275 28.90 -19.92 -25.89
CA LEU B 275 28.90 -18.79 -26.79
C LEU B 275 29.11 -17.50 -26.02
N ASP B 276 30.07 -16.69 -26.47
CA ASP B 276 30.52 -15.51 -25.75
C ASP B 276 29.98 -14.26 -26.44
N SER B 277 29.13 -13.52 -25.74
CA SER B 277 28.55 -12.29 -26.28
C SER B 277 28.02 -11.45 -25.13
N SER B 278 28.08 -10.14 -25.31
CA SER B 278 27.64 -9.24 -24.24
C SER B 278 26.15 -9.37 -23.98
N GLN B 279 25.35 -9.51 -25.03
CA GLN B 279 23.92 -9.78 -24.92
C GLN B 279 23.59 -10.97 -25.80
N GLY B 280 23.13 -12.05 -25.20
CA GLY B 280 22.91 -13.28 -25.90
C GLY B 280 21.77 -13.27 -26.91
N ASN B 281 20.70 -12.57 -26.58
CA ASN B 281 19.47 -12.65 -27.36
C ASN B 281 19.61 -11.94 -28.71
N SER B 282 20.07 -12.65 -29.73
CA SER B 282 20.25 -12.04 -31.04
C SER B 282 20.20 -13.11 -32.12
N VAL B 283 19.84 -12.67 -33.33
CA VAL B 283 19.73 -13.58 -34.45
C VAL B 283 21.06 -14.27 -34.74
N TYR B 284 22.17 -13.57 -34.51
CA TYR B 284 23.47 -14.18 -34.78
C TYR B 284 23.78 -15.30 -33.81
N GLN B 285 23.49 -15.09 -32.52
CA GLN B 285 23.66 -16.16 -31.55
C GLN B 285 22.75 -17.33 -31.86
N ILE B 286 21.50 -17.05 -32.26
CA ILE B 286 20.58 -18.14 -32.57
C ILE B 286 21.05 -18.92 -33.79
N ALA B 287 21.61 -18.22 -34.78
CA ALA B 287 22.16 -18.91 -35.95
C ALA B 287 23.34 -19.79 -35.56
N MET B 288 24.21 -19.30 -34.67
CA MET B 288 25.30 -20.14 -34.19
C MET B 288 24.77 -21.36 -33.47
N VAL B 289 23.73 -21.20 -32.65
CA VAL B 289 23.17 -22.35 -31.93
C VAL B 289 22.65 -23.38 -32.92
N HIS B 290 21.95 -22.92 -33.96
CA HIS B 290 21.42 -23.84 -34.95
C HIS B 290 22.53 -24.55 -35.72
N TYR B 291 23.57 -23.82 -36.12
CA TYR B 291 24.69 -24.43 -36.80
C TYR B 291 25.36 -25.48 -35.92
N ILE B 292 25.54 -25.17 -34.64
CA ILE B 292 26.19 -26.11 -33.73
C ILE B 292 25.35 -27.37 -33.59
N LYS B 293 24.04 -27.20 -33.36
CA LYS B 293 23.19 -28.36 -33.14
C LYS B 293 22.92 -29.13 -34.43
N GLN B 294 23.28 -28.57 -35.58
CA GLN B 294 23.20 -29.36 -36.80
C GLN B 294 24.50 -30.12 -37.05
N LYS B 295 25.64 -29.43 -37.07
CA LYS B 295 26.90 -30.10 -37.40
C LYS B 295 27.37 -31.05 -36.31
N TYR B 296 27.22 -30.66 -35.03
CA TYR B 296 27.72 -31.46 -33.91
C TYR B 296 26.58 -31.69 -32.92
N PRO B 297 25.68 -32.63 -33.23
CA PRO B 297 24.59 -32.94 -32.30
C PRO B 297 25.06 -33.40 -30.93
N HIS B 298 26.26 -33.99 -30.83
CA HIS B 298 26.75 -34.53 -29.57
C HIS B 298 27.43 -33.47 -28.69
N LEU B 299 27.50 -32.23 -29.14
CA LEU B 299 28.20 -31.19 -28.39
C LEU B 299 27.20 -30.33 -27.63
N GLN B 300 27.49 -30.08 -26.36
CA GLN B 300 26.65 -29.26 -25.50
C GLN B 300 27.03 -27.80 -25.68
N VAL B 301 26.06 -26.96 -26.02
CA VAL B 301 26.27 -25.54 -26.26
C VAL B 301 25.54 -24.75 -25.18
N ILE B 302 26.23 -23.79 -24.59
CA ILE B 302 25.69 -22.97 -23.51
C ILE B 302 25.34 -21.61 -24.08
N GLY B 303 24.14 -21.12 -23.77
CA GLY B 303 23.66 -19.91 -24.38
C GLY B 303 24.40 -18.67 -23.89
N GLY B 304 24.07 -17.53 -24.49
CA GLY B 304 24.74 -16.29 -24.18
C GLY B 304 24.16 -15.61 -22.95
N ASN B 305 24.71 -14.44 -22.66
CA ASN B 305 24.33 -13.71 -21.46
C ASN B 305 22.91 -13.19 -21.55
N VAL B 306 22.02 -13.73 -20.73
CA VAL B 306 20.63 -13.29 -20.65
C VAL B 306 20.31 -12.94 -19.20
N VAL B 307 19.47 -11.93 -19.04
CA VAL B 307 19.12 -11.42 -17.68
C VAL B 307 17.59 -11.49 -17.54
N THR B 308 16.85 -11.88 -18.59
CA THR B 308 15.39 -11.82 -18.58
C THR B 308 14.74 -13.09 -19.12
N ALA B 309 13.49 -13.30 -18.73
CA ALA B 309 12.75 -14.47 -19.21
C ALA B 309 12.53 -14.39 -20.71
N ALA B 310 12.23 -13.21 -21.24
CA ALA B 310 12.05 -13.07 -22.68
C ALA B 310 13.32 -13.41 -23.43
N GLN B 311 14.47 -12.96 -22.95
CA GLN B 311 15.73 -13.33 -23.58
C GLN B 311 15.98 -14.83 -23.47
N ALA B 312 15.67 -15.42 -22.32
CA ALA B 312 15.94 -16.84 -22.12
C ALA B 312 15.08 -17.71 -23.02
N LYS B 313 13.85 -17.26 -23.32
CA LYS B 313 12.91 -18.13 -24.01
C LYS B 313 13.42 -18.53 -25.40
N ASN B 314 13.82 -17.55 -26.20
CA ASN B 314 14.23 -17.88 -27.57
C ASN B 314 15.56 -18.62 -27.62
N LEU B 315 16.47 -18.38 -26.67
CA LEU B 315 17.64 -19.24 -26.60
C LEU B 315 17.27 -20.68 -26.25
N ILE B 316 16.34 -20.85 -25.30
CA ILE B 316 15.88 -22.20 -24.97
C ILE B 316 15.28 -22.87 -26.21
N ASP B 317 14.48 -22.13 -26.96
CA ASP B 317 13.89 -22.68 -28.18
C ASP B 317 14.97 -23.04 -29.19
N ALA B 318 15.99 -22.18 -29.33
CA ALA B 318 17.11 -22.50 -30.21
C ALA B 318 17.78 -23.79 -29.77
N GLY B 319 17.77 -24.08 -28.48
CA GLY B 319 18.24 -25.36 -27.99
C GLY B 319 19.54 -25.31 -27.23
N VAL B 320 19.77 -24.22 -26.48
CA VAL B 320 20.94 -24.15 -25.62
C VAL B 320 20.76 -25.10 -24.45
N ASP B 321 21.75 -25.96 -24.22
CA ASP B 321 21.73 -26.90 -23.11
C ASP B 321 22.01 -26.24 -21.77
N GLY B 322 22.42 -24.98 -21.77
CA GLY B 322 22.61 -24.25 -20.54
C GLY B 322 22.46 -22.76 -20.81
N LEU B 323 22.50 -21.99 -19.72
CA LEU B 323 22.34 -20.55 -19.80
C LEU B 323 23.28 -19.79 -18.88
N ARG B 324 23.86 -18.72 -19.41
CA ARG B 324 24.74 -17.83 -18.65
C ARG B 324 23.95 -16.59 -18.30
N VAL B 325 23.80 -16.31 -17.02
CA VAL B 325 22.96 -15.22 -16.54
C VAL B 325 23.84 -14.16 -15.90
N GLY B 326 23.56 -12.89 -16.25
CA GLY B 326 24.26 -11.77 -15.68
C GLY B 326 24.81 -10.86 -16.77
N MET B 327 24.69 -9.55 -16.58
CA MET B 327 25.17 -8.59 -17.56
C MET B 327 25.30 -7.24 -16.89
N GLY B 328 26.50 -6.66 -16.96
CA GLY B 328 26.75 -5.35 -16.39
C GLY B 328 27.29 -5.34 -14.97
N CYS B 329 27.40 -6.50 -14.33
CA CYS B 329 27.77 -6.57 -12.91
C CYS B 329 29.15 -7.17 -12.68
N GLY B 330 29.96 -7.34 -13.72
CA GLY B 330 31.29 -7.89 -13.52
C GLY B 330 32.20 -6.93 -12.76
N SER B 331 33.22 -7.50 -12.12
CA SER B 331 34.21 -6.66 -11.45
C SER B 331 34.96 -5.80 -12.44
N ILE B 332 35.33 -6.36 -13.60
CA ILE B 332 36.10 -5.67 -14.61
C ILE B 332 35.20 -5.08 -15.70
N CYS B 333 33.91 -4.93 -15.43
CA CYS B 333 32.93 -4.57 -16.44
C CYS B 333 32.53 -3.11 -16.31
N ILE B 334 32.55 -2.40 -17.43
CA ILE B 334 32.11 -1.01 -17.51
C ILE B 334 30.88 -0.86 -18.38
N THR B 335 30.19 -1.97 -18.67
CA THR B 335 29.06 -1.94 -19.60
C THR B 335 27.94 -1.06 -19.08
N GLN B 336 27.65 -1.14 -17.77
CA GLN B 336 26.55 -0.36 -17.23
C GLN B 336 26.75 1.14 -17.42
N GLU B 337 28.01 1.59 -17.54
CA GLU B 337 28.30 2.99 -17.78
C GLU B 337 28.44 3.34 -19.26
N VAL B 338 29.07 2.47 -20.05
CA VAL B 338 29.16 2.71 -21.49
C VAL B 338 27.81 2.62 -22.18
N MET B 339 26.85 1.88 -21.61
CA MET B 339 25.49 1.83 -22.11
C MET B 339 24.58 1.68 -20.90
N ALA B 340 23.29 1.97 -21.11
CA ALA B 340 22.36 2.05 -19.98
C ALA B 340 21.77 0.70 -19.60
N CYS B 341 22.09 -0.36 -20.32
CA CYS B 341 21.40 -1.62 -20.13
C CYS B 341 22.05 -2.47 -19.04
N GLY B 342 21.27 -3.37 -18.47
CA GLY B 342 21.76 -4.27 -17.45
C GLY B 342 20.64 -4.67 -16.50
N ARG B 343 21.03 -5.37 -15.43
CA ARG B 343 20.11 -5.75 -14.38
C ARG B 343 20.92 -6.20 -13.17
N PRO B 344 20.48 -5.89 -11.95
CA PRO B 344 21.20 -6.37 -10.76
C PRO B 344 21.26 -7.88 -10.71
N GLN B 345 22.39 -8.40 -10.22
CA GLN B 345 22.69 -9.81 -10.39
C GLN B 345 21.71 -10.70 -9.64
N GLY B 346 21.34 -10.34 -8.42
CA GLY B 346 20.44 -11.18 -7.66
C GLY B 346 19.09 -11.35 -8.34
N THR B 347 18.47 -10.24 -8.75
CA THR B 347 17.21 -10.32 -9.45
C THR B 347 17.35 -11.06 -10.77
N ALA B 348 18.42 -10.79 -11.52
CA ALA B 348 18.62 -11.49 -12.77
C ALA B 348 18.72 -13.00 -12.59
N VAL B 349 19.58 -13.47 -11.69
CA VAL B 349 19.74 -14.91 -11.51
C VAL B 349 18.43 -15.52 -11.02
N TYR B 350 17.77 -14.88 -10.06
CA TYR B 350 16.52 -15.45 -9.57
C TYR B 350 15.49 -15.59 -10.68
N LYS B 351 15.30 -14.54 -11.48
CA LYS B 351 14.19 -14.51 -12.41
C LYS B 351 14.49 -15.20 -13.74
N VAL B 352 15.69 -15.65 -14.06
CA VAL B 352 15.92 -16.49 -15.28
C VAL B 352 16.08 -17.89 -14.72
N ALA B 353 16.59 -18.16 -13.51
CA ALA B 353 16.61 -19.52 -13.01
C ALA B 353 15.27 -20.06 -12.52
N GLU B 354 14.32 -19.20 -12.16
CA GLU B 354 12.98 -19.66 -11.82
C GLU B 354 12.20 -20.04 -13.08
N TYR B 355 12.53 -19.43 -14.22
CA TYR B 355 11.87 -19.71 -15.48
C TYR B 355 12.52 -20.91 -16.19
N ALA B 356 13.85 -20.95 -16.20
CA ALA B 356 14.55 -22.04 -16.88
C ALA B 356 14.23 -23.40 -16.27
N ARG B 357 14.11 -23.45 -14.95
CA ARG B 357 13.83 -24.71 -14.26
C ARG B 357 12.76 -25.64 -14.85
N ARG B 358 11.77 -25.06 -15.53
CA ARG B 358 10.71 -25.89 -16.11
C ARG B 358 11.21 -26.72 -17.27
N PHE B 359 12.24 -26.26 -17.96
CA PHE B 359 12.80 -26.96 -19.12
C PHE B 359 14.08 -27.73 -18.78
N GLY B 360 14.55 -27.64 -17.55
CA GLY B 360 15.71 -28.40 -17.13
C GLY B 360 17.05 -27.84 -17.54
N VAL B 361 17.09 -26.66 -18.16
CA VAL B 361 18.36 -26.05 -18.55
C VAL B 361 18.96 -25.38 -17.31
N PRO B 362 20.14 -25.80 -16.85
CA PRO B 362 20.74 -25.13 -15.70
C PRO B 362 21.23 -23.73 -16.05
N ILE B 363 21.56 -22.98 -15.01
CA ILE B 363 21.99 -21.58 -15.13
C ILE B 363 23.38 -21.45 -14.55
N ILE B 364 24.16 -20.54 -15.11
CA ILE B 364 25.51 -20.23 -14.63
C ILE B 364 25.53 -18.74 -14.28
N ALA B 365 25.30 -18.42 -13.03
CA ALA B 365 25.31 -17.02 -12.59
C ALA B 365 26.76 -16.53 -12.53
N ASP B 366 27.14 -15.66 -13.46
CA ASP B 366 28.50 -15.19 -13.59
C ASP B 366 28.59 -13.71 -13.27
N GLY B 367 29.69 -13.30 -12.65
CA GLY B 367 29.90 -11.90 -12.31
C GLY B 367 29.31 -11.51 -10.98
N GLY B 368 30.03 -10.65 -10.25
CA GLY B 368 29.59 -10.19 -8.95
C GLY B 368 30.00 -11.06 -7.79
N ILE B 369 30.55 -12.25 -8.06
CA ILE B 369 30.99 -13.15 -7.00
C ILE B 369 32.29 -12.63 -6.42
N GLN B 370 32.23 -12.16 -5.17
CA GLN B 370 33.42 -11.70 -4.47
C GLN B 370 33.79 -12.58 -3.29
N THR B 371 32.84 -13.34 -2.73
CA THR B 371 33.09 -14.08 -1.50
C THR B 371 32.27 -15.37 -1.50
N VAL B 372 32.60 -16.22 -0.53
CA VAL B 372 31.85 -17.46 -0.33
C VAL B 372 30.39 -17.15 -0.06
N GLY B 373 30.12 -16.04 0.64
CA GLY B 373 28.75 -15.64 0.87
C GLY B 373 28.00 -15.38 -0.41
N HIS B 374 28.62 -14.70 -1.36
CA HIS B 374 27.99 -14.48 -2.66
C HIS B 374 27.83 -15.78 -3.43
N VAL B 375 28.81 -16.67 -3.35
CA VAL B 375 28.68 -17.96 -4.03
C VAL B 375 27.45 -18.71 -3.52
N VAL B 376 27.32 -18.80 -2.20
CA VAL B 376 26.19 -19.54 -1.63
C VAL B 376 24.87 -18.81 -1.89
N LYS B 377 24.87 -17.47 -1.85
CA LYS B 377 23.66 -16.73 -2.17
C LYS B 377 23.20 -17.02 -3.60
N ALA B 378 24.14 -17.04 -4.54
CA ALA B 378 23.80 -17.40 -5.91
C ALA B 378 23.32 -18.83 -6.06
N LEU B 379 23.93 -19.77 -5.33
CA LEU B 379 23.45 -21.15 -5.35
C LEU B 379 22.06 -21.29 -4.75
N ALA B 380 21.69 -20.39 -3.83
CA ALA B 380 20.39 -20.50 -3.17
C ALA B 380 19.27 -20.00 -4.07
N LEU B 381 19.58 -19.08 -4.99
CA LEU B 381 18.55 -18.43 -5.78
C LEU B 381 18.20 -19.18 -7.06
N GLY B 382 18.76 -20.36 -7.27
CA GLY B 382 18.42 -21.17 -8.42
C GLY B 382 19.54 -21.40 -9.41
N ALA B 383 20.68 -20.73 -9.24
CA ALA B 383 21.80 -20.94 -10.16
C ALA B 383 22.45 -22.28 -9.89
N SER B 384 22.40 -23.17 -10.89
CA SER B 384 22.98 -24.49 -10.73
C SER B 384 24.48 -24.42 -10.48
N THR B 385 25.17 -23.52 -11.18
CA THR B 385 26.62 -23.36 -11.04
C THR B 385 26.92 -21.87 -10.96
N VAL B 386 28.13 -21.54 -10.52
CA VAL B 386 28.59 -20.16 -10.40
C VAL B 386 29.92 -20.03 -11.11
N MET B 387 30.05 -18.99 -11.93
CA MET B 387 31.26 -18.76 -12.72
C MET B 387 32.01 -17.58 -12.15
N MET B 388 33.32 -17.76 -11.91
CA MET B 388 34.14 -16.80 -11.22
C MET B 388 35.05 -16.06 -12.20
N GLY B 389 35.28 -14.79 -11.89
CA GLY B 389 36.24 -13.97 -12.60
C GLY B 389 37.40 -13.58 -11.72
N SER B 390 37.35 -12.37 -11.16
CA SER B 390 38.46 -11.84 -10.39
C SER B 390 38.87 -12.75 -9.25
N LEU B 391 37.93 -13.53 -8.69
CA LEU B 391 38.28 -14.38 -7.56
C LEU B 391 39.44 -15.31 -7.87
N LEU B 392 39.59 -15.70 -9.14
CA LEU B 392 40.64 -16.62 -9.55
C LEU B 392 41.67 -15.98 -10.46
N ALA B 393 41.65 -14.66 -10.63
CA ALA B 393 42.51 -14.01 -11.61
C ALA B 393 43.99 -14.03 -11.21
N ALA B 394 44.30 -13.82 -9.94
CA ALA B 394 45.67 -13.80 -9.46
C ALA B 394 45.91 -15.10 -8.69
N THR B 395 46.55 -16.07 -9.35
CA THR B 395 46.82 -17.36 -8.76
C THR B 395 48.01 -17.95 -9.49
N THR B 396 48.64 -18.95 -8.88
CA THR B 396 49.81 -19.56 -9.49
C THR B 396 49.48 -20.16 -10.85
N GLU B 397 48.21 -20.51 -11.08
CA GLU B 397 47.81 -21.12 -12.35
C GLU B 397 47.28 -20.11 -13.36
N ALA B 398 47.17 -18.83 -12.99
CA ALA B 398 46.63 -17.86 -13.91
C ALA B 398 47.71 -17.39 -14.90
N PRO B 399 47.31 -16.92 -16.09
CA PRO B 399 48.31 -16.54 -17.11
C PRO B 399 49.11 -15.31 -16.73
N GLY B 400 50.32 -15.20 -17.26
CA GLY B 400 51.09 -13.98 -17.11
C GLY B 400 52.19 -14.10 -16.07
N GLU B 401 52.54 -12.95 -15.48
CA GLU B 401 53.59 -12.90 -14.49
C GLU B 401 53.30 -11.75 -13.52
N TYR B 402 53.99 -11.78 -12.38
CA TYR B 402 53.67 -10.90 -11.26
C TYR B 402 54.48 -9.60 -11.32
N PHE B 403 54.05 -8.63 -10.54
CA PHE B 403 54.81 -7.41 -10.29
C PHE B 403 55.09 -7.27 -8.79
N PHE B 404 56.04 -6.39 -8.48
CA PHE B 404 56.28 -5.98 -7.09
C PHE B 404 57.39 -4.94 -7.03
N ARG B 414 42.37 -7.88 -16.50
CA ARG B 414 42.05 -7.28 -17.79
C ARG B 414 40.79 -7.88 -18.37
N GLY B 415 39.75 -7.06 -18.47
CA GLY B 415 38.53 -7.50 -19.13
C GLY B 415 38.80 -7.80 -20.61
N MET B 416 38.15 -8.85 -21.11
CA MET B 416 38.42 -9.30 -22.47
C MET B 416 37.87 -8.36 -23.52
N GLY B 417 37.12 -7.33 -23.12
CA GLY B 417 36.71 -6.27 -24.03
C GLY B 417 37.28 -4.94 -23.62
N SER B 418 38.46 -4.96 -23.00
CA SER B 418 39.07 -3.78 -22.41
C SER B 418 40.08 -3.10 -23.34
N LEU B 419 40.21 -3.57 -24.57
CA LEU B 419 41.16 -3.00 -25.53
C LEU B 419 42.59 -3.16 -25.02
N LYS B 440 36.75 -0.91 -30.80
CA LYS B 440 36.37 0.46 -31.14
C LYS B 440 35.87 1.22 -29.92
N ILE B 441 35.43 0.50 -28.90
CA ILE B 441 34.96 1.09 -27.66
C ILE B 441 35.38 0.20 -26.50
N ALA B 442 35.76 0.81 -25.39
CA ALA B 442 36.26 0.07 -24.24
C ALA B 442 35.10 -0.55 -23.48
N GLN B 443 35.05 -1.88 -23.46
CA GLN B 443 34.07 -2.61 -22.65
C GLN B 443 34.62 -3.09 -21.32
N GLY B 444 35.91 -2.89 -21.06
CA GLY B 444 36.50 -3.43 -19.86
C GLY B 444 37.54 -2.52 -19.26
N VAL B 445 38.42 -3.12 -18.47
CA VAL B 445 39.40 -2.40 -17.67
C VAL B 445 40.55 -3.35 -17.38
N SER B 446 41.74 -2.78 -17.19
CA SER B 446 42.94 -3.54 -16.85
C SER B 446 43.27 -3.32 -15.38
N GLY B 447 43.23 -4.40 -14.59
CA GLY B 447 43.38 -4.30 -13.15
C GLY B 447 44.63 -5.01 -12.64
N SER B 448 44.65 -5.19 -11.32
CA SER B 448 45.73 -5.90 -10.65
C SER B 448 45.20 -6.47 -9.34
N ILE B 449 45.68 -7.65 -8.95
CA ILE B 449 45.19 -8.35 -7.77
C ILE B 449 46.38 -8.89 -6.99
N GLN B 450 46.16 -9.14 -5.69
CA GLN B 450 47.19 -9.43 -4.70
C GLN B 450 47.80 -10.84 -4.81
N ASP B 451 47.56 -11.69 -5.78
CA ASP B 451 48.13 -13.04 -5.80
C ASP B 451 47.55 -13.88 -4.67
N LYS B 452 47.16 -15.12 -4.97
CA LYS B 452 46.50 -15.95 -3.97
C LYS B 452 46.94 -17.42 -4.01
N GLY B 453 48.24 -17.68 -4.17
CA GLY B 453 48.68 -19.06 -4.10
C GLY B 453 48.24 -19.86 -5.32
N SER B 454 47.89 -21.11 -5.05
CA SER B 454 47.54 -22.05 -6.11
C SER B 454 46.08 -22.50 -5.98
N ILE B 455 45.50 -22.91 -7.10
CA ILE B 455 44.13 -23.41 -7.10
C ILE B 455 44.04 -24.67 -6.24
N GLN B 456 44.99 -25.57 -6.37
CA GLN B 456 44.92 -26.85 -5.67
C GLN B 456 45.00 -26.68 -4.16
N LYS B 457 45.38 -25.51 -3.68
CA LYS B 457 45.40 -25.22 -2.25
C LYS B 457 44.35 -24.19 -1.87
N PHE B 458 43.71 -23.54 -2.85
CA PHE B 458 42.78 -22.46 -2.57
C PHE B 458 41.33 -22.91 -2.74
N VAL B 459 41.07 -23.86 -3.64
CA VAL B 459 39.69 -24.28 -3.90
C VAL B 459 39.14 -25.13 -2.77
N PRO B 460 39.93 -25.98 -2.10
CA PRO B 460 39.36 -26.71 -0.95
C PRO B 460 38.79 -25.80 0.11
N TYR B 461 39.43 -24.66 0.37
CA TYR B 461 38.85 -23.67 1.27
C TYR B 461 37.51 -23.16 0.75
N LEU B 462 37.44 -22.93 -0.57
CA LEU B 462 36.23 -22.39 -1.17
C LEU B 462 35.09 -23.42 -1.15
N ILE B 463 35.43 -24.71 -1.15
CA ILE B 463 34.44 -25.76 -0.98
C ILE B 463 33.99 -25.84 0.47
N ALA B 464 34.94 -25.80 1.41
CA ALA B 464 34.59 -25.92 2.83
C ALA B 464 33.73 -24.75 3.27
N GLY B 465 34.00 -23.55 2.77
CA GLY B 465 33.15 -22.42 3.09
C GLY B 465 31.71 -22.64 2.64
N ILE B 466 31.53 -23.17 1.43
CA ILE B 466 30.19 -23.46 0.94
C ILE B 466 29.52 -24.50 1.81
N GLN B 467 30.24 -25.56 2.16
CA GLN B 467 29.67 -26.62 2.97
C GLN B 467 29.22 -26.07 4.32
N HIS B 468 30.05 -25.26 4.96
CA HIS B 468 29.69 -24.71 6.26
C HIS B 468 28.51 -23.76 6.15
N GLY B 469 28.46 -22.96 5.08
CA GLY B 469 27.33 -22.08 4.88
C GLY B 469 26.02 -22.79 4.68
N CYS B 470 26.02 -23.91 3.96
CA CYS B 470 24.79 -24.69 3.83
C CYS B 470 24.46 -25.45 5.10
N GLN B 471 25.47 -25.93 5.82
CA GLN B 471 25.24 -26.64 7.08
C GLN B 471 24.61 -25.71 8.12
N ASP B 472 25.05 -24.45 8.15
CA ASP B 472 24.43 -23.49 9.07
C ASP B 472 22.98 -23.19 8.69
N ILE B 473 22.54 -23.59 7.50
CA ILE B 473 21.17 -23.36 7.09
C ILE B 473 20.31 -24.61 7.27
N GLY B 474 20.90 -25.80 7.16
CA GLY B 474 20.16 -27.03 7.31
C GLY B 474 19.82 -27.72 6.03
N ALA B 475 20.60 -27.53 4.98
CA ALA B 475 20.37 -28.19 3.70
C ALA B 475 21.43 -29.27 3.50
N ARG B 476 20.99 -30.51 3.29
CA ARG B 476 21.91 -31.61 3.11
C ARG B 476 22.60 -31.59 1.75
N SER B 477 22.18 -30.69 0.86
CA SER B 477 22.79 -30.61 -0.47
C SER B 477 22.27 -29.36 -1.16
N LEU B 478 22.94 -28.99 -2.26
CA LEU B 478 22.50 -27.83 -3.03
C LEU B 478 21.13 -28.04 -3.64
N ASP B 479 20.83 -29.25 -4.11
CA ASP B 479 19.51 -29.51 -4.65
C ASP B 479 18.43 -29.33 -3.59
N VAL B 480 18.69 -29.81 -2.38
CA VAL B 480 17.75 -29.62 -1.29
C VAL B 480 17.63 -28.14 -0.94
N LEU B 481 18.74 -27.40 -1.01
CA LEU B 481 18.69 -25.97 -0.72
C LEU B 481 17.79 -25.25 -1.72
N ARG B 482 17.94 -25.56 -3.01
CA ARG B 482 17.11 -24.90 -4.01
C ARG B 482 15.65 -25.34 -3.94
N SER B 483 15.41 -26.61 -3.60
CA SER B 483 14.03 -27.05 -3.35
C SER B 483 13.43 -26.31 -2.17
N MET B 484 14.23 -26.08 -1.12
CA MET B 484 13.76 -25.30 0.02
C MET B 484 13.43 -23.87 -0.40
N MET B 485 14.27 -23.27 -1.25
CA MET B 485 13.99 -21.93 -1.73
C MET B 485 12.68 -21.91 -2.53
N TYR B 486 12.47 -22.90 -3.40
CA TYR B 486 11.24 -22.98 -4.18
C TYR B 486 9.97 -23.22 -3.39
N SER B 487 10.00 -24.12 -2.40
CA SER B 487 8.79 -24.45 -1.64
C SER B 487 8.41 -23.37 -0.64
N GLY B 488 9.33 -22.46 -0.31
CA GLY B 488 9.05 -21.40 0.64
C GLY B 488 9.59 -21.64 2.03
N GLU B 489 10.31 -22.75 2.25
CA GLU B 489 10.82 -23.06 3.58
C GLU B 489 12.00 -22.18 3.96
N LEU B 490 12.85 -21.85 2.99
CA LEU B 490 14.04 -21.04 3.24
C LEU B 490 13.68 -19.58 3.03
N LYS B 491 13.89 -18.76 4.06
CA LYS B 491 13.38 -17.41 4.11
C LYS B 491 14.50 -16.39 4.21
N PHE B 492 14.28 -15.24 3.58
CA PHE B 492 15.29 -14.21 3.42
C PHE B 492 14.92 -12.98 4.25
N GLU B 493 15.93 -12.17 4.55
CA GLU B 493 15.75 -10.91 5.27
C GLU B 493 16.51 -9.82 4.52
N LYS B 494 15.87 -8.66 4.38
CA LYS B 494 16.53 -7.55 3.72
C LYS B 494 17.57 -6.91 4.63
N ARG B 495 18.56 -6.26 4.01
CA ARG B 495 19.77 -5.82 4.70
C ARG B 495 20.08 -4.40 4.25
N THR B 496 19.54 -3.42 4.99
CA THR B 496 19.78 -2.02 4.66
C THR B 496 21.25 -1.68 4.89
N MET B 497 21.62 -0.43 4.56
CA MET B 497 23.03 -0.06 4.58
C MET B 497 23.61 -0.14 5.98
N SER B 498 22.87 0.31 6.98
CA SER B 498 23.34 0.23 8.35
C SER B 498 23.41 -1.20 8.86
N ALA B 499 22.83 -2.15 8.15
CA ALA B 499 23.04 -3.57 8.42
C ALA B 499 24.14 -4.16 7.56
N GLN B 500 24.50 -3.50 6.46
CA GLN B 500 25.64 -3.92 5.65
C GLN B 500 26.95 -3.53 6.30
N ILE B 501 26.97 -2.38 6.99
CA ILE B 501 28.20 -1.93 7.64
C ILE B 501 28.59 -2.82 8.80
N GLU B 502 27.75 -3.81 9.16
CA GLU B 502 28.02 -4.69 10.29
C GLU B 502 28.80 -5.94 9.88
N GLY B 503 29.59 -5.84 8.82
CA GLY B 503 30.50 -6.91 8.48
C GLY B 503 31.82 -6.70 9.20
N GLY B 504 32.88 -6.41 8.46
CA GLY B 504 34.13 -6.02 9.08
C GLY B 504 34.05 -4.62 9.65
N VAL B 505 33.27 -4.46 10.73
CA VAL B 505 32.95 -3.13 11.23
C VAL B 505 34.23 -2.36 11.53
N HIS B 506 34.15 -1.04 11.45
CA HIS B 506 35.33 -0.18 11.53
C HIS B 506 35.71 0.13 12.98
N GLY B 507 35.24 -0.68 13.93
CA GLY B 507 35.63 -0.48 15.31
C GLY B 507 37.11 -0.66 15.55
N LEU B 508 37.80 -1.32 14.62
CA LEU B 508 39.22 -1.61 14.78
C LEU B 508 40.08 -0.52 14.14
N HIS B 509 41.35 -0.49 14.54
CA HIS B 509 42.29 0.47 13.98
C HIS B 509 42.98 -0.10 12.74
N SER B 510 43.45 -1.35 12.84
CA SER B 510 44.06 -2.05 11.72
C SER B 510 43.85 -3.54 11.96
N TYR B 511 44.02 -4.35 10.92
CA TYR B 511 43.81 -5.77 11.10
C TYR B 511 44.37 -6.56 9.92
N THR B 512 44.37 -7.89 10.09
CA THR B 512 44.75 -8.85 9.08
C THR B 512 43.68 -9.93 9.00
N PHE B 513 43.57 -10.59 7.85
CA PHE B 513 42.51 -11.58 7.67
C PHE B 513 43.01 -13.01 7.87
N LEU B 514 44.00 -13.41 7.07
CA LEU B 514 44.53 -14.77 7.11
C LEU B 514 43.40 -15.80 7.01
N PRO B 515 42.81 -15.98 5.83
CA PRO B 515 41.97 -17.17 5.62
C PRO B 515 42.84 -18.38 5.38
N PHE B 516 42.43 -19.53 5.92
CA PHE B 516 43.27 -20.72 5.85
C PHE B 516 43.55 -21.10 4.40
N THR B 517 42.62 -20.82 3.49
CA THR B 517 42.85 -21.01 2.06
C THR B 517 43.32 -22.43 1.77
N TYR C 14 4.50 -18.48 -24.20
CA TYR C 14 4.21 -17.34 -23.34
C TYR C 14 5.32 -17.16 -22.30
N VAL C 15 5.72 -15.90 -22.10
CA VAL C 15 6.81 -15.57 -21.17
C VAL C 15 6.41 -14.33 -20.38
N PRO C 16 6.47 -14.35 -19.04
CA PRO C 16 5.94 -13.22 -18.28
C PRO C 16 6.75 -11.95 -18.49
N GLU C 17 6.08 -10.82 -18.33
CA GLU C 17 6.73 -9.51 -18.47
C GLU C 17 7.51 -9.17 -17.22
N ASP C 18 8.69 -8.59 -17.41
CA ASP C 18 9.58 -8.23 -16.32
C ASP C 18 9.92 -6.75 -16.39
N GLY C 19 9.93 -6.11 -15.21
CA GLY C 19 10.34 -4.73 -15.10
C GLY C 19 9.18 -3.75 -15.06
N LEU C 20 9.52 -2.49 -14.89
CA LEU C 20 8.55 -1.41 -14.78
C LEU C 20 8.60 -0.54 -16.03
N THR C 21 7.43 -0.22 -16.56
CA THR C 21 7.37 0.79 -17.60
C THR C 21 7.86 2.11 -17.04
N ALA C 22 8.11 3.08 -17.92
CA ALA C 22 8.53 4.39 -17.44
C ALA C 22 7.47 5.02 -16.56
N GLN C 23 6.21 4.88 -16.95
CA GLN C 23 5.11 5.45 -16.18
C GLN C 23 5.05 4.84 -14.79
N GLN C 24 5.20 3.52 -14.70
CA GLN C 24 5.21 2.85 -13.40
C GLN C 24 6.42 3.26 -12.57
N LEU C 25 7.58 3.39 -13.21
CA LEU C 25 8.80 3.74 -12.51
C LEU C 25 8.70 5.15 -11.91
N PHE C 26 8.20 6.10 -12.69
CA PHE C 26 8.12 7.49 -12.24
C PHE C 26 6.85 7.86 -11.48
N ALA C 27 5.92 6.92 -11.29
CA ALA C 27 4.69 7.23 -10.56
C ALA C 27 4.94 7.35 -9.06
N SER C 28 5.91 6.61 -8.54
CA SER C 28 6.17 6.62 -7.10
C SER C 28 6.56 8.00 -6.57
N ALA C 29 7.12 8.86 -7.41
CA ALA C 29 7.52 10.21 -7.00
C ALA C 29 8.54 10.16 -5.87
N ASP C 30 9.69 9.55 -6.17
CA ASP C 30 10.80 9.48 -5.24
C ASP C 30 12.00 10.31 -5.66
N GLY C 31 12.00 10.85 -6.88
CA GLY C 31 13.11 11.68 -7.31
C GLY C 31 14.25 10.93 -7.96
N LEU C 32 13.96 10.13 -8.99
CA LEU C 32 15.02 9.40 -9.68
C LEU C 32 15.92 10.26 -10.55
N THR C 33 17.18 9.86 -10.68
CA THR C 33 18.12 10.46 -11.62
C THR C 33 18.65 9.38 -12.55
N TYR C 34 19.58 9.78 -13.42
CA TYR C 34 20.11 8.84 -14.41
C TYR C 34 20.83 7.67 -13.75
N ASN C 35 21.44 7.88 -12.59
CA ASN C 35 22.23 6.85 -11.94
C ASN C 35 21.40 5.96 -11.02
N ASP C 36 20.08 5.91 -11.24
CA ASP C 36 19.19 5.29 -10.28
C ASP C 36 18.28 4.23 -10.93
N PHE C 37 18.36 4.07 -12.25
CA PHE C 37 17.55 3.05 -12.92
C PHE C 37 18.29 2.54 -14.14
N LEU C 38 17.77 1.46 -14.71
CA LEU C 38 18.36 0.81 -15.88
C LEU C 38 17.26 0.48 -16.88
N ILE C 39 17.68 0.14 -18.09
CA ILE C 39 16.77 -0.28 -19.16
C ILE C 39 17.07 -1.73 -19.47
N LEU C 40 16.05 -2.58 -19.41
CA LEU C 40 16.27 -3.99 -19.69
C LEU C 40 16.40 -4.22 -21.19
N PRO C 41 17.23 -5.18 -21.61
CA PRO C 41 17.52 -5.33 -23.03
C PRO C 41 16.35 -5.95 -23.79
N GLY C 42 16.53 -6.04 -25.11
CA GLY C 42 15.51 -6.58 -25.99
C GLY C 42 16.04 -7.56 -27.01
N PHE C 43 15.76 -7.29 -28.29
CA PHE C 43 16.08 -8.20 -29.38
C PHE C 43 16.94 -7.45 -30.40
N ILE C 44 17.98 -8.12 -30.90
CA ILE C 44 18.93 -7.51 -31.82
C ILE C 44 18.77 -8.20 -33.16
N ASP C 45 18.37 -7.45 -34.19
CA ASP C 45 18.34 -7.97 -35.55
C ASP C 45 18.89 -6.96 -36.54
N PHE C 46 19.95 -6.23 -36.17
CA PHE C 46 20.53 -5.25 -37.07
C PHE C 46 21.91 -4.85 -36.56
N ILE C 47 22.78 -4.52 -37.51
CA ILE C 47 24.11 -4.02 -37.16
C ILE C 47 23.96 -2.68 -36.44
N ALA C 48 24.93 -2.37 -35.57
CA ALA C 48 24.85 -1.15 -34.78
C ALA C 48 24.85 0.09 -35.67
N ASP C 49 25.71 0.10 -36.71
CA ASP C 49 25.83 1.28 -37.55
C ASP C 49 24.51 1.65 -38.24
N GLU C 50 23.58 0.71 -38.35
CA GLU C 50 22.31 0.99 -39.02
C GLU C 50 21.44 1.96 -38.22
N VAL C 51 21.65 2.06 -36.91
CA VAL C 51 20.81 2.94 -36.09
C VAL C 51 20.90 4.36 -36.62
N ASP C 52 19.79 5.08 -36.56
CA ASP C 52 19.68 6.43 -37.10
C ASP C 52 19.36 7.39 -35.95
N LEU C 53 20.14 8.46 -35.84
CA LEU C 53 20.07 9.35 -34.70
C LEU C 53 19.46 10.71 -35.04
N THR C 54 18.85 10.87 -36.21
CA THR C 54 18.28 12.16 -36.58
C THR C 54 17.34 12.66 -35.48
N SER C 55 17.68 13.80 -34.89
CA SER C 55 16.94 14.36 -33.76
C SER C 55 16.53 15.78 -34.09
N ALA C 56 15.49 16.26 -33.41
CA ALA C 56 14.94 17.57 -33.69
C ALA C 56 15.38 18.56 -32.63
N LEU C 57 16.07 19.63 -33.05
CA LEU C 57 16.47 20.67 -32.10
C LEU C 57 15.29 21.55 -31.72
N THR C 58 14.69 22.21 -32.70
CA THR C 58 13.44 22.92 -32.50
C THR C 58 12.47 22.49 -33.60
N ARG C 59 11.33 23.19 -33.67
CA ARG C 59 10.27 22.75 -34.56
C ARG C 59 10.58 22.96 -36.04
N LYS C 60 11.73 23.55 -36.36
CA LYS C 60 12.14 23.69 -37.76
C LYS C 60 13.62 23.38 -37.98
N ILE C 61 14.30 22.78 -37.00
CA ILE C 61 15.70 22.39 -37.14
C ILE C 61 15.82 20.93 -36.72
N THR C 62 16.36 20.11 -37.62
CA THR C 62 16.61 18.69 -37.35
C THR C 62 18.10 18.45 -37.44
N LEU C 63 18.67 17.88 -36.38
CA LEU C 63 20.09 17.61 -36.34
C LEU C 63 20.35 16.11 -36.55
N LYS C 64 21.38 15.80 -37.32
CA LYS C 64 21.70 14.41 -37.58
C LYS C 64 22.27 13.68 -36.36
N THR C 65 22.60 14.39 -35.30
CA THR C 65 22.95 13.79 -34.03
C THR C 65 22.41 14.65 -32.90
N PRO C 66 22.11 14.06 -31.74
CA PRO C 66 21.50 14.83 -30.65
C PRO C 66 22.44 15.78 -29.94
N LEU C 67 23.75 15.66 -30.15
CA LEU C 67 24.74 16.29 -29.29
C LEU C 67 24.66 17.81 -29.41
N ILE C 68 24.71 18.49 -28.26
CA ILE C 68 24.77 19.95 -28.20
C ILE C 68 25.83 20.35 -27.18
N SER C 69 26.54 21.43 -27.47
CA SER C 69 27.48 22.03 -26.53
C SER C 69 26.81 23.18 -25.81
N SER C 70 27.03 23.28 -24.51
CA SER C 70 26.30 24.25 -23.71
C SER C 70 26.90 25.63 -23.87
N PRO C 71 26.09 26.69 -23.72
CA PRO C 71 26.64 28.05 -23.77
C PRO C 71 27.31 28.46 -22.48
N MET C 72 28.64 28.51 -22.47
CA MET C 72 29.39 28.89 -21.29
C MET C 72 30.69 29.54 -21.73
N ASP C 73 31.32 30.28 -20.84
CA ASP C 73 32.55 30.98 -21.18
C ASP C 73 33.77 30.07 -21.19
N THR C 74 33.62 28.81 -20.79
CA THR C 74 34.69 27.82 -20.86
C THR C 74 34.40 26.73 -21.88
N VAL C 75 33.50 26.99 -22.82
CA VAL C 75 33.12 26.02 -23.84
C VAL C 75 32.28 26.77 -24.87
N THR C 76 32.22 26.25 -26.10
CA THR C 76 31.52 26.93 -27.20
C THR C 76 32.16 28.28 -27.51
N GLU C 77 33.43 28.24 -27.91
CA GLU C 77 33.98 29.33 -28.70
C GLU C 77 33.45 29.23 -30.13
N ALA C 78 33.87 30.15 -30.98
CA ALA C 78 33.62 30.00 -32.40
C ALA C 78 34.31 28.76 -32.94
N ASP C 79 35.55 28.50 -32.50
CA ASP C 79 36.31 27.35 -32.98
C ASP C 79 35.76 26.02 -32.46
N MET C 80 34.86 26.01 -31.49
CA MET C 80 34.18 24.79 -31.09
C MET C 80 32.80 24.70 -31.71
N ALA C 81 32.10 25.81 -31.87
CA ALA C 81 30.85 25.77 -32.60
C ALA C 81 31.07 25.25 -34.02
N ILE C 82 32.15 25.68 -34.68
CA ILE C 82 32.48 25.15 -36.00
C ILE C 82 32.73 23.66 -35.92
N ALA C 83 33.59 23.24 -34.99
CA ALA C 83 34.03 21.84 -34.95
C ALA C 83 32.94 20.91 -34.44
N MET C 84 31.87 21.44 -33.87
CA MET C 84 30.75 20.62 -33.45
C MET C 84 29.60 20.64 -34.45
N ALA C 85 29.42 21.74 -35.18
CA ALA C 85 28.50 21.74 -36.30
C ALA C 85 28.99 20.85 -37.43
N LEU C 86 30.32 20.76 -37.61
CA LEU C 86 30.86 19.87 -38.63
C LEU C 86 30.51 18.40 -38.34
N MET C 87 30.39 18.03 -37.07
CA MET C 87 30.15 16.64 -36.69
C MET C 87 28.67 16.33 -36.51
N GLY C 88 27.79 17.19 -37.01
CA GLY C 88 26.36 16.91 -37.00
C GLY C 88 25.59 17.59 -35.90
N GLY C 89 26.24 18.06 -34.85
CA GLY C 89 25.58 18.71 -33.75
C GLY C 89 25.42 20.20 -33.97
N ILE C 90 25.25 20.93 -32.86
CA ILE C 90 25.12 22.38 -32.89
C ILE C 90 25.72 22.92 -31.61
N GLY C 91 26.24 24.14 -31.69
CA GLY C 91 26.85 24.78 -30.54
C GLY C 91 26.31 26.17 -30.32
N PHE C 92 26.09 26.52 -29.06
CA PHE C 92 25.53 27.81 -28.68
C PHE C 92 26.65 28.70 -28.16
N ILE C 93 26.77 29.89 -28.74
CA ILE C 93 27.85 30.80 -28.35
C ILE C 93 27.46 31.49 -27.06
N HIS C 94 28.35 31.44 -26.07
CA HIS C 94 28.05 32.03 -24.77
C HIS C 94 27.91 33.54 -24.90
N HIS C 95 27.15 34.12 -23.99
CA HIS C 95 26.84 35.55 -24.00
C HIS C 95 27.51 36.32 -22.88
N ASN C 96 28.59 35.79 -22.30
CA ASN C 96 29.38 36.52 -21.33
C ASN C 96 30.49 37.29 -22.02
N CYS C 97 30.13 38.09 -23.02
CA CYS C 97 31.11 38.82 -23.81
C CYS C 97 30.44 40.02 -24.46
N THR C 98 31.26 40.89 -25.01
CA THR C 98 30.77 42.10 -25.66
C THR C 98 29.85 41.72 -26.83
N PRO C 99 28.76 42.46 -27.07
CA PRO C 99 27.88 42.12 -28.20
C PRO C 99 28.61 42.05 -29.53
N GLU C 100 29.56 42.96 -29.77
CA GLU C 100 30.37 42.86 -30.97
C GLU C 100 31.20 41.59 -31.00
N PHE C 101 31.69 41.16 -29.83
CA PHE C 101 32.42 39.90 -29.76
C PHE C 101 31.55 38.72 -30.13
N GLN C 102 30.31 38.70 -29.64
CA GLN C 102 29.40 37.59 -29.96
C GLN C 102 29.04 37.61 -31.44
N ALA C 103 28.80 38.79 -32.00
CA ALA C 103 28.53 38.88 -33.43
C ALA C 103 29.71 38.39 -34.25
N ASN C 104 30.93 38.73 -33.83
CA ASN C 104 32.12 38.24 -34.52
C ASN C 104 32.22 36.72 -34.43
N GLU C 105 31.90 36.16 -33.26
CA GLU C 105 31.93 34.70 -33.12
C GLU C 105 30.96 34.05 -34.09
N VAL C 106 29.73 34.60 -34.18
CA VAL C 106 28.75 34.00 -35.08
C VAL C 106 29.16 34.17 -36.54
N ARG C 107 29.78 35.31 -36.87
CA ARG C 107 30.28 35.49 -38.22
C ARG C 107 31.31 34.43 -38.57
N LYS C 108 32.24 34.18 -37.65
CA LYS C 108 33.28 33.19 -37.94
C LYS C 108 32.69 31.78 -37.98
N VAL C 109 31.61 31.54 -37.24
CA VAL C 109 30.95 30.24 -37.31
C VAL C 109 30.28 30.05 -38.68
N LYS C 110 29.63 31.10 -39.17
CA LYS C 110 28.89 30.98 -40.43
C LYS C 110 29.83 30.95 -41.64
N LYS C 111 30.95 31.66 -41.57
CA LYS C 111 31.91 31.70 -42.68
C LYS C 111 33.02 30.65 -42.51
N PHE C 112 32.60 29.39 -42.49
CA PHE C 112 33.55 28.28 -42.51
C PHE C 112 33.39 27.51 -43.81
N GLU C 113 32.16 27.17 -44.16
CA GLU C 113 31.82 26.70 -45.48
C GLU C 113 30.61 27.48 -45.95
N GLN C 114 30.59 27.84 -47.23
CA GLN C 114 29.70 28.88 -47.72
C GLN C 114 28.81 28.47 -48.88
N GLY C 115 29.27 27.66 -49.81
CA GLY C 115 28.53 27.52 -51.07
C GLY C 115 28.82 28.73 -51.93
N PHE C 116 27.79 29.49 -52.28
CA PHE C 116 28.00 30.76 -52.95
C PHE C 116 28.58 31.78 -51.99
N ILE C 117 29.86 32.11 -52.17
CA ILE C 117 30.53 33.13 -51.36
C ILE C 117 30.08 34.48 -51.94
N THR C 118 29.09 35.10 -51.31
CA THR C 118 28.45 36.29 -51.87
C THR C 118 29.10 37.59 -51.42
N ASP C 119 29.97 37.56 -50.40
CA ASP C 119 30.72 38.74 -49.96
C ASP C 119 32.19 38.40 -49.84
N PRO C 120 32.83 38.00 -50.94
CA PRO C 120 34.28 37.79 -50.92
C PRO C 120 35.03 39.11 -50.86
N VAL C 121 36.24 39.04 -50.31
CA VAL C 121 37.13 40.18 -50.33
C VAL C 121 37.68 40.34 -51.75
N VAL C 122 37.60 41.56 -52.28
CA VAL C 122 38.08 41.86 -53.62
C VAL C 122 38.91 43.13 -53.57
N LEU C 123 39.75 43.31 -54.59
CA LEU C 123 40.68 44.43 -54.65
C LEU C 123 40.78 44.94 -56.07
N SER C 124 41.30 46.17 -56.20
CA SER C 124 41.51 46.75 -57.53
C SER C 124 42.92 46.45 -58.02
N PRO C 125 43.14 46.49 -59.34
CA PRO C 125 44.48 46.18 -59.86
C PRO C 125 45.57 47.08 -59.32
N SER C 126 45.22 48.26 -58.82
CA SER C 126 46.20 49.20 -58.31
C SER C 126 46.71 48.83 -56.92
N HIS C 127 46.17 47.79 -56.29
CA HIS C 127 46.67 47.36 -55.00
C HIS C 127 48.02 46.68 -55.16
N THR C 128 48.59 46.25 -54.04
CA THR C 128 49.94 45.71 -54.01
C THR C 128 49.95 44.32 -53.41
N VAL C 129 50.98 43.54 -53.80
CA VAL C 129 51.16 42.20 -53.27
C VAL C 129 51.24 42.26 -51.75
N GLY C 130 51.81 43.34 -51.22
CA GLY C 130 51.77 43.55 -49.79
C GLY C 130 50.35 43.65 -49.26
N ASP C 131 49.46 44.31 -50.01
CA ASP C 131 48.06 44.38 -49.60
C ASP C 131 47.40 43.00 -49.63
N VAL C 132 47.70 42.21 -50.66
CA VAL C 132 47.12 40.86 -50.72
C VAL C 132 47.61 40.02 -49.55
N LEU C 133 48.91 40.08 -49.24
CA LEU C 133 49.45 39.35 -48.10
C LEU C 133 48.84 39.85 -46.80
N GLU C 134 48.61 41.17 -46.70
CA GLU C 134 48.00 41.74 -45.51
C GLU C 134 46.59 41.21 -45.31
N ALA C 135 45.81 41.15 -46.39
CA ALA C 135 44.46 40.59 -46.29
C ALA C 135 44.50 39.10 -45.94
N LYS C 136 45.44 38.37 -46.52
CA LYS C 136 45.62 36.96 -46.16
C LYS C 136 45.84 36.81 -44.66
N MET C 137 46.81 37.56 -44.12
CA MET C 137 47.09 37.48 -42.69
C MET C 137 45.90 37.94 -41.87
N ARG C 138 45.11 38.88 -42.40
CA ARG C 138 43.98 39.41 -41.64
C ARG C 138 42.86 38.39 -41.50
N HIS C 139 42.50 37.72 -42.60
CA HIS C 139 41.34 36.83 -42.60
C HIS C 139 41.73 35.37 -42.71
N GLY C 140 42.48 34.98 -43.73
CA GLY C 140 42.78 33.58 -43.97
C GLY C 140 42.56 33.19 -45.42
N PHE C 141 41.61 33.87 -46.08
CA PHE C 141 41.36 33.61 -47.48
C PHE C 141 42.43 34.28 -48.33
N SER C 142 42.95 33.55 -49.31
CA SER C 142 44.06 34.04 -50.14
C SER C 142 43.67 34.30 -51.58
N GLY C 143 42.61 33.67 -52.08
CA GLY C 143 42.21 33.83 -53.47
C GLY C 143 41.36 35.06 -53.71
N ILE C 144 41.95 36.24 -53.51
CA ILE C 144 41.21 37.50 -53.63
C ILE C 144 40.93 37.76 -55.11
N PRO C 145 39.67 37.88 -55.52
CA PRO C 145 39.39 38.31 -56.90
C PRO C 145 39.72 39.79 -57.08
N ILE C 146 39.95 40.18 -58.34
CA ILE C 146 40.34 41.55 -58.68
C ILE C 146 39.31 42.10 -59.65
N THR C 147 38.84 43.32 -59.37
CA THR C 147 37.88 44.01 -60.22
C THR C 147 38.33 45.46 -60.40
N GLU C 148 37.91 46.06 -61.51
CA GLU C 148 38.42 47.38 -61.89
C GLU C 148 38.27 48.39 -60.77
N THR C 149 37.11 48.42 -60.13
CA THR C 149 36.83 49.38 -59.07
C THR C 149 37.13 48.84 -57.68
N GLY C 150 37.69 47.63 -57.59
CA GLY C 150 37.97 47.03 -56.30
C GLY C 150 36.73 46.72 -55.48
N THR C 151 35.66 46.26 -56.13
CA THR C 151 34.44 45.91 -55.43
C THR C 151 33.64 44.93 -56.28
N MET C 152 32.50 44.49 -55.74
CA MET C 152 31.68 43.53 -56.45
C MET C 152 31.07 44.14 -57.72
N GLY C 153 30.70 45.42 -57.65
CA GLY C 153 30.08 46.08 -58.78
C GLY C 153 31.08 46.60 -59.79
N SER C 154 31.67 45.70 -60.57
CA SER C 154 32.65 46.11 -61.58
C SER C 154 32.98 44.91 -62.47
N LYS C 155 33.68 45.20 -63.56
CA LYS C 155 34.16 44.14 -64.43
C LYS C 155 35.14 43.25 -63.68
N LEU C 156 35.09 41.95 -63.96
CA LEU C 156 36.02 41.00 -63.39
C LEU C 156 37.25 40.90 -64.31
N VAL C 157 38.38 41.40 -63.83
CA VAL C 157 39.60 41.42 -64.62
C VAL C 157 40.53 40.25 -64.31
N GLY C 158 40.54 39.75 -63.09
CA GLY C 158 41.40 38.64 -62.75
C GLY C 158 41.30 38.28 -61.28
N ILE C 159 42.15 37.34 -60.88
CA ILE C 159 42.17 36.81 -59.53
C ILE C 159 43.62 36.60 -59.10
N VAL C 160 43.87 36.74 -57.80
CA VAL C 160 45.19 36.53 -57.22
C VAL C 160 45.04 35.53 -56.08
N THR C 161 45.90 34.51 -56.07
CA THR C 161 45.81 33.43 -55.10
C THR C 161 47.18 33.19 -54.50
N SER C 162 47.24 32.24 -53.55
CA SER C 162 48.50 31.94 -52.89
C SER C 162 49.54 31.43 -53.86
N ARG C 163 49.13 30.60 -54.83
CA ARG C 163 50.09 30.10 -55.81
C ARG C 163 50.72 31.21 -56.63
N ASP C 164 50.11 32.39 -56.66
CA ASP C 164 50.69 33.53 -57.35
C ASP C 164 51.71 34.28 -56.49
N ILE C 165 51.82 33.96 -55.21
CA ILE C 165 52.61 34.74 -54.27
C ILE C 165 53.61 33.87 -53.53
N ASP C 166 54.05 32.78 -54.15
CA ASP C 166 55.07 31.91 -53.56
C ASP C 166 56.48 32.47 -53.83
N PHE C 167 56.72 33.66 -53.29
CA PHE C 167 58.02 34.31 -53.43
C PHE C 167 59.04 33.60 -52.56
N ASP C 172 59.85 43.95 -53.37
CA ASP C 172 59.11 42.93 -54.08
C ASP C 172 57.63 43.00 -53.73
N HIS C 173 57.33 43.41 -52.50
CA HIS C 173 55.94 43.54 -52.09
C HIS C 173 55.29 44.82 -52.61
N THR C 174 56.07 45.70 -53.24
CA THR C 174 55.50 46.94 -53.77
C THR C 174 54.89 46.74 -55.15
N THR C 175 55.14 45.60 -55.80
CA THR C 175 54.62 45.39 -57.15
C THR C 175 53.10 45.35 -57.13
N LEU C 176 52.50 45.95 -58.15
CA LEU C 176 51.04 46.01 -58.25
C LEU C 176 50.48 44.64 -58.61
N LEU C 177 49.16 44.49 -58.42
CA LEU C 177 48.52 43.21 -58.70
C LEU C 177 48.43 42.93 -60.19
N SER C 178 48.54 43.96 -61.03
CA SER C 178 48.48 43.72 -62.46
C SER C 178 49.64 42.86 -62.94
N GLU C 179 50.76 42.85 -62.22
CA GLU C 179 51.93 42.09 -62.64
C GLU C 179 51.86 40.63 -62.18
N VAL C 180 50.92 40.28 -61.30
CA VAL C 180 50.82 38.94 -60.74
C VAL C 180 49.45 38.31 -60.99
N MET C 181 48.47 39.07 -61.44
CA MET C 181 47.13 38.54 -61.71
C MET C 181 47.21 37.48 -62.81
N THR C 182 46.33 36.48 -62.74
CA THR C 182 46.00 35.67 -63.92
C THR C 182 44.89 36.40 -64.67
N PRO C 183 45.13 36.89 -65.91
CA PRO C 183 44.19 37.79 -66.56
C PRO C 183 42.88 37.13 -66.94
N ARG C 184 41.88 37.92 -67.35
CA ARG C 184 40.56 37.40 -67.69
C ARG C 184 40.58 36.66 -69.02
N ILE C 185 41.52 37.00 -69.91
CA ILE C 185 41.64 36.28 -71.17
C ILE C 185 41.90 34.79 -70.93
N GLU C 186 42.48 34.44 -69.78
CA GLU C 186 42.82 33.07 -69.46
C GLU C 186 41.81 32.40 -68.56
N LEU C 187 41.09 33.17 -67.73
CA LEU C 187 40.21 32.59 -66.73
C LEU C 187 39.12 31.74 -67.37
N VAL C 188 38.75 30.66 -66.67
CA VAL C 188 37.58 29.85 -66.99
C VAL C 188 36.48 30.24 -66.01
N VAL C 189 35.37 30.76 -66.54
CA VAL C 189 34.34 31.37 -65.72
C VAL C 189 32.99 30.82 -66.14
N ALA C 190 32.05 30.82 -65.22
CA ALA C 190 30.71 30.34 -65.45
C ALA C 190 29.71 31.49 -65.46
N PRO C 191 28.78 31.53 -66.41
CA PRO C 191 27.82 32.64 -66.45
C PRO C 191 26.91 32.62 -65.23
N ALA C 192 26.53 33.80 -64.76
CA ALA C 192 25.70 33.90 -63.58
C ALA C 192 24.28 33.43 -63.89
N GLY C 193 23.52 33.16 -62.83
CA GLY C 193 22.18 32.64 -62.97
C GLY C 193 22.10 31.14 -63.11
N VAL C 194 23.24 30.45 -63.22
CA VAL C 194 23.22 28.99 -63.30
C VAL C 194 23.03 28.40 -61.92
N THR C 195 22.28 27.30 -61.86
CA THR C 195 22.05 26.61 -60.61
C THR C 195 23.38 26.18 -60.00
N LEU C 196 23.33 25.80 -58.72
CA LEU C 196 24.55 25.42 -58.02
C LEU C 196 25.18 24.18 -58.66
N LYS C 197 24.35 23.19 -59.01
CA LYS C 197 24.89 21.95 -59.56
C LYS C 197 25.74 22.19 -60.79
N GLU C 198 25.19 22.94 -61.76
CA GLU C 198 25.94 23.19 -62.99
C GLU C 198 27.22 23.98 -62.70
N ALA C 199 27.17 24.88 -61.72
CA ALA C 199 28.37 25.62 -61.34
C ALA C 199 29.46 24.67 -60.85
N ASN C 200 29.10 23.71 -59.99
CA ASN C 200 30.05 22.70 -59.55
C ASN C 200 30.54 21.86 -60.72
N GLU C 201 29.66 21.52 -61.65
CA GLU C 201 30.09 20.75 -62.82
C GLU C 201 31.19 21.50 -63.58
N ILE C 202 30.95 22.77 -63.91
CA ILE C 202 31.95 23.48 -64.72
C ILE C 202 33.20 23.71 -63.89
N LEU C 203 33.06 23.87 -62.57
CA LEU C 203 34.23 23.98 -61.71
C LEU C 203 35.06 22.71 -61.77
N GLN C 204 34.40 21.55 -61.74
CA GLN C 204 35.12 20.29 -61.61
C GLN C 204 35.71 19.83 -62.94
N ARG C 205 35.06 20.14 -64.06
CA ARG C 205 35.76 19.93 -65.34
C ARG C 205 36.92 20.89 -65.49
N SER C 206 36.88 22.05 -64.84
CA SER C 206 37.93 23.05 -65.03
C SER C 206 39.25 22.60 -64.41
N LYS C 207 39.19 21.83 -63.31
CA LYS C 207 40.38 21.39 -62.60
C LYS C 207 41.20 22.55 -62.04
N LYS C 208 40.55 23.69 -61.79
CA LYS C 208 41.19 24.84 -61.18
C LYS C 208 40.41 25.27 -59.94
N GLY C 209 41.14 25.85 -58.98
CA GLY C 209 40.61 25.97 -57.64
C GLY C 209 39.39 26.86 -57.49
N LYS C 210 39.40 28.05 -58.09
CA LYS C 210 38.33 29.03 -57.94
C LYS C 210 37.54 29.14 -59.24
N LEU C 211 36.25 29.42 -59.10
CA LEU C 211 35.38 29.69 -60.24
C LEU C 211 34.54 30.92 -59.95
N PRO C 212 35.02 32.11 -60.30
CA PRO C 212 34.18 33.31 -60.16
C PRO C 212 32.94 33.22 -61.03
N ILE C 213 31.91 33.94 -60.63
CA ILE C 213 30.62 33.96 -61.32
C ILE C 213 30.34 35.39 -61.75
N VAL C 214 30.17 35.59 -63.06
CA VAL C 214 29.90 36.90 -63.63
C VAL C 214 28.60 36.80 -64.42
N ASN C 215 27.87 37.91 -64.49
CA ASN C 215 26.60 37.91 -65.19
C ASN C 215 26.82 38.23 -66.67
N ASP C 216 25.71 38.35 -67.41
CA ASP C 216 25.80 38.60 -68.84
C ASP C 216 26.53 39.90 -69.15
N CYS C 217 26.64 40.79 -68.19
CA CYS C 217 27.34 42.06 -68.37
C CYS C 217 28.82 41.98 -67.98
N ASP C 218 29.35 40.79 -67.72
CA ASP C 218 30.73 40.61 -67.29
C ASP C 218 30.98 41.25 -65.93
N GLU C 219 30.05 41.11 -65.01
CA GLU C 219 30.11 41.78 -63.71
C GLU C 219 30.08 40.75 -62.59
N LEU C 220 31.06 40.86 -61.70
CA LEU C 220 31.26 39.85 -60.66
C LEU C 220 30.08 39.83 -59.70
N VAL C 221 29.55 38.62 -59.45
CA VAL C 221 28.38 38.45 -58.61
C VAL C 221 28.72 37.66 -57.35
N ALA C 222 29.47 36.58 -57.49
CA ALA C 222 29.85 35.72 -56.36
C ALA C 222 30.84 34.69 -56.88
N ILE C 223 31.40 33.91 -55.95
CA ILE C 223 32.38 32.89 -56.29
C ILE C 223 32.11 31.64 -55.47
N ILE C 224 32.72 30.53 -55.93
CA ILE C 224 32.70 29.27 -55.21
C ILE C 224 34.12 28.72 -55.15
N ALA C 225 34.36 27.85 -54.18
CA ALA C 225 35.69 27.32 -53.92
C ALA C 225 35.68 25.80 -53.93
N ARG C 226 36.73 25.22 -54.52
CA ARG C 226 36.90 23.77 -54.50
C ARG C 226 36.92 23.23 -53.08
N THR C 227 37.48 24.01 -52.15
CA THR C 227 37.64 23.52 -50.79
C THR C 227 36.30 23.35 -50.09
N ASP C 228 35.27 24.08 -50.50
CA ASP C 228 33.98 23.95 -49.85
C ASP C 228 33.35 22.60 -50.17
N LEU C 229 33.35 22.20 -51.44
CA LEU C 229 32.87 20.88 -51.79
C LEU C 229 33.82 19.79 -51.28
N LYS C 230 35.11 20.08 -51.15
CA LYS C 230 36.01 19.11 -50.52
C LYS C 230 35.63 18.90 -49.05
N LYS C 231 35.26 19.97 -48.35
CA LYS C 231 34.81 19.84 -46.97
C LYS C 231 33.49 19.08 -46.91
N ASN C 232 32.60 19.33 -47.86
CA ASN C 232 31.36 18.55 -47.91
C ASN C 232 31.67 17.07 -48.09
N ARG C 233 32.59 16.74 -48.99
CA ARG C 233 33.00 15.36 -49.16
C ARG C 233 33.57 14.78 -47.88
N ASP C 234 34.40 15.56 -47.17
CA ASP C 234 35.06 15.06 -45.98
C ASP C 234 34.09 14.83 -44.83
N TYR C 235 33.17 15.77 -44.59
CA TYR C 235 32.25 15.72 -43.45
C TYR C 235 30.85 15.43 -43.98
N PRO C 236 30.40 14.17 -43.93
CA PRO C 236 29.09 13.83 -44.49
C PRO C 236 27.92 14.18 -43.59
N LEU C 237 28.14 14.38 -42.29
CA LEU C 237 27.06 14.56 -41.33
C LEU C 237 26.87 16.01 -40.89
N ALA C 238 27.58 16.96 -41.50
CA ALA C 238 27.51 18.35 -41.04
C ALA C 238 26.09 18.86 -41.06
N SER C 239 25.83 19.92 -40.29
CA SER C 239 24.54 20.57 -40.23
C SER C 239 24.61 21.90 -40.98
N LYS C 240 23.74 22.07 -41.97
CA LYS C 240 23.77 23.27 -42.81
C LYS C 240 22.34 23.73 -43.07
N ASP C 241 22.22 25.00 -43.45
CA ASP C 241 20.95 25.56 -43.88
C ASP C 241 20.87 25.50 -45.41
N SER C 242 19.84 26.13 -45.98
CA SER C 242 19.61 26.00 -47.42
C SER C 242 20.74 26.61 -48.23
N GLN C 243 21.53 27.50 -47.64
CA GLN C 243 22.67 28.11 -48.33
C GLN C 243 23.95 27.32 -48.14
N LYS C 244 23.89 26.13 -47.55
CA LYS C 244 25.04 25.25 -47.42
C LYS C 244 26.15 25.93 -46.60
N GLN C 245 25.75 26.59 -45.51
CA GLN C 245 26.67 27.20 -44.57
C GLN C 245 26.31 26.79 -43.16
N LEU C 246 27.33 26.56 -42.35
CA LEU C 246 27.15 25.88 -41.07
C LEU C 246 26.06 26.53 -40.25
N LEU C 247 25.31 25.70 -39.52
CA LEU C 247 24.24 26.20 -38.68
C LEU C 247 24.82 26.67 -37.36
N CYS C 248 24.45 27.89 -36.95
CA CYS C 248 24.96 28.49 -35.72
C CYS C 248 23.81 28.85 -34.80
N GLY C 249 24.06 28.73 -33.50
CA GLY C 249 23.12 29.18 -32.50
C GLY C 249 23.80 30.09 -31.51
N ALA C 250 23.05 30.90 -30.77
CA ALA C 250 23.62 31.82 -29.82
C ALA C 250 22.66 32.00 -28.65
N ALA C 251 23.21 32.34 -27.50
CA ALA C 251 22.43 32.56 -26.29
C ALA C 251 22.42 34.04 -25.93
N VAL C 252 21.32 34.48 -25.33
CA VAL C 252 21.17 35.86 -24.88
C VAL C 252 20.33 35.87 -23.61
N GLY C 253 20.58 36.87 -22.77
CA GLY C 253 19.87 37.02 -21.52
C GLY C 253 18.47 37.56 -21.75
N THR C 254 17.95 38.25 -20.72
CA THR C 254 16.62 38.84 -20.79
C THR C 254 16.59 40.26 -20.24
N ARG C 255 17.71 40.96 -20.24
CA ARG C 255 17.75 42.36 -19.84
C ARG C 255 17.25 43.24 -20.99
N GLU C 256 17.43 44.55 -20.83
CA GLU C 256 17.10 45.47 -21.91
C GLU C 256 18.18 45.51 -22.97
N ASP C 257 19.45 45.49 -22.56
CA ASP C 257 20.55 45.52 -23.52
C ASP C 257 20.53 44.30 -24.43
N ASP C 258 19.85 43.23 -24.03
CA ASP C 258 19.72 42.06 -24.89
C ASP C 258 19.00 42.38 -26.19
N LYS C 259 18.25 43.48 -26.26
CA LYS C 259 17.64 43.85 -27.54
C LYS C 259 18.70 44.28 -28.54
N TYR C 260 19.64 45.13 -28.14
CA TYR C 260 20.75 45.49 -29.01
C TYR C 260 21.65 44.28 -29.27
N ARG C 261 21.85 43.44 -28.25
CA ARG C 261 22.61 42.22 -28.44
C ARG C 261 21.99 41.36 -29.54
N LEU C 262 20.66 41.23 -29.51
CA LEU C 262 19.97 40.39 -30.49
C LEU C 262 20.00 41.04 -31.86
N ASP C 263 19.90 42.37 -31.92
CA ASP C 263 20.06 43.06 -33.20
C ASP C 263 21.41 42.71 -33.83
N LEU C 264 22.48 42.84 -33.06
CA LEU C 264 23.79 42.49 -33.58
C LEU C 264 23.85 41.02 -33.98
N LEU C 265 23.31 40.12 -33.15
CA LEU C 265 23.36 38.70 -33.46
C LEU C 265 22.69 38.40 -34.79
N THR C 266 21.46 38.90 -34.98
CA THR C 266 20.74 38.65 -36.22
C THR C 266 21.43 39.32 -37.41
N GLN C 267 22.12 40.44 -37.19
CA GLN C 267 22.97 40.97 -38.25
C GLN C 267 24.05 39.97 -38.62
N ALA C 268 24.64 39.31 -37.62
CA ALA C 268 25.67 38.31 -37.89
C ALA C 268 25.11 37.15 -38.70
N GLY C 269 23.85 36.78 -38.47
CA GLY C 269 23.21 35.72 -39.22
C GLY C 269 22.87 34.50 -38.39
N VAL C 270 22.60 34.70 -37.10
CA VAL C 270 22.24 33.58 -36.23
C VAL C 270 21.02 32.87 -36.81
N ASP C 271 20.92 31.57 -36.54
CA ASP C 271 19.78 30.78 -36.97
C ASP C 271 18.83 30.41 -35.84
N VAL C 272 19.35 30.10 -34.65
CA VAL C 272 18.53 29.74 -33.50
C VAL C 272 19.12 30.42 -32.27
N ILE C 273 18.23 30.91 -31.40
CA ILE C 273 18.62 31.67 -30.23
C ILE C 273 17.99 31.03 -29.00
N VAL C 274 18.75 30.97 -27.91
CA VAL C 274 18.30 30.35 -26.67
C VAL C 274 18.34 31.40 -25.57
N LEU C 275 17.28 31.47 -24.77
CA LEU C 275 17.23 32.40 -23.66
C LEU C 275 17.86 31.76 -22.43
N ASP C 276 18.78 32.49 -21.81
CA ASP C 276 19.59 31.97 -20.72
C ASP C 276 19.12 32.56 -19.40
N SER C 277 18.62 31.70 -18.51
CA SER C 277 18.14 32.13 -17.21
C SER C 277 18.08 30.92 -16.28
N SER C 278 18.32 31.17 -14.99
CA SER C 278 18.33 30.07 -14.03
C SER C 278 16.96 29.43 -13.90
N GLN C 279 15.90 30.23 -13.90
CA GLN C 279 14.53 29.74 -13.91
C GLN C 279 13.78 30.45 -15.02
N GLY C 280 13.31 29.69 -16.01
CA GLY C 280 12.70 30.25 -17.18
C GLY C 280 11.37 30.93 -16.97
N ASN C 281 10.55 30.38 -16.09
CA ASN C 281 9.16 30.82 -15.95
C ASN C 281 9.06 32.18 -15.28
N SER C 282 9.11 33.25 -16.06
CA SER C 282 9.05 34.59 -15.49
C SER C 282 8.53 35.57 -16.54
N VAL C 283 7.95 36.66 -16.04
CA VAL C 283 7.39 37.67 -16.93
C VAL C 283 8.46 38.26 -17.83
N TYR C 284 9.70 38.36 -17.35
CA TYR C 284 10.76 38.94 -18.17
C TYR C 284 11.11 38.01 -19.33
N GLN C 285 11.22 36.72 -19.07
CA GLN C 285 11.45 35.77 -20.16
C GLN C 285 10.30 35.77 -21.15
N ILE C 286 9.06 35.84 -20.66
CA ILE C 286 7.92 35.86 -21.56
C ILE C 286 7.92 37.12 -22.42
N ALA C 287 8.30 38.26 -21.83
CA ALA C 287 8.39 39.48 -22.61
C ALA C 287 9.47 39.38 -23.68
N MET C 288 10.62 38.78 -23.34
CA MET C 288 11.64 38.55 -24.37
C MET C 288 11.12 37.65 -25.48
N VAL C 289 10.38 36.60 -25.13
CA VAL C 289 9.83 35.71 -26.16
C VAL C 289 8.90 36.48 -27.08
N HIS C 290 8.04 37.32 -26.51
CA HIS C 290 7.11 38.09 -27.33
C HIS C 290 7.85 39.08 -28.23
N TYR C 291 8.85 39.77 -27.68
CA TYR C 291 9.65 40.70 -28.49
C TYR C 291 10.32 39.97 -29.64
N ILE C 292 10.88 38.79 -29.36
CA ILE C 292 11.58 38.04 -30.40
C ILE C 292 10.60 37.63 -31.49
N LYS C 293 9.46 37.08 -31.10
CA LYS C 293 8.50 36.59 -32.09
C LYS C 293 7.78 37.72 -32.80
N GLN C 294 7.91 38.96 -32.31
CA GLN C 294 7.39 40.08 -33.08
C GLN C 294 8.43 40.62 -34.06
N LYS C 295 9.62 40.96 -33.57
CA LYS C 295 10.61 41.58 -34.46
C LYS C 295 11.19 40.59 -35.47
N TYR C 296 11.45 39.34 -35.07
CA TYR C 296 12.09 38.35 -35.94
C TYR C 296 11.22 37.09 -35.97
N PRO C 297 10.12 37.12 -36.73
CA PRO C 297 9.28 35.92 -36.83
C PRO C 297 10.01 34.70 -37.37
N HIS C 298 11.07 34.88 -38.16
CA HIS C 298 11.78 33.77 -38.77
C HIS C 298 12.83 33.14 -37.86
N LEU C 299 12.98 33.65 -36.64
CA LEU C 299 14.03 33.17 -35.74
C LEU C 299 13.43 32.21 -34.72
N GLN C 300 14.09 31.08 -34.51
CA GLN C 300 13.65 30.07 -33.55
C GLN C 300 14.21 30.41 -32.19
N VAL C 301 13.34 30.52 -31.19
CA VAL C 301 13.72 30.89 -29.83
C VAL C 301 13.44 29.70 -28.93
N ILE C 302 14.42 29.34 -28.10
CA ILE C 302 14.32 28.21 -27.19
C ILE C 302 14.08 28.72 -25.79
N GLY C 303 13.10 28.14 -25.10
CA GLY C 303 12.69 28.67 -23.82
C GLY C 303 13.74 28.45 -22.74
N GLY C 304 13.46 28.99 -21.56
CA GLY C 304 14.39 28.93 -20.45
C GLY C 304 14.28 27.62 -19.69
N ASN C 305 15.07 27.53 -18.62
CA ASN C 305 15.16 26.31 -17.85
C ASN C 305 13.86 26.07 -17.08
N VAL C 306 13.15 25.00 -17.44
CA VAL C 306 11.93 24.60 -16.77
C VAL C 306 12.04 23.14 -16.37
N VAL C 307 11.47 22.81 -15.22
CA VAL C 307 11.58 21.44 -14.66
C VAL C 307 10.16 20.90 -14.45
N THR C 308 9.10 21.70 -14.70
CA THR C 308 7.73 21.33 -14.39
C THR C 308 6.76 21.62 -15.53
N ALA C 309 5.63 20.91 -15.52
CA ALA C 309 4.61 21.14 -16.53
C ALA C 309 4.02 22.54 -16.43
N ALA C 310 3.80 23.01 -15.21
CA ALA C 310 3.27 24.36 -15.03
C ALA C 310 4.22 25.40 -15.61
N GLN C 311 5.53 25.25 -15.36
CA GLN C 311 6.50 26.17 -15.95
C GLN C 311 6.50 26.05 -17.47
N ALA C 312 6.41 24.84 -18.00
CA ALA C 312 6.47 24.64 -19.43
C ALA C 312 5.27 25.25 -20.14
N LYS C 313 4.10 25.24 -19.49
CA LYS C 313 2.88 25.63 -20.17
C LYS C 313 2.93 27.07 -20.66
N ASN C 314 3.27 28.00 -19.77
CA ASN C 314 3.24 29.40 -20.17
C ASN C 314 4.36 29.76 -21.13
N LEU C 315 5.52 29.11 -21.06
CA LEU C 315 6.51 29.29 -22.11
C LEU C 315 6.00 28.78 -23.46
N ILE C 316 5.34 27.62 -23.47
CA ILE C 316 4.76 27.12 -24.71
C ILE C 316 3.75 28.13 -25.27
N ASP C 317 2.91 28.68 -24.39
CA ASP C 317 1.95 29.68 -24.83
C ASP C 317 2.65 30.92 -25.38
N ALA C 318 3.72 31.36 -24.72
CA ALA C 318 4.50 32.47 -25.23
C ALA C 318 5.02 32.16 -26.63
N GLY C 319 5.32 30.90 -26.90
CA GLY C 319 5.67 30.49 -28.25
C GLY C 319 7.12 30.09 -28.42
N VAL C 320 7.71 29.49 -27.40
CA VAL C 320 9.06 28.96 -27.54
C VAL C 320 9.03 27.74 -28.44
N ASP C 321 9.90 27.73 -29.45
CA ASP C 321 10.00 26.61 -30.36
C ASP C 321 10.73 25.42 -29.76
N GLY C 322 11.33 25.58 -28.59
CA GLY C 322 11.97 24.48 -27.91
C GLY C 322 12.01 24.76 -26.42
N LEU C 323 12.46 23.77 -25.68
CA LEU C 323 12.53 23.87 -24.23
C LEU C 323 13.80 23.27 -23.64
N ARG C 324 14.37 23.98 -22.68
CA ARG C 324 15.56 23.52 -21.97
C ARG C 324 15.12 23.05 -20.59
N VAL C 325 15.39 21.79 -20.27
CA VAL C 325 14.91 21.16 -19.06
C VAL C 325 16.10 20.84 -18.16
N GLY C 326 15.97 21.19 -16.88
CA GLY C 326 16.99 20.90 -15.90
C GLY C 326 17.32 22.11 -15.07
N MET C 327 17.45 21.94 -13.76
CA MET C 327 17.75 23.05 -12.86
C MET C 327 18.36 22.50 -11.58
N GLY C 328 19.61 22.88 -11.31
CA GLY C 328 20.28 22.49 -10.09
C GLY C 328 21.10 21.22 -10.16
N CYS C 329 21.17 20.57 -11.32
CA CYS C 329 21.87 19.29 -11.44
C CYS C 329 23.15 19.38 -12.26
N GLY C 330 23.62 20.59 -12.57
CA GLY C 330 24.84 20.72 -13.34
C GLY C 330 26.06 20.28 -12.55
N SER C 331 27.10 19.89 -13.29
CA SER C 331 28.36 19.54 -12.65
C SER C 331 28.96 20.74 -11.92
N ILE C 332 28.90 21.92 -12.54
CA ILE C 332 29.48 23.13 -11.99
C ILE C 332 28.45 23.97 -11.25
N CYS C 333 27.31 23.39 -10.88
CA CYS C 333 26.18 24.14 -10.36
C CYS C 333 26.09 23.97 -8.85
N ILE C 334 25.94 25.09 -8.15
CA ILE C 334 25.73 25.12 -6.71
C ILE C 334 24.35 25.65 -6.34
N THR C 335 23.42 25.67 -7.29
CA THR C 335 22.11 26.28 -7.07
C THR C 335 21.33 25.53 -6.00
N GLN C 336 21.39 24.20 -6.01
CA GLN C 336 20.63 23.44 -5.03
C GLN C 336 21.03 23.77 -3.60
N GLU C 337 22.28 24.22 -3.39
CA GLU C 337 22.75 24.61 -2.07
C GLU C 337 22.55 26.09 -1.77
N VAL C 338 22.77 26.98 -2.75
CA VAL C 338 22.52 28.40 -2.54
C VAL C 338 21.03 28.70 -2.39
N MET C 339 20.15 27.87 -2.94
CA MET C 339 18.71 28.00 -2.77
C MET C 339 18.12 26.60 -2.78
N ALA C 340 16.89 26.48 -2.28
CA ALA C 340 16.30 25.17 -2.06
C ALA C 340 15.62 24.61 -3.29
N CYS C 341 15.55 25.35 -4.39
CA CYS C 341 14.76 24.94 -5.53
C CYS C 341 15.54 23.98 -6.43
N GLY C 342 14.80 23.14 -7.14
CA GLY C 342 15.40 22.21 -8.08
C GLY C 342 14.50 21.01 -8.28
N ARG C 343 15.01 20.05 -9.04
CA ARG C 343 14.35 18.78 -9.27
C ARG C 343 15.35 17.79 -9.84
N PRO C 344 15.31 16.51 -9.45
CA PRO C 344 16.22 15.54 -10.04
C PRO C 344 16.03 15.41 -11.54
N GLN C 345 17.14 15.20 -12.24
CA GLN C 345 17.16 15.38 -13.69
C GLN C 345 16.27 14.37 -14.40
N GLY C 346 16.30 13.10 -13.98
CA GLY C 346 15.49 12.10 -14.65
C GLY C 346 14.00 12.40 -14.58
N THR C 347 13.50 12.70 -13.38
CA THR C 347 12.09 13.05 -13.23
C THR C 347 11.76 14.33 -13.98
N ALA C 348 12.63 15.33 -13.90
CA ALA C 348 12.39 16.57 -14.64
C ALA C 348 12.27 16.35 -16.14
N VAL C 349 13.24 15.67 -16.75
CA VAL C 349 13.19 15.47 -18.19
C VAL C 349 11.97 14.64 -18.56
N TYR C 350 11.70 13.56 -17.81
CA TYR C 350 10.54 12.74 -18.15
C TYR C 350 9.26 13.55 -18.11
N LYS C 351 9.05 14.32 -17.03
CA LYS C 351 7.75 14.94 -16.82
C LYS C 351 7.57 16.25 -17.55
N VAL C 352 8.55 16.87 -18.20
CA VAL C 352 8.32 18.05 -19.08
C VAL C 352 8.37 17.49 -20.48
N ALA C 353 9.11 16.43 -20.84
CA ALA C 353 9.04 15.89 -22.18
C ALA C 353 7.81 15.05 -22.47
N GLU C 354 7.15 14.50 -21.46
CA GLU C 354 5.89 13.81 -21.68
C GLU C 354 4.75 14.80 -21.91
N TYR C 355 4.87 16.02 -21.37
CA TYR C 355 3.86 17.05 -21.54
C TYR C 355 4.08 17.84 -22.83
N ALA C 356 5.34 18.20 -23.11
CA ALA C 356 5.64 18.99 -24.30
C ALA C 356 5.26 18.25 -25.57
N ARG C 357 5.49 16.94 -25.61
CA ARG C 357 5.19 16.13 -26.79
C ARG C 357 3.86 16.38 -27.51
N ARG C 358 2.84 16.81 -26.78
CA ARG C 358 1.54 17.06 -27.40
C ARG C 358 1.57 18.27 -28.32
N PHE C 359 2.46 19.22 -28.05
CA PHE C 359 2.56 20.44 -28.83
C PHE C 359 3.72 20.42 -29.81
N GLY C 360 4.53 19.35 -29.81
CA GLY C 360 5.60 19.22 -30.77
C GLY C 360 6.86 19.98 -30.44
N VAL C 361 6.93 20.64 -29.30
CA VAL C 361 8.15 21.37 -28.92
C VAL C 361 9.15 20.37 -28.37
N PRO C 362 10.32 20.21 -28.98
CA PRO C 362 11.31 19.27 -28.42
C PRO C 362 11.91 19.81 -27.13
N ILE C 363 12.65 18.93 -26.45
CA ILE C 363 13.25 19.24 -25.16
C ILE C 363 14.77 19.05 -25.29
N ILE C 364 15.52 19.80 -24.48
CA ILE C 364 16.96 19.70 -24.42
C ILE C 364 17.33 19.45 -22.97
N ALA C 365 17.49 18.19 -22.59
CA ALA C 365 17.86 17.85 -21.22
C ALA C 365 19.33 18.22 -21.00
N ASP C 366 19.57 19.21 -20.15
CA ASP C 366 20.91 19.75 -19.94
C ASP C 366 21.36 19.50 -18.51
N GLY C 367 22.65 19.24 -18.34
CA GLY C 367 23.20 19.01 -17.02
C GLY C 367 23.04 17.58 -16.53
N GLY C 368 24.03 17.09 -15.81
CA GLY C 368 24.01 15.73 -15.30
C GLY C 368 24.57 14.69 -16.24
N ILE C 369 24.82 15.04 -17.49
CA ILE C 369 25.36 14.11 -18.47
C ILE C 369 26.84 13.90 -18.19
N GLN C 370 27.19 12.72 -17.69
CA GLN C 370 28.58 12.36 -17.45
C GLN C 370 29.10 11.27 -18.38
N THR C 371 28.21 10.47 -18.95
CA THR C 371 28.62 9.31 -19.73
C THR C 371 27.63 9.02 -20.84
N VAL C 372 28.05 8.13 -21.74
CA VAL C 372 27.17 7.68 -22.82
C VAL C 372 25.91 7.06 -22.26
N GLY C 373 26.04 6.37 -21.13
CA GLY C 373 24.86 5.81 -20.49
C GLY C 373 23.86 6.87 -20.10
N HIS C 374 24.33 7.99 -19.54
CA HIS C 374 23.42 9.07 -19.22
C HIS C 374 22.84 9.72 -20.47
N VAL C 375 23.63 9.85 -21.53
CA VAL C 375 23.09 10.42 -22.77
C VAL C 375 21.94 9.58 -23.29
N VAL C 376 22.15 8.25 -23.35
CA VAL C 376 21.10 7.38 -23.87
C VAL C 376 19.91 7.31 -22.92
N LYS C 377 20.16 7.35 -21.61
CA LYS C 377 19.06 7.38 -20.65
C LYS C 377 18.21 8.63 -20.85
N ALA C 378 18.85 9.78 -21.03
CA ALA C 378 18.10 11.01 -21.31
C ALA C 378 17.34 10.98 -22.61
N LEU C 379 17.92 10.40 -23.67
CA LEU C 379 17.17 10.30 -24.93
C LEU C 379 16.06 9.26 -24.86
N ALA C 380 16.14 8.32 -23.91
CA ALA C 380 15.07 7.33 -23.78
C ALA C 380 13.86 7.90 -23.08
N LEU C 381 14.05 8.94 -22.27
CA LEU C 381 12.97 9.46 -21.44
C LEU C 381 12.18 10.56 -22.12
N GLY C 382 12.45 10.87 -23.39
CA GLY C 382 11.69 11.85 -24.13
C GLY C 382 12.46 13.08 -24.54
N ALA C 383 13.69 13.24 -24.07
CA ALA C 383 14.48 14.39 -24.47
C ALA C 383 14.94 14.25 -25.91
N SER C 384 14.49 15.17 -26.77
CA SER C 384 14.86 15.09 -28.18
C SER C 384 16.36 15.25 -28.37
N THR C 385 16.98 16.15 -27.61
CA THR C 385 18.41 16.41 -27.72
C THR C 385 18.98 16.51 -26.31
N VAL C 386 20.29 16.32 -26.20
CA VAL C 386 21.00 16.37 -24.92
C VAL C 386 22.15 17.34 -25.05
N MET C 387 22.25 18.28 -24.12
CA MET C 387 23.25 19.33 -24.17
C MET C 387 24.27 19.12 -23.06
N MET C 388 25.55 19.15 -23.43
CA MET C 388 26.64 18.77 -22.56
C MET C 388 27.35 20.01 -22.02
N GLY C 389 27.89 19.86 -20.81
CA GLY C 389 28.76 20.85 -20.21
C GLY C 389 30.16 20.30 -20.03
N SER C 390 30.44 19.83 -18.82
CA SER C 390 31.79 19.37 -18.47
C SER C 390 32.33 18.33 -19.45
N LEU C 391 31.45 17.51 -20.04
CA LEU C 391 31.93 16.46 -20.93
C LEU C 391 32.79 17.02 -22.05
N LEU C 392 32.54 18.26 -22.47
CA LEU C 392 33.27 18.90 -23.56
C LEU C 392 34.12 20.07 -23.12
N ALA C 393 34.28 20.29 -21.81
CA ALA C 393 34.95 21.49 -21.33
C ALA C 393 36.45 21.49 -21.61
N ALA C 394 37.12 20.35 -21.46
CA ALA C 394 38.56 20.23 -21.69
C ALA C 394 38.76 19.49 -23.01
N THR C 395 39.03 20.24 -24.07
CA THR C 395 39.22 19.68 -25.39
C THR C 395 40.06 20.67 -26.19
N THR C 396 40.65 20.19 -27.28
CA THR C 396 41.50 21.06 -28.09
C THR C 396 40.72 22.26 -28.61
N GLU C 397 39.40 22.13 -28.74
CA GLU C 397 38.58 23.22 -29.27
C GLU C 397 37.98 24.10 -28.18
N ALA C 398 38.19 23.79 -26.91
CA ALA C 398 37.61 24.58 -25.85
C ALA C 398 38.44 25.83 -25.58
N PRO C 399 37.83 26.90 -25.06
CA PRO C 399 38.57 28.16 -24.86
C PRO C 399 39.65 28.06 -23.79
N GLY C 400 40.69 28.87 -23.91
CA GLY C 400 41.66 28.99 -22.83
C GLY C 400 42.96 28.28 -23.14
N GLU C 401 43.65 27.86 -22.08
CA GLU C 401 44.93 27.17 -22.20
C GLU C 401 45.10 26.23 -21.02
N TYR C 402 46.04 25.30 -21.17
CA TYR C 402 46.18 24.18 -20.24
C TYR C 402 47.14 24.51 -19.10
N PHE C 403 47.11 23.68 -18.07
CA PHE C 403 48.10 23.69 -17.01
C PHE C 403 48.78 22.34 -16.91
N PHE C 404 49.92 22.31 -16.21
CA PHE C 404 50.58 21.05 -15.84
C PHE C 404 51.83 21.33 -15.02
N ARG C 414 34.58 26.46 -15.29
CA ARG C 414 34.04 27.66 -14.64
C ARG C 414 32.58 27.86 -15.01
N GLY C 415 31.70 27.72 -14.02
CA GLY C 415 30.30 28.04 -14.23
C GLY C 415 30.12 29.51 -14.58
N MET C 416 29.19 29.77 -15.50
CA MET C 416 29.02 31.13 -15.99
C MET C 416 28.39 32.06 -14.96
N GLY C 417 27.95 31.52 -13.82
CA GLY C 417 27.49 32.35 -12.72
C GLY C 417 28.37 32.16 -11.50
N SER C 418 29.65 31.87 -11.72
CA SER C 418 30.59 31.52 -10.66
C SER C 418 31.42 32.70 -10.19
N LEU C 419 31.13 33.91 -10.67
CA LEU C 419 31.89 35.10 -10.28
C LEU C 419 33.36 34.97 -10.69
N LYS C 440 26.65 39.16 -7.45
CA LYS C 440 26.45 39.46 -6.03
C LYS C 440 26.42 38.20 -5.20
N ILE C 441 26.16 37.06 -5.83
CA ILE C 441 26.15 35.76 -5.16
C ILE C 441 26.70 34.72 -6.12
N ALA C 442 27.45 33.76 -5.57
CA ALA C 442 28.09 32.74 -6.39
C ALA C 442 27.08 31.67 -6.79
N GLN C 443 26.83 31.55 -8.08
CA GLN C 443 25.97 30.50 -8.62
C GLN C 443 26.76 29.34 -9.20
N GLY C 444 28.09 29.42 -9.24
CA GLY C 444 28.87 28.40 -9.89
C GLY C 444 30.17 28.14 -9.17
N VAL C 445 31.11 27.56 -9.91
CA VAL C 445 32.38 27.09 -9.38
C VAL C 445 33.40 27.06 -10.51
N SER C 446 34.67 27.21 -10.15
CA SER C 446 35.76 27.16 -11.11
C SER C 446 36.50 25.84 -10.95
N GLY C 447 36.49 25.01 -12.00
CA GLY C 447 37.02 23.68 -11.94
C GLY C 447 38.22 23.46 -12.86
N SER C 448 38.56 22.19 -13.03
CA SER C 448 39.64 21.78 -13.92
C SER C 448 39.38 20.36 -14.38
N ILE C 449 39.74 20.05 -15.62
CA ILE C 449 39.46 18.75 -16.22
C ILE C 449 40.70 18.27 -16.98
N GLN C 450 40.79 16.94 -17.17
CA GLN C 450 41.98 16.24 -17.64
C GLN C 450 42.30 16.43 -19.13
N ASP C 451 41.66 17.28 -19.93
CA ASP C 451 41.97 17.37 -21.35
C ASP C 451 41.58 16.09 -22.07
N LYS C 452 40.92 16.22 -23.23
CA LYS C 452 40.40 15.04 -23.93
C LYS C 452 40.57 15.12 -25.45
N GLY C 453 41.72 15.60 -25.94
CA GLY C 453 41.92 15.59 -27.36
C GLY C 453 41.05 16.61 -28.09
N SER C 454 40.57 16.20 -29.26
CA SER C 454 39.80 17.08 -30.12
C SER C 454 38.37 16.55 -30.30
N ILE C 455 37.46 17.48 -30.60
CA ILE C 455 36.08 17.10 -30.85
C ILE C 455 35.99 16.18 -32.07
N GLN C 456 36.72 16.52 -33.14
CA GLN C 456 36.61 15.76 -34.37
C GLN C 456 37.11 14.33 -34.23
N LYS C 457 37.81 14.02 -33.14
CA LYS C 457 38.25 12.66 -32.86
C LYS C 457 37.53 12.06 -31.67
N PHE C 458 36.78 12.88 -30.92
CA PHE C 458 36.14 12.42 -29.69
C PHE C 458 34.66 12.16 -29.89
N VAL C 459 33.98 13.02 -30.66
CA VAL C 459 32.54 12.86 -30.86
C VAL C 459 32.21 11.53 -31.53
N PRO C 460 32.93 11.09 -32.58
CA PRO C 460 32.55 9.81 -33.20
C PRO C 460 32.47 8.65 -32.23
N TYR C 461 33.35 8.61 -31.23
CA TYR C 461 33.21 7.64 -30.15
C TYR C 461 31.90 7.83 -29.41
N LEU C 462 31.50 9.08 -29.18
CA LEU C 462 30.28 9.37 -28.44
C LEU C 462 29.04 9.01 -29.26
N ILE C 463 29.14 9.03 -30.58
CA ILE C 463 28.07 8.57 -31.45
C ILE C 463 28.00 7.05 -31.46
N ALA C 464 29.16 6.39 -31.57
CA ALA C 464 29.19 4.94 -31.62
C ALA C 464 28.67 4.34 -30.32
N GLY C 465 29.01 4.95 -29.20
CA GLY C 465 28.47 4.48 -27.92
C GLY C 465 26.96 4.53 -27.89
N ILE C 466 26.37 5.63 -28.39
CA ILE C 466 24.92 5.74 -28.43
C ILE C 466 24.33 4.68 -29.34
N GLN C 467 24.94 4.48 -30.51
CA GLN C 467 24.43 3.49 -31.45
C GLN C 467 24.45 2.10 -30.83
N HIS C 468 25.55 1.74 -30.17
CA HIS C 468 25.63 0.41 -29.56
C HIS C 468 24.65 0.27 -28.41
N GLY C 469 24.46 1.32 -27.63
CA GLY C 469 23.48 1.26 -26.55
C GLY C 469 22.05 1.09 -27.03
N CYS C 470 21.67 1.73 -28.13
CA CYS C 470 20.34 1.51 -28.69
C CYS C 470 20.23 0.15 -29.37
N GLN C 471 21.31 -0.32 -30.01
CA GLN C 471 21.30 -1.62 -30.67
C GLN C 471 21.13 -2.73 -29.65
N ASP C 472 21.77 -2.60 -28.48
CA ASP C 472 21.58 -3.59 -27.42
C ASP C 472 20.17 -3.59 -26.88
N ILE C 473 19.36 -2.57 -27.19
CA ILE C 473 17.99 -2.51 -26.73
C ILE C 473 17.02 -2.96 -27.80
N GLY C 474 17.34 -2.77 -29.07
CA GLY C 474 16.46 -3.17 -30.15
C GLY C 474 15.68 -2.05 -30.77
N ALA C 475 16.18 -0.82 -30.73
CA ALA C 475 15.52 0.33 -31.34
C ALA C 475 16.29 0.73 -32.59
N ARG C 476 15.60 0.77 -33.74
CA ARG C 476 16.25 1.12 -34.99
C ARG C 476 16.55 2.61 -35.08
N SER C 477 16.07 3.41 -34.14
CA SER C 477 16.31 4.84 -34.16
C SER C 477 15.85 5.44 -32.85
N LEU C 478 16.26 6.70 -32.60
CA LEU C 478 15.84 7.38 -31.38
C LEU C 478 14.34 7.61 -31.34
N ASP C 479 13.73 7.92 -32.48
CA ASP C 479 12.28 8.10 -32.52
C ASP C 479 11.57 6.81 -32.13
N VAL C 480 12.06 5.68 -32.66
CA VAL C 480 11.48 4.39 -32.30
C VAL C 480 11.71 4.09 -30.82
N LEU C 481 12.87 4.49 -30.29
CA LEU C 481 13.13 4.27 -28.87
C LEU C 481 12.15 5.04 -28.00
N ARG C 482 11.90 6.31 -28.34
CA ARG C 482 10.96 7.09 -27.54
C ARG C 482 9.52 6.61 -27.73
N SER C 483 9.16 6.16 -28.93
CA SER C 483 7.85 5.55 -29.12
C SER C 483 7.71 4.29 -28.28
N MET C 484 8.77 3.49 -28.19
CA MET C 484 8.76 2.32 -27.33
C MET C 484 8.57 2.71 -25.87
N MET C 485 9.25 3.75 -25.43
CA MET C 485 9.07 4.22 -24.06
C MET C 485 7.64 4.66 -23.81
N TYR C 486 7.06 5.40 -24.75
CA TYR C 486 5.67 5.84 -24.62
C TYR C 486 4.62 4.72 -24.65
N SER C 487 4.75 3.73 -25.52
CA SER C 487 3.76 2.67 -25.63
C SER C 487 3.83 1.67 -24.49
N GLY C 488 4.95 1.62 -23.76
CA GLY C 488 5.12 0.68 -22.68
C GLY C 488 5.95 -0.54 -23.01
N GLU C 489 6.51 -0.61 -24.22
CA GLU C 489 7.30 -1.78 -24.62
C GLU C 489 8.67 -1.79 -23.95
N LEU C 490 9.27 -0.62 -23.78
CA LEU C 490 10.61 -0.52 -23.20
C LEU C 490 10.46 -0.34 -21.69
N LYS C 491 11.07 -1.24 -20.93
CA LYS C 491 10.83 -1.36 -19.50
C LYS C 491 12.09 -1.11 -18.70
N PHE C 492 11.91 -0.52 -17.52
CA PHE C 492 13.00 -0.05 -16.68
C PHE C 492 13.07 -0.88 -15.41
N GLU C 493 14.25 -0.87 -14.79
CA GLU C 493 14.48 -1.55 -13.52
C GLU C 493 15.19 -0.59 -12.58
N LYS C 494 14.75 -0.55 -11.33
CA LYS C 494 15.39 0.31 -10.35
C LYS C 494 16.73 -0.27 -9.91
N ARG C 495 17.62 0.61 -9.45
CA ARG C 495 19.02 0.28 -9.22
C ARG C 495 19.44 0.86 -7.88
N THR C 496 19.28 0.06 -6.82
CA THR C 496 19.67 0.51 -5.49
C THR C 496 21.19 0.67 -5.40
N MET C 497 21.65 1.16 -4.25
CA MET C 497 23.06 1.51 -4.12
C MET C 497 23.97 0.30 -4.30
N SER C 498 23.59 -0.84 -3.71
CA SER C 498 24.39 -2.05 -3.87
C SER C 498 24.36 -2.57 -5.30
N ALA C 499 23.46 -2.08 -6.14
CA ALA C 499 23.49 -2.35 -7.57
C ALA C 499 24.22 -1.27 -8.35
N GLN C 500 24.37 -0.08 -7.76
CA GLN C 500 25.17 0.97 -8.38
C GLN C 500 26.65 0.70 -8.23
N ILE C 501 27.05 0.10 -7.10
CA ILE C 501 28.45 -0.19 -6.86
C ILE C 501 28.98 -1.27 -7.81
N GLU C 502 28.11 -1.85 -8.64
CA GLU C 502 28.51 -2.92 -9.55
C GLU C 502 28.92 -2.39 -10.92
N GLY C 503 29.43 -1.16 -10.96
CA GLY C 503 30.03 -0.65 -12.17
C GLY C 503 31.49 -1.01 -12.21
N GLY C 504 32.37 -0.01 -12.11
CA GLY C 504 33.79 -0.27 -11.95
C GLY C 504 34.08 -0.76 -10.55
N VAL C 505 33.66 -1.99 -10.25
CA VAL C 505 33.71 -2.50 -8.88
C VAL C 505 35.14 -2.42 -8.35
N HIS C 506 35.27 -2.30 -7.04
CA HIS C 506 36.55 -2.04 -6.40
C HIS C 506 37.35 -3.32 -6.16
N GLY C 507 37.01 -4.39 -6.88
CA GLY C 507 37.78 -5.62 -6.75
C GLY C 507 39.22 -5.47 -7.19
N LEU C 508 39.52 -4.43 -7.95
CA LEU C 508 40.86 -4.24 -8.50
C LEU C 508 41.69 -3.34 -7.59
N HIS C 509 43.01 -3.40 -7.77
CA HIS C 509 43.91 -2.57 -6.99
C HIS C 509 44.15 -1.23 -7.68
N SER C 510 44.41 -1.26 -8.98
CA SER C 510 44.57 -0.06 -9.79
C SER C 510 44.18 -0.42 -11.21
N TYR C 511 43.94 0.59 -12.04
CA TYR C 511 43.54 0.30 -13.41
C TYR C 511 43.63 1.55 -14.29
N THR C 512 43.45 1.31 -15.59
CA THR C 512 43.38 2.34 -16.61
C THR C 512 42.16 2.09 -17.48
N PHE C 513 41.64 3.14 -18.11
CA PHE C 513 40.41 2.99 -18.90
C PHE C 513 40.71 2.86 -20.39
N LEU C 514 41.37 3.87 -20.97
CA LEU C 514 41.65 3.90 -22.40
C LEU C 514 40.39 3.66 -23.21
N PRO C 515 39.47 4.64 -23.29
CA PRO C 515 38.42 4.58 -24.30
C PRO C 515 38.98 4.97 -25.65
N PHE C 516 38.53 4.29 -26.71
CA PHE C 516 39.10 4.53 -28.02
C PHE C 516 38.93 5.97 -28.45
N THR C 517 37.85 6.62 -28.01
CA THR C 517 37.66 8.05 -28.25
C THR C 517 37.80 8.39 -29.73
N TYR D 14 -5.22 23.63 -19.03
CA TYR D 14 -5.06 22.78 -17.85
C TYR D 14 -3.72 22.06 -17.86
N VAL D 15 -3.06 22.03 -16.71
CA VAL D 15 -1.73 21.43 -16.57
C VAL D 15 -1.69 20.62 -15.27
N PRO D 16 -1.29 19.35 -15.31
CA PRO D 16 -1.40 18.52 -14.10
C PRO D 16 -0.47 19.00 -12.99
N GLU D 17 -0.87 18.73 -11.75
CA GLU D 17 -0.08 19.10 -10.59
C GLU D 17 1.06 18.10 -10.38
N ASP D 18 2.23 18.63 -10.03
CA ASP D 18 3.42 17.83 -9.83
C ASP D 18 3.98 18.05 -8.43
N GLY D 19 4.40 16.95 -7.80
CA GLY D 19 5.06 17.01 -6.51
C GLY D 19 4.13 16.72 -5.35
N LEU D 20 4.72 16.70 -4.16
CA LEU D 20 4.01 16.40 -2.93
C LEU D 20 3.87 17.66 -2.09
N THR D 21 2.68 17.89 -1.57
CA THR D 21 2.52 18.93 -0.56
C THR D 21 3.36 18.57 0.66
N ALA D 22 3.53 19.52 1.56
CA ALA D 22 4.29 19.24 2.79
C ALA D 22 3.61 18.15 3.59
N GLN D 23 2.29 18.19 3.68
CA GLN D 23 1.55 17.19 4.42
C GLN D 23 1.75 15.81 3.84
N GLN D 24 1.69 15.69 2.51
CA GLN D 24 1.92 14.41 1.85
C GLN D 24 3.35 13.95 2.05
N LEU D 25 4.31 14.87 1.96
CA LEU D 25 5.72 14.52 2.11
C LEU D 25 6.02 13.99 3.50
N PHE D 26 5.51 14.65 4.53
CA PHE D 26 5.78 14.26 5.91
C PHE D 26 4.83 13.23 6.51
N ALA D 27 3.85 12.75 5.75
CA ALA D 27 2.93 11.75 6.27
C ALA D 27 3.57 10.37 6.35
N SER D 28 4.50 10.08 5.45
CA SER D 28 5.13 8.76 5.41
C SER D 28 5.87 8.42 6.70
N ALA D 29 6.33 9.41 7.46
CA ALA D 29 7.03 9.18 8.71
C ALA D 29 8.30 8.36 8.48
N ASP D 30 9.21 8.92 7.68
CA ASP D 30 10.50 8.31 7.41
C ASP D 30 11.66 9.07 8.02
N GLY D 31 11.44 10.27 8.52
CA GLY D 31 12.50 11.03 9.15
C GLY D 31 13.31 11.90 8.21
N LEU D 32 12.64 12.77 7.46
CA LEU D 32 13.34 13.67 6.55
C LEU D 32 14.11 14.79 7.26
N THR D 33 15.22 15.20 6.65
CA THR D 33 15.96 16.38 7.08
C THR D 33 16.02 17.37 5.93
N TYR D 34 16.74 18.47 6.14
CA TYR D 34 16.81 19.51 5.12
C TYR D 34 17.46 18.99 3.84
N ASN D 35 18.42 18.07 3.95
CA ASN D 35 19.13 17.57 2.77
C ASN D 35 18.37 16.44 2.09
N ASP D 36 17.08 16.29 2.36
CA ASP D 36 16.33 15.13 1.91
C ASP D 36 15.08 15.49 1.11
N PHE D 37 14.98 16.72 0.63
CA PHE D 37 13.85 17.12 -0.20
C PHE D 37 14.14 18.48 -0.83
N LEU D 38 13.27 18.87 -1.76
CA LEU D 38 13.41 20.10 -2.51
C LEU D 38 12.04 20.76 -2.66
N ILE D 39 12.06 22.05 -3.01
CA ILE D 39 10.85 22.81 -3.27
C ILE D 39 10.80 23.14 -4.76
N LEU D 40 9.72 22.75 -5.42
CA LEU D 40 9.62 23.00 -6.85
C LEU D 40 9.32 24.48 -7.10
N PRO D 41 9.83 25.05 -8.19
CA PRO D 41 9.70 26.49 -8.41
C PRO D 41 8.29 26.89 -8.80
N GLY D 42 8.09 28.20 -8.92
CA GLY D 42 6.80 28.76 -9.27
C GLY D 42 6.86 29.84 -10.33
N PHE D 43 6.31 31.01 -10.03
CA PHE D 43 6.18 32.11 -10.97
C PHE D 43 6.85 33.34 -10.40
N ILE D 44 7.60 34.06 -11.23
CA ILE D 44 8.36 35.22 -10.80
C ILE D 44 7.74 36.45 -11.46
N ASP D 45 7.20 37.37 -10.65
CA ASP D 45 6.75 38.66 -11.17
C ASP D 45 7.18 39.80 -10.28
N PHE D 46 8.40 39.74 -9.74
CA PHE D 46 8.89 40.82 -8.88
C PHE D 46 10.40 40.70 -8.73
N ILE D 47 11.03 41.85 -8.54
CA ILE D 47 12.47 41.87 -8.29
C ILE D 47 12.75 41.21 -6.95
N ALA D 48 13.94 40.64 -6.82
CA ALA D 48 14.28 39.92 -5.60
C ALA D 48 14.27 40.84 -4.38
N ASP D 49 14.80 42.05 -4.52
CA ASP D 49 14.90 42.95 -3.38
C ASP D 49 13.54 43.28 -2.78
N GLU D 50 12.45 43.12 -3.55
CA GLU D 50 11.13 43.45 -3.04
C GLU D 50 10.67 42.50 -1.94
N VAL D 51 11.23 41.29 -1.87
CA VAL D 51 10.80 40.33 -0.86
C VAL D 51 10.99 40.93 0.53
N ASP D 52 10.05 40.63 1.42
CA ASP D 52 10.04 41.18 2.77
C ASP D 52 10.21 40.04 3.77
N LEU D 53 11.17 40.19 4.68
CA LEU D 53 11.57 39.12 5.59
C LEU D 53 11.14 39.36 7.03
N THR D 54 10.26 40.31 7.29
CA THR D 54 9.86 40.59 8.67
C THR D 54 9.35 39.31 9.33
N SER D 55 10.06 38.87 10.37
CA SER D 55 9.76 37.63 11.06
C SER D 55 9.50 37.91 12.53
N ALA D 56 8.75 37.01 13.17
CA ALA D 56 8.36 37.20 14.56
C ALA D 56 9.22 36.34 15.47
N LEU D 57 9.94 36.97 16.40
CA LEU D 57 10.75 36.23 17.34
C LEU D 57 9.88 35.59 18.42
N THR D 58 9.17 36.41 19.20
CA THR D 58 8.15 35.93 20.12
C THR D 58 6.88 36.71 19.86
N ARG D 59 5.89 36.53 20.74
CA ARG D 59 4.57 37.08 20.49
C ARG D 59 4.52 38.60 20.62
N LYS D 60 5.60 39.25 21.06
CA LYS D 60 5.66 40.70 21.12
C LYS D 60 6.95 41.28 20.55
N ILE D 61 7.75 40.49 19.85
CA ILE D 61 8.96 40.97 19.21
C ILE D 61 8.95 40.52 17.76
N THR D 62 9.07 41.47 16.84
CA THR D 62 9.11 41.21 15.40
C THR D 62 10.45 41.69 14.88
N LEU D 63 11.21 40.79 14.25
CA LEU D 63 12.50 41.13 13.70
C LEU D 63 12.39 41.34 12.20
N LYS D 64 13.18 42.30 11.70
CA LYS D 64 13.20 42.56 10.27
C LYS D 64 13.95 41.50 9.47
N THR D 65 14.65 40.60 10.14
CA THR D 65 15.26 39.45 9.49
C THR D 65 15.16 38.26 10.45
N PRO D 66 15.11 37.03 9.91
CA PRO D 66 14.91 35.87 10.78
C PRO D 66 16.19 35.28 11.35
N LEU D 67 17.32 35.97 11.29
CA LEU D 67 18.59 35.41 11.70
C LEU D 67 18.77 35.57 13.21
N ILE D 68 19.21 34.51 13.87
CA ILE D 68 19.51 34.50 15.29
C ILE D 68 20.84 33.80 15.48
N SER D 69 21.63 34.29 16.44
CA SER D 69 22.90 33.65 16.80
C SER D 69 22.70 32.83 18.07
N SER D 70 23.11 31.57 18.03
CA SER D 70 22.81 30.67 19.14
C SER D 70 23.58 31.09 20.38
N PRO D 71 23.04 30.84 21.58
CA PRO D 71 23.79 31.14 22.80
C PRO D 71 24.84 30.08 23.12
N MET D 72 26.10 30.41 22.91
CA MET D 72 27.20 29.49 23.16
C MET D 72 28.42 30.30 23.59
N ASP D 73 29.39 29.63 24.19
CA ASP D 73 30.58 30.32 24.67
C ASP D 73 31.60 30.59 23.57
N THR D 74 31.36 30.10 22.36
CA THR D 74 32.21 30.39 21.20
C THR D 74 31.50 31.26 20.18
N VAL D 75 30.42 31.94 20.58
CA VAL D 75 29.63 32.77 19.68
C VAL D 75 28.68 33.58 20.56
N THR D 76 28.22 34.74 20.07
CA THR D 76 27.40 35.65 20.86
C THR D 76 28.15 36.17 22.09
N GLU D 77 29.26 36.86 21.82
CA GLU D 77 29.77 37.82 22.78
C GLU D 77 28.87 39.06 22.78
N ALA D 78 29.21 40.02 23.62
CA ALA D 78 28.56 41.33 23.51
C ALA D 78 28.87 41.97 22.16
N ASP D 79 30.12 41.86 21.70
CA ASP D 79 30.54 42.45 20.43
C ASP D 79 29.93 41.77 19.21
N MET D 80 29.31 40.60 19.36
CA MET D 80 28.55 40.00 18.29
C MET D 80 27.06 40.25 18.44
N ALA D 81 26.56 40.31 19.67
CA ALA D 81 25.17 40.68 19.85
C ALA D 81 24.90 42.07 19.29
N ILE D 82 25.80 43.03 19.53
CA ILE D 82 25.66 44.34 18.91
C ILE D 82 25.70 44.23 17.39
N ALA D 83 26.71 43.53 16.86
CA ALA D 83 26.91 43.51 15.41
C ALA D 83 25.85 42.71 14.69
N MET D 84 25.05 41.91 15.41
CA MET D 84 23.95 41.18 14.79
C MET D 84 22.61 41.86 15.02
N ALA D 85 22.44 42.57 16.13
CA ALA D 85 21.26 43.41 16.29
C ALA D 85 21.27 44.58 15.32
N LEU D 86 22.46 45.11 15.01
CA LEU D 86 22.54 46.19 14.04
C LEU D 86 22.02 45.75 12.67
N MET D 87 22.25 44.50 12.30
CA MET D 87 21.87 44.00 10.98
C MET D 87 20.46 43.41 10.96
N GLY D 88 19.62 43.75 11.94
CA GLY D 88 18.24 43.34 11.92
C GLY D 88 17.90 42.13 12.75
N GLY D 89 18.86 41.28 13.06
CA GLY D 89 18.63 40.07 13.83
C GLY D 89 18.69 40.32 15.32
N ILE D 90 18.94 39.24 16.07
CA ILE D 90 19.06 39.30 17.52
C ILE D 90 20.06 38.24 17.94
N GLY D 91 20.73 38.50 19.05
CA GLY D 91 21.72 37.58 19.57
C GLY D 91 21.50 37.30 21.04
N PHE D 92 21.68 36.04 21.42
CA PHE D 92 21.46 35.59 22.79
C PHE D 92 22.81 35.41 23.47
N ILE D 93 23.00 36.08 24.61
CA ILE D 93 24.27 36.04 25.33
C ILE D 93 24.35 34.72 26.08
N HIS D 94 25.43 33.98 25.88
CA HIS D 94 25.58 32.68 26.52
C HIS D 94 25.69 32.84 28.03
N HIS D 95 25.30 31.79 28.74
CA HIS D 95 25.25 31.80 30.20
C HIS D 95 26.32 30.92 30.83
N ASN D 96 27.40 30.62 30.12
CA ASN D 96 28.53 29.91 30.70
C ASN D 96 29.53 30.92 31.27
N CYS D 97 29.07 31.81 32.12
CA CYS D 97 29.92 32.86 32.66
C CYS D 97 29.31 33.38 33.95
N THR D 98 30.10 34.17 34.68
CA THR D 98 29.67 34.73 35.95
C THR D 98 28.42 35.60 35.73
N PRO D 99 27.45 35.58 36.65
CA PRO D 99 26.26 36.43 36.46
C PRO D 99 26.60 37.91 36.27
N GLU D 100 27.59 38.41 37.00
CA GLU D 100 28.04 39.79 36.76
C GLU D 100 28.59 39.95 35.36
N PHE D 101 29.30 38.95 34.85
CA PHE D 101 29.81 39.01 33.48
C PHE D 101 28.67 39.09 32.48
N GLN D 102 27.62 38.28 32.68
CA GLN D 102 26.49 38.33 31.75
C GLN D 102 25.76 39.66 31.83
N ALA D 103 25.58 40.19 33.03
CA ALA D 103 24.95 41.50 33.17
C ALA D 103 25.78 42.57 32.47
N ASN D 104 27.10 42.49 32.59
CA ASN D 104 27.97 43.44 31.90
C ASN D 104 27.83 43.31 30.39
N GLU D 105 27.75 42.07 29.89
CA GLU D 105 27.56 41.88 28.45
C GLU D 105 26.27 42.52 27.98
N VAL D 106 25.18 42.33 28.73
CA VAL D 106 23.90 42.89 28.31
C VAL D 106 23.93 44.42 28.41
N ARG D 107 24.60 44.96 29.43
CA ARG D 107 24.74 46.41 29.52
C ARG D 107 25.46 46.95 28.29
N LYS D 108 26.55 46.30 27.89
CA LYS D 108 27.30 46.78 26.75
C LYS D 108 26.50 46.62 25.46
N VAL D 109 25.63 45.62 25.40
CA VAL D 109 24.77 45.47 24.23
C VAL D 109 23.76 46.60 24.16
N LYS D 110 23.16 46.95 25.30
CA LYS D 110 22.11 47.97 25.31
C LYS D 110 22.68 49.37 25.12
N LYS D 111 23.90 49.62 25.61
CA LYS D 111 24.51 50.95 25.48
C LYS D 111 25.43 51.02 24.26
N PHE D 112 24.83 50.81 23.09
CA PHE D 112 25.54 51.03 21.83
C PHE D 112 24.92 52.21 21.09
N GLU D 113 23.59 52.20 20.97
CA GLU D 113 22.85 53.39 20.57
C GLU D 113 21.70 53.55 21.55
N GLN D 114 21.40 54.81 21.89
CA GLN D 114 20.61 55.10 23.07
C GLN D 114 19.39 55.97 22.84
N GLY D 115 19.43 56.95 21.96
CA GLY D 115 18.39 57.96 21.96
C GLY D 115 18.65 58.92 23.09
N PHE D 116 17.70 59.04 24.02
CA PHE D 116 17.94 59.81 25.23
C PHE D 116 18.93 59.08 26.13
N ILE D 117 20.15 59.59 26.22
CA ILE D 117 21.16 59.03 27.12
C ILE D 117 20.83 59.53 28.52
N THR D 118 20.13 58.70 29.30
CA THR D 118 19.60 59.14 30.58
C THR D 118 20.54 58.92 31.76
N ASP D 119 21.63 58.17 31.58
CA ASP D 119 22.66 57.99 32.60
C ASP D 119 24.03 58.25 32.01
N PRO D 120 24.28 59.47 31.52
CA PRO D 120 25.62 59.80 31.05
C PRO D 120 26.59 59.98 32.21
N VAL D 121 27.87 59.78 31.91
CA VAL D 121 28.91 60.09 32.88
C VAL D 121 29.10 61.60 32.94
N VAL D 122 29.08 62.14 34.15
CA VAL D 122 29.23 63.58 34.36
C VAL D 122 30.26 63.80 35.46
N LEU D 123 30.81 65.02 35.50
CA LEU D 123 31.87 65.35 36.44
C LEU D 123 31.67 66.79 36.93
N SER D 124 32.36 67.10 38.04
CA SER D 124 32.30 68.46 38.56
C SER D 124 33.45 69.30 38.01
N PRO D 125 33.33 70.62 38.01
CA PRO D 125 34.41 71.46 37.46
C PRO D 125 35.74 71.26 38.15
N SER D 126 35.75 70.74 39.38
CA SER D 126 36.97 70.54 40.14
C SER D 126 37.75 69.32 39.69
N HIS D 127 37.21 68.53 38.77
CA HIS D 127 37.96 67.38 38.25
C HIS D 127 39.09 67.85 37.35
N THR D 128 39.83 66.90 36.82
CA THR D 128 41.05 67.18 36.05
C THR D 128 40.99 66.53 34.68
N VAL D 129 41.73 67.14 33.75
CA VAL D 129 41.82 66.60 32.40
C VAL D 129 42.31 65.16 32.44
N GLY D 130 43.17 64.84 33.41
CA GLY D 130 43.53 63.46 33.62
C GLY D 130 42.34 62.59 33.98
N ASP D 131 41.41 63.11 34.78
CA ASP D 131 40.20 62.37 35.10
C ASP D 131 39.34 62.15 33.86
N VAL D 132 39.20 63.18 33.02
CA VAL D 132 38.42 63.03 31.79
C VAL D 132 39.05 61.98 30.89
N LEU D 133 40.38 62.02 30.74
CA LEU D 133 41.07 61.03 29.92
C LEU D 133 40.92 59.64 30.51
N GLU D 134 40.96 59.52 31.83
CA GLU D 134 40.78 58.22 32.47
C GLU D 134 39.39 57.66 32.20
N ALA D 135 38.37 58.51 32.29
CA ALA D 135 37.02 58.04 32.00
C ALA D 135 36.87 57.65 30.53
N LYS D 136 37.50 58.43 29.64
CA LYS D 136 37.52 58.06 28.23
C LYS D 136 38.10 56.67 28.03
N MET D 137 39.29 56.43 28.60
CA MET D 137 39.92 55.12 28.46
C MET D 137 39.07 54.04 29.13
N ARG D 138 38.33 54.39 30.18
CA ARG D 138 37.57 53.40 30.92
C ARG D 138 36.35 52.93 30.13
N HIS D 139 35.62 53.86 29.52
CA HIS D 139 34.36 53.52 28.86
C HIS D 139 34.46 53.65 27.35
N GLY D 140 34.83 54.82 26.83
CA GLY D 140 34.80 55.06 25.41
C GLY D 140 34.16 56.39 25.07
N PHE D 141 33.20 56.81 25.88
CA PHE D 141 32.55 58.10 25.67
C PHE D 141 33.47 59.21 26.14
N SER D 142 33.56 60.27 25.34
CA SER D 142 34.48 61.37 25.61
C SER D 142 33.79 62.69 25.93
N GLY D 143 32.54 62.86 25.50
CA GLY D 143 31.84 64.10 25.73
C GLY D 143 31.18 64.18 27.09
N ILE D 144 31.98 64.20 28.14
CA ILE D 144 31.46 64.19 29.51
C ILE D 144 30.86 65.55 29.83
N PRO D 145 29.57 65.64 30.17
CA PRO D 145 29.02 66.91 30.64
C PRO D 145 29.54 67.24 32.03
N ILE D 146 29.49 68.52 32.37
CA ILE D 146 30.00 69.02 33.64
C ILE D 146 28.86 69.72 34.37
N THR D 147 28.68 69.38 35.65
CA THR D 147 27.67 69.98 36.51
C THR D 147 28.30 70.35 37.85
N GLU D 148 27.71 71.35 38.51
CA GLU D 148 28.32 71.91 39.72
C GLU D 148 28.64 70.83 40.74
N THR D 149 27.70 69.92 40.98
CA THR D 149 27.88 68.87 41.97
C THR D 149 28.46 67.60 41.36
N GLY D 150 28.76 67.59 40.07
CA GLY D 150 29.23 66.38 39.43
C GLY D 150 28.22 65.26 39.37
N THR D 151 26.95 65.60 39.14
CA THR D 151 25.90 64.59 39.03
C THR D 151 24.76 65.18 38.21
N MET D 152 23.75 64.34 37.96
CA MET D 152 22.62 64.78 37.14
C MET D 152 21.83 65.88 37.83
N GLY D 153 21.65 65.79 39.14
CA GLY D 153 20.89 66.79 39.87
C GLY D 153 21.70 68.02 40.20
N SER D 154 21.94 68.88 39.22
CA SER D 154 22.68 70.11 39.46
C SER D 154 22.61 70.99 38.22
N LYS D 155 23.03 72.24 38.39
CA LYS D 155 23.09 73.16 37.27
C LYS D 155 24.07 72.66 36.23
N LEU D 156 23.72 72.82 34.95
CA LEU D 156 24.60 72.46 33.85
C LEU D 156 25.49 73.64 33.53
N VAL D 157 26.78 73.51 33.86
CA VAL D 157 27.74 74.59 33.65
C VAL D 157 28.50 74.47 32.33
N GLY D 158 28.74 73.26 31.85
CA GLY D 158 29.48 73.11 30.60
C GLY D 158 29.69 71.64 30.27
N ILE D 159 30.44 71.43 29.20
CA ILE D 159 30.73 70.09 28.67
C ILE D 159 32.17 70.04 28.20
N VAL D 160 32.78 68.86 28.30
CA VAL D 160 34.14 68.63 27.85
C VAL D 160 34.13 67.45 26.90
N THR D 161 34.78 67.60 25.76
CA THR D 161 34.76 66.59 24.70
C THR D 161 36.18 66.34 24.22
N SER D 162 36.31 65.40 23.28
CA SER D 162 37.63 65.07 22.76
C SER D 162 38.29 66.27 22.07
N ARG D 163 37.51 67.05 21.32
CA ARG D 163 38.08 68.21 20.64
C ARG D 163 38.65 69.22 21.63
N ASP D 164 38.25 69.16 22.90
CA ASP D 164 38.81 70.03 23.92
C ASP D 164 40.13 69.50 24.49
N ILE D 165 40.52 68.28 24.15
CA ILE D 165 41.65 67.62 24.80
C ILE D 165 42.65 67.12 23.76
N ASP D 166 42.72 67.77 22.60
CA ASP D 166 43.69 67.42 21.58
C ASP D 166 45.04 68.07 21.88
N PHE D 167 45.62 67.67 23.00
CA PHE D 167 46.93 68.17 23.41
C PHE D 167 48.01 67.55 22.54
N ASP D 172 50.33 69.05 32.59
CA ASP D 172 49.27 69.49 31.70
C ASP D 172 47.97 68.78 32.03
N HIS D 173 48.07 67.54 32.49
CA HIS D 173 46.88 66.78 32.88
C HIS D 173 46.35 67.18 34.24
N THR D 174 47.07 68.03 34.97
CA THR D 174 46.61 68.46 36.28
C THR D 174 45.64 69.63 36.20
N THR D 175 45.51 70.26 35.03
CA THR D 175 44.63 71.42 34.90
C THR D 175 43.18 71.02 35.15
N LEU D 176 42.44 71.87 35.85
CA LEU D 176 41.04 71.59 36.15
C LEU D 176 40.18 71.72 34.91
N LEU D 177 38.96 71.17 35.00
CA LEU D 177 38.05 71.22 33.85
C LEU D 177 37.54 72.62 33.58
N SER D 178 37.57 73.51 34.58
CA SER D 178 37.09 74.86 34.34
C SER D 178 37.93 75.59 33.30
N GLU D 179 39.18 75.17 33.10
CA GLU D 179 40.05 75.84 32.13
C GLU D 179 39.87 75.31 30.72
N VAL D 180 39.15 74.21 30.53
CA VAL D 180 38.96 73.59 29.22
C VAL D 180 37.50 73.43 28.84
N MET D 181 36.57 73.70 29.75
CA MET D 181 35.15 73.58 29.45
C MET D 181 34.76 74.60 28.37
N THR D 182 33.75 74.25 27.56
CA THR D 182 32.99 75.25 26.83
C THR D 182 31.86 75.74 27.73
N PRO D 183 31.86 77.01 28.19
CA PRO D 183 30.95 77.43 29.24
C PRO D 183 29.49 77.43 28.82
N ARG D 184 28.57 77.60 29.77
CA ARG D 184 27.14 77.58 29.50
C ARG D 184 26.67 78.83 28.76
N ILE D 185 27.39 79.95 28.94
CA ILE D 185 27.07 81.17 28.21
C ILE D 185 27.11 80.93 26.70
N GLU D 186 27.89 79.93 26.26
CA GLU D 186 28.07 79.66 24.84
C GLU D 186 27.23 78.47 24.37
N LEU D 187 26.90 77.54 25.26
CA LEU D 187 26.22 76.32 24.84
C LEU D 187 24.88 76.61 24.19
N VAL D 188 24.53 75.78 23.20
CA VAL D 188 23.21 75.77 22.61
C VAL D 188 22.48 74.54 23.15
N VAL D 189 21.40 74.78 23.90
CA VAL D 189 20.73 73.73 24.65
C VAL D 189 19.25 73.78 24.35
N ALA D 190 18.58 72.64 24.52
CA ALA D 190 17.16 72.53 24.29
C ALA D 190 16.42 72.34 25.62
N PRO D 191 15.29 73.01 25.81
CA PRO D 191 14.56 72.86 27.07
C PRO D 191 14.01 71.45 27.22
N ALA D 192 13.98 70.97 28.45
CA ALA D 192 13.52 69.61 28.70
C ALA D 192 12.00 69.53 28.49
N GLY D 193 11.52 68.30 28.35
CA GLY D 193 10.12 68.06 28.08
C GLY D 193 9.74 68.09 26.62
N VAL D 194 10.68 68.46 25.74
CA VAL D 194 10.39 68.48 24.31
C VAL D 194 10.46 67.06 23.76
N THR D 195 9.58 66.75 22.82
CA THR D 195 9.58 65.45 22.18
C THR D 195 10.94 65.18 21.52
N LEU D 196 11.16 63.92 21.15
CA LEU D 196 12.44 63.54 20.57
C LEU D 196 12.64 64.26 19.23
N LYS D 197 11.60 64.34 18.41
CA LYS D 197 11.75 64.94 17.09
C LYS D 197 12.27 66.37 17.19
N GLU D 198 11.62 67.20 18.01
CA GLU D 198 12.05 68.59 18.13
C GLU D 198 13.47 68.68 18.70
N ALA D 199 13.82 67.77 19.62
CA ALA D 199 15.18 67.76 20.15
C ALA D 199 16.20 67.52 19.03
N ASN D 200 15.92 66.55 18.16
CA ASN D 200 16.77 66.32 17.00
C ASN D 200 16.80 67.54 16.09
N GLU D 201 15.66 68.18 15.88
CA GLU D 201 15.65 69.37 15.01
C GLU D 201 16.60 70.43 15.53
N ILE D 202 16.50 70.76 16.83
CA ILE D 202 17.35 71.82 17.35
C ILE D 202 18.81 71.34 17.35
N LEU D 203 19.04 70.05 17.53
CA LEU D 203 20.40 69.52 17.42
C LEU D 203 20.97 69.74 16.03
N GLN D 204 20.18 69.46 15.00
CA GLN D 204 20.69 69.48 13.64
C GLN D 204 20.83 70.91 13.11
N ARG D 205 19.94 71.82 13.50
CA ARG D 205 20.21 73.22 13.17
C ARG D 205 21.44 73.73 13.91
N SER D 206 21.77 73.14 15.06
CA SER D 206 22.89 73.65 15.85
C SER D 206 24.23 73.36 15.18
N LYS D 207 24.33 72.26 14.44
CA LYS D 207 25.57 71.85 13.78
C LYS D 207 26.69 71.59 14.80
N LYS D 208 26.34 71.20 16.02
CA LYS D 208 27.29 70.84 17.04
C LYS D 208 26.95 69.46 17.60
N GLY D 209 27.99 68.76 18.07
CA GLY D 209 27.87 67.34 18.32
C GLY D 209 26.88 66.93 19.39
N LYS D 210 26.91 67.61 20.54
CA LYS D 210 26.09 67.23 21.69
C LYS D 210 25.06 68.30 21.96
N LEU D 211 23.88 67.85 22.41
CA LEU D 211 22.80 68.75 22.80
C LEU D 211 22.27 68.34 24.17
N PRO D 212 22.97 68.70 25.25
CA PRO D 212 22.40 68.48 26.58
C PRO D 212 20.95 68.93 26.65
N ILE D 213 20.23 68.37 27.62
CA ILE D 213 18.84 68.72 27.86
C ILE D 213 18.69 69.15 29.31
N VAL D 214 18.18 70.35 29.54
CA VAL D 214 17.98 70.89 30.88
C VAL D 214 16.53 71.31 31.01
N ASN D 215 16.02 71.24 32.24
CA ASN D 215 14.62 71.59 32.49
C ASN D 215 14.50 73.09 32.75
N ASP D 216 13.28 73.52 33.06
CA ASP D 216 13.03 74.94 33.30
C ASP D 216 13.85 75.48 34.45
N CYS D 217 14.33 74.62 35.35
CA CYS D 217 15.16 75.03 36.47
C CYS D 217 16.64 75.01 36.14
N ASP D 218 17.02 74.74 34.89
CA ASP D 218 18.41 74.73 34.44
C ASP D 218 19.19 73.54 35.01
N GLU D 219 18.54 72.39 35.16
CA GLU D 219 19.17 71.20 35.70
C GLU D 219 19.27 70.13 34.63
N LEU D 220 20.43 69.48 34.55
CA LEU D 220 20.67 68.49 33.51
C LEU D 220 19.77 67.28 33.72
N VAL D 221 19.11 66.84 32.65
CA VAL D 221 18.18 65.73 32.69
C VAL D 221 18.66 64.55 31.86
N ALA D 222 19.14 64.82 30.64
CA ALA D 222 19.65 63.79 29.75
C ALA D 222 20.29 64.49 28.56
N ILE D 223 20.95 63.70 27.70
CA ILE D 223 21.62 64.23 26.53
C ILE D 223 21.36 63.32 25.34
N ILE D 224 21.61 63.85 24.15
CA ILE D 224 21.56 63.09 22.91
C ILE D 224 22.84 63.37 22.12
N ALA D 225 23.17 62.47 21.21
CA ALA D 225 24.41 62.54 20.46
C ALA D 225 24.15 62.48 18.97
N ARG D 226 24.88 63.29 18.21
CA ARG D 226 24.81 63.25 16.76
C ARG D 226 25.11 61.86 16.23
N THR D 227 26.02 61.14 16.89
CA THR D 227 26.45 59.84 16.39
C THR D 227 25.33 58.81 16.45
N ASP D 228 24.37 58.97 17.38
CA ASP D 228 23.29 58.00 17.46
C ASP D 228 22.37 58.09 16.25
N LEU D 229 21.97 59.30 15.87
CA LEU D 229 21.21 59.45 14.64
C LEU D 229 22.05 59.16 13.40
N LYS D 230 23.36 59.37 13.46
CA LYS D 230 24.20 58.95 12.35
C LYS D 230 24.19 57.43 12.20
N LYS D 231 24.22 56.70 13.32
CA LYS D 231 24.12 55.26 13.27
C LYS D 231 22.76 54.82 12.76
N ASN D 232 21.70 55.51 13.18
CA ASN D 232 20.38 55.21 12.63
C ASN D 232 20.37 55.37 11.11
N ARG D 233 20.96 56.47 10.62
CA ARG D 233 21.07 56.68 9.19
C ARG D 233 21.84 55.56 8.53
N ASP D 234 22.94 55.12 9.15
CA ASP D 234 23.81 54.12 8.55
C ASP D 234 23.16 52.74 8.49
N TYR D 235 22.47 52.32 9.57
CA TYR D 235 21.90 50.99 9.68
C TYR D 235 20.38 51.09 9.65
N PRO D 236 19.78 50.95 8.47
CA PRO D 236 18.32 51.11 8.37
C PRO D 236 17.51 49.97 8.94
N LEU D 237 18.09 48.78 9.09
CA LEU D 237 17.35 47.58 9.46
C LEU D 237 17.53 47.17 10.91
N ALA D 238 18.19 47.98 11.73
CA ALA D 238 18.50 47.59 13.10
C ALA D 238 17.21 47.27 13.87
N SER D 239 17.37 46.50 14.95
CA SER D 239 16.26 46.16 15.83
C SER D 239 16.37 46.96 17.12
N LYS D 240 15.30 47.68 17.46
CA LYS D 240 15.30 48.55 18.63
C LYS D 240 13.97 48.47 19.33
N ASP D 241 13.97 48.86 20.61
CA ASP D 241 12.74 48.98 21.38
C ASP D 241 12.25 50.43 21.33
N SER D 242 11.23 50.74 22.13
CA SER D 242 10.60 52.06 22.05
C SER D 242 11.57 53.17 22.44
N GLN D 243 12.64 52.86 23.16
CA GLN D 243 13.64 53.83 23.55
C GLN D 243 14.77 53.97 22.55
N LYS D 244 14.67 53.30 21.40
CA LYS D 244 15.67 53.43 20.34
C LYS D 244 17.04 52.95 20.81
N GLN D 245 17.05 51.83 21.53
CA GLN D 245 18.29 51.20 21.96
C GLN D 245 18.24 49.72 21.64
N LEU D 246 19.40 49.19 21.22
CA LEU D 246 19.43 47.88 20.58
C LEU D 246 18.72 46.83 21.42
N LEU D 247 18.06 45.91 20.75
CA LEU D 247 17.35 44.84 21.42
C LEU D 247 18.32 43.73 21.78
N CYS D 248 18.31 43.31 23.05
CA CYS D 248 19.20 42.29 23.54
C CYS D 248 18.42 41.11 24.12
N GLY D 249 18.97 39.92 23.95
CA GLY D 249 18.42 38.73 24.57
C GLY D 249 19.49 37.99 25.34
N ALA D 250 19.08 37.14 26.28
CA ALA D 250 20.03 36.40 27.09
C ALA D 250 19.46 35.04 27.42
N ALA D 251 20.35 34.08 27.67
CA ALA D 251 19.96 32.72 28.02
C ALA D 251 20.29 32.46 29.48
N VAL D 252 19.48 31.60 30.11
CA VAL D 252 19.69 31.20 31.50
C VAL D 252 19.24 29.77 31.67
N GLY D 253 19.87 29.06 32.60
CA GLY D 253 19.53 27.68 32.87
C GLY D 253 18.24 27.56 33.65
N THR D 254 18.13 26.47 34.43
CA THR D 254 16.95 26.22 35.24
C THR D 254 17.30 25.75 36.65
N ARG D 255 18.49 26.08 37.14
CA ARG D 255 18.87 25.77 38.51
C ARG D 255 18.25 26.79 39.46
N GLU D 256 18.68 26.75 40.72
CA GLU D 256 18.23 27.74 41.69
C GLU D 256 18.99 29.05 41.52
N ASP D 257 20.31 28.98 41.30
CA ASP D 257 21.10 30.20 41.13
C ASP D 257 20.64 31.02 39.92
N ASP D 258 19.92 30.39 38.99
CA ASP D 258 19.37 31.13 37.87
C ASP D 258 18.40 32.22 38.30
N LYS D 259 17.84 32.14 39.51
CA LYS D 259 17.00 33.23 39.98
C LYS D 259 17.81 34.50 40.20
N TYR D 260 18.95 34.39 40.88
CA TYR D 260 19.85 35.54 41.04
C TYR D 260 20.43 35.96 39.70
N ARG D 261 20.76 34.99 38.83
CA ARG D 261 21.21 35.31 37.49
C ARG D 261 20.19 36.17 36.76
N LEU D 262 18.91 35.79 36.86
CA LEU D 262 17.85 36.52 36.16
C LEU D 262 17.63 37.88 36.79
N ASP D 263 17.74 37.98 38.11
CA ASP D 263 17.67 39.28 38.76
C ASP D 263 18.72 40.23 38.18
N LEU D 264 19.97 39.76 38.11
CA LEU D 264 21.03 40.58 37.54
C LEU D 264 20.73 40.93 36.07
N LEU D 265 20.28 39.94 35.30
CA LEU D 265 20.00 40.18 33.88
C LEU D 265 18.96 41.27 33.71
N THR D 266 17.85 41.17 34.43
CA THR D 266 16.79 42.17 34.31
C THR D 266 17.24 43.52 34.83
N GLN D 267 18.15 43.55 35.81
CA GLN D 267 18.77 44.81 36.19
C GLN D 267 19.53 45.40 35.00
N ALA D 268 20.24 44.55 34.26
CA ALA D 268 20.97 45.03 33.09
C ALA D 268 20.03 45.62 32.05
N GLY D 269 18.84 45.04 31.90
CA GLY D 269 17.85 45.54 30.96
C GLY D 269 17.54 44.60 29.83
N VAL D 270 17.64 43.30 30.08
CA VAL D 270 17.34 42.32 29.04
C VAL D 270 15.91 42.52 28.56
N ASP D 271 15.67 42.17 27.29
CA ASP D 271 14.34 42.26 26.72
C ASP D 271 13.67 40.90 26.53
N VAL D 272 14.42 39.87 26.14
CA VAL D 272 13.88 38.54 25.93
C VAL D 272 14.88 37.53 26.49
N ILE D 273 14.35 36.49 27.13
CA ILE D 273 15.16 35.49 27.82
C ILE D 273 14.77 34.12 27.31
N VAL D 274 15.76 33.26 27.10
CA VAL D 274 15.56 31.92 26.58
C VAL D 274 16.06 30.92 27.61
N LEU D 275 15.27 29.88 27.87
CA LEU D 275 15.68 28.83 28.79
C LEU D 275 16.48 27.78 28.05
N ASP D 276 17.65 27.45 28.60
CA ASP D 276 18.62 26.59 27.95
C ASP D 276 18.62 25.21 28.62
N SER D 277 18.22 24.19 27.86
CA SER D 277 18.19 22.82 28.37
C SER D 277 18.18 21.87 27.20
N SER D 278 18.78 20.69 27.40
CA SER D 278 18.85 19.71 26.32
C SER D 278 17.47 19.21 25.93
N GLN D 279 16.60 18.97 26.91
CA GLN D 279 15.22 18.60 26.67
C GLN D 279 14.34 19.52 27.50
N GLY D 280 13.50 20.30 26.83
CA GLY D 280 12.71 21.32 27.48
C GLY D 280 11.62 20.80 28.40
N ASN D 281 10.97 19.71 27.99
CA ASN D 281 9.77 19.24 28.66
C ASN D 281 10.08 18.64 30.03
N SER D 282 10.10 19.45 31.07
CA SER D 282 10.43 18.95 32.40
C SER D 282 9.82 19.87 33.46
N VAL D 283 9.58 19.30 34.63
CA VAL D 283 8.99 20.06 35.73
C VAL D 283 9.87 21.24 36.11
N TYR D 284 11.19 21.09 36.01
CA TYR D 284 12.08 22.19 36.38
C TYR D 284 11.96 23.35 35.41
N GLN D 285 11.90 23.07 34.11
CA GLN D 285 11.68 24.13 33.14
C GLN D 285 10.33 24.79 33.35
N ILE D 286 9.30 24.00 33.64
CA ILE D 286 7.98 24.57 33.84
C ILE D 286 7.96 25.46 35.08
N ALA D 287 8.67 25.05 36.14
CA ALA D 287 8.77 25.88 37.34
C ALA D 287 9.49 27.19 37.04
N MET D 288 10.56 27.13 36.24
CA MET D 288 11.22 28.37 35.84
C MET D 288 10.29 29.27 35.04
N VAL D 289 9.50 28.69 34.13
CA VAL D 289 8.56 29.49 33.35
C VAL D 289 7.57 30.19 34.28
N HIS D 290 7.04 29.45 35.26
CA HIS D 290 6.08 30.04 36.19
C HIS D 290 6.71 31.15 37.03
N TYR D 291 7.93 30.91 37.53
CA TYR D 291 8.62 31.95 38.29
C TYR D 291 8.84 33.19 37.45
N ILE D 292 9.25 33.01 36.20
CA ILE D 292 9.51 34.16 35.33
C ILE D 292 8.22 34.94 35.09
N LYS D 293 7.15 34.24 34.75
CA LYS D 293 5.90 34.92 34.44
C LYS D 293 5.21 35.47 35.70
N GLN D 294 5.68 35.10 36.88
CA GLN D 294 5.18 35.75 38.08
C GLN D 294 5.99 37.00 38.42
N LYS D 295 7.31 36.86 38.55
CA LYS D 295 8.12 37.99 38.97
C LYS D 295 8.25 39.06 37.91
N TYR D 296 8.38 38.69 36.64
CA TYR D 296 8.59 39.65 35.55
C TYR D 296 7.55 39.40 34.46
N PRO D 297 6.31 39.85 34.67
CA PRO D 297 5.27 39.67 33.64
C PRO D 297 5.61 40.32 32.32
N HIS D 298 6.45 41.36 32.30
CA HIS D 298 6.78 42.08 31.07
C HIS D 298 7.90 41.44 30.28
N LEU D 299 8.46 40.32 30.75
CA LEU D 299 9.59 39.70 30.09
C LEU D 299 9.14 38.52 29.25
N GLN D 300 9.63 38.44 28.03
CA GLN D 300 9.29 37.35 27.12
C GLN D 300 10.24 36.19 27.34
N VAL D 301 9.69 35.01 27.63
CA VAL D 301 10.47 33.81 27.92
C VAL D 301 10.24 32.81 26.79
N ILE D 302 11.33 32.25 26.28
CA ILE D 302 11.28 31.29 25.17
C ILE D 302 11.50 29.90 25.73
N GLY D 303 10.67 28.95 25.33
CA GLY D 303 10.70 27.64 25.93
C GLY D 303 11.94 26.85 25.53
N GLY D 304 12.07 25.67 26.10
CA GLY D 304 13.23 24.84 25.89
C GLY D 304 13.11 24.00 24.62
N ASN D 305 14.12 23.18 24.40
CA ASN D 305 14.20 22.38 23.18
C ASN D 305 13.13 21.31 23.16
N VAL D 306 12.17 21.43 22.25
CA VAL D 306 11.11 20.44 22.08
C VAL D 306 11.09 20.02 20.61
N VAL D 307 10.78 18.76 20.39
CA VAL D 307 10.80 18.17 19.02
C VAL D 307 9.42 17.56 18.75
N THR D 308 8.48 17.58 19.72
CA THR D 308 7.20 16.91 19.59
C THR D 308 6.03 17.78 20.04
N ALA D 309 4.84 17.44 19.55
CA ALA D 309 3.64 18.16 19.95
C ALA D 309 3.34 17.97 21.43
N ALA D 310 3.54 16.76 21.95
CA ALA D 310 3.31 16.52 23.37
C ALA D 310 4.24 17.37 24.23
N GLN D 311 5.52 17.47 23.84
CA GLN D 311 6.44 18.33 24.57
C GLN D 311 6.03 19.80 24.45
N ALA D 312 5.60 20.21 23.27
CA ALA D 312 5.25 21.61 23.06
C ALA D 312 4.03 22.01 23.87
N LYS D 313 3.09 21.09 24.08
CA LYS D 313 1.81 21.45 24.67
C LYS D 313 1.97 22.00 26.08
N ASN D 314 2.69 21.27 26.95
CA ASN D 314 2.79 21.72 28.33
C ASN D 314 3.67 22.95 28.48
N LEU D 315 4.68 23.15 27.63
CA LEU D 315 5.37 24.43 27.63
C LEU D 315 4.44 25.57 27.22
N ILE D 316 3.62 25.35 26.20
CA ILE D 316 2.66 26.38 25.80
C ILE D 316 1.73 26.71 26.97
N ASP D 317 1.26 25.67 27.66
CA ASP D 317 0.39 25.89 28.82
C ASP D 317 1.13 26.67 29.91
N ALA D 318 2.39 26.32 30.15
CA ALA D 318 3.20 27.07 31.11
C ALA D 318 3.26 28.54 30.71
N GLY D 319 3.26 28.82 29.42
CA GLY D 319 3.18 30.19 28.94
C GLY D 319 4.43 30.72 28.30
N VAL D 320 5.15 29.85 27.59
CA VAL D 320 6.31 30.30 26.84
C VAL D 320 5.85 31.11 25.63
N ASP D 321 6.39 32.31 25.48
CA ASP D 321 6.07 33.17 24.36
C ASP D 321 6.71 32.71 23.06
N GLY D 322 7.62 31.75 23.12
CA GLY D 322 8.21 31.20 21.92
C GLY D 322 8.70 29.79 22.20
N LEU D 323 9.15 29.13 21.14
CA LEU D 323 9.62 27.76 21.23
C LEU D 323 10.87 27.49 20.41
N ARG D 324 11.80 26.74 21.00
CA ARG D 324 13.03 26.34 20.33
C ARG D 324 12.89 24.88 19.96
N VAL D 325 13.00 24.58 18.66
CA VAL D 325 12.75 23.24 18.14
C VAL D 325 14.06 22.67 17.62
N GLY D 326 14.34 21.43 18.00
CA GLY D 326 15.52 20.74 17.55
C GLY D 326 16.27 20.07 18.68
N MET D 327 16.72 18.84 18.47
CA MET D 327 17.44 18.10 19.50
C MET D 327 18.25 16.99 18.83
N GLY D 328 19.56 17.02 19.03
CA GLY D 328 20.44 16.00 18.52
C GLY D 328 21.02 16.25 17.14
N CYS D 329 20.64 17.34 16.47
CA CYS D 329 21.06 17.60 15.10
C CYS D 329 22.06 18.73 14.97
N GLY D 330 22.62 19.22 16.09
CA GLY D 330 23.60 20.28 16.00
C GLY D 330 24.89 19.82 15.36
N SER D 331 25.63 20.78 14.80
CA SER D 331 26.93 20.47 14.22
C SER D 331 27.90 19.96 15.29
N ILE D 332 27.90 20.61 16.45
CA ILE D 332 28.81 20.28 17.54
C ILE D 332 28.17 19.33 18.54
N CYS D 333 27.06 18.69 18.18
CA CYS D 333 26.26 17.92 19.12
C CYS D 333 26.55 16.44 18.96
N ILE D 334 26.79 15.77 20.09
CA ILE D 334 26.98 14.33 20.16
C ILE D 334 25.85 13.65 20.92
N THR D 335 24.73 14.35 21.12
CA THR D 335 23.66 13.83 21.95
C THR D 335 23.05 12.56 21.36
N GLN D 336 22.89 12.52 20.04
CA GLN D 336 22.27 11.37 19.41
C GLN D 336 23.08 10.09 19.65
N GLU D 337 24.39 10.22 19.89
CA GLU D 337 25.23 9.07 20.18
C GLU D 337 25.39 8.79 21.67
N VAL D 338 25.50 9.83 22.49
CA VAL D 338 25.56 9.63 23.95
C VAL D 338 24.24 9.11 24.51
N MET D 339 23.12 9.42 23.88
CA MET D 339 21.81 8.87 24.26
C MET D 339 21.03 8.65 22.98
N ALA D 340 19.96 7.86 23.08
CA ALA D 340 19.24 7.41 21.89
C ALA D 340 18.17 8.39 21.44
N CYS D 341 17.94 9.46 22.19
CA CYS D 341 16.81 10.35 21.91
C CYS D 341 17.15 11.37 20.82
N GLY D 342 16.12 11.84 20.15
CA GLY D 342 16.28 12.86 19.13
C GLY D 342 15.18 12.75 18.09
N ARG D 343 15.31 13.57 17.06
CA ARG D 343 14.40 13.55 15.91
C ARG D 343 15.04 14.32 14.77
N PRO D 344 14.88 13.86 13.52
CA PRO D 344 15.43 14.62 12.40
C PRO D 344 14.83 16.02 12.32
N GLN D 345 15.68 16.97 11.92
CA GLN D 345 15.33 18.39 12.08
C GLN D 345 14.13 18.79 11.25
N GLY D 346 14.06 18.32 10.00
CA GLY D 346 12.95 18.72 9.16
C GLY D 346 11.61 18.28 9.70
N THR D 347 11.49 17.00 10.08
CA THR D 347 10.25 16.52 10.67
C THR D 347 9.96 17.22 11.99
N ALA D 348 10.98 17.40 12.83
CA ALA D 348 10.75 18.12 14.08
C ALA D 348 10.21 19.52 13.89
N VAL D 349 10.85 20.33 13.06
CA VAL D 349 10.40 21.71 12.86
C VAL D 349 9.00 21.71 12.25
N TYR D 350 8.76 20.86 11.24
CA TYR D 350 7.44 20.85 10.64
C TYR D 350 6.36 20.52 11.66
N LYS D 351 6.57 19.46 12.45
CA LYS D 351 5.50 18.94 13.29
C LYS D 351 5.36 19.68 14.61
N VAL D 352 6.23 20.58 15.05
CA VAL D 352 5.97 21.42 16.25
C VAL D 352 5.55 22.76 15.69
N ALA D 353 5.99 23.25 14.52
CA ALA D 353 5.48 24.50 14.00
C ALA D 353 4.09 24.43 13.38
N GLU D 354 3.63 23.25 12.96
CA GLU D 354 2.26 23.10 12.51
C GLU D 354 1.29 23.08 13.69
N TYR D 355 1.75 22.65 14.86
CA TYR D 355 0.92 22.60 16.06
C TYR D 355 0.93 23.94 16.80
N ALA D 356 2.11 24.55 16.92
CA ALA D 356 2.22 25.82 17.64
C ALA D 356 1.40 26.92 16.97
N ARG D 357 1.38 26.95 15.64
CA ARG D 357 0.65 27.97 14.91
C ARG D 357 -0.75 28.34 15.38
N ARG D 358 -1.46 27.38 15.99
CA ARG D 358 -2.81 27.67 16.45
C ARG D 358 -2.82 28.62 17.63
N PHE D 359 -1.75 28.62 18.43
CA PHE D 359 -1.66 29.46 19.61
C PHE D 359 -0.81 30.71 19.38
N GLY D 360 -0.23 30.86 18.19
CA GLY D 360 0.52 32.05 17.87
C GLY D 360 1.93 32.11 18.40
N VAL D 361 2.41 31.04 19.03
CA VAL D 361 3.79 31.04 19.53
C VAL D 361 4.72 30.71 18.38
N PRO D 362 5.64 31.60 18.00
CA PRO D 362 6.57 31.28 16.92
C PRO D 362 7.58 30.23 17.34
N ILE D 363 8.29 29.69 16.35
CA ILE D 363 9.25 28.62 16.54
C ILE D 363 10.61 29.11 16.07
N ILE D 364 11.67 28.60 16.71
CA ILE D 364 13.05 28.92 16.34
C ILE D 364 13.73 27.59 16.04
N ALA D 365 13.76 27.21 14.77
CA ALA D 365 14.42 25.97 14.36
C ALA D 365 15.92 26.15 14.44
N ASP D 366 16.56 25.50 15.41
CA ASP D 366 17.99 25.67 15.67
C ASP D 366 18.72 24.37 15.39
N GLY D 367 19.94 24.49 14.88
CA GLY D 367 20.76 23.33 14.59
C GLY D 367 20.51 22.74 13.22
N GLY D 368 21.57 22.29 12.56
CA GLY D 368 21.49 21.71 11.24
C GLY D 368 21.58 22.71 10.11
N ILE D 369 21.53 24.00 10.40
CA ILE D 369 21.64 25.02 9.37
C ILE D 369 23.08 25.12 8.91
N GLN D 370 23.34 24.70 7.67
CA GLN D 370 24.67 24.81 7.09
C GLN D 370 24.73 25.78 5.92
N THR D 371 23.60 26.06 5.26
CA THR D 371 23.60 26.87 4.06
C THR D 371 22.32 27.66 3.95
N VAL D 372 22.32 28.61 3.00
CA VAL D 372 21.13 29.40 2.72
C VAL D 372 19.98 28.50 2.32
N GLY D 373 20.29 27.41 1.61
CA GLY D 373 19.25 26.45 1.27
C GLY D 373 18.57 25.88 2.50
N HIS D 374 19.35 25.53 3.52
CA HIS D 374 18.76 25.04 4.75
C HIS D 374 17.99 26.13 5.48
N VAL D 375 18.47 27.37 5.45
CA VAL D 375 17.74 28.45 6.10
C VAL D 375 16.37 28.60 5.47
N VAL D 376 16.31 28.65 4.13
CA VAL D 376 15.03 28.83 3.45
C VAL D 376 14.15 27.60 3.61
N LYS D 377 14.73 26.40 3.61
CA LYS D 377 13.95 25.19 3.83
C LYS D 377 13.29 25.23 5.21
N ALA D 378 14.06 25.62 6.23
CA ALA D 378 13.49 25.76 7.57
C ALA D 378 12.41 26.82 7.67
N LEU D 379 12.58 27.97 7.00
CA LEU D 379 11.54 28.99 7.04
C LEU D 379 10.32 28.58 6.21
N ALA D 380 10.48 27.62 5.29
CA ALA D 380 9.33 27.19 4.49
C ALA D 380 8.46 26.22 5.26
N LEU D 381 9.02 25.54 6.26
CA LEU D 381 8.31 24.49 6.97
C LEU D 381 7.56 24.99 8.19
N GLY D 382 7.53 26.30 8.43
CA GLY D 382 6.78 26.86 9.54
C GLY D 382 7.62 27.52 10.61
N ALA D 383 8.93 27.39 10.55
CA ALA D 383 9.78 28.02 11.56
C ALA D 383 9.82 29.52 11.32
N SER D 384 9.31 30.29 12.30
CA SER D 384 9.28 31.74 12.15
C SER D 384 10.68 32.32 12.04
N THR D 385 11.62 31.81 12.82
CA THR D 385 12.99 32.29 12.80
C THR D 385 13.93 31.09 12.81
N VAL D 386 15.19 31.33 12.48
CA VAL D 386 16.21 30.28 12.39
C VAL D 386 17.41 30.71 13.22
N MET D 387 17.89 29.81 14.07
CA MET D 387 19.00 30.08 14.97
C MET D 387 20.23 29.32 14.49
N MET D 388 21.35 30.04 14.37
CA MET D 388 22.55 29.51 13.74
C MET D 388 23.66 29.34 14.77
N GLY D 389 24.45 28.29 14.59
CA GLY D 389 25.63 28.02 15.39
C GLY D 389 26.90 28.15 14.57
N SER D 390 27.41 27.00 14.11
CA SER D 390 28.68 26.96 13.40
C SER D 390 28.75 27.99 12.28
N LEU D 391 27.62 28.29 11.62
CA LEU D 391 27.66 29.23 10.51
C LEU D 391 28.27 30.56 10.91
N LEU D 392 28.13 30.95 12.17
CA LEU D 392 28.63 32.22 12.67
C LEU D 392 29.77 32.06 13.67
N ALA D 393 30.28 30.85 13.87
CA ALA D 393 31.26 30.62 14.93
C ALA D 393 32.60 31.29 14.66
N ALA D 394 33.09 31.25 13.42
CA ALA D 394 34.37 31.85 13.06
C ALA D 394 34.10 33.13 12.28
N THR D 395 34.21 34.25 12.96
CA THR D 395 33.95 35.56 12.38
C THR D 395 34.71 36.59 13.20
N THR D 396 34.90 37.78 12.61
CA THR D 396 35.64 38.82 13.32
C THR D 396 34.96 39.19 14.64
N GLU D 397 33.66 38.96 14.75
CA GLU D 397 32.93 39.30 15.96
C GLU D 397 32.80 38.15 16.94
N ALA D 398 33.28 36.96 16.60
CA ALA D 398 33.13 35.82 17.49
C ALA D 398 34.21 35.85 18.57
N PRO D 399 33.95 35.22 19.74
CA PRO D 399 34.92 35.28 20.84
C PRO D 399 36.21 34.53 20.55
N GLY D 400 37.30 34.94 21.20
CA GLY D 400 38.53 34.17 21.13
C GLY D 400 39.56 34.77 20.19
N GLU D 401 40.40 33.90 19.65
CA GLU D 401 41.47 34.31 18.75
C GLU D 401 41.78 33.17 17.79
N TYR D 402 42.48 33.51 16.70
CA TYR D 402 42.67 32.60 15.59
C TYR D 402 43.94 31.78 15.74
N PHE D 403 44.04 30.72 14.93
CA PHE D 403 45.26 29.96 14.78
C PHE D 403 45.72 29.97 13.32
N PHE D 404 46.97 29.59 13.10
CA PHE D 404 47.48 29.35 11.76
C PHE D 404 48.92 28.88 11.81
N ARG D 414 33.36 24.95 19.91
CA ARG D 414 33.21 24.25 21.18
C ARG D 414 31.76 24.22 21.63
N GLY D 415 31.17 23.03 21.66
CA GLY D 415 29.83 22.90 22.21
C GLY D 415 29.81 23.26 23.68
N MET D 416 28.74 23.91 24.11
CA MET D 416 28.66 24.41 25.48
C MET D 416 28.50 23.30 26.50
N GLY D 417 28.29 22.06 26.06
CA GLY D 417 28.29 20.92 26.95
C GLY D 417 29.41 19.96 26.62
N SER D 418 30.51 20.48 26.09
CA SER D 418 31.62 19.69 25.59
C SER D 418 32.74 19.50 26.61
N LEU D 419 32.55 19.96 27.84
CA LEU D 419 33.57 19.82 28.87
C LEU D 419 34.83 20.59 28.49
N LYS D 440 30.04 15.91 33.81
CA LYS D 440 30.25 14.50 34.14
C LYS D 440 30.23 13.62 32.90
N ILE D 441 29.67 14.13 31.81
CA ILE D 441 29.61 13.42 30.54
C ILE D 441 29.70 14.45 29.41
N ALA D 442 30.38 14.07 28.33
CA ALA D 442 30.60 14.98 27.22
C ALA D 442 29.35 15.06 26.36
N GLN D 443 28.75 16.24 26.29
CA GLN D 443 27.61 16.49 25.40
C GLN D 443 28.00 17.21 24.12
N GLY D 444 29.27 17.57 23.95
CA GLY D 444 29.66 18.34 22.80
C GLY D 444 31.04 17.98 22.30
N VAL D 445 31.65 18.92 21.59
CA VAL D 445 32.91 18.70 20.90
C VAL D 445 33.57 20.06 20.70
N SER D 446 34.91 20.04 20.60
CA SER D 446 35.69 21.25 20.37
C SER D 446 36.22 21.23 18.94
N GLY D 447 35.76 22.18 18.12
CA GLY D 447 36.06 22.19 16.71
C GLY D 447 36.92 23.38 16.29
N SER D 448 36.98 23.59 14.97
CA SER D 448 37.70 24.70 14.39
C SER D 448 37.10 25.02 13.04
N ILE D 449 37.06 26.29 12.67
CA ILE D 449 36.42 26.74 11.44
C ILE D 449 37.32 27.75 10.75
N GLN D 450 37.12 27.91 9.44
CA GLN D 450 38.02 28.63 8.53
C GLN D 450 37.97 30.15 8.65
N ASP D 451 37.28 30.81 9.60
CA ASP D 451 37.22 32.26 9.64
C ASP D 451 36.45 32.79 8.43
N LYS D 452 35.54 33.76 8.68
CA LYS D 452 34.66 34.23 7.61
C LYS D 452 34.44 35.75 7.65
N GLY D 453 35.47 36.53 7.92
CA GLY D 453 35.29 37.97 7.86
C GLY D 453 34.44 38.48 9.02
N SER D 454 33.61 39.48 8.71
CA SER D 454 32.80 40.14 9.72
C SER D 454 31.32 39.93 9.45
N ILE D 455 30.53 40.03 10.52
CA ILE D 455 29.08 39.90 10.38
C ILE D 455 28.53 41.00 9.50
N GLN D 456 28.99 42.23 9.70
CA GLN D 456 28.43 43.36 8.96
C GLN D 456 28.70 43.28 7.47
N LYS D 457 29.60 42.39 7.05
CA LYS D 457 29.85 42.17 5.63
C LYS D 457 29.39 40.79 5.18
N PHE D 458 29.03 39.91 6.11
CA PHE D 458 28.67 38.54 5.77
C PHE D 458 27.16 38.32 5.79
N VAL D 459 26.45 39.04 6.66
CA VAL D 459 25.00 38.83 6.78
C VAL D 459 24.24 39.39 5.59
N PRO D 460 24.64 40.51 4.98
CA PRO D 460 23.91 40.96 3.77
C PRO D 460 23.87 39.90 2.68
N TYR D 461 24.95 39.14 2.50
CA TYR D 461 24.92 38.01 1.58
C TYR D 461 23.90 36.98 2.02
N LEU D 462 23.80 36.73 3.33
CA LEU D 462 22.88 35.74 3.85
C LEU D 462 21.43 36.17 3.67
N ILE D 463 21.18 37.49 3.69
CA ILE D 463 19.85 38.01 3.40
C ILE D 463 19.54 37.90 1.91
N ALA D 464 20.50 38.28 1.06
CA ALA D 464 20.27 38.25 -0.37
C ALA D 464 20.03 36.83 -0.86
N GLY D 465 20.74 35.86 -0.30
CA GLY D 465 20.49 34.47 -0.67
C GLY D 465 19.07 34.05 -0.38
N ILE D 466 18.56 34.41 0.80
CA ILE D 466 17.19 34.07 1.16
C ILE D 466 16.21 34.76 0.23
N GLN D 467 16.45 36.04 -0.06
CA GLN D 467 15.55 36.78 -0.94
C GLN D 467 15.49 36.14 -2.30
N HIS D 468 16.65 35.76 -2.86
CA HIS D 468 16.66 35.13 -4.18
C HIS D 468 15.99 33.76 -4.15
N GLY D 469 16.20 33.00 -3.07
CA GLY D 469 15.55 31.72 -2.95
C GLY D 469 14.04 31.79 -2.89
N CYS D 470 13.50 32.79 -2.18
CA CYS D 470 12.05 32.98 -2.17
C CYS D 470 11.54 33.56 -3.48
N GLN D 471 12.32 34.42 -4.13
CA GLN D 471 11.91 35.00 -5.40
C GLN D 471 11.84 33.92 -6.48
N ASP D 472 12.76 32.96 -6.46
CA ASP D 472 12.70 31.85 -7.41
C ASP D 472 11.50 30.96 -7.16
N ILE D 473 10.84 31.09 -6.02
CA ILE D 473 9.67 30.28 -5.72
C ILE D 473 8.38 31.04 -5.99
N GLY D 474 8.38 32.36 -5.85
CA GLY D 474 7.20 33.15 -6.09
C GLY D 474 6.48 33.60 -4.85
N ALA D 475 7.19 33.79 -3.74
CA ALA D 475 6.59 34.26 -2.49
C ALA D 475 7.06 35.69 -2.24
N ARG D 476 6.10 36.61 -2.09
CA ARG D 476 6.44 38.00 -1.85
C ARG D 476 6.97 38.25 -0.44
N SER D 477 6.90 37.25 0.44
CA SER D 477 7.37 37.40 1.81
C SER D 477 7.37 36.03 2.48
N LEU D 478 8.02 35.97 3.64
CA LEU D 478 8.07 34.72 4.40
C LEU D 478 6.69 34.31 4.88
N ASP D 479 5.86 35.26 5.31
CA ASP D 479 4.51 34.94 5.73
C ASP D 479 3.73 34.32 4.59
N VAL D 480 3.85 34.89 3.39
CA VAL D 480 3.18 34.33 2.23
C VAL D 480 3.74 32.96 1.90
N LEU D 481 5.04 32.76 2.07
CA LEU D 481 5.63 31.45 1.82
C LEU D 481 5.04 30.39 2.75
N ARG D 482 4.94 30.70 4.04
CA ARG D 482 4.39 29.74 4.98
C ARG D 482 2.90 29.53 4.78
N SER D 483 2.17 30.57 4.38
CA SER D 483 0.76 30.39 4.01
C SER D 483 0.63 29.48 2.80
N MET D 484 1.53 29.62 1.83
CA MET D 484 1.55 28.74 0.67
C MET D 484 1.82 27.31 1.09
N MET D 485 2.76 27.11 2.00
CA MET D 485 3.03 25.76 2.50
C MET D 485 1.81 25.17 3.18
N TYR D 486 1.13 25.96 4.01
CA TYR D 486 -0.08 25.51 4.69
C TYR D 486 -1.27 25.20 3.79
N SER D 487 -1.55 26.03 2.78
CA SER D 487 -2.69 25.82 1.92
C SER D 487 -2.49 24.71 0.91
N GLY D 488 -1.24 24.29 0.67
CA GLY D 488 -0.95 23.24 -0.27
C GLY D 488 -0.46 23.72 -1.62
N GLU D 489 -0.26 25.02 -1.80
CA GLU D 489 0.18 25.55 -3.08
C GLU D 489 1.65 25.26 -3.35
N LEU D 490 2.48 25.31 -2.30
CA LEU D 490 3.91 25.10 -2.44
C LEU D 490 4.20 23.61 -2.23
N LYS D 491 4.82 22.98 -3.23
CA LYS D 491 4.93 21.54 -3.29
C LYS D 491 6.39 21.11 -3.27
N PHE D 492 6.62 19.95 -2.66
CA PHE D 492 7.96 19.45 -2.39
C PHE D 492 8.22 18.20 -3.23
N GLU D 493 9.50 17.90 -3.41
CA GLU D 493 9.94 16.71 -4.12
C GLU D 493 11.03 16.02 -3.30
N LYS D 494 10.95 14.71 -3.18
CA LYS D 494 11.96 13.97 -2.44
C LYS D 494 13.25 13.85 -3.25
N ARG D 495 14.35 13.68 -2.54
CA ARG D 495 15.70 13.82 -3.10
C ARG D 495 16.54 12.64 -2.61
N THR D 496 16.54 11.55 -3.36
CA THR D 496 17.33 10.38 -3.00
C THR D 496 18.82 10.70 -3.10
N MET D 497 19.65 9.73 -2.70
CA MET D 497 21.08 10.00 -2.59
C MET D 497 21.69 10.35 -3.95
N SER D 498 21.29 9.63 -5.01
CA SER D 498 21.80 9.93 -6.34
C SER D 498 21.32 11.27 -6.86
N ALA D 499 20.32 11.88 -6.21
CA ALA D 499 19.93 13.25 -6.49
C ALA D 499 20.60 14.24 -5.55
N GLN D 500 21.11 13.76 -4.40
CA GLN D 500 21.88 14.62 -3.51
C GLN D 500 23.28 14.84 -4.04
N ILE D 501 23.84 13.83 -4.70
CA ILE D 501 25.20 13.95 -5.23
C ILE D 501 25.27 14.95 -6.38
N GLU D 502 24.13 15.50 -6.81
CA GLU D 502 24.08 16.43 -7.93
C GLU D 502 24.22 17.88 -7.49
N GLY D 503 24.87 18.11 -6.36
CA GLY D 503 25.22 19.46 -5.97
C GLY D 503 26.54 19.85 -6.58
N GLY D 504 27.57 20.03 -5.76
CA GLY D 504 28.92 20.23 -6.27
C GLY D 504 29.48 18.93 -6.80
N VAL D 505 28.95 18.47 -7.94
CA VAL D 505 29.27 17.14 -8.44
C VAL D 505 30.77 17.01 -8.62
N HIS D 506 31.26 15.77 -8.51
CA HIS D 506 32.70 15.51 -8.49
C HIS D 506 33.29 15.41 -9.89
N GLY D 507 32.61 15.97 -10.89
CA GLY D 507 33.16 15.98 -12.22
C GLY D 507 34.43 16.77 -12.35
N LEU D 508 34.70 17.65 -11.37
CA LEU D 508 35.86 18.53 -11.43
C LEU D 508 37.05 17.91 -10.70
N HIS D 509 38.24 18.42 -10.99
CA HIS D 509 39.44 17.94 -10.33
C HIS D 509 39.71 18.72 -9.05
N SER D 510 39.62 20.05 -9.12
CA SER D 510 39.76 20.92 -7.97
C SER D 510 38.95 22.17 -8.25
N TYR D 511 38.71 22.96 -7.21
CA TYR D 511 37.91 24.17 -7.43
C TYR D 511 37.98 25.10 -6.23
N THR D 512 37.39 26.28 -6.42
CA THR D 512 37.24 27.30 -5.39
C THR D 512 35.80 27.80 -5.42
N PHE D 513 35.34 28.41 -4.32
CA PHE D 513 33.95 28.83 -4.24
C PHE D 513 33.80 30.33 -4.41
N LEU D 514 34.46 31.10 -3.55
CA LEU D 514 34.36 32.56 -3.57
C LEU D 514 32.89 33.01 -3.58
N PRO D 515 32.19 32.88 -2.46
CA PRO D 515 30.90 33.58 -2.33
C PRO D 515 31.13 35.05 -2.03
N PHE D 516 30.32 35.91 -2.65
CA PHE D 516 30.57 37.35 -2.52
C PHE D 516 30.54 37.78 -1.06
N THR D 517 29.74 37.12 -0.23
CA THR D 517 29.74 37.35 1.21
C THR D 517 29.53 38.83 1.52
N TYR E 14 -5.70 29.74 -5.54
CA TYR E 14 -5.40 28.32 -5.67
C TYR E 14 -6.42 27.46 -4.94
N VAL E 15 -6.84 26.38 -5.59
CA VAL E 15 -7.87 25.49 -5.03
C VAL E 15 -7.45 24.04 -5.29
N PRO E 16 -7.41 23.18 -4.27
CA PRO E 16 -6.86 21.84 -4.49
C PRO E 16 -7.72 21.00 -5.43
N GLU E 17 -7.07 20.06 -6.11
CA GLU E 17 -7.75 19.17 -7.03
C GLU E 17 -8.45 18.05 -6.27
N ASP E 18 -9.66 17.72 -6.71
CA ASP E 18 -10.49 16.71 -6.07
C ASP E 18 -10.87 15.63 -7.07
N GLY E 19 -10.81 14.38 -6.62
CA GLY E 19 -11.25 13.25 -7.42
C GLY E 19 -10.11 12.54 -8.12
N LEU E 20 -10.48 11.46 -8.80
CA LEU E 20 -9.54 10.61 -9.50
C LEU E 20 -9.69 10.78 -11.00
N THR E 21 -8.57 10.92 -11.70
CA THR E 21 -8.62 10.85 -13.15
C THR E 21 -9.10 9.47 -13.57
N ALA E 22 -9.44 9.32 -14.84
CA ALA E 22 -9.87 8.01 -15.33
C ALA E 22 -8.75 6.99 -15.16
N GLN E 23 -7.53 7.38 -15.45
CA GLN E 23 -6.40 6.48 -15.32
C GLN E 23 -6.21 6.02 -13.89
N GLN E 24 -6.32 6.95 -12.93
CA GLN E 24 -6.22 6.59 -11.52
C GLN E 24 -7.37 5.70 -11.09
N LEU E 25 -8.58 6.00 -11.57
CA LEU E 25 -9.76 5.23 -11.20
C LEU E 25 -9.66 3.79 -11.68
N PHE E 26 -9.24 3.60 -12.93
CA PHE E 26 -9.16 2.26 -13.52
C PHE E 26 -7.85 1.51 -13.30
N ALA E 27 -6.89 2.11 -12.59
CA ALA E 27 -5.63 1.43 -12.34
C ALA E 27 -5.76 0.35 -11.28
N SER E 28 -6.67 0.53 -10.33
CA SER E 28 -6.83 -0.43 -9.24
C SER E 28 -7.22 -1.83 -9.73
N ALA E 29 -7.86 -1.94 -10.89
CA ALA E 29 -8.25 -3.23 -11.45
C ALA E 29 -9.21 -3.96 -10.50
N ASP E 30 -10.35 -3.33 -10.25
CA ASP E 30 -11.40 -3.92 -9.43
C ASP E 30 -12.64 -4.30 -10.21
N GLY E 31 -12.75 -3.88 -11.46
CA GLY E 31 -13.90 -4.23 -12.28
C GLY E 31 -15.07 -3.29 -12.17
N LEU E 32 -14.84 -2.00 -12.41
CA LEU E 32 -15.93 -1.04 -12.38
C LEU E 32 -16.91 -1.14 -13.54
N THR E 33 -18.17 -0.80 -13.28
CA THR E 33 -19.18 -0.66 -14.32
C THR E 33 -19.73 0.76 -14.27
N TYR E 34 -20.73 1.02 -15.12
CA TYR E 34 -21.29 2.36 -15.19
C TYR E 34 -21.91 2.79 -13.87
N ASN E 35 -22.49 1.84 -13.12
CA ASN E 35 -23.17 2.18 -11.86
C ASN E 35 -22.20 2.26 -10.70
N ASP E 36 -20.91 2.38 -10.96
CA ASP E 36 -19.89 2.27 -9.92
C ASP E 36 -18.97 3.48 -9.85
N PHE E 37 -19.34 4.60 -10.45
CA PHE E 37 -18.55 5.82 -10.36
C PHE E 37 -19.35 7.00 -10.90
N LEU E 38 -18.81 8.19 -10.69
CA LEU E 38 -19.45 9.43 -11.09
C LEU E 38 -18.41 10.38 -11.68
N ILE E 39 -18.90 11.40 -12.39
CA ILE E 39 -18.06 12.44 -12.96
C ILE E 39 -18.35 13.74 -12.22
N LEU E 40 -17.31 14.34 -11.66
CA LEU E 40 -17.51 15.58 -10.91
C LEU E 40 -17.75 16.74 -11.88
N PRO E 41 -18.57 17.71 -11.50
CA PRO E 41 -18.96 18.77 -12.43
C PRO E 41 -17.84 19.76 -12.68
N GLY E 42 -18.10 20.70 -13.59
CA GLY E 42 -17.13 21.70 -13.96
C GLY E 42 -17.70 23.11 -14.05
N PHE E 43 -17.52 23.76 -15.19
CA PHE E 43 -17.89 25.15 -15.39
C PHE E 43 -18.84 25.25 -16.57
N ILE E 44 -19.89 26.05 -16.43
CA ILE E 44 -20.93 26.18 -17.45
C ILE E 44 -20.84 27.60 -18.00
N ASP E 45 -20.58 27.73 -19.31
CA ASP E 45 -20.62 29.04 -19.96
C ASP E 45 -21.29 28.95 -21.32
N PHE E 46 -22.25 28.05 -21.49
CA PHE E 46 -22.93 27.89 -22.76
C PHE E 46 -24.28 27.22 -22.55
N ILE E 47 -25.23 27.57 -23.42
CA ILE E 47 -26.54 26.94 -23.39
C ILE E 47 -26.38 25.46 -23.75
N ALA E 48 -27.29 24.63 -23.24
CA ALA E 48 -27.20 23.19 -23.46
C ALA E 48 -27.30 22.86 -24.94
N ASP E 49 -28.22 23.51 -25.67
CA ASP E 49 -28.43 23.19 -27.06
C ASP E 49 -27.19 23.40 -27.91
N GLU E 50 -26.23 24.20 -27.44
CA GLU E 50 -25.02 24.46 -28.22
C GLU E 50 -24.12 23.23 -28.33
N VAL E 51 -24.24 22.28 -27.40
CA VAL E 51 -23.37 21.11 -27.43
C VAL E 51 -23.54 20.38 -28.75
N ASP E 52 -22.44 19.85 -29.27
CA ASP E 52 -22.40 19.20 -30.56
C ASP E 52 -22.04 17.73 -30.36
N LEU E 53 -22.84 16.84 -30.94
CA LEU E 53 -22.73 15.40 -30.69
C LEU E 53 -22.19 14.62 -31.89
N THR E 54 -21.64 15.29 -32.89
CA THR E 54 -21.15 14.57 -34.07
C THR E 54 -20.16 13.49 -33.64
N SER E 55 -20.52 12.24 -33.90
CA SER E 55 -19.73 11.09 -33.48
C SER E 55 -19.36 10.26 -34.70
N ALA E 56 -18.27 9.51 -34.58
CA ALA E 56 -17.76 8.72 -35.70
C ALA E 56 -18.14 7.26 -35.54
N LEU E 57 -18.88 6.72 -36.51
CA LEU E 57 -19.25 5.32 -36.47
C LEU E 57 -18.07 4.43 -36.84
N THR E 58 -17.56 4.58 -38.07
CA THR E 58 -16.31 3.95 -38.48
C THR E 58 -15.42 5.02 -39.07
N ARG E 59 -14.31 4.58 -39.65
CA ARG E 59 -13.29 5.53 -40.11
C ARG E 59 -13.72 6.35 -41.32
N LYS E 60 -14.88 6.06 -41.92
CA LYS E 60 -15.39 6.86 -43.02
C LYS E 60 -16.87 7.20 -42.87
N ILE E 61 -17.46 6.99 -41.70
CA ILE E 61 -18.85 7.34 -41.44
C ILE E 61 -18.90 8.15 -40.16
N THR E 62 -19.47 9.36 -40.24
CA THR E 62 -19.64 10.24 -39.09
C THR E 62 -21.13 10.48 -38.89
N LEU E 63 -21.63 10.15 -37.70
CA LEU E 63 -23.03 10.33 -37.39
C LEU E 63 -23.23 11.60 -36.57
N LYS E 64 -24.34 12.28 -36.83
CA LYS E 64 -24.66 13.49 -36.08
C LYS E 64 -25.13 13.20 -34.66
N THR E 65 -25.40 11.94 -34.32
CA THR E 65 -25.68 11.53 -32.96
C THR E 65 -25.06 10.17 -32.74
N PRO E 66 -24.71 9.82 -31.49
CA PRO E 66 -24.00 8.56 -31.25
C PRO E 66 -24.92 7.37 -31.00
N LEU E 67 -26.21 7.48 -31.28
CA LEU E 67 -27.14 6.41 -30.94
C LEU E 67 -27.14 5.35 -32.04
N ILE E 68 -27.10 4.09 -31.62
CA ILE E 68 -27.17 2.94 -32.52
C ILE E 68 -28.16 1.94 -31.93
N SER E 69 -28.91 1.26 -32.80
CA SER E 69 -29.82 0.21 -32.39
C SER E 69 -29.18 -1.14 -32.66
N SER E 70 -29.16 -2.00 -31.65
CA SER E 70 -28.42 -3.25 -31.76
C SER E 70 -29.10 -4.17 -32.77
N PRO E 71 -28.33 -5.02 -33.47
CA PRO E 71 -28.95 -5.98 -34.38
C PRO E 71 -29.52 -7.18 -33.66
N MET E 72 -30.84 -7.24 -33.58
CA MET E 72 -31.53 -8.34 -32.89
C MET E 72 -32.87 -8.57 -33.59
N ASP E 73 -33.45 -9.73 -33.36
CA ASP E 73 -34.72 -10.06 -34.01
C ASP E 73 -35.92 -9.41 -33.33
N THR E 74 -35.73 -8.75 -32.19
CA THR E 74 -36.79 -8.00 -31.53
C THR E 74 -36.55 -6.50 -31.58
N VAL E 75 -35.72 -6.04 -32.51
CA VAL E 75 -35.39 -4.63 -32.65
C VAL E 75 -34.63 -4.47 -33.97
N THR E 76 -34.66 -3.28 -34.56
CA THR E 76 -34.07 -3.05 -35.87
C THR E 76 -34.75 -3.88 -36.95
N GLU E 77 -36.05 -3.64 -37.12
CA GLU E 77 -36.70 -3.94 -38.38
C GLU E 77 -36.27 -2.90 -39.42
N ALA E 78 -36.77 -3.06 -40.64
CA ALA E 78 -36.62 -1.99 -41.62
C ALA E 78 -37.31 -0.72 -41.15
N ASP E 79 -38.51 -0.85 -40.58
CA ASP E 79 -39.29 0.29 -40.11
C ASP E 79 -38.68 0.98 -38.90
N MET E 80 -37.70 0.38 -38.23
CA MET E 80 -36.95 1.06 -37.19
C MET E 80 -35.62 1.58 -37.70
N ALA E 81 -34.99 0.87 -38.63
CA ALA E 81 -33.78 1.42 -39.23
C ALA E 81 -34.07 2.74 -39.92
N ILE E 82 -35.19 2.84 -40.65
CA ILE E 82 -35.58 4.12 -41.23
C ILE E 82 -35.81 5.16 -40.13
N ALA E 83 -36.60 4.81 -39.12
CA ALA E 83 -36.99 5.79 -38.11
C ALA E 83 -35.85 6.19 -37.20
N MET E 84 -34.74 5.45 -37.22
CA MET E 84 -33.57 5.83 -36.44
C MET E 84 -32.50 6.51 -37.28
N ALA E 85 -32.41 6.17 -38.57
CA ALA E 85 -31.56 6.94 -39.47
C ALA E 85 -32.10 8.34 -39.69
N LEU E 86 -33.43 8.49 -39.69
CA LEU E 86 -34.00 9.82 -39.82
C LEU E 86 -33.58 10.74 -38.68
N MET E 87 -33.44 10.19 -37.48
CA MET E 87 -33.12 10.99 -36.29
C MET E 87 -31.61 11.11 -36.06
N GLY E 88 -30.80 10.87 -37.08
CA GLY E 88 -29.37 11.09 -36.98
C GLY E 88 -28.54 9.87 -36.68
N GLY E 89 -29.12 8.82 -36.12
CA GLY E 89 -28.39 7.61 -35.78
C GLY E 89 -28.30 6.64 -36.94
N ILE E 90 -28.07 5.37 -36.61
CA ILE E 90 -27.98 4.31 -37.60
C ILE E 90 -28.50 3.04 -36.95
N GLY E 91 -29.05 2.16 -37.77
CA GLY E 91 -29.59 0.90 -37.29
C GLY E 91 -29.07 -0.27 -38.09
N PHE E 92 -28.78 -1.36 -37.38
CA PHE E 92 -28.22 -2.56 -38.00
C PHE E 92 -29.32 -3.60 -38.12
N ILE E 93 -29.54 -4.11 -39.33
CA ILE E 93 -30.59 -5.08 -39.57
C ILE E 93 -30.13 -6.43 -39.10
N HIS E 94 -30.94 -7.09 -38.26
CA HIS E 94 -30.56 -8.38 -37.71
C HIS E 94 -30.48 -9.42 -38.81
N HIS E 95 -29.66 -10.44 -38.57
CA HIS E 95 -29.40 -11.50 -39.55
C HIS E 95 -30.02 -12.83 -39.16
N ASN E 96 -31.04 -12.83 -38.31
CA ASN E 96 -31.78 -14.06 -38.00
C ASN E 96 -32.96 -14.20 -38.96
N CYS E 97 -32.69 -14.14 -40.25
CA CYS E 97 -33.74 -14.19 -41.26
C CYS E 97 -33.15 -14.63 -42.58
N THR E 98 -34.03 -14.95 -43.53
CA THR E 98 -33.62 -15.41 -44.84
C THR E 98 -32.78 -14.33 -45.52
N PRO E 99 -31.73 -14.70 -46.26
CA PRO E 99 -30.92 -13.67 -46.94
C PRO E 99 -31.74 -12.75 -47.85
N GLU E 100 -32.73 -13.31 -48.55
CA GLU E 100 -33.62 -12.46 -49.34
C GLU E 100 -34.41 -11.52 -48.45
N PHE E 101 -34.82 -11.98 -47.27
CA PHE E 101 -35.52 -11.10 -46.33
C PHE E 101 -34.63 -9.95 -45.90
N GLN E 102 -33.36 -10.23 -45.59
CA GLN E 102 -32.46 -9.16 -45.18
C GLN E 102 -32.20 -8.18 -46.32
N ALA E 103 -32.03 -8.69 -47.54
CA ALA E 103 -31.85 -7.81 -48.68
C ALA E 103 -33.07 -6.92 -48.88
N ASN E 104 -34.27 -7.49 -48.71
CA ASN E 104 -35.49 -6.70 -48.82
C ASN E 104 -35.54 -5.62 -47.74
N GLU E 105 -35.14 -5.97 -46.51
CA GLU E 105 -35.11 -4.97 -45.45
C GLU E 105 -34.19 -3.82 -45.80
N VAL E 106 -33.00 -4.13 -46.32
CA VAL E 106 -32.05 -3.07 -46.65
C VAL E 106 -32.56 -2.24 -47.82
N ARG E 107 -33.21 -2.88 -48.80
CA ARG E 107 -33.80 -2.13 -49.90
C ARG E 107 -34.84 -1.14 -49.38
N LYS E 108 -35.70 -1.59 -48.47
CA LYS E 108 -36.73 -0.71 -47.96
C LYS E 108 -36.13 0.40 -47.11
N VAL E 109 -35.00 0.13 -46.47
CA VAL E 109 -34.31 1.19 -45.71
C VAL E 109 -33.75 2.24 -46.64
N LYS E 110 -33.14 1.80 -47.75
CA LYS E 110 -32.49 2.74 -48.66
C LYS E 110 -33.50 3.53 -49.48
N LYS E 111 -34.65 2.93 -49.80
CA LYS E 111 -35.68 3.61 -50.60
C LYS E 111 -36.73 4.25 -49.70
N PHE E 112 -36.29 5.18 -48.87
CA PHE E 112 -37.21 6.01 -48.09
C PHE E 112 -37.13 7.45 -48.56
N GLU E 113 -35.90 7.97 -48.67
CA GLU E 113 -35.66 9.21 -49.39
C GLU E 113 -34.49 8.96 -50.33
N GLN E 114 -34.57 9.56 -51.53
CA GLN E 114 -33.75 9.12 -52.64
C GLN E 114 -32.93 10.21 -53.31
N GLY E 115 -33.42 11.42 -53.43
CA GLY E 115 -32.78 12.37 -54.33
C GLY E 115 -33.16 12.02 -55.75
N PHE E 116 -32.18 11.72 -56.59
CA PHE E 116 -32.47 11.21 -57.93
C PHE E 116 -33.02 9.79 -57.84
N ILE E 117 -34.32 9.63 -58.09
CA ILE E 117 -34.94 8.31 -58.12
C ILE E 117 -34.59 7.68 -59.46
N THR E 118 -33.54 6.84 -59.48
CA THR E 118 -32.99 6.34 -60.73
C THR E 118 -33.62 5.04 -61.20
N ASP E 119 -34.42 4.37 -60.37
CA ASP E 119 -35.17 3.17 -60.76
C ASP E 119 -36.63 3.31 -60.36
N PRO E 120 -37.33 4.32 -60.89
CA PRO E 120 -38.77 4.43 -60.62
C PRO E 120 -39.55 3.36 -61.37
N VAL E 121 -40.72 3.05 -60.84
CA VAL E 121 -41.66 2.18 -61.54
C VAL E 121 -42.31 2.97 -62.66
N VAL E 122 -42.29 2.41 -63.87
CA VAL E 122 -42.87 3.07 -65.04
C VAL E 122 -43.74 2.06 -65.78
N LEU E 123 -44.63 2.57 -66.61
CA LEU E 123 -45.59 1.73 -67.32
C LEU E 123 -45.80 2.29 -68.73
N SER E 124 -46.38 1.44 -69.59
CA SER E 124 -46.70 1.88 -70.95
C SER E 124 -48.13 2.41 -71.02
N PRO E 125 -48.44 3.24 -72.02
CA PRO E 125 -49.80 3.79 -72.10
C PRO E 125 -50.88 2.72 -72.21
N SER E 126 -50.53 1.51 -72.65
CA SER E 126 -51.49 0.43 -72.82
C SER E 126 -51.89 -0.22 -71.51
N HIS E 127 -51.27 0.16 -70.39
CA HIS E 127 -51.67 -0.38 -69.11
C HIS E 127 -53.02 0.19 -68.68
N THR E 128 -53.48 -0.23 -67.51
CA THR E 128 -54.81 0.11 -67.03
C THR E 128 -54.75 0.75 -65.65
N VAL E 129 -55.79 1.55 -65.38
CA VAL E 129 -55.90 2.19 -64.07
C VAL E 129 -55.88 1.14 -62.97
N GLY E 130 -56.43 -0.04 -63.24
CA GLY E 130 -56.29 -1.14 -62.32
C GLY E 130 -54.83 -1.52 -62.09
N ASP E 131 -54.02 -1.49 -63.15
CA ASP E 131 -52.60 -1.78 -63.00
C ASP E 131 -51.91 -0.71 -62.14
N VAL E 132 -52.25 0.55 -62.36
CA VAL E 132 -51.65 1.62 -61.56
C VAL E 132 -52.03 1.45 -60.09
N LEU E 133 -53.31 1.16 -59.83
CA LEU E 133 -53.76 0.95 -58.45
C LEU E 133 -53.06 -0.27 -57.84
N GLU E 134 -52.87 -1.32 -58.62
CA GLU E 134 -52.18 -2.51 -58.12
C GLU E 134 -50.75 -2.19 -57.74
N ALA E 135 -50.05 -1.42 -58.58
CA ALA E 135 -48.68 -1.03 -58.25
C ALA E 135 -48.64 -0.14 -57.01
N LYS E 136 -49.61 0.76 -56.89
CA LYS E 136 -49.72 1.58 -55.68
C LYS E 136 -49.84 0.70 -54.44
N MET E 137 -50.78 -0.24 -54.46
CA MET E 137 -50.96 -1.13 -53.32
C MET E 137 -49.73 -1.98 -53.09
N ARG E 138 -48.99 -2.30 -54.16
CA ARG E 138 -47.84 -3.18 -54.04
C ARG E 138 -46.67 -2.49 -53.35
N HIS E 139 -46.38 -1.25 -53.74
CA HIS E 139 -45.20 -0.56 -53.25
C HIS E 139 -45.56 0.60 -52.33
N GLY E 140 -46.37 1.55 -52.79
CA GLY E 140 -46.63 2.75 -52.02
C GLY E 140 -46.52 4.00 -52.87
N PHE E 141 -45.63 3.96 -53.86
CA PHE E 141 -45.48 5.10 -54.76
C PHE E 141 -46.63 5.12 -55.76
N SER E 142 -47.18 6.31 -55.99
CA SER E 142 -48.36 6.46 -56.83
C SER E 142 -48.10 7.24 -58.12
N GLY E 143 -47.05 8.06 -58.15
CA GLY E 143 -46.77 8.86 -59.32
C GLY E 143 -45.97 8.13 -60.38
N ILE E 144 -46.57 7.10 -60.97
CA ILE E 144 -45.88 6.26 -61.95
C ILE E 144 -45.71 7.04 -63.24
N PRO E 145 -44.49 7.27 -63.72
CA PRO E 145 -44.31 7.85 -65.06
C PRO E 145 -44.70 6.86 -66.14
N ILE E 146 -45.02 7.38 -67.32
CA ILE E 146 -45.47 6.58 -68.45
C ILE E 146 -44.53 6.83 -69.62
N THR E 147 -44.05 5.75 -70.24
CA THR E 147 -43.18 5.80 -71.40
C THR E 147 -43.68 4.84 -72.46
N GLU E 148 -43.35 5.13 -73.72
CA GLU E 148 -43.93 4.38 -74.84
C GLU E 148 -43.72 2.89 -74.68
N THR E 149 -42.51 2.48 -74.31
CA THR E 149 -42.19 1.07 -74.16
C THR E 149 -42.41 0.56 -72.74
N GLY E 150 -42.88 1.41 -71.83
CA GLY E 150 -43.02 1.01 -70.45
C GLY E 150 -41.72 0.72 -69.75
N THR E 151 -40.68 1.50 -70.03
CA THR E 151 -39.39 1.33 -69.37
C THR E 151 -38.64 2.64 -69.43
N MET E 152 -37.46 2.67 -68.81
CA MET E 152 -36.67 3.89 -68.76
C MET E 152 -36.20 4.30 -70.14
N GLY E 153 -35.80 3.35 -70.97
CA GLY E 153 -35.31 3.65 -72.30
C GLY E 153 -36.41 3.87 -73.30
N SER E 154 -37.06 5.03 -73.25
CA SER E 154 -38.12 5.35 -74.20
C SER E 154 -38.52 6.80 -74.04
N LYS E 155 -39.30 7.29 -75.00
CA LYS E 155 -39.83 8.63 -74.93
C LYS E 155 -40.74 8.78 -73.72
N LEU E 156 -40.65 9.93 -73.04
CA LEU E 156 -41.52 10.24 -71.92
C LEU E 156 -42.79 10.88 -72.45
N VAL E 157 -43.90 10.14 -72.37
CA VAL E 157 -45.17 10.63 -72.89
C VAL E 157 -46.04 11.27 -71.80
N GLY E 158 -45.95 10.82 -70.56
CA GLY E 158 -46.77 11.42 -69.52
C GLY E 158 -46.54 10.71 -68.19
N ILE E 159 -47.34 11.13 -67.20
CA ILE E 159 -47.24 10.63 -65.83
C ILE E 159 -48.65 10.48 -65.27
N VAL E 160 -48.81 9.50 -64.38
CA VAL E 160 -50.08 9.25 -63.71
C VAL E 160 -49.82 9.24 -62.20
N THR E 161 -50.65 9.97 -61.47
CA THR E 161 -50.46 10.14 -60.02
C THR E 161 -51.78 9.89 -59.31
N SER E 162 -51.75 9.97 -57.98
CA SER E 162 -52.94 9.73 -57.19
C SER E 162 -54.04 10.73 -57.52
N ARG E 163 -53.69 12.01 -57.71
CA ARG E 163 -54.70 13.01 -58.03
C ARG E 163 -55.41 12.69 -59.34
N ASP E 164 -54.83 11.86 -60.20
CA ASP E 164 -55.48 11.44 -61.43
C ASP E 164 -56.45 10.28 -61.22
N ILE E 165 -56.46 9.67 -60.04
CA ILE E 165 -57.21 8.44 -59.81
C ILE E 165 -58.14 8.58 -58.61
N ASP E 166 -58.59 9.79 -58.31
CA ASP E 166 -59.54 10.01 -57.23
C ASP E 166 -60.96 9.74 -57.70
N PHE E 167 -61.21 8.49 -58.07
CA PHE E 167 -62.53 8.06 -58.51
C PHE E 167 -63.47 7.98 -57.31
N ASP E 172 -64.61 0.73 -64.72
CA ASP E 172 -63.90 2.00 -64.61
C ASP E 172 -62.40 1.76 -64.50
N HIS E 173 -62.02 0.64 -63.88
CA HIS E 173 -60.61 0.30 -63.76
C HIS E 173 -60.04 -0.30 -65.04
N THR E 174 -60.88 -0.55 -66.03
CA THR E 174 -60.39 -1.11 -67.29
C THR E 174 -59.88 -0.04 -68.24
N THR E 175 -60.14 1.24 -67.95
CA THR E 175 -59.71 2.31 -68.85
C THR E 175 -58.19 2.36 -68.93
N LEU E 176 -57.68 2.60 -70.13
CA LEU E 176 -56.24 2.66 -70.34
C LEU E 176 -55.66 3.94 -69.74
N LEU E 177 -54.33 3.94 -69.58
CA LEU E 177 -53.68 5.10 -68.99
C LEU E 177 -53.69 6.31 -69.92
N SER E 178 -53.86 6.09 -71.22
CA SER E 178 -53.89 7.23 -72.13
C SER E 178 -55.07 8.15 -71.85
N GLU E 179 -56.13 7.64 -71.22
CA GLU E 179 -57.30 8.47 -70.94
C GLU E 179 -57.18 9.25 -69.65
N VAL E 180 -56.17 8.97 -68.82
CA VAL E 180 -55.99 9.62 -67.53
C VAL E 180 -54.63 10.28 -67.38
N MET E 181 -53.71 10.08 -68.32
CA MET E 181 -52.39 10.69 -68.25
C MET E 181 -52.53 12.21 -68.33
N THR E 182 -51.59 12.93 -67.70
CA THR E 182 -51.32 14.31 -68.06
C THR E 182 -50.29 14.31 -69.19
N PRO E 183 -50.63 14.72 -70.42
CA PRO E 183 -49.76 14.51 -71.56
C PRO E 183 -48.46 15.28 -71.52
N ARG E 184 -47.51 15.00 -72.40
CA ARG E 184 -46.21 15.65 -72.42
C ARG E 184 -46.30 17.09 -72.92
N ILE E 185 -47.30 17.39 -73.75
CA ILE E 185 -47.52 18.75 -74.21
C ILE E 185 -47.70 19.70 -73.03
N GLU E 186 -48.17 19.18 -71.89
CA GLU E 186 -48.46 20.00 -70.72
C GLU E 186 -47.36 19.92 -69.66
N LEU E 187 -46.61 18.82 -69.62
CA LEU E 187 -45.65 18.62 -68.55
C LEU E 187 -44.59 19.70 -68.53
N VAL E 188 -44.14 20.06 -67.32
CA VAL E 188 -42.99 20.92 -67.12
C VAL E 188 -41.83 20.02 -66.69
N VAL E 189 -40.79 19.97 -67.52
CA VAL E 189 -39.71 19.01 -67.34
C VAL E 189 -38.38 19.75 -67.41
N ALA E 190 -37.37 19.16 -66.78
CA ALA E 190 -36.04 19.73 -66.76
C ALA E 190 -35.09 18.88 -67.61
N PRO E 191 -34.22 19.51 -68.40
CA PRO E 191 -33.30 18.73 -69.24
C PRO E 191 -32.30 17.96 -68.38
N ALA E 192 -31.93 16.77 -68.85
CA ALA E 192 -31.02 15.94 -68.09
C ALA E 192 -29.62 16.54 -68.11
N GLY E 193 -28.78 16.06 -67.20
CA GLY E 193 -27.44 16.58 -67.05
C GLY E 193 -27.32 17.79 -66.16
N VAL E 194 -28.44 18.35 -65.70
CA VAL E 194 -28.39 19.51 -64.82
C VAL E 194 -28.08 19.04 -63.40
N THR E 195 -27.30 19.84 -62.68
CA THR E 195 -26.97 19.53 -61.30
C THR E 195 -28.25 19.42 -60.47
N LEU E 196 -28.09 18.85 -59.27
CA LEU E 196 -29.26 18.66 -58.41
C LEU E 196 -29.88 19.99 -58.02
N LYS E 197 -29.06 20.98 -57.69
CA LYS E 197 -29.60 22.26 -57.23
C LYS E 197 -30.53 22.87 -58.27
N GLU E 198 -30.07 22.97 -59.52
CA GLU E 198 -30.91 23.57 -60.56
C GLU E 198 -32.17 22.74 -60.79
N ALA E 199 -32.07 21.42 -60.67
CA ALA E 199 -33.25 20.58 -60.82
C ALA E 199 -34.29 20.92 -59.74
N ASN E 200 -33.85 21.07 -58.50
CA ASN E 200 -34.74 21.51 -57.44
C ASN E 200 -35.31 22.89 -57.73
N GLU E 201 -34.49 23.81 -58.22
CA GLU E 201 -34.99 25.15 -58.52
C GLU E 201 -36.14 25.09 -59.51
N ILE E 202 -35.96 24.37 -60.62
CA ILE E 202 -37.03 24.34 -61.61
C ILE E 202 -38.23 23.58 -61.05
N LEU E 203 -38.00 22.60 -60.17
CA LEU E 203 -39.11 21.92 -59.52
C LEU E 203 -39.92 22.89 -58.68
N GLN E 204 -39.25 23.73 -57.90
CA GLN E 204 -39.94 24.58 -56.94
C GLN E 204 -40.61 25.78 -57.62
N ARG E 205 -40.02 26.32 -58.68
CA ARG E 205 -40.78 27.31 -59.45
C ARG E 205 -41.98 26.66 -60.13
N SER E 206 -41.92 25.37 -60.41
CA SER E 206 -43.02 24.72 -61.13
C SER E 206 -44.27 24.60 -60.28
N LYS E 207 -44.12 24.46 -58.97
CA LYS E 207 -45.24 24.29 -58.05
C LYS E 207 -46.05 23.03 -58.35
N LYS E 208 -45.41 22.01 -58.94
CA LYS E 208 -46.03 20.73 -59.20
C LYS E 208 -45.18 19.62 -58.60
N GLY E 209 -45.85 18.52 -58.25
CA GLY E 209 -45.24 17.53 -57.39
C GLY E 209 -44.02 16.82 -57.96
N LYS E 210 -44.09 16.36 -59.20
CA LYS E 210 -43.04 15.57 -59.80
C LYS E 210 -42.38 16.34 -60.93
N LEU E 211 -41.06 16.13 -61.08
CA LEU E 211 -40.29 16.73 -62.16
C LEU E 211 -39.47 15.65 -62.84
N PRO E 212 -40.06 14.85 -63.71
CA PRO E 212 -39.26 13.92 -64.51
C PRO E 212 -38.05 14.61 -65.11
N ILE E 213 -37.05 13.80 -65.45
CA ILE E 213 -35.83 14.29 -66.08
C ILE E 213 -35.61 13.52 -67.37
N VAL E 214 -35.49 14.24 -68.49
CA VAL E 214 -35.28 13.65 -69.80
C VAL E 214 -34.04 14.27 -70.42
N ASN E 215 -33.36 13.50 -71.25
CA ASN E 215 -32.13 13.97 -71.88
C ASN E 215 -32.47 14.72 -73.18
N ASP E 216 -31.42 15.14 -73.88
CA ASP E 216 -31.61 15.89 -75.11
C ASP E 216 -32.39 15.10 -76.15
N CYS E 217 -32.41 13.77 -76.04
CA CYS E 217 -33.16 12.93 -76.96
C CYS E 217 -34.58 12.67 -76.51
N ASP E 218 -35.03 13.30 -75.43
CA ASP E 218 -36.39 13.17 -74.91
C ASP E 218 -36.65 11.79 -74.30
N GLU E 219 -35.65 11.21 -73.65
CA GLU E 219 -35.77 9.90 -73.04
C GLU E 219 -35.67 10.02 -71.52
N LEU E 220 -36.56 9.31 -70.82
CA LEU E 220 -36.61 9.40 -69.37
C LEU E 220 -35.34 8.82 -68.75
N VAL E 221 -34.75 9.56 -67.82
CA VAL E 221 -33.51 9.17 -67.18
C VAL E 221 -33.70 8.93 -65.69
N ALA E 222 -34.42 9.83 -65.01
CA ALA E 222 -34.69 9.70 -63.58
C ALA E 222 -35.69 10.79 -63.21
N ILE E 223 -36.17 10.73 -61.97
CA ILE E 223 -37.15 11.68 -61.48
C ILE E 223 -36.80 12.10 -60.06
N ILE E 224 -37.38 13.21 -59.63
CA ILE E 224 -37.27 13.68 -58.26
C ILE E 224 -38.67 14.02 -57.76
N ALA E 225 -38.82 14.04 -56.43
CA ALA E 225 -40.12 14.23 -55.81
C ALA E 225 -40.08 15.37 -54.81
N ARG E 226 -41.14 16.17 -54.79
CA ARG E 226 -41.28 17.24 -53.81
C ARG E 226 -41.18 16.70 -52.40
N THR E 227 -41.70 15.49 -52.17
CA THR E 227 -41.75 14.94 -50.82
C THR E 227 -40.36 14.65 -50.27
N ASP E 228 -39.39 14.38 -51.14
CA ASP E 228 -38.05 14.09 -50.65
C ASP E 228 -37.40 15.34 -50.05
N LEU E 229 -37.48 16.47 -50.75
CA LEU E 229 -36.99 17.71 -50.16
C LEU E 229 -37.87 18.17 -49.00
N LYS E 230 -39.16 17.83 -49.00
CA LYS E 230 -39.97 18.11 -47.82
C LYS E 230 -39.49 17.32 -46.61
N LYS E 231 -39.11 16.06 -46.82
CA LYS E 231 -38.55 15.26 -45.74
C LYS E 231 -37.22 15.83 -45.28
N ASN E 232 -36.39 16.27 -46.22
CA ASN E 232 -35.15 16.93 -45.84
C ASN E 232 -35.42 18.15 -44.95
N ARG E 233 -36.40 18.97 -45.35
CA ARG E 233 -36.78 20.11 -44.54
C ARG E 233 -37.24 19.67 -43.16
N ASP E 234 -38.01 18.60 -43.09
CA ASP E 234 -38.60 18.16 -41.82
C ASP E 234 -37.55 17.59 -40.88
N TYR E 235 -36.61 16.78 -41.38
CA TYR E 235 -35.63 16.08 -40.56
C TYR E 235 -34.24 16.66 -40.85
N PRO E 236 -33.81 17.65 -40.05
CA PRO E 236 -32.52 18.30 -40.32
C PRO E 236 -31.31 17.46 -39.98
N LEU E 237 -31.44 16.45 -39.11
CA LEU E 237 -30.30 15.71 -38.59
C LEU E 237 -30.12 14.34 -39.23
N ALA E 238 -30.88 14.00 -40.27
CA ALA E 238 -30.82 12.66 -40.84
C ALA E 238 -29.41 12.33 -41.30
N SER E 239 -29.14 11.02 -41.43
CA SER E 239 -27.86 10.54 -41.94
C SER E 239 -28.03 10.04 -43.36
N LYS E 240 -27.22 10.56 -44.28
CA LYS E 240 -27.33 10.22 -45.68
C LYS E 240 -25.95 10.09 -46.29
N ASP E 241 -25.89 9.39 -47.43
CA ASP E 241 -24.67 9.30 -48.21
C ASP E 241 -24.68 10.35 -49.32
N SER E 242 -23.71 10.28 -50.23
CA SER E 242 -23.58 11.33 -51.24
C SER E 242 -24.78 11.39 -52.17
N GLN E 243 -25.57 10.32 -52.24
CA GLN E 243 -26.76 10.29 -53.07
C GLN E 243 -28.01 10.74 -52.34
N LYS E 244 -27.88 11.22 -51.11
CA LYS E 244 -29.00 11.74 -50.34
C LYS E 244 -30.06 10.67 -50.10
N GLN E 245 -29.60 9.47 -49.75
CA GLN E 245 -30.48 8.38 -49.39
C GLN E 245 -30.01 7.75 -48.10
N LEU E 246 -30.97 7.36 -47.25
CA LEU E 246 -30.67 7.04 -45.86
C LEU E 246 -29.53 6.03 -45.76
N LEU E 247 -28.72 6.19 -44.73
CA LEU E 247 -27.61 5.29 -44.50
C LEU E 247 -28.10 4.05 -43.77
N CYS E 248 -27.76 2.87 -44.31
CA CYS E 248 -28.19 1.61 -43.75
C CYS E 248 -26.98 0.75 -43.39
N GLY E 249 -27.13 -0.02 -42.32
CA GLY E 249 -26.14 -1.01 -41.94
C GLY E 249 -26.78 -2.36 -41.75
N ALA E 250 -25.98 -3.42 -41.80
CA ALA E 250 -26.50 -4.77 -41.65
C ALA E 250 -25.48 -5.64 -40.96
N ALA E 251 -25.95 -6.68 -40.28
CA ALA E 251 -25.09 -7.62 -39.58
C ALA E 251 -25.10 -8.96 -40.30
N VAL E 252 -23.97 -9.67 -40.21
CA VAL E 252 -23.83 -10.99 -40.81
C VAL E 252 -22.90 -11.82 -39.93
N GLY E 253 -23.13 -13.13 -39.94
CA GLY E 253 -22.32 -14.04 -39.15
C GLY E 253 -20.96 -14.26 -39.77
N THR E 254 -20.39 -15.45 -39.50
CA THR E 254 -19.08 -15.81 -40.03
C THR E 254 -19.04 -17.24 -40.57
N ARG E 255 -20.19 -17.79 -40.95
CA ARG E 255 -20.22 -19.10 -41.58
C ARG E 255 -19.84 -18.99 -43.05
N GLU E 256 -20.05 -20.08 -43.79
CA GLU E 256 -19.80 -20.06 -45.23
C GLU E 256 -20.96 -19.40 -45.96
N ASP E 257 -22.21 -19.71 -45.57
CA ASP E 257 -23.37 -19.12 -46.23
C ASP E 257 -23.38 -17.60 -46.10
N ASP E 258 -22.64 -17.04 -45.13
CA ASP E 258 -22.55 -15.60 -45.02
C ASP E 258 -21.93 -14.96 -46.24
N LYS E 259 -21.20 -15.71 -47.07
CA LYS E 259 -20.70 -15.13 -48.31
C LYS E 259 -21.84 -14.80 -49.27
N TYR E 260 -22.77 -15.74 -49.47
CA TYR E 260 -23.96 -15.46 -50.28
C TYR E 260 -24.84 -14.42 -49.61
N ARG E 261 -24.95 -14.47 -48.28
CA ARG E 261 -25.68 -13.44 -47.56
C ARG E 261 -25.13 -12.06 -47.86
N LEU E 262 -23.80 -11.94 -47.84
CA LEU E 262 -23.15 -10.65 -48.07
C LEU E 262 -23.29 -10.23 -49.52
N ASP E 263 -23.22 -11.17 -50.45
CA ASP E 263 -23.49 -10.86 -51.85
C ASP E 263 -24.87 -10.21 -52.00
N LEU E 264 -25.89 -10.85 -51.43
CA LEU E 264 -27.22 -10.28 -51.49
C LEU E 264 -27.29 -8.90 -50.82
N LEU E 265 -26.66 -8.78 -49.65
CA LEU E 265 -26.69 -7.50 -48.93
C LEU E 265 -26.10 -6.38 -49.77
N THR E 266 -24.92 -6.61 -50.34
CA THR E 266 -24.28 -5.58 -51.16
C THR E 266 -25.06 -5.31 -52.42
N GLN E 267 -25.77 -6.31 -52.95
CA GLN E 267 -26.70 -6.03 -54.04
C GLN E 267 -27.78 -5.06 -53.58
N ALA E 268 -28.28 -5.25 -52.35
CA ALA E 268 -29.29 -4.35 -51.82
C ALA E 268 -28.77 -2.92 -51.70
N GLY E 269 -27.48 -2.77 -51.35
CA GLY E 269 -26.87 -1.46 -51.27
C GLY E 269 -26.44 -1.08 -49.86
N VAL E 270 -26.07 -2.08 -49.05
CA VAL E 270 -25.63 -1.81 -47.69
C VAL E 270 -24.43 -0.86 -47.73
N ASP E 271 -24.28 -0.06 -46.68
CA ASP E 271 -23.15 0.85 -46.56
C ASP E 271 -22.12 0.40 -45.55
N VAL E 272 -22.54 -0.17 -44.42
CA VAL E 272 -21.63 -0.63 -43.38
C VAL E 272 -22.16 -1.97 -42.86
N ILE E 273 -21.22 -2.89 -42.60
CA ILE E 273 -21.55 -4.26 -42.21
C ILE E 273 -20.82 -4.57 -40.91
N VAL E 274 -21.49 -5.25 -40.00
CA VAL E 274 -20.94 -5.60 -38.70
C VAL E 274 -20.93 -7.12 -38.56
N LEU E 275 -19.82 -7.66 -38.10
CA LEU E 275 -19.72 -9.10 -37.88
C LEU E 275 -20.23 -9.45 -36.49
N ASP E 276 -21.13 -10.43 -36.44
CA ASP E 276 -21.86 -10.78 -35.23
C ASP E 276 -21.30 -12.09 -34.66
N SER E 277 -20.72 -12.01 -33.47
CA SER E 277 -20.16 -13.19 -32.80
C SER E 277 -20.02 -12.89 -31.33
N SER E 278 -20.15 -13.94 -30.51
CA SER E 278 -20.07 -13.75 -29.06
C SER E 278 -18.68 -13.31 -28.64
N GLN E 279 -17.65 -13.90 -29.25
CA GLN E 279 -16.26 -13.48 -29.03
C GLN E 279 -15.62 -13.26 -30.38
N GLY E 280 -15.20 -12.02 -30.64
CA GLY E 280 -14.69 -11.64 -31.94
C GLY E 280 -13.36 -12.27 -32.32
N ASN E 281 -12.46 -12.40 -31.35
CA ASN E 281 -11.09 -12.79 -31.63
C ASN E 281 -10.98 -14.25 -32.05
N SER E 282 -11.10 -14.54 -33.34
CA SER E 282 -11.05 -15.92 -33.80
C SER E 282 -10.63 -15.94 -35.26
N VAL E 283 -10.04 -17.07 -35.66
CA VAL E 283 -9.57 -17.24 -37.03
C VAL E 283 -10.72 -17.10 -38.02
N TYR E 284 -11.91 -17.55 -37.64
CA TYR E 284 -13.05 -17.46 -38.56
C TYR E 284 -13.46 -16.02 -38.79
N GLN E 285 -13.51 -15.21 -37.73
CA GLN E 285 -13.80 -13.79 -37.90
C GLN E 285 -12.72 -13.11 -38.72
N ILE E 286 -11.45 -13.46 -38.49
CA ILE E 286 -10.38 -12.83 -39.25
C ILE E 286 -10.47 -13.21 -40.72
N ALA E 287 -10.84 -14.46 -41.01
CA ALA E 287 -11.02 -14.88 -42.40
C ALA E 287 -12.17 -14.12 -43.06
N MET E 288 -13.26 -13.90 -42.32
CA MET E 288 -14.35 -13.09 -42.87
C MET E 288 -13.89 -11.67 -43.14
N VAL E 289 -13.10 -11.09 -42.24
CA VAL E 289 -12.61 -9.73 -42.46
C VAL E 289 -11.76 -9.67 -43.72
N HIS E 290 -10.89 -10.66 -43.91
CA HIS E 290 -10.04 -10.68 -45.10
C HIS E 290 -10.87 -10.85 -46.37
N TYR E 291 -11.84 -11.75 -46.35
CA TYR E 291 -12.72 -11.92 -47.51
C TYR E 291 -13.46 -10.63 -47.84
N ILE E 292 -13.96 -9.95 -46.81
CA ILE E 292 -14.71 -8.72 -47.04
C ILE E 292 -13.80 -7.66 -47.65
N LYS E 293 -12.62 -7.48 -47.07
CA LYS E 293 -11.73 -6.44 -47.56
C LYS E 293 -11.08 -6.81 -48.89
N GLN E 294 -11.21 -8.05 -49.34
CA GLN E 294 -10.78 -8.38 -50.69
C GLN E 294 -11.89 -8.16 -51.70
N LYS E 295 -13.06 -8.76 -51.49
CA LYS E 295 -14.12 -8.66 -52.48
C LYS E 295 -14.75 -7.28 -52.54
N TYR E 296 -14.94 -6.61 -51.40
CA TYR E 296 -15.62 -5.31 -51.35
C TYR E 296 -14.72 -4.32 -50.61
N PRO E 297 -13.68 -3.80 -51.26
CA PRO E 297 -12.81 -2.82 -50.61
C PRO E 297 -13.54 -1.57 -50.16
N HIS E 298 -14.67 -1.21 -50.78
CA HIS E 298 -15.39 0.01 -50.45
C HIS E 298 -16.35 -0.16 -49.29
N LEU E 299 -16.43 -1.34 -48.69
CA LEU E 299 -17.39 -1.60 -47.63
C LEU E 299 -16.70 -1.54 -46.28
N GLN E 300 -17.32 -0.85 -45.33
CA GLN E 300 -16.79 -0.72 -43.98
C GLN E 300 -17.26 -1.89 -43.13
N VAL E 301 -16.32 -2.61 -42.54
CA VAL E 301 -16.61 -3.80 -41.74
C VAL E 301 -16.23 -3.49 -40.29
N ILE E 302 -17.15 -3.80 -39.38
CA ILE E 302 -16.95 -3.54 -37.95
C ILE E 302 -16.63 -4.86 -37.26
N GLY E 303 -15.60 -4.86 -36.43
CA GLY E 303 -15.11 -6.09 -35.85
C GLY E 303 -16.07 -6.66 -34.82
N GLY E 304 -15.72 -7.83 -34.31
CA GLY E 304 -16.56 -8.55 -33.39
C GLY E 304 -16.36 -8.08 -31.95
N ASN E 305 -17.08 -8.74 -31.05
CA ASN E 305 -17.08 -8.33 -29.65
C ASN E 305 -15.73 -8.62 -29.01
N VAL E 306 -15.01 -7.56 -28.64
CA VAL E 306 -13.72 -7.67 -27.96
C VAL E 306 -13.78 -6.84 -26.68
N VAL E 307 -13.12 -7.33 -25.65
CA VAL E 307 -13.15 -6.68 -24.31
C VAL E 307 -11.71 -6.38 -23.90
N THR E 308 -10.69 -6.79 -24.68
CA THR E 308 -9.30 -6.67 -24.30
C THR E 308 -8.42 -6.11 -25.42
N ALA E 309 -7.27 -5.56 -25.02
CA ALA E 309 -6.33 -5.03 -25.99
C ALA E 309 -5.77 -6.14 -26.88
N ALA E 310 -5.48 -7.30 -26.30
CA ALA E 310 -4.98 -8.41 -27.10
C ALA E 310 -5.99 -8.84 -28.16
N GLN E 311 -7.27 -8.91 -27.78
CA GLN E 311 -8.31 -9.23 -28.76
C GLN E 311 -8.41 -8.15 -29.81
N ALA E 312 -8.32 -6.89 -29.40
CA ALA E 312 -8.49 -5.79 -30.35
C ALA E 312 -7.35 -5.75 -31.36
N LYS E 313 -6.14 -6.14 -30.96
CA LYS E 313 -4.98 -5.94 -31.81
C LYS E 313 -5.10 -6.71 -33.12
N ASN E 314 -5.40 -8.01 -33.05
CA ASN E 314 -5.44 -8.79 -34.28
C ASN E 314 -6.64 -8.46 -35.15
N LEU E 315 -7.77 -8.04 -34.59
CA LEU E 315 -8.84 -7.50 -35.42
C LEU E 315 -8.40 -6.22 -36.13
N ILE E 316 -7.72 -5.33 -35.41
CA ILE E 316 -7.21 -4.11 -36.05
C ILE E 316 -6.28 -4.47 -37.20
N ASP E 317 -5.39 -5.45 -36.98
CA ASP E 317 -4.49 -5.88 -38.03
C ASP E 317 -5.26 -6.46 -39.21
N ALA E 318 -6.29 -7.26 -38.93
CA ALA E 318 -7.15 -7.78 -40.00
C ALA E 318 -7.75 -6.63 -40.80
N GLY E 319 -8.03 -5.51 -40.15
CA GLY E 319 -8.47 -4.33 -40.86
C GLY E 319 -9.91 -3.95 -40.62
N VAL E 320 -10.40 -4.18 -39.41
CA VAL E 320 -11.75 -3.73 -39.07
C VAL E 320 -11.76 -2.22 -38.93
N ASP E 321 -12.68 -1.57 -39.63
CA ASP E 321 -12.83 -0.13 -39.57
C ASP E 321 -13.47 0.35 -38.28
N GLY E 322 -14.00 -0.57 -37.47
CA GLY E 322 -14.55 -0.21 -36.18
C GLY E 322 -14.51 -1.42 -35.26
N LEU E 323 -14.87 -1.18 -34.01
CA LEU E 323 -14.85 -2.21 -32.99
C LEU E 323 -16.05 -2.17 -32.06
N ARG E 324 -16.59 -3.36 -31.76
CA ARG E 324 -17.70 -3.51 -30.84
C ARG E 324 -17.15 -4.06 -29.54
N VAL E 325 -17.35 -3.32 -28.45
CA VAL E 325 -16.76 -3.65 -27.16
C VAL E 325 -17.87 -4.04 -26.20
N GLY E 326 -17.68 -5.14 -25.49
CA GLY E 326 -18.62 -5.60 -24.50
C GLY E 326 -18.93 -7.08 -24.66
N MET E 327 -18.98 -7.81 -23.55
CA MET E 327 -19.26 -9.24 -23.58
C MET E 327 -19.75 -9.67 -22.21
N GLY E 328 -20.96 -10.23 -22.16
CA GLY E 328 -21.52 -10.75 -20.93
C GLY E 328 -22.35 -9.77 -20.12
N CYS E 329 -22.45 -8.51 -20.54
CA CYS E 329 -23.13 -7.49 -19.75
C CYS E 329 -24.46 -7.05 -20.35
N GLY E 330 -24.97 -7.76 -21.36
CA GLY E 330 -26.24 -7.38 -21.94
C GLY E 330 -27.39 -7.60 -20.98
N SER E 331 -28.48 -6.86 -21.20
CA SER E 331 -29.68 -7.05 -20.40
C SER E 331 -30.26 -8.44 -20.59
N ILE E 332 -30.29 -8.92 -21.83
CA ILE E 332 -30.86 -10.22 -22.17
C ILE E 332 -29.80 -11.31 -22.24
N CYS E 333 -28.62 -11.06 -21.68
CA CYS E 333 -27.47 -11.94 -21.86
C CYS E 333 -27.28 -12.81 -20.62
N ILE E 334 -27.13 -14.11 -20.85
CA ILE E 334 -26.81 -15.08 -19.81
C ILE E 334 -25.42 -15.67 -19.98
N THR E 335 -24.58 -15.04 -20.81
CA THR E 335 -23.28 -15.61 -21.13
C THR E 335 -22.39 -15.73 -19.89
N GLN E 336 -22.42 -14.73 -19.02
CA GLN E 336 -21.56 -14.76 -17.85
C GLN E 336 -21.86 -15.96 -16.96
N GLU E 337 -23.09 -16.49 -17.01
CA GLU E 337 -23.46 -17.66 -16.23
C GLU E 337 -23.29 -18.96 -16.98
N VAL E 338 -23.61 -19.00 -18.28
CA VAL E 338 -23.39 -20.19 -19.08
C VAL E 338 -21.91 -20.49 -19.27
N MET E 339 -21.05 -19.47 -19.23
CA MET E 339 -19.60 -19.64 -19.29
C MET E 339 -18.98 -18.58 -18.41
N ALA E 340 -17.71 -18.80 -18.03
CA ALA E 340 -17.08 -17.94 -17.04
C ALA E 340 -16.48 -16.67 -17.63
N CYS E 341 -16.47 -16.53 -18.95
CA CYS E 341 -15.76 -15.42 -19.58
C CYS E 341 -16.58 -14.14 -19.54
N GLY E 342 -15.88 -13.02 -19.61
CA GLY E 342 -16.52 -11.72 -19.65
C GLY E 342 -15.61 -10.66 -19.05
N ARG E 343 -16.16 -9.45 -18.95
CA ARG E 343 -15.47 -8.33 -18.31
C ARG E 343 -16.49 -7.24 -18.03
N PRO E 344 -16.38 -6.55 -16.90
CA PRO E 344 -17.31 -5.44 -16.62
C PRO E 344 -17.22 -4.36 -17.69
N GLN E 345 -18.38 -3.78 -18.00
CA GLN E 345 -18.49 -2.94 -19.20
C GLN E 345 -17.63 -1.70 -19.12
N GLY E 346 -17.59 -1.03 -17.96
CA GLY E 346 -16.82 0.19 -17.86
C GLY E 346 -15.34 -0.04 -18.10
N THR E 347 -14.75 -1.04 -17.43
CA THR E 347 -13.35 -1.35 -17.65
C THR E 347 -13.11 -1.81 -19.08
N ALA E 348 -14.00 -2.65 -19.62
CA ALA E 348 -13.83 -3.07 -21.01
C ALA E 348 -13.81 -1.91 -22.00
N VAL E 349 -14.80 -1.03 -21.94
CA VAL E 349 -14.86 0.08 -22.89
C VAL E 349 -13.64 0.99 -22.70
N TYR E 350 -13.30 1.30 -21.44
CA TYR E 350 -12.15 2.17 -21.24
C TYR E 350 -10.88 1.57 -21.83
N LYS E 351 -10.61 0.30 -21.55
CA LYS E 351 -9.32 -0.28 -21.88
C LYS E 351 -9.23 -0.77 -23.32
N VAL E 352 -10.27 -0.84 -24.14
CA VAL E 352 -10.12 -1.13 -25.60
C VAL E 352 -10.25 0.22 -26.27
N ALA E 353 -11.00 1.22 -25.78
CA ALA E 353 -11.01 2.52 -26.44
C ALA E 353 -9.78 3.38 -26.18
N GLU E 354 -9.03 3.13 -25.11
CA GLU E 354 -7.77 3.82 -24.91
C GLU E 354 -6.68 3.26 -25.82
N TYR E 355 -6.80 2.00 -26.20
CA TYR E 355 -5.82 1.36 -27.09
C TYR E 355 -6.16 1.60 -28.56
N ALA E 356 -7.44 1.50 -28.91
CA ALA E 356 -7.84 1.68 -30.30
C ALA E 356 -7.55 3.10 -30.79
N ARG E 357 -7.74 4.10 -29.94
CA ARG E 357 -7.50 5.49 -30.31
C ARG E 357 -6.24 5.82 -31.10
N ARG E 358 -5.17 5.03 -30.91
CA ARG E 358 -3.93 5.30 -31.63
C ARG E 358 -4.06 5.00 -33.12
N PHE E 359 -4.93 4.06 -33.48
CA PHE E 359 -5.12 3.67 -34.86
C PHE E 359 -6.36 4.31 -35.50
N GLY E 360 -7.13 5.08 -34.74
CA GLY E 360 -8.26 5.78 -35.28
C GLY E 360 -9.51 4.97 -35.47
N VAL E 361 -9.52 3.71 -35.03
CA VAL E 361 -10.73 2.89 -35.15
C VAL E 361 -11.67 3.24 -34.01
N PRO E 362 -12.87 3.75 -34.27
CA PRO E 362 -13.80 4.04 -33.18
C PRO E 362 -14.33 2.78 -32.54
N ILE E 363 -14.97 2.96 -31.38
CA ILE E 363 -15.49 1.87 -30.58
C ILE E 363 -16.99 2.06 -30.42
N ILE E 364 -17.71 0.94 -30.31
CA ILE E 364 -19.16 0.95 -30.09
C ILE E 364 -19.41 0.16 -28.82
N ALA E 365 -19.50 0.86 -27.69
CA ALA E 365 -19.77 0.20 -26.41
C ALA E 365 -21.22 -0.24 -26.37
N ASP E 366 -21.46 -1.55 -26.44
CA ASP E 366 -22.81 -2.10 -26.53
C ASP E 366 -23.11 -2.91 -25.27
N GLY E 367 -24.36 -2.86 -24.84
CA GLY E 367 -24.79 -3.61 -23.67
C GLY E 367 -24.58 -2.87 -22.37
N GLY E 368 -25.52 -3.00 -21.44
CA GLY E 368 -25.45 -2.35 -20.16
C GLY E 368 -26.04 -0.95 -20.12
N ILE E 369 -26.37 -0.38 -21.27
CA ILE E 369 -26.95 0.95 -21.32
C ILE E 369 -28.40 0.88 -20.88
N GLN E 370 -28.70 1.45 -19.70
CA GLN E 370 -30.06 1.52 -19.20
C GLN E 370 -30.60 2.93 -19.13
N THR E 371 -29.74 3.94 -19.07
CA THR E 371 -30.19 5.31 -18.87
C THR E 371 -29.27 6.28 -19.58
N VAL E 372 -29.72 7.53 -19.64
CA VAL E 372 -28.91 8.60 -20.22
C VAL E 372 -27.60 8.74 -19.46
N GLY E 373 -27.64 8.50 -18.15
CA GLY E 373 -26.40 8.53 -17.38
C GLY E 373 -25.40 7.51 -17.87
N HIS E 374 -25.86 6.29 -18.17
CA HIS E 374 -24.97 5.28 -18.72
C HIS E 374 -24.49 5.65 -20.11
N VAL E 375 -25.35 6.26 -20.93
CA VAL E 375 -24.92 6.67 -22.27
C VAL E 375 -23.79 7.67 -22.16
N VAL E 376 -23.95 8.69 -21.32
CA VAL E 376 -22.92 9.72 -21.18
C VAL E 376 -21.67 9.15 -20.53
N LYS E 377 -21.82 8.25 -19.55
CA LYS E 377 -20.66 7.63 -18.94
C LYS E 377 -19.85 6.85 -19.98
N ALA E 378 -20.55 6.09 -20.83
CA ALA E 378 -19.86 5.37 -21.90
C ALA E 378 -19.18 6.28 -22.91
N LEU E 379 -19.82 7.39 -23.28
CA LEU E 379 -19.17 8.32 -24.21
C LEU E 379 -18.03 9.08 -23.55
N ALA E 380 -18.00 9.13 -22.21
CA ALA E 380 -16.91 9.84 -21.53
C ALA E 380 -15.66 8.98 -21.47
N LEU E 381 -15.81 7.66 -21.55
CA LEU E 381 -14.70 6.74 -21.35
C LEU E 381 -13.98 6.39 -22.63
N GLY E 382 -14.34 7.00 -23.76
CA GLY E 382 -13.66 6.77 -25.02
C GLY E 382 -14.50 6.10 -26.08
N ALA E 383 -15.69 5.64 -25.76
CA ALA E 383 -16.54 5.00 -26.76
C ALA E 383 -17.10 6.05 -27.70
N SER E 384 -16.73 5.96 -28.98
CA SER E 384 -17.19 6.93 -29.95
C SER E 384 -18.71 6.91 -30.10
N THR E 385 -19.30 5.72 -30.10
CA THR E 385 -20.74 5.58 -30.23
C THR E 385 -21.22 4.55 -29.21
N VAL E 386 -22.53 4.53 -28.99
CA VAL E 386 -23.15 3.63 -28.01
C VAL E 386 -24.29 2.89 -28.69
N MET E 387 -24.32 1.57 -28.51
CA MET E 387 -25.30 0.70 -29.14
C MET E 387 -26.28 0.21 -28.08
N MET E 388 -27.57 0.36 -28.36
CA MET E 388 -28.61 0.11 -27.38
C MET E 388 -29.44 -1.11 -27.77
N GLY E 389 -29.86 -1.86 -26.75
CA GLY E 389 -30.75 -2.99 -26.91
C GLY E 389 -32.10 -2.73 -26.27
N SER E 390 -32.27 -3.24 -25.05
CA SER E 390 -33.55 -3.16 -24.36
C SER E 390 -34.12 -1.74 -24.36
N LEU E 391 -33.26 -0.71 -24.32
CA LEU E 391 -33.77 0.65 -24.27
C LEU E 391 -34.72 0.95 -25.42
N LEU E 392 -34.52 0.30 -26.56
CA LEU E 392 -35.33 0.53 -27.75
C LEU E 392 -36.19 -0.67 -28.12
N ALA E 393 -36.24 -1.71 -27.28
CA ALA E 393 -36.92 -2.94 -27.67
C ALA E 393 -38.43 -2.78 -27.78
N ALA E 394 -39.07 -2.06 -26.86
CA ALA E 394 -40.51 -1.86 -26.87
C ALA E 394 -40.78 -0.43 -27.33
N THR E 395 -41.16 -0.30 -28.59
CA THR E 395 -41.43 0.99 -29.21
C THR E 395 -42.35 0.76 -30.39
N THR E 396 -43.01 1.83 -30.85
CA THR E 396 -43.93 1.69 -31.97
C THR E 396 -43.22 1.16 -33.21
N GLU E 397 -41.91 1.36 -33.32
CA GLU E 397 -41.15 0.92 -34.48
C GLU E 397 -40.51 -0.44 -34.30
N ALA E 398 -40.63 -1.06 -33.13
CA ALA E 398 -39.98 -2.34 -32.90
C ALA E 398 -40.83 -3.47 -33.48
N PRO E 399 -40.21 -4.61 -33.83
CA PRO E 399 -40.97 -5.70 -34.46
C PRO E 399 -41.97 -6.36 -33.52
N GLY E 400 -43.03 -6.95 -34.09
CA GLY E 400 -43.93 -7.76 -33.30
C GLY E 400 -45.23 -7.04 -32.95
N GLU E 401 -45.82 -7.44 -31.83
CA GLU E 401 -47.08 -6.88 -31.37
C GLU E 401 -47.14 -6.96 -29.86
N TYR E 402 -48.07 -6.19 -29.28
CA TYR E 402 -48.12 -5.97 -27.85
C TYR E 402 -49.01 -6.99 -27.15
N PHE E 403 -48.88 -7.06 -25.82
CA PHE E 403 -49.80 -7.80 -24.99
C PHE E 403 -50.44 -6.87 -23.96
N PHE E 404 -51.52 -7.34 -23.34
CA PHE E 404 -52.12 -6.66 -22.20
C PHE E 404 -53.31 -7.45 -21.67
N ARG E 414 -36.28 -10.66 -26.49
CA ARG E 414 -35.73 -11.96 -26.83
C ARG E 414 -34.30 -11.84 -27.33
N GLY E 415 -33.35 -12.37 -26.57
CA GLY E 415 -31.97 -12.41 -27.04
C GLY E 415 -31.86 -13.28 -28.28
N MET E 416 -31.00 -12.85 -29.20
CA MET E 416 -30.89 -13.54 -30.48
C MET E 416 -30.21 -14.89 -30.37
N GLY E 417 -29.68 -15.24 -29.19
CA GLY E 417 -29.18 -16.58 -28.95
C GLY E 417 -29.96 -17.27 -27.85
N SER E 418 -31.23 -16.93 -27.73
CA SER E 418 -32.09 -17.40 -26.65
C SER E 418 -32.92 -18.62 -27.02
N LEU E 419 -32.70 -19.19 -28.19
CA LEU E 419 -33.46 -20.36 -28.63
C LEU E 419 -34.94 -20.04 -28.74
N LYS E 440 -28.15 -25.17 -29.55
CA LYS E 440 -27.83 -26.31 -28.70
C LYS E 440 -27.71 -25.92 -27.24
N ILE E 441 -27.52 -24.63 -26.98
CA ILE E 441 -27.42 -24.10 -25.62
C ILE E 441 -28.02 -22.70 -25.61
N ALA E 442 -28.69 -22.36 -24.52
CA ALA E 442 -29.35 -21.06 -24.42
C ALA E 442 -28.34 -19.98 -24.09
N GLN E 443 -28.18 -19.02 -24.99
CA GLN E 443 -27.33 -17.86 -24.76
C GLN E 443 -28.12 -16.61 -24.38
N GLY E 444 -29.45 -16.68 -24.36
CA GLY E 444 -30.24 -15.51 -24.10
C GLY E 444 -31.48 -15.81 -23.30
N VAL E 445 -32.46 -14.92 -23.43
CA VAL E 445 -33.67 -14.96 -22.62
C VAL E 445 -34.77 -14.22 -23.39
N SER E 446 -36.02 -14.59 -23.11
CA SER E 446 -37.18 -13.96 -23.73
C SER E 446 -37.88 -13.09 -22.69
N GLY E 447 -37.88 -11.78 -22.91
CA GLY E 447 -38.39 -10.83 -21.94
C GLY E 447 -39.63 -10.10 -22.40
N SER E 448 -39.95 -9.03 -21.68
CA SER E 448 -41.09 -8.18 -22.00
C SER E 448 -40.83 -6.80 -21.43
N ILE E 449 -41.27 -5.75 -22.13
CA ILE E 449 -41.00 -4.38 -21.73
C ILE E 449 -42.27 -3.56 -21.89
N GLN E 450 -42.33 -2.44 -21.16
CA GLN E 450 -43.54 -1.63 -20.96
C GLN E 450 -43.97 -0.80 -22.16
N ASP E 451 -43.41 -0.88 -23.37
CA ASP E 451 -43.82 -0.02 -24.48
C ASP E 451 -43.45 1.43 -24.19
N LYS E 452 -42.88 2.12 -25.19
CA LYS E 452 -42.38 3.47 -24.97
C LYS E 452 -42.66 4.41 -26.14
N GLY E 453 -43.84 4.35 -26.74
CA GLY E 453 -44.14 5.31 -27.79
C GLY E 453 -43.35 5.04 -29.05
N SER E 454 -42.95 6.12 -29.71
CA SER E 454 -42.26 6.05 -30.98
C SER E 454 -40.85 6.60 -30.87
N ILE E 455 -39.97 6.13 -31.77
CA ILE E 455 -38.60 6.63 -31.80
C ILE E 455 -38.58 8.11 -32.11
N GLN E 456 -39.38 8.56 -33.07
CA GLN E 456 -39.34 9.95 -33.50
C GLN E 456 -39.79 10.90 -32.41
N LYS E 457 -40.40 10.39 -31.35
CA LYS E 457 -40.78 11.22 -30.21
C LYS E 457 -39.96 10.88 -28.97
N PHE E 458 -39.20 9.79 -28.99
CA PHE E 458 -38.47 9.34 -27.81
C PHE E 458 -36.99 9.69 -27.89
N VAL E 459 -36.43 9.71 -29.10
CA VAL E 459 -34.99 9.97 -29.25
C VAL E 459 -34.64 11.43 -28.98
N PRO E 460 -35.46 12.42 -29.34
CA PRO E 460 -35.12 13.80 -28.98
C PRO E 460 -34.90 13.99 -27.49
N TYR E 461 -35.69 13.32 -26.66
CA TYR E 461 -35.42 13.33 -25.22
C TYR E 461 -34.07 12.72 -24.90
N LEU E 462 -33.70 11.65 -25.60
CA LEU E 462 -32.44 10.98 -25.35
C LEU E 462 -31.26 11.85 -25.77
N ILE E 463 -31.44 12.70 -26.79
CA ILE E 463 -30.42 13.66 -27.18
C ILE E 463 -30.32 14.79 -26.17
N ALA E 464 -31.47 15.32 -25.74
CA ALA E 464 -31.46 16.43 -24.80
C ALA E 464 -30.84 16.03 -23.47
N GLY E 465 -31.10 14.80 -23.03
CA GLY E 465 -30.48 14.33 -21.80
C GLY E 465 -28.96 14.32 -21.89
N ILE E 466 -28.42 13.85 -23.02
CA ILE E 466 -26.98 13.83 -23.21
C ILE E 466 -26.43 15.25 -23.25
N GLN E 467 -27.12 16.14 -23.97
CA GLN E 467 -26.67 17.52 -24.06
C GLN E 467 -26.60 18.15 -22.68
N HIS E 468 -27.64 17.95 -21.86
CA HIS E 468 -27.65 18.54 -20.52
C HIS E 468 -26.57 17.92 -19.63
N GLY E 469 -26.35 16.61 -19.77
CA GLY E 469 -25.30 15.97 -19.00
C GLY E 469 -23.90 16.45 -19.33
N CYS E 470 -23.63 16.71 -20.61
CA CYS E 470 -22.34 17.29 -20.97
C CYS E 470 -22.24 18.76 -20.60
N GLN E 471 -23.35 19.50 -20.69
CA GLN E 471 -23.35 20.90 -20.32
C GLN E 471 -23.09 21.08 -18.83
N ASP E 472 -23.64 20.20 -18.00
CA ASP E 472 -23.36 20.25 -16.57
C ASP E 472 -21.91 19.93 -16.26
N ILE E 473 -21.17 19.38 -17.22
CA ILE E 473 -19.76 19.07 -17.00
C ILE E 473 -18.85 20.13 -17.57
N GLY E 474 -19.27 20.82 -18.63
CA GLY E 474 -18.46 21.86 -19.23
C GLY E 474 -17.74 21.44 -20.50
N ALA E 475 -18.30 20.50 -21.26
CA ALA E 475 -17.71 20.07 -22.52
C ALA E 475 -18.58 20.58 -23.67
N ARG E 476 -17.95 21.33 -24.59
CA ARG E 476 -18.69 21.87 -25.71
C ARG E 476 -19.05 20.81 -26.75
N SER E 477 -18.53 19.59 -26.61
CA SER E 477 -18.81 18.53 -27.56
C SER E 477 -18.26 17.22 -27.00
N LEU E 478 -18.68 16.12 -27.62
CA LEU E 478 -18.20 14.80 -27.20
C LEU E 478 -16.71 14.65 -27.42
N ASP E 479 -16.18 15.17 -28.53
CA ASP E 479 -14.75 15.11 -28.77
C ASP E 479 -13.99 15.84 -27.68
N VAL E 480 -14.47 17.02 -27.29
CA VAL E 480 -13.83 17.76 -26.21
C VAL E 480 -13.96 17.00 -24.90
N LEU E 481 -15.08 16.33 -24.68
CA LEU E 481 -15.24 15.54 -23.45
C LEU E 481 -14.22 14.42 -23.38
N ARG E 482 -14.02 13.70 -24.49
CA ARG E 482 -13.06 12.61 -24.48
C ARG E 482 -11.63 13.12 -24.41
N SER E 483 -11.35 14.27 -25.02
CA SER E 483 -10.03 14.89 -24.86
C SER E 483 -9.79 15.29 -23.41
N MET E 484 -10.83 15.79 -22.74
CA MET E 484 -10.73 16.11 -21.32
C MET E 484 -10.45 14.86 -20.50
N MET E 485 -11.12 13.76 -20.82
CA MET E 485 -10.86 12.50 -20.11
C MET E 485 -9.43 12.05 -20.32
N TYR E 486 -8.93 12.13 -21.55
CA TYR E 486 -7.55 11.76 -21.85
C TYR E 486 -6.47 12.63 -21.21
N SER E 487 -6.64 13.96 -21.19
CA SER E 487 -5.63 14.84 -20.64
C SER E 487 -5.61 14.85 -19.12
N GLY E 488 -6.67 14.37 -18.47
CA GLY E 488 -6.74 14.34 -17.03
C GLY E 488 -7.56 15.45 -16.41
N GLU E 489 -8.19 16.30 -17.22
CA GLU E 489 -8.97 17.41 -16.70
C GLU E 489 -10.29 16.95 -16.09
N LEU E 490 -10.92 15.95 -16.69
CA LEU E 490 -12.20 15.45 -16.23
C LEU E 490 -11.96 14.32 -15.23
N LYS E 491 -12.48 14.48 -14.01
CA LYS E 491 -12.13 13.63 -12.90
C LYS E 491 -13.35 12.88 -12.38
N PHE E 492 -13.09 11.66 -11.90
CA PHE E 492 -14.13 10.73 -11.50
C PHE E 492 -14.10 10.52 -9.99
N GLU E 493 -15.22 10.06 -9.46
CA GLU E 493 -15.35 9.72 -8.05
C GLU E 493 -16.01 8.36 -7.93
N LYS E 494 -15.50 7.52 -7.05
CA LYS E 494 -16.09 6.20 -6.85
C LYS E 494 -17.37 6.31 -6.03
N ARG E 495 -18.24 5.32 -6.21
CA ARG E 495 -19.63 5.37 -5.73
C ARG E 495 -19.95 4.04 -5.07
N THR E 496 -19.71 3.94 -3.77
CA THR E 496 -20.01 2.72 -3.03
C THR E 496 -21.53 2.50 -2.98
N MET E 497 -21.92 1.36 -2.41
CA MET E 497 -23.33 0.97 -2.46
C MET E 497 -24.21 1.98 -1.73
N SER E 498 -23.77 2.46 -0.56
CA SER E 498 -24.54 3.45 0.18
C SER E 498 -24.60 4.79 -0.53
N ALA E 499 -23.77 5.00 -1.56
CA ALA E 499 -23.90 6.15 -2.43
C ALA E 499 -24.70 5.82 -3.69
N GLN E 500 -24.85 4.53 -4.02
CA GLN E 500 -25.72 4.13 -5.12
C GLN E 500 -27.17 4.20 -4.73
N ILE E 501 -27.47 3.90 -3.46
CA ILE E 501 -28.86 3.92 -2.99
C ILE E 501 -29.42 5.33 -2.97
N GLU E 502 -28.60 6.35 -3.25
CA GLU E 502 -29.03 7.74 -3.20
C GLU E 502 -29.56 8.24 -4.54
N GLY E 503 -30.08 7.33 -5.35
CA GLY E 503 -30.78 7.74 -6.55
C GLY E 503 -32.24 7.98 -6.23
N GLY E 504 -33.12 7.15 -6.75
CA GLY E 504 -34.52 7.21 -6.36
C GLY E 504 -34.71 6.64 -4.97
N VAL E 505 -34.24 7.38 -3.96
CA VAL E 505 -34.18 6.84 -2.60
C VAL E 505 -35.57 6.41 -2.16
N HIS E 506 -35.60 5.43 -1.25
CA HIS E 506 -36.85 4.79 -0.86
C HIS E 506 -37.59 5.56 0.23
N GLY E 507 -37.28 6.86 0.38
CA GLY E 507 -37.99 7.66 1.34
C GLY E 507 -39.46 7.81 1.03
N LEU E 508 -39.86 7.53 -0.22
CA LEU E 508 -41.23 7.71 -0.65
C LEU E 508 -42.02 6.42 -0.51
N HIS E 509 -43.35 6.55 -0.51
CA HIS E 509 -44.22 5.39 -0.41
C HIS E 509 -44.53 4.83 -1.79
N SER E 510 -44.89 5.70 -2.73
CA SER E 510 -45.13 5.32 -4.11
C SER E 510 -44.83 6.54 -4.97
N TYR E 511 -44.70 6.33 -6.27
CA TYR E 511 -44.38 7.47 -7.13
C TYR E 511 -44.58 7.12 -8.60
N THR E 512 -44.43 8.15 -9.44
CA THR E 512 -44.47 8.05 -10.88
C THR E 512 -43.30 8.84 -11.45
N PHE E 513 -42.90 8.54 -12.69
CA PHE E 513 -41.73 9.19 -13.26
C PHE E 513 -42.11 10.25 -14.28
N LEU E 514 -42.85 9.87 -15.31
CA LEU E 514 -43.23 10.79 -16.38
C LEU E 514 -42.02 11.54 -16.93
N PRO E 515 -41.14 10.87 -17.68
CA PRO E 515 -40.15 11.61 -18.48
C PRO E 515 -40.80 12.19 -19.72
N PHE E 516 -40.41 13.42 -20.06
CA PHE E 516 -41.09 14.10 -21.17
C PHE E 516 -40.99 13.30 -22.46
N THR E 517 -39.90 12.55 -22.64
CA THR E 517 -39.76 11.63 -23.76
C THR E 517 -40.00 12.35 -25.08
N TYR F 14 3.23 -4.98 -30.20
CA TYR F 14 3.18 -5.13 -28.75
C TYR F 14 1.85 -4.62 -28.19
N VAL F 15 1.28 -5.39 -27.27
CA VAL F 15 -0.01 -5.07 -26.68
C VAL F 15 0.06 -5.32 -25.17
N PRO F 16 -0.32 -4.35 -24.32
CA PRO F 16 -0.10 -4.54 -22.88
C PRO F 16 -0.96 -5.66 -22.31
N GLU F 17 -0.46 -6.25 -21.23
CA GLU F 17 -1.18 -7.31 -20.55
C GLU F 17 -2.27 -6.74 -19.65
N ASP F 18 -3.42 -7.40 -19.65
CA ASP F 18 -4.58 -6.95 -18.88
C ASP F 18 -5.04 -8.05 -17.93
N GLY F 19 -5.40 -7.65 -16.72
CA GLY F 19 -5.96 -8.56 -15.75
C GLY F 19 -4.94 -9.10 -14.76
N LEU F 20 -5.44 -9.89 -13.82
CA LEU F 20 -4.64 -10.46 -12.75
C LEU F 20 -4.48 -11.96 -12.97
N THR F 21 -3.26 -12.45 -12.81
CA THR F 21 -3.06 -13.89 -12.77
C THR F 21 -3.80 -14.44 -11.54
N ALA F 22 -3.94 -15.77 -11.49
CA ALA F 22 -4.59 -16.37 -10.35
C ALA F 22 -3.83 -16.07 -9.07
N GLN F 23 -2.51 -16.14 -9.12
CA GLN F 23 -1.70 -15.85 -7.96
C GLN F 23 -1.89 -14.43 -7.46
N GLN F 24 -1.93 -13.47 -8.38
CA GLN F 24 -2.17 -12.08 -8.01
C GLN F 24 -3.57 -11.89 -7.45
N LEU F 25 -4.56 -12.56 -8.06
CA LEU F 25 -5.94 -12.42 -7.62
C LEU F 25 -6.13 -12.95 -6.21
N PHE F 26 -5.56 -14.13 -5.92
CA PHE F 26 -5.72 -14.76 -4.61
C PHE F 26 -4.71 -14.35 -3.54
N ALA F 27 -3.77 -13.47 -3.87
CA ALA F 27 -2.79 -13.04 -2.88
C ALA F 27 -3.38 -12.07 -1.87
N SER F 28 -4.38 -11.27 -2.27
CA SER F 28 -4.97 -10.28 -1.39
C SER F 28 -5.61 -10.89 -0.15
N ALA F 29 -6.01 -12.16 -0.20
CA ALA F 29 -6.63 -12.83 0.94
C ALA F 29 -7.89 -12.10 1.40
N ASP F 30 -8.87 -12.02 0.49
CA ASP F 30 -10.16 -11.40 0.79
C ASP F 30 -11.30 -12.41 0.83
N GLY F 31 -11.08 -13.64 0.37
CA GLY F 31 -12.12 -14.65 0.42
C GLY F 31 -13.01 -14.70 -0.80
N LEU F 32 -12.42 -14.84 -1.99
CA LEU F 32 -13.22 -14.94 -3.21
C LEU F 32 -13.96 -16.26 -3.36
N THR F 33 -15.11 -16.20 -4.03
CA THR F 33 -15.85 -17.38 -4.42
C THR F 33 -16.03 -17.36 -5.94
N TYR F 34 -16.75 -18.35 -6.45
CA TYR F 34 -16.93 -18.46 -7.90
C TYR F 34 -17.65 -17.24 -8.47
N ASN F 35 -18.58 -16.65 -7.70
CA ASN F 35 -19.35 -15.51 -8.20
C ASN F 35 -18.62 -14.19 -8.02
N ASP F 36 -17.31 -14.22 -7.81
CA ASP F 36 -16.55 -13.04 -7.44
C ASP F 36 -15.37 -12.76 -8.34
N PHE F 37 -15.34 -13.36 -9.54
CA PHE F 37 -14.28 -13.07 -10.49
C PHE F 37 -14.64 -13.68 -11.84
N LEU F 38 -13.86 -13.33 -12.86
CA LEU F 38 -14.08 -13.77 -14.23
C LEU F 38 -12.75 -14.14 -14.86
N ILE F 39 -12.83 -14.85 -15.98
CA ILE F 39 -11.66 -15.22 -16.76
C ILE F 39 -11.73 -14.48 -18.09
N LEU F 40 -10.68 -13.72 -18.40
CA LEU F 40 -10.69 -12.97 -19.64
C LEU F 40 -10.44 -13.90 -20.83
N PRO F 41 -11.04 -13.62 -21.98
CA PRO F 41 -10.96 -14.56 -23.11
C PRO F 41 -9.60 -14.55 -23.77
N GLY F 42 -9.45 -15.46 -24.75
CA GLY F 42 -8.21 -15.60 -25.47
C GLY F 42 -8.37 -15.72 -26.97
N PHE F 43 -7.82 -16.78 -27.56
CA PHE F 43 -7.78 -16.98 -29.00
C PHE F 43 -8.46 -18.30 -29.34
N ILE F 44 -9.28 -18.31 -30.38
CA ILE F 44 -10.04 -19.49 -30.77
C ILE F 44 -9.50 -19.95 -32.12
N ASP F 45 -8.93 -21.17 -32.16
CA ASP F 45 -8.55 -21.77 -33.42
C ASP F 45 -8.95 -23.24 -33.48
N PHE F 46 -10.13 -23.58 -32.97
CA PHE F 46 -10.59 -24.96 -32.99
C PHE F 46 -12.07 -25.02 -32.70
N ILE F 47 -12.73 -26.02 -33.28
CA ILE F 47 -14.13 -26.25 -33.00
C ILE F 47 -14.30 -26.65 -31.54
N ALA F 48 -15.47 -26.33 -30.98
CA ALA F 48 -15.70 -26.61 -29.57
C ALA F 48 -15.63 -28.10 -29.27
N ASP F 49 -16.20 -28.94 -30.14
CA ASP F 49 -16.25 -30.37 -29.88
C ASP F 49 -14.86 -30.97 -29.75
N GLU F 50 -13.82 -30.32 -30.29
CA GLU F 50 -12.48 -30.86 -30.22
C GLU F 50 -11.92 -30.87 -28.80
N VAL F 51 -12.43 -30.02 -27.91
CA VAL F 51 -11.91 -29.95 -26.55
C VAL F 51 -12.02 -31.32 -25.89
N ASP F 52 -11.02 -31.66 -25.09
CA ASP F 52 -10.92 -32.98 -24.46
C ASP F 52 -10.99 -32.79 -22.95
N LEU F 53 -11.89 -33.53 -22.30
CA LEU F 53 -12.19 -33.33 -20.88
C LEU F 53 -11.67 -34.45 -19.99
N THR F 54 -10.78 -35.32 -20.49
CA THR F 54 -10.30 -36.42 -19.68
C THR F 54 -9.71 -35.89 -18.38
N SER F 55 -10.34 -36.27 -17.25
CA SER F 55 -9.95 -35.77 -15.94
C SER F 55 -9.59 -36.95 -15.05
N ALA F 56 -8.80 -36.69 -14.02
CA ALA F 56 -8.30 -37.75 -13.14
C ALA F 56 -9.07 -37.72 -11.83
N LEU F 57 -9.74 -38.83 -11.51
CA LEU F 57 -10.46 -38.92 -10.24
C LEU F 57 -9.50 -39.13 -9.08
N THR F 58 -8.76 -40.23 -9.09
CA THR F 58 -7.67 -40.45 -8.16
C THR F 58 -6.44 -40.84 -8.97
N ARG F 59 -5.38 -41.25 -8.25
CA ARG F 59 -4.10 -41.47 -8.90
C ARG F 59 -4.08 -42.69 -9.80
N LYS F 60 -5.15 -43.49 -9.83
CA LYS F 60 -5.23 -44.63 -10.75
C LYS F 60 -6.58 -44.72 -11.46
N ILE F 61 -7.41 -43.68 -11.40
CA ILE F 61 -8.68 -43.65 -12.12
C ILE F 61 -8.75 -42.35 -12.91
N THR F 62 -8.96 -42.46 -14.21
CA THR F 62 -9.10 -41.32 -15.11
C THR F 62 -10.50 -41.37 -15.72
N LEU F 63 -11.26 -40.30 -15.54
CA LEU F 63 -12.61 -40.22 -16.08
C LEU F 63 -12.61 -39.39 -17.35
N LYS F 64 -13.43 -39.80 -18.30
CA LYS F 64 -13.55 -39.06 -19.55
C LYS F 64 -14.34 -37.76 -19.39
N THR F 65 -14.98 -37.54 -18.25
CA THR F 65 -15.60 -36.26 -17.93
C THR F 65 -15.39 -36.01 -16.45
N PRO F 66 -15.36 -34.73 -16.03
CA PRO F 66 -15.07 -34.43 -14.62
C PRO F 66 -16.28 -34.40 -13.72
N LEU F 67 -17.43 -34.90 -14.15
CA LEU F 67 -18.66 -34.80 -13.36
C LEU F 67 -18.73 -35.91 -12.34
N ILE F 68 -19.07 -35.56 -11.11
CA ILE F 68 -19.28 -36.51 -10.02
C ILE F 68 -20.58 -36.15 -9.32
N SER F 69 -21.31 -37.16 -8.85
CA SER F 69 -22.53 -36.95 -8.08
C SER F 69 -22.23 -37.18 -6.61
N SER F 70 -22.61 -36.21 -5.78
CA SER F 70 -22.21 -36.26 -4.38
C SER F 70 -22.92 -37.41 -3.67
N PRO F 71 -22.29 -38.00 -2.66
CA PRO F 71 -22.95 -39.06 -1.89
C PRO F 71 -23.94 -38.51 -0.88
N MET F 72 -25.23 -38.64 -1.16
CA MET F 72 -26.28 -38.15 -0.29
C MET F 72 -27.48 -39.06 -0.42
N ASP F 73 -28.39 -38.99 0.55
CA ASP F 73 -29.55 -39.86 0.54
C ASP F 73 -30.65 -39.37 -0.39
N THR F 74 -30.50 -38.19 -1.00
CA THR F 74 -31.43 -37.68 -1.99
C THR F 74 -30.81 -37.64 -3.38
N VAL F 75 -29.74 -38.40 -3.60
CA VAL F 75 -29.03 -38.41 -4.87
C VAL F 75 -28.06 -39.58 -4.83
N THR F 76 -27.66 -40.09 -5.99
CA THR F 76 -26.79 -41.27 -6.07
C THR F 76 -27.47 -42.51 -5.46
N GLU F 77 -28.59 -42.89 -6.04
CA GLU F 77 -29.05 -44.26 -5.92
C GLU F 77 -28.20 -45.16 -6.81
N ALA F 78 -28.51 -46.46 -6.80
CA ALA F 78 -27.92 -47.33 -7.79
C ALA F 78 -28.33 -46.92 -9.19
N ASP F 79 -29.60 -46.56 -9.38
CA ASP F 79 -30.12 -46.18 -10.69
C ASP F 79 -29.58 -44.84 -11.18
N MET F 80 -28.93 -44.05 -10.32
CA MET F 80 -28.25 -42.85 -10.77
C MET F 80 -26.75 -43.08 -10.93
N ALA F 81 -26.15 -43.91 -10.07
CA ALA F 81 -24.77 -44.27 -10.30
C ALA F 81 -24.60 -44.93 -11.64
N ILE F 82 -25.53 -45.82 -12.02
CA ILE F 82 -25.48 -46.43 -13.35
C ILE F 82 -25.59 -45.37 -14.43
N ALA F 83 -26.59 -44.50 -14.32
CA ALA F 83 -26.88 -43.54 -15.39
C ALA F 83 -25.85 -42.42 -15.47
N MET F 84 -25.00 -42.28 -14.45
CA MET F 84 -23.93 -41.29 -14.49
C MET F 84 -22.59 -41.91 -14.86
N ALA F 85 -22.36 -43.17 -14.52
CA ALA F 85 -21.21 -43.88 -15.04
C ALA F 85 -21.33 -44.12 -16.54
N LEU F 86 -22.54 -44.33 -17.03
CA LEU F 86 -22.73 -44.49 -18.47
C LEU F 86 -22.30 -43.25 -19.23
N MET F 87 -22.51 -42.06 -18.67
CA MET F 87 -22.22 -40.81 -19.35
C MET F 87 -20.79 -40.32 -19.09
N GLY F 88 -19.91 -41.19 -18.62
CA GLY F 88 -18.51 -40.85 -18.47
C GLY F 88 -18.08 -40.51 -17.07
N GLY F 89 -18.99 -40.07 -16.21
CA GLY F 89 -18.65 -39.68 -14.86
C GLY F 89 -18.64 -40.85 -13.90
N ILE F 90 -18.79 -40.54 -12.61
CA ILE F 90 -18.82 -41.56 -11.56
C ILE F 90 -19.75 -41.07 -10.46
N GLY F 91 -20.36 -42.02 -9.77
CA GLY F 91 -21.28 -41.69 -8.70
C GLY F 91 -20.95 -42.44 -7.42
N PHE F 92 -21.07 -41.75 -6.30
CA PHE F 92 -20.75 -42.32 -5.00
C PHE F 92 -22.03 -42.69 -4.27
N ILE F 93 -22.16 -43.95 -3.86
CA ILE F 93 -23.36 -44.41 -3.20
C ILE F 93 -23.36 -43.92 -1.76
N HIS F 94 -24.44 -43.26 -1.35
CA HIS F 94 -24.51 -42.72 0.00
C HIS F 94 -24.51 -43.84 1.03
N HIS F 95 -24.04 -43.51 2.23
CA HIS F 95 -23.90 -44.48 3.31
C HIS F 95 -24.89 -44.28 4.43
N ASN F 96 -26.02 -43.60 4.18
CA ASN F 96 -27.08 -43.50 5.16
C ASN F 96 -28.07 -44.64 4.99
N CYS F 97 -27.57 -45.87 5.01
CA CYS F 97 -28.40 -47.03 4.77
C CYS F 97 -27.72 -48.27 5.35
N THR F 98 -28.48 -49.35 5.43
CA THR F 98 -27.97 -50.59 5.98
C THR F 98 -26.77 -51.07 5.15
N PRO F 99 -25.74 -51.65 5.78
CA PRO F 99 -24.59 -52.13 4.99
C PRO F 99 -24.97 -53.11 3.90
N GLU F 100 -25.92 -54.00 4.16
CA GLU F 100 -26.42 -54.88 3.12
C GLU F 100 -27.08 -54.09 1.99
N PHE F 101 -27.78 -53.01 2.33
CA PHE F 101 -28.38 -52.17 1.32
C PHE F 101 -27.33 -51.53 0.43
N GLN F 102 -26.25 -51.04 1.03
CA GLN F 102 -25.18 -50.42 0.24
C GLN F 102 -24.49 -51.45 -0.64
N ALA F 103 -24.24 -52.64 -0.11
CA ALA F 103 -23.65 -53.70 -0.92
C ALA F 103 -24.55 -54.06 -2.09
N ASN F 104 -25.86 -54.12 -1.86
CA ASN F 104 -26.80 -54.39 -2.94
C ASN F 104 -26.76 -53.29 -3.99
N GLU F 105 -26.68 -52.04 -3.55
CA GLU F 105 -26.59 -50.93 -4.49
C GLU F 105 -25.36 -51.07 -5.38
N VAL F 106 -24.21 -51.38 -4.76
CA VAL F 106 -22.98 -51.52 -5.54
C VAL F 106 -23.06 -52.72 -6.48
N ARG F 107 -23.68 -53.81 -6.03
CA ARG F 107 -23.87 -54.96 -6.91
C ARG F 107 -24.68 -54.58 -8.13
N LYS F 108 -25.77 -53.83 -7.93
CA LYS F 108 -26.60 -53.47 -9.08
C LYS F 108 -25.89 -52.45 -9.96
N VAL F 109 -24.98 -51.66 -9.40
CA VAL F 109 -24.20 -50.75 -10.22
C VAL F 109 -23.21 -51.51 -11.09
N LYS F 110 -22.57 -52.54 -10.51
CA LYS F 110 -21.55 -53.27 -11.25
C LYS F 110 -22.16 -54.21 -12.28
N LYS F 111 -23.35 -54.75 -12.00
CA LYS F 111 -24.01 -55.68 -12.93
C LYS F 111 -25.01 -54.94 -13.82
N PHE F 112 -24.48 -54.01 -14.61
CA PHE F 112 -25.28 -53.36 -15.64
C PHE F 112 -24.75 -53.74 -17.02
N GLU F 113 -23.44 -53.62 -17.20
CA GLU F 113 -22.76 -54.23 -18.34
C GLU F 113 -21.55 -54.97 -17.79
N GLN F 114 -21.26 -56.14 -18.38
CA GLN F 114 -20.39 -57.11 -17.75
C GLN F 114 -19.22 -57.56 -18.59
N GLY F 115 -19.35 -57.70 -19.90
CA GLY F 115 -18.34 -58.41 -20.66
C GLY F 115 -18.52 -59.91 -20.44
N PHE F 116 -17.52 -60.57 -19.90
CA PHE F 116 -17.68 -61.96 -19.47
C PHE F 116 -18.57 -62.02 -18.24
N ILE F 117 -19.79 -62.51 -18.41
CA ILE F 117 -20.71 -62.73 -17.28
C ILE F 117 -20.25 -64.03 -16.61
N THR F 118 -19.47 -63.89 -15.54
CA THR F 118 -18.80 -65.02 -14.92
C THR F 118 -19.63 -65.72 -13.85
N ASP F 119 -20.72 -65.11 -13.38
CA ASP F 119 -21.57 -65.70 -12.35
C ASP F 119 -23.04 -65.72 -12.78
N PRO F 120 -23.33 -66.14 -14.01
CA PRO F 120 -24.72 -66.16 -14.46
C PRO F 120 -25.54 -67.14 -13.63
N VAL F 121 -26.79 -66.75 -13.36
CA VAL F 121 -27.70 -67.65 -12.67
C VAL F 121 -28.19 -68.70 -13.67
N VAL F 122 -28.11 -69.96 -13.26
CA VAL F 122 -28.42 -71.08 -14.15
C VAL F 122 -29.38 -72.02 -13.44
N LEU F 123 -29.97 -72.92 -14.22
CA LEU F 123 -30.95 -73.86 -13.70
C LEU F 123 -30.72 -75.24 -14.30
N SER F 124 -31.40 -76.23 -13.72
CA SER F 124 -31.32 -77.59 -14.23
C SER F 124 -32.54 -77.92 -15.09
N PRO F 125 -32.43 -78.91 -15.96
CA PRO F 125 -33.57 -79.23 -16.85
C PRO F 125 -34.84 -79.57 -16.10
N SER F 126 -34.75 -80.02 -14.85
CA SER F 126 -35.91 -80.41 -14.08
C SER F 126 -36.70 -79.22 -13.54
N HIS F 127 -36.21 -78.00 -13.75
CA HIS F 127 -36.96 -76.83 -13.31
C HIS F 127 -38.17 -76.62 -14.22
N THR F 128 -38.92 -75.56 -13.93
CA THR F 128 -40.19 -75.31 -14.60
C THR F 128 -40.21 -73.90 -15.20
N VAL F 129 -41.03 -73.76 -16.24
CA VAL F 129 -41.21 -72.48 -16.89
C VAL F 129 -41.65 -71.44 -15.87
N GLY F 130 -42.43 -71.86 -14.88
CA GLY F 130 -42.73 -70.97 -13.78
C GLY F 130 -41.49 -70.52 -13.04
N ASP F 131 -40.53 -71.42 -12.84
CA ASP F 131 -39.28 -71.04 -12.20
C ASP F 131 -38.50 -70.04 -13.04
N VAL F 132 -38.45 -70.25 -14.36
CA VAL F 132 -37.76 -69.30 -15.23
C VAL F 132 -38.42 -67.94 -15.17
N LEU F 133 -39.75 -67.91 -15.22
CA LEU F 133 -40.47 -66.65 -15.12
C LEU F 133 -40.24 -65.97 -13.77
N GLU F 134 -40.19 -66.76 -12.71
CA GLU F 134 -39.93 -66.21 -11.37
C GLU F 134 -38.55 -65.58 -11.32
N ALA F 135 -37.54 -66.25 -11.87
CA ALA F 135 -36.20 -65.67 -11.89
C ALA F 135 -36.16 -64.40 -12.73
N LYS F 136 -36.87 -64.41 -13.86
CA LYS F 136 -36.97 -63.20 -14.68
C LYS F 136 -37.54 -62.04 -13.86
N MET F 137 -38.66 -62.26 -13.20
CA MET F 137 -39.27 -61.21 -12.40
C MET F 137 -38.36 -60.82 -11.24
N ARG F 138 -37.55 -61.76 -10.75
CA ARG F 138 -36.70 -61.48 -9.59
C ARG F 138 -35.55 -60.58 -9.95
N HIS F 139 -34.87 -60.86 -11.07
CA HIS F 139 -33.65 -60.13 -11.43
C HIS F 139 -33.86 -59.24 -12.65
N GLY F 140 -34.30 -59.79 -13.77
CA GLY F 140 -34.39 -59.04 -15.00
C GLY F 140 -33.80 -59.79 -16.18
N PHE F 141 -32.81 -60.63 -15.93
CA PHE F 141 -32.21 -61.43 -16.98
C PHE F 141 -33.13 -62.59 -17.31
N SER F 142 -33.30 -62.85 -18.61
CA SER F 142 -34.25 -63.86 -19.07
C SER F 142 -33.59 -65.02 -19.79
N GLY F 143 -32.37 -64.86 -20.28
CA GLY F 143 -31.67 -65.92 -20.97
C GLY F 143 -31.00 -66.88 -20.01
N ILE F 144 -31.80 -67.73 -19.37
CA ILE F 144 -31.32 -68.61 -18.32
C ILE F 144 -30.56 -69.80 -18.93
N PRO F 145 -29.26 -69.94 -18.66
CA PRO F 145 -28.55 -71.15 -19.09
C PRO F 145 -29.01 -72.36 -18.30
N ILE F 146 -28.91 -73.53 -18.93
CA ILE F 146 -29.35 -74.78 -18.34
C ILE F 146 -28.18 -75.76 -18.34
N THR F 147 -27.93 -76.37 -17.18
CA THR F 147 -26.88 -77.36 -17.02
C THR F 147 -27.42 -78.55 -16.24
N GLU F 148 -26.82 -79.72 -16.46
CA GLU F 148 -27.37 -80.96 -15.89
C GLU F 148 -27.56 -80.84 -14.38
N THR F 149 -26.58 -80.28 -13.68
CA THR F 149 -26.66 -80.15 -12.23
C THR F 149 -27.24 -78.82 -11.79
N GLY F 150 -27.64 -77.96 -12.73
CA GLY F 150 -28.14 -76.65 -12.38
C GLY F 150 -27.10 -75.75 -11.76
N THR F 151 -25.86 -75.79 -12.25
CA THR F 151 -24.81 -74.92 -11.75
C THR F 151 -23.76 -74.75 -12.84
N MET F 152 -22.73 -73.96 -12.53
CA MET F 152 -21.68 -73.71 -13.51
C MET F 152 -20.87 -74.98 -13.79
N GLY F 153 -20.58 -75.77 -12.77
CA GLY F 153 -19.77 -76.96 -12.95
C GLY F 153 -20.57 -78.14 -13.47
N SER F 154 -20.96 -78.11 -14.75
CA SER F 154 -21.71 -79.20 -15.34
C SER F 154 -21.75 -79.05 -16.85
N LYS F 155 -22.22 -80.10 -17.52
CA LYS F 155 -22.38 -80.05 -18.96
C LYS F 155 -23.43 -79.01 -19.35
N LEU F 156 -23.16 -78.29 -20.43
CA LEU F 156 -24.13 -77.37 -21.01
C LEU F 156 -25.09 -78.17 -21.87
N VAL F 157 -26.36 -78.21 -21.48
CA VAL F 157 -27.37 -78.93 -22.26
C VAL F 157 -28.25 -78.00 -23.09
N GLY F 158 -28.45 -76.75 -22.66
CA GLY F 158 -29.26 -75.83 -23.44
C GLY F 158 -29.44 -74.52 -22.71
N ILE F 159 -30.23 -73.64 -23.34
CA ILE F 159 -30.51 -72.31 -22.82
C ILE F 159 -31.97 -71.99 -23.12
N VAL F 160 -32.60 -71.25 -22.21
CA VAL F 160 -33.99 -70.82 -22.38
C VAL F 160 -34.04 -69.31 -22.20
N THR F 161 -34.69 -68.63 -23.15
CA THR F 161 -34.71 -67.18 -23.20
C THR F 161 -36.16 -66.70 -23.25
N SER F 162 -36.33 -65.39 -23.32
CA SER F 162 -37.67 -64.82 -23.38
C SER F 162 -38.41 -65.28 -24.64
N ARG F 163 -37.70 -65.35 -25.77
CA ARG F 163 -38.34 -65.80 -27.00
C ARG F 163 -38.86 -67.22 -26.90
N ASP F 164 -38.37 -68.00 -25.93
CA ASP F 164 -38.89 -69.35 -25.71
C ASP F 164 -40.13 -69.37 -24.84
N ILE F 165 -40.52 -68.23 -24.26
CA ILE F 165 -41.59 -68.19 -23.26
C ILE F 165 -42.64 -67.16 -23.64
N ASP F 166 -42.81 -66.89 -24.93
CA ASP F 166 -43.85 -65.97 -25.39
C ASP F 166 -45.19 -66.70 -25.50
N PHE F 167 -45.68 -67.17 -24.35
CA PHE F 167 -46.97 -67.84 -24.29
C PHE F 167 -48.09 -66.83 -24.46
N ASP F 172 -49.74 -74.65 -17.78
CA ASP F 172 -48.75 -74.37 -18.80
C ASP F 172 -47.40 -74.02 -18.18
N HIS F 173 -47.44 -73.40 -17.00
CA HIS F 173 -46.21 -73.04 -16.30
C HIS F 173 -45.60 -74.23 -15.57
N THR F 174 -46.29 -75.37 -15.55
CA THR F 174 -45.73 -76.55 -14.89
C THR F 174 -44.81 -77.35 -15.81
N THR F 175 -44.78 -77.04 -17.09
CA THR F 175 -43.94 -77.79 -18.03
C THR F 175 -42.46 -77.62 -17.69
N LEU F 176 -41.72 -78.72 -17.79
CA LEU F 176 -40.29 -78.69 -17.48
C LEU F 176 -39.52 -77.93 -18.56
N LEU F 177 -38.29 -77.54 -18.21
CA LEU F 177 -37.46 -76.80 -19.15
C LEU F 177 -36.99 -77.66 -20.30
N SER F 178 -36.94 -78.98 -20.11
CA SER F 178 -36.51 -79.84 -21.21
C SER F 178 -37.43 -79.74 -22.42
N GLU F 179 -38.69 -79.32 -22.21
CA GLU F 179 -39.63 -79.23 -23.31
C GLU F 179 -39.57 -77.89 -24.04
N VAL F 180 -38.83 -76.92 -23.51
CA VAL F 180 -38.77 -75.58 -24.07
C VAL F 180 -37.35 -75.14 -24.39
N MET F 181 -36.34 -75.88 -23.95
CA MET F 181 -34.95 -75.53 -24.22
C MET F 181 -34.68 -75.59 -25.72
N THR F 182 -33.71 -74.80 -26.17
CA THR F 182 -33.04 -75.07 -27.45
C THR F 182 -31.88 -76.00 -27.15
N PRO F 183 -31.88 -77.26 -27.62
CA PRO F 183 -30.91 -78.24 -27.19
C PRO F 183 -29.49 -77.92 -27.59
N ARG F 184 -28.50 -78.65 -27.07
CA ARG F 184 -27.09 -78.39 -27.35
C ARG F 184 -26.72 -78.82 -28.77
N ILE F 185 -27.43 -79.80 -29.34
CA ILE F 185 -27.18 -80.20 -30.71
C ILE F 185 -27.34 -79.04 -31.66
N GLU F 186 -28.12 -78.03 -31.29
CA GLU F 186 -28.38 -76.89 -32.16
C GLU F 186 -27.53 -75.68 -31.81
N LEU F 187 -27.10 -75.56 -30.56
CA LEU F 187 -26.43 -74.35 -30.12
C LEU F 187 -25.14 -74.10 -30.89
N VAL F 188 -24.83 -72.82 -31.07
CA VAL F 188 -23.55 -72.37 -31.59
C VAL F 188 -22.76 -71.80 -30.42
N VAL F 189 -21.64 -72.44 -30.10
CA VAL F 189 -20.90 -72.14 -28.89
C VAL F 189 -19.43 -71.93 -29.24
N ALA F 190 -18.74 -71.17 -28.41
CA ALA F 190 -17.33 -70.89 -28.61
C ALA F 190 -16.49 -71.61 -27.55
N PRO F 191 -15.38 -72.23 -27.93
CA PRO F 191 -14.55 -72.92 -26.94
C PRO F 191 -13.97 -71.94 -25.94
N ALA F 192 -13.84 -72.40 -24.70
CA ALA F 192 -13.31 -71.54 -23.65
C ALA F 192 -11.83 -71.28 -23.87
N GLY F 193 -11.31 -70.27 -23.18
CA GLY F 193 -9.92 -69.87 -23.32
C GLY F 193 -9.66 -68.92 -24.46
N VAL F 194 -10.66 -68.64 -25.30
CA VAL F 194 -10.48 -67.70 -26.39
C VAL F 194 -10.55 -66.27 -25.86
N THR F 195 -9.73 -65.40 -26.44
CA THR F 195 -9.74 -63.99 -26.05
C THR F 195 -11.13 -63.40 -26.26
N LEU F 196 -11.34 -62.21 -25.68
CA LEU F 196 -12.65 -61.57 -25.80
C LEU F 196 -12.97 -61.23 -27.25
N LYS F 197 -11.99 -60.71 -27.99
CA LYS F 197 -12.25 -60.30 -29.36
C LYS F 197 -12.80 -61.45 -30.20
N GLU F 198 -12.13 -62.60 -30.16
CA GLU F 198 -12.58 -63.73 -30.97
C GLU F 198 -13.97 -64.19 -30.52
N ALA F 199 -14.24 -64.11 -29.22
CA ALA F 199 -15.56 -64.47 -28.72
C ALA F 199 -16.64 -63.58 -29.34
N ASN F 200 -16.39 -62.27 -29.37
CA ASN F 200 -17.32 -61.36 -30.03
C ASN F 200 -17.43 -61.66 -31.52
N GLU F 201 -16.32 -62.01 -32.18
CA GLU F 201 -16.39 -62.35 -33.59
C GLU F 201 -17.34 -63.51 -33.82
N ILE F 202 -17.17 -64.60 -33.07
CA ILE F 202 -18.01 -65.76 -33.33
C ILE F 202 -19.45 -65.45 -32.92
N LEU F 203 -19.64 -64.61 -31.90
CA LEU F 203 -20.99 -64.20 -31.52
C LEU F 203 -21.66 -63.45 -32.67
N GLN F 204 -20.92 -62.53 -33.30
CA GLN F 204 -21.51 -61.66 -34.31
C GLN F 204 -21.73 -62.37 -35.64
N ARG F 205 -20.85 -63.30 -36.02
CA ARG F 205 -21.19 -64.14 -37.15
C ARG F 205 -22.38 -65.04 -36.86
N SER F 206 -22.61 -65.37 -35.58
CA SER F 206 -23.68 -66.29 -35.25
C SER F 206 -25.06 -65.68 -35.46
N LYS F 207 -25.18 -64.36 -35.29
CA LYS F 207 -26.45 -63.66 -35.41
C LYS F 207 -27.49 -64.15 -34.41
N LYS F 208 -27.04 -64.68 -33.28
CA LYS F 208 -27.92 -65.11 -32.20
C LYS F 208 -27.49 -64.42 -30.90
N GLY F 209 -28.48 -64.25 -30.01
CA GLY F 209 -28.30 -63.34 -28.89
C GLY F 209 -27.22 -63.73 -27.91
N LYS F 210 -27.18 -64.98 -27.48
CA LYS F 210 -26.28 -65.43 -26.43
C LYS F 210 -25.24 -66.39 -27.00
N LEU F 211 -24.04 -66.33 -26.44
CA LEU F 211 -22.96 -67.24 -26.81
C LEU F 211 -22.33 -67.80 -25.54
N PRO F 212 -22.96 -68.80 -24.90
CA PRO F 212 -22.30 -69.49 -23.80
C PRO F 212 -20.86 -69.86 -24.16
N ILE F 213 -20.05 -70.05 -23.13
CA ILE F 213 -18.65 -70.44 -23.30
C ILE F 213 -18.41 -71.71 -22.50
N VAL F 214 -17.96 -72.76 -23.17
CA VAL F 214 -17.68 -74.04 -22.55
C VAL F 214 -16.22 -74.39 -22.82
N ASN F 215 -15.63 -75.16 -21.91
CA ASN F 215 -14.23 -75.55 -22.06
C ASN F 215 -14.13 -76.86 -22.85
N ASP F 216 -12.89 -77.34 -23.00
CA ASP F 216 -12.66 -78.56 -23.76
C ASP F 216 -13.41 -79.76 -23.17
N CYS F 217 -13.78 -79.69 -21.90
CA CYS F 217 -14.54 -80.75 -21.25
C CYS F 217 -16.04 -80.54 -21.37
N ASP F 218 -16.48 -79.52 -22.11
CA ASP F 218 -17.90 -79.22 -22.31
C ASP F 218 -18.57 -78.72 -21.04
N GLU F 219 -17.85 -77.95 -20.23
CA GLU F 219 -18.36 -77.47 -18.96
C GLU F 219 -18.51 -75.95 -19.01
N LEU F 220 -19.65 -75.46 -18.51
CA LEU F 220 -19.97 -74.05 -18.65
C LEU F 220 -19.04 -73.21 -17.78
N VAL F 221 -18.46 -72.18 -18.39
CA VAL F 221 -17.49 -71.33 -17.72
C VAL F 221 -18.01 -69.90 -17.55
N ALA F 222 -18.62 -69.34 -18.60
CA ALA F 222 -19.16 -67.99 -18.57
C ALA F 222 -19.90 -67.75 -19.87
N ILE F 223 -20.61 -66.63 -19.94
CA ILE F 223 -21.38 -66.27 -21.12
C ILE F 223 -21.20 -64.79 -21.41
N ILE F 224 -21.56 -64.41 -22.65
CA ILE F 224 -21.57 -63.02 -23.07
C ILE F 224 -22.91 -62.75 -23.76
N ALA F 225 -23.28 -61.48 -23.82
CA ALA F 225 -24.58 -61.08 -24.35
C ALA F 225 -24.41 -60.02 -25.44
N ARG F 226 -25.22 -60.16 -26.49
CA ARG F 226 -25.25 -59.16 -27.56
C ARG F 226 -25.54 -57.77 -27.00
N THR F 227 -26.38 -57.71 -25.97
CA THR F 227 -26.81 -56.41 -25.46
C THR F 227 -25.67 -55.65 -24.82
N ASP F 228 -24.65 -56.35 -24.30
CA ASP F 228 -23.53 -55.65 -23.67
C ASP F 228 -22.72 -54.89 -24.70
N LEU F 229 -22.38 -55.54 -25.82
CA LEU F 229 -21.70 -54.82 -26.89
C LEU F 229 -22.62 -53.80 -27.56
N LYS F 230 -23.93 -54.04 -27.56
CA LYS F 230 -24.84 -53.01 -28.05
C LYS F 230 -24.80 -51.77 -27.16
N LYS F 231 -24.73 -51.97 -25.84
CA LYS F 231 -24.59 -50.85 -24.92
C LYS F 231 -23.26 -50.14 -25.12
N ASN F 232 -22.19 -50.90 -25.34
CA ASN F 232 -20.91 -50.28 -25.65
C ASN F 232 -21.01 -49.41 -26.89
N ARG F 233 -21.67 -49.92 -27.93
CA ARG F 233 -21.88 -49.12 -29.14
C ARG F 233 -22.67 -47.87 -28.84
N ASP F 234 -23.71 -47.99 -28.02
CA ASP F 234 -24.59 -46.86 -27.75
C ASP F 234 -23.90 -45.78 -26.93
N TYR F 235 -23.16 -46.16 -25.88
CA TYR F 235 -22.53 -45.22 -24.95
C TYR F 235 -21.03 -45.26 -25.18
N PRO F 236 -20.48 -44.31 -25.94
CA PRO F 236 -19.04 -44.34 -26.24
C PRO F 236 -18.16 -43.83 -25.12
N LEU F 237 -18.69 -43.04 -24.19
CA LEU F 237 -17.89 -42.37 -23.16
C LEU F 237 -17.96 -43.04 -21.80
N ALA F 238 -18.60 -44.20 -21.68
CA ALA F 238 -18.78 -44.83 -20.38
C ALA F 238 -17.45 -45.06 -19.68
N SER F 239 -17.51 -45.20 -18.36
CA SER F 239 -16.33 -45.49 -17.55
C SER F 239 -16.37 -46.95 -17.11
N LYS F 240 -15.30 -47.69 -17.40
CA LYS F 240 -15.24 -49.12 -17.11
C LYS F 240 -13.86 -49.48 -16.62
N ASP F 241 -13.79 -50.63 -15.94
CA ASP F 241 -12.52 -51.20 -15.53
C ASP F 241 -12.06 -52.24 -16.55
N SER F 242 -10.99 -52.97 -16.23
CA SER F 242 -10.42 -53.88 -17.21
C SER F 242 -11.37 -55.00 -17.58
N GLN F 243 -12.39 -55.27 -16.77
CA GLN F 243 -13.37 -56.30 -17.05
C GLN F 243 -14.58 -55.76 -17.80
N LYS F 244 -14.55 -54.50 -18.23
CA LYS F 244 -15.62 -53.92 -19.03
C LYS F 244 -16.93 -53.92 -18.27
N GLN F 245 -16.87 -53.54 -17.00
CA GLN F 245 -18.06 -53.39 -16.17
C GLN F 245 -18.00 -52.06 -15.44
N LEU F 246 -19.16 -51.42 -15.31
CA LEU F 246 -19.20 -50.02 -14.92
C LEU F 246 -18.41 -49.77 -13.65
N LEU F 247 -17.77 -48.62 -13.59
CA LEU F 247 -16.99 -48.24 -12.43
C LEU F 247 -17.90 -47.68 -11.35
N CYS F 248 -17.77 -48.20 -10.14
CA CYS F 248 -18.61 -47.78 -9.01
C CYS F 248 -17.75 -47.25 -7.88
N GLY F 249 -18.28 -46.26 -7.17
CA GLY F 249 -17.66 -45.76 -5.97
C GLY F 249 -18.65 -45.75 -4.83
N ALA F 250 -18.17 -45.72 -3.59
CA ALA F 250 -19.04 -45.73 -2.43
C ALA F 250 -18.41 -44.91 -1.31
N ALA F 251 -19.25 -44.38 -0.44
CA ALA F 251 -18.80 -43.59 0.69
C ALA F 251 -19.02 -44.37 1.99
N VAL F 252 -18.14 -44.12 2.97
CA VAL F 252 -18.25 -44.74 4.28
C VAL F 252 -17.73 -43.76 5.32
N GLY F 253 -18.28 -43.87 6.53
CA GLY F 253 -17.90 -43.02 7.63
C GLY F 253 -16.55 -43.39 8.20
N THR F 254 -16.37 -43.10 9.49
CA THR F 254 -15.12 -43.41 10.18
C THR F 254 -15.35 -44.01 11.57
N ARG F 255 -16.52 -44.60 11.80
CA ARG F 255 -16.78 -45.29 13.05
C ARG F 255 -16.12 -46.67 13.04
N GLU F 256 -16.47 -47.48 14.04
CA GLU F 256 -15.98 -48.86 14.07
C GLU F 256 -16.79 -49.75 13.14
N ASP F 257 -18.11 -49.57 13.11
CA ASP F 257 -18.94 -50.39 12.23
C ASP F 257 -18.59 -50.20 10.76
N ASP F 258 -17.92 -49.10 10.42
CA ASP F 258 -17.48 -48.89 9.06
C ASP F 258 -16.50 -49.97 8.59
N LYS F 259 -15.87 -50.70 9.51
CA LYS F 259 -15.01 -51.81 9.09
C LYS F 259 -15.85 -52.93 8.47
N TYR F 260 -16.93 -53.33 9.13
CA TYR F 260 -17.84 -54.31 8.54
C TYR F 260 -18.53 -53.76 7.31
N ARG F 261 -18.88 -52.47 7.33
CA ARG F 261 -19.44 -51.83 6.15
C ARG F 261 -18.50 -51.97 4.96
N LEU F 262 -17.21 -51.71 5.19
CA LEU F 262 -16.22 -51.77 4.12
C LEU F 262 -16.00 -53.20 3.67
N ASP F 263 -16.02 -54.16 4.60
CA ASP F 263 -15.94 -55.56 4.22
C ASP F 263 -17.05 -55.90 3.24
N LEU F 264 -18.30 -55.54 3.58
CA LEU F 264 -19.41 -55.80 2.68
C LEU F 264 -19.22 -55.09 1.35
N LEU F 265 -18.80 -53.82 1.39
CA LEU F 265 -18.63 -53.06 0.15
C LEU F 265 -17.63 -53.73 -0.78
N THR F 266 -16.46 -54.10 -0.26
CA THR F 266 -15.45 -54.75 -1.08
C THR F 266 -15.90 -56.11 -1.55
N GLN F 267 -16.74 -56.80 -0.77
CA GLN F 267 -17.36 -58.02 -1.29
C GLN F 267 -18.21 -57.70 -2.50
N ALA F 268 -18.95 -56.58 -2.45
CA ALA F 268 -19.78 -56.20 -3.58
C ALA F 268 -18.93 -55.92 -4.82
N GLY F 269 -17.73 -55.36 -4.63
CA GLY F 269 -16.83 -55.11 -5.74
C GLY F 269 -16.57 -53.63 -5.98
N VAL F 270 -16.63 -52.82 -4.93
CA VAL F 270 -16.38 -51.40 -5.07
C VAL F 270 -14.99 -51.18 -5.66
N ASP F 271 -14.82 -50.09 -6.40
CA ASP F 271 -13.54 -49.73 -6.98
C ASP F 271 -12.85 -48.57 -6.27
N VAL F 272 -13.61 -47.57 -5.83
CA VAL F 272 -13.05 -46.40 -5.14
C VAL F 272 -13.97 -46.05 -3.99
N ILE F 273 -13.36 -45.69 -2.86
CA ILE F 273 -14.10 -45.41 -1.62
C ILE F 273 -13.71 -44.03 -1.14
N VAL F 274 -14.69 -43.27 -0.65
CA VAL F 274 -14.49 -41.91 -0.16
C VAL F 274 -14.90 -41.86 1.31
N LEU F 275 -14.06 -41.23 2.12
CA LEU F 275 -14.37 -41.07 3.53
C LEU F 275 -15.20 -39.82 3.74
N ASP F 276 -16.31 -39.96 4.46
CA ASP F 276 -17.31 -38.91 4.61
C ASP F 276 -17.21 -38.33 6.01
N SER F 277 -16.85 -37.04 6.10
CA SER F 277 -16.74 -36.36 7.38
C SER F 277 -16.80 -34.86 7.14
N SER F 278 -17.34 -34.14 8.11
CA SER F 278 -17.47 -32.69 7.96
C SER F 278 -16.10 -32.02 7.90
N GLN F 279 -15.17 -32.45 8.73
CA GLN F 279 -13.79 -31.98 8.69
C GLN F 279 -12.88 -33.20 8.65
N GLY F 280 -12.11 -33.32 7.56
CA GLY F 280 -11.30 -34.49 7.33
C GLY F 280 -10.14 -34.67 8.27
N ASN F 281 -9.49 -33.57 8.64
CA ASN F 281 -8.23 -33.64 9.37
C ASN F 281 -8.43 -34.09 10.81
N SER F 282 -8.40 -35.40 11.05
CA SER F 282 -8.62 -35.92 12.40
C SER F 282 -7.96 -37.29 12.54
N VAL F 283 -7.64 -37.62 13.78
CA VAL F 283 -6.98 -38.90 14.06
C VAL F 283 -7.87 -40.07 13.63
N TYR F 284 -9.18 -39.92 13.73
CA TYR F 284 -10.08 -41.01 13.35
C TYR F 284 -10.05 -41.24 11.84
N GLN F 285 -10.08 -40.16 11.05
CA GLN F 285 -9.95 -40.31 9.61
C GLN F 285 -8.61 -40.90 9.24
N ILE F 286 -7.54 -40.47 9.90
CA ILE F 286 -6.22 -41.02 9.59
C ILE F 286 -6.15 -42.50 9.93
N ALA F 287 -6.77 -42.91 11.04
CA ALA F 287 -6.81 -44.33 11.39
C ALA F 287 -7.58 -45.12 10.36
N MET F 288 -8.71 -44.58 9.86
CA MET F 288 -9.43 -45.26 8.80
C MET F 288 -8.57 -45.38 7.54
N VAL F 289 -7.83 -44.33 7.19
CA VAL F 289 -6.97 -44.40 6.01
C VAL F 289 -5.93 -45.50 6.18
N HIS F 290 -5.33 -45.59 7.35
CA HIS F 290 -4.31 -46.61 7.59
C HIS F 290 -4.91 -48.01 7.53
N TYR F 291 -6.09 -48.20 8.15
CA TYR F 291 -6.75 -49.49 8.08
C TYR F 291 -7.06 -49.88 6.64
N ILE F 292 -7.55 -48.92 5.86
CA ILE F 292 -7.90 -49.22 4.48
C ILE F 292 -6.66 -49.61 3.69
N LYS F 293 -5.59 -48.83 3.82
CA LYS F 293 -4.38 -49.11 3.05
C LYS F 293 -3.63 -50.33 3.57
N GLN F 294 -3.99 -50.85 4.74
CA GLN F 294 -3.43 -52.13 5.16
C GLN F 294 -4.26 -53.30 4.66
N LYS F 295 -5.56 -53.32 4.94
CA LYS F 295 -6.37 -54.47 4.56
C LYS F 295 -6.59 -54.57 3.05
N TYR F 296 -6.80 -53.46 2.37
CA TYR F 296 -7.12 -53.45 0.94
C TYR F 296 -6.15 -52.52 0.21
N PRO F 297 -4.91 -52.96 -0.02
CA PRO F 297 -3.95 -52.12 -0.74
C PRO F 297 -4.39 -51.74 -2.14
N HIS F 298 -5.26 -52.53 -2.77
CA HIS F 298 -5.69 -52.28 -4.14
C HIS F 298 -6.85 -51.29 -4.23
N LEU F 299 -7.34 -50.78 -3.10
CA LEU F 299 -8.50 -49.91 -3.10
C LEU F 299 -8.07 -48.46 -2.97
N GLN F 300 -8.64 -47.60 -3.81
CA GLN F 300 -8.34 -46.18 -3.79
C GLN F 300 -9.25 -45.48 -2.79
N VAL F 301 -8.65 -44.78 -1.83
CA VAL F 301 -9.37 -44.09 -0.77
C VAL F 301 -9.19 -42.59 -0.97
N ILE F 302 -10.30 -41.85 -0.91
CA ILE F 302 -10.30 -40.41 -1.10
C ILE F 302 -10.45 -39.74 0.26
N GLY F 303 -9.61 -38.75 0.52
CA GLY F 303 -9.57 -38.15 1.84
C GLY F 303 -10.81 -37.34 2.14
N GLY F 304 -10.88 -36.83 3.37
CA GLY F 304 -12.03 -36.09 3.82
C GLY F 304 -11.98 -34.63 3.43
N ASN F 305 -12.98 -33.88 3.89
CA ASN F 305 -13.11 -32.49 3.51
C ASN F 305 -12.02 -31.64 4.14
N VAL F 306 -11.14 -31.11 3.31
CA VAL F 306 -10.07 -30.22 3.75
C VAL F 306 -10.13 -28.94 2.93
N VAL F 307 -9.81 -27.83 3.59
CA VAL F 307 -9.91 -26.49 2.95
C VAL F 307 -8.54 -25.82 3.04
N THR F 308 -7.54 -26.45 3.70
CA THR F 308 -6.25 -25.83 3.95
C THR F 308 -5.08 -26.74 3.65
N ALA F 309 -3.91 -26.13 3.41
CA ALA F 309 -2.71 -26.90 3.15
C ALA F 309 -2.30 -27.73 4.36
N ALA F 310 -2.42 -27.17 5.56
CA ALA F 310 -2.10 -27.92 6.76
C ALA F 310 -2.99 -29.15 6.91
N GLN F 311 -4.29 -29.00 6.64
CA GLN F 311 -5.18 -30.16 6.68
C GLN F 311 -4.81 -31.17 5.60
N ALA F 312 -4.48 -30.69 4.41
CA ALA F 312 -4.19 -31.59 3.31
C ALA F 312 -2.92 -32.40 3.56
N LYS F 313 -1.94 -31.81 4.26
CA LYS F 313 -0.64 -32.44 4.37
C LYS F 313 -0.72 -33.80 5.07
N ASN F 314 -1.35 -33.83 6.25
CA ASN F 314 -1.37 -35.09 6.99
C ASN F 314 -2.26 -36.13 6.36
N LEU F 315 -3.33 -35.75 5.66
CA LEU F 315 -4.06 -36.72 4.86
C LEU F 315 -3.20 -37.29 3.73
N ILE F 316 -2.44 -36.42 3.05
CA ILE F 316 -1.53 -36.91 2.01
C ILE F 316 -0.54 -37.90 2.60
N ASP F 317 0.02 -37.58 3.77
CA ASP F 317 0.95 -38.49 4.43
C ASP F 317 0.28 -39.80 4.79
N ALA F 318 -0.96 -39.73 5.28
CA ALA F 318 -1.71 -40.96 5.56
C ALA F 318 -1.85 -41.79 4.30
N GLY F 319 -1.94 -41.14 3.14
CA GLY F 319 -1.93 -41.86 1.88
C GLY F 319 -3.25 -41.86 1.15
N VAL F 320 -3.99 -40.75 1.23
CA VAL F 320 -5.21 -40.63 0.45
C VAL F 320 -4.85 -40.42 -1.01
N ASP F 321 -5.44 -41.24 -1.88
CA ASP F 321 -5.22 -41.13 -3.31
C ASP F 321 -5.94 -39.94 -3.94
N GLY F 322 -6.81 -39.29 -3.19
CA GLY F 322 -7.47 -38.09 -3.68
C GLY F 322 -7.90 -37.24 -2.50
N LEU F 323 -8.41 -36.06 -2.83
CA LEU F 323 -8.83 -35.10 -1.82
C LEU F 323 -10.12 -34.39 -2.17
N ARG F 324 -11.00 -34.26 -1.17
CA ARG F 324 -12.26 -33.54 -1.31
C ARG F 324 -12.11 -32.19 -0.65
N VAL F 325 -12.29 -31.13 -1.41
CA VAL F 325 -12.04 -29.77 -0.94
C VAL F 325 -13.35 -29.02 -0.87
N GLY F 326 -13.57 -28.32 0.24
CA GLY F 326 -14.75 -27.50 0.43
C GLY F 326 -15.43 -27.82 1.74
N MET F 327 -15.87 -26.79 2.46
CA MET F 327 -16.54 -27.00 3.74
C MET F 327 -17.30 -25.72 4.09
N GLY F 328 -18.60 -25.87 4.33
CA GLY F 328 -19.44 -24.76 4.70
C GLY F 328 -20.16 -24.05 3.55
N CYS F 329 -19.88 -24.44 2.30
CA CYS F 329 -20.42 -23.72 1.15
C CYS F 329 -21.46 -24.53 0.36
N GLY F 330 -21.96 -25.62 0.91
CA GLY F 330 -22.97 -26.40 0.21
C GLY F 330 -24.28 -25.65 0.13
N SER F 331 -25.09 -26.01 -0.89
CA SER F 331 -26.42 -25.43 -1.01
C SER F 331 -27.29 -25.81 0.18
N ILE F 332 -27.22 -27.06 0.61
CA ILE F 332 -28.03 -27.57 1.71
C ILE F 332 -27.30 -27.51 3.04
N CYS F 333 -26.21 -26.73 3.12
CA CYS F 333 -25.32 -26.77 4.27
C CYS F 333 -25.57 -25.57 5.17
N ILE F 334 -25.70 -25.83 6.46
CA ILE F 334 -25.85 -24.79 7.49
C ILE F 334 -24.66 -24.76 8.42
N THR F 335 -23.55 -25.39 8.04
CA THR F 335 -22.40 -25.51 8.93
C THR F 335 -21.82 -24.15 9.27
N GLN F 336 -21.72 -23.25 8.30
CA GLN F 336 -21.12 -21.94 8.56
C GLN F 336 -21.88 -21.18 9.64
N GLU F 337 -23.18 -21.46 9.81
CA GLU F 337 -23.97 -20.82 10.85
C GLU F 337 -24.02 -21.60 12.16
N VAL F 338 -24.10 -22.93 12.10
CA VAL F 338 -24.06 -23.74 13.32
C VAL F 338 -22.70 -23.69 14.00
N MET F 339 -21.61 -23.52 13.24
CA MET F 339 -20.29 -23.32 13.80
C MET F 339 -19.61 -22.26 12.94
N ALA F 340 -18.54 -21.68 13.48
CA ALA F 340 -17.93 -20.52 12.84
C ALA F 340 -16.91 -20.88 11.78
N CYS F 341 -16.62 -22.17 11.59
CA CYS F 341 -15.52 -22.57 10.73
C CYS F 341 -15.95 -22.67 9.27
N GLY F 342 -14.98 -22.59 8.38
CA GLY F 342 -15.21 -22.72 6.96
C GLY F 342 -14.18 -21.94 6.18
N ARG F 343 -14.43 -21.85 4.86
CA ARG F 343 -13.60 -21.06 3.96
C ARG F 343 -14.34 -20.90 2.64
N PRO F 344 -14.26 -19.74 1.99
CA PRO F 344 -14.90 -19.58 0.69
C PRO F 344 -14.35 -20.56 -0.34
N GLN F 345 -15.25 -21.04 -1.21
CA GLN F 345 -14.93 -22.19 -2.04
C GLN F 345 -13.80 -21.89 -3.02
N GLY F 346 -13.80 -20.72 -3.65
CA GLY F 346 -12.77 -20.43 -4.62
C GLY F 346 -11.38 -20.43 -4.01
N THR F 347 -11.20 -19.72 -2.89
CA THR F 347 -9.91 -19.71 -2.22
C THR F 347 -9.54 -21.10 -1.72
N ALA F 348 -10.50 -21.83 -1.15
CA ALA F 348 -10.22 -23.18 -0.70
C ALA F 348 -9.72 -24.10 -1.82
N VAL F 349 -10.44 -24.16 -2.93
CA VAL F 349 -10.04 -25.05 -4.02
C VAL F 349 -8.69 -24.61 -4.57
N TYR F 350 -8.50 -23.30 -4.78
CA TYR F 350 -7.22 -22.86 -5.32
C TYR F 350 -6.07 -23.25 -4.41
N LYS F 351 -6.19 -23.00 -3.10
CA LYS F 351 -5.05 -23.14 -2.21
C LYS F 351 -4.84 -24.55 -1.71
N VAL F 352 -5.69 -25.55 -1.94
CA VAL F 352 -5.38 -26.97 -1.60
C VAL F 352 -5.04 -27.59 -2.94
N ALA F 353 -5.57 -27.19 -4.11
CA ALA F 353 -5.13 -27.77 -5.36
C ALA F 353 -3.78 -27.27 -5.87
N GLU F 354 -3.33 -26.09 -5.43
CA GLU F 354 -1.99 -25.64 -5.78
C GLU F 354 -0.94 -26.38 -4.95
N TYR F 355 -1.30 -26.85 -3.76
CA TYR F 355 -0.39 -27.58 -2.89
C TYR F 355 -0.39 -29.07 -3.23
N ALA F 356 -1.57 -29.65 -3.45
CA ALA F 356 -1.66 -31.07 -3.75
C ALA F 356 -0.92 -31.44 -5.03
N ARG F 357 -1.00 -30.58 -6.04
CA ARG F 357 -0.35 -30.85 -7.32
C ARG F 357 1.08 -31.40 -7.31
N ARG F 358 1.85 -31.06 -6.28
CA ARG F 358 3.23 -31.54 -6.21
C ARG F 358 3.29 -33.04 -5.96
N PHE F 359 2.29 -33.60 -5.28
CA PHE F 359 2.25 -35.01 -4.96
C PHE F 359 1.35 -35.81 -5.89
N GLY F 360 0.68 -35.16 -6.83
CA GLY F 360 -0.11 -35.86 -7.82
C GLY F 360 -1.48 -36.28 -7.35
N VAL F 361 -1.89 -35.93 -6.14
CA VAL F 361 -3.23 -36.28 -5.67
C VAL F 361 -4.23 -35.30 -6.25
N PRO F 362 -5.19 -35.75 -7.06
CA PRO F 362 -6.19 -34.82 -7.58
C PRO F 362 -7.14 -34.32 -6.50
N ILE F 363 -7.90 -33.30 -6.84
CA ILE F 363 -8.83 -32.64 -5.92
C ILE F 363 -10.23 -32.74 -6.51
N ILE F 364 -11.22 -32.81 -5.61
CA ILE F 364 -12.63 -32.84 -6.00
C ILE F 364 -13.30 -31.67 -5.30
N ALA F 365 -13.41 -30.53 -5.99
CA ALA F 365 -14.05 -29.36 -5.42
C ALA F 365 -15.55 -29.58 -5.38
N ASP F 366 -16.10 -29.75 -4.19
CA ASP F 366 -17.50 -30.09 -4.00
C ASP F 366 -18.22 -28.95 -3.29
N GLY F 367 -19.49 -28.72 -3.67
CA GLY F 367 -20.28 -27.68 -3.06
C GLY F 367 -20.12 -26.33 -3.72
N GLY F 368 -21.22 -25.59 -3.84
CA GLY F 368 -21.21 -24.28 -4.44
C GLY F 368 -21.42 -24.28 -5.94
N ILE F 369 -21.39 -25.44 -6.59
CA ILE F 369 -21.58 -25.52 -8.03
C ILE F 369 -23.06 -25.33 -8.34
N GLN F 370 -23.40 -24.21 -8.96
CA GLN F 370 -24.77 -23.92 -9.37
C GLN F 370 -24.93 -23.89 -10.88
N THR F 371 -23.86 -23.64 -11.64
CA THR F 371 -23.97 -23.45 -13.07
C THR F 371 -22.72 -23.94 -13.77
N VAL F 372 -22.81 -24.03 -15.10
CA VAL F 372 -21.67 -24.40 -15.92
C VAL F 372 -20.53 -23.43 -15.70
N GLY F 373 -20.85 -22.15 -15.48
CA GLY F 373 -19.82 -21.18 -15.18
C GLY F 373 -19.03 -21.54 -13.94
N HIS F 374 -19.73 -21.98 -12.89
CA HIS F 374 -19.04 -22.41 -11.68
C HIS F 374 -18.25 -23.69 -11.91
N VAL F 375 -18.77 -24.61 -12.72
CA VAL F 375 -18.02 -25.83 -13.01
C VAL F 375 -16.69 -25.48 -13.68
N VAL F 376 -16.74 -24.64 -14.71
CA VAL F 376 -15.52 -24.28 -15.43
C VAL F 376 -14.60 -23.45 -14.55
N LYS F 377 -15.14 -22.55 -13.72
CA LYS F 377 -14.31 -21.79 -12.81
C LYS F 377 -13.57 -22.71 -11.85
N ALA F 378 -14.27 -23.70 -11.30
CA ALA F 378 -13.60 -24.67 -10.43
C ALA F 378 -12.55 -25.51 -11.12
N LEU F 379 -12.80 -25.93 -12.36
CA LEU F 379 -11.78 -26.68 -13.09
C LEU F 379 -10.61 -25.81 -13.53
N ALA F 380 -10.82 -24.48 -13.58
CA ALA F 380 -9.71 -23.60 -13.97
C ALA F 380 -8.76 -23.36 -12.81
N LEU F 381 -9.24 -23.52 -11.58
CA LEU F 381 -8.45 -23.18 -10.41
C LEU F 381 -7.63 -24.36 -9.88
N GLY F 382 -7.62 -25.49 -10.57
CA GLY F 382 -6.81 -26.62 -10.17
C GLY F 382 -7.58 -27.85 -9.75
N ALA F 383 -8.89 -27.75 -9.59
CA ALA F 383 -9.68 -28.92 -9.21
C ALA F 383 -9.78 -29.89 -10.38
N SER F 384 -9.22 -31.09 -10.19
CA SER F 384 -9.24 -32.08 -11.25
C SER F 384 -10.66 -32.47 -11.63
N THR F 385 -11.54 -32.63 -10.65
CA THR F 385 -12.92 -33.02 -10.88
C THR F 385 -13.82 -32.14 -10.01
N VAL F 386 -15.11 -32.13 -10.33
CA VAL F 386 -16.10 -31.33 -9.63
C VAL F 386 -17.25 -32.23 -9.21
N MET F 387 -17.65 -32.12 -7.94
CA MET F 387 -18.71 -32.96 -7.38
C MET F 387 -19.94 -32.11 -7.16
N MET F 388 -21.10 -32.59 -7.63
CA MET F 388 -22.33 -31.82 -7.64
C MET F 388 -23.35 -32.40 -6.66
N GLY F 389 -24.11 -31.50 -6.06
CA GLY F 389 -25.21 -31.84 -5.18
C GLY F 389 -26.55 -31.45 -5.78
N SER F 390 -27.04 -30.27 -5.38
CA SER F 390 -28.37 -29.83 -5.80
C SER F 390 -28.55 -29.87 -7.31
N LEU F 391 -27.48 -29.62 -8.07
CA LEU F 391 -27.62 -29.59 -9.53
C LEU F 391 -28.24 -30.88 -10.07
N LEU F 392 -28.02 -32.00 -9.39
CA LEU F 392 -28.51 -33.29 -9.83
C LEU F 392 -29.57 -33.88 -8.90
N ALA F 393 -30.05 -33.11 -7.92
CA ALA F 393 -30.94 -33.66 -6.91
C ALA F 393 -32.32 -34.02 -7.45
N ALA F 394 -32.88 -33.18 -8.34
CA ALA F 394 -34.20 -33.41 -8.90
C ALA F 394 -34.01 -33.86 -10.35
N THR F 395 -34.09 -35.17 -10.57
CA THR F 395 -33.92 -35.76 -11.88
C THR F 395 -34.65 -37.09 -11.89
N THR F 396 -34.91 -37.61 -13.10
CA THR F 396 -35.62 -38.87 -13.20
C THR F 396 -34.87 -39.99 -12.51
N GLU F 397 -33.55 -39.86 -12.37
CA GLU F 397 -32.75 -40.91 -11.75
C GLU F 397 -32.51 -40.68 -10.26
N ALA F 398 -32.99 -39.58 -9.69
CA ALA F 398 -32.75 -39.30 -8.29
C ALA F 398 -33.76 -40.06 -7.42
N PRO F 399 -33.39 -40.36 -6.16
CA PRO F 399 -34.28 -41.16 -5.31
C PRO F 399 -35.56 -40.44 -4.93
N GLY F 400 -36.62 -41.20 -4.66
CA GLY F 400 -37.83 -40.61 -4.11
C GLY F 400 -38.95 -40.47 -5.14
N GLU F 401 -39.82 -39.49 -4.89
CA GLU F 401 -40.94 -39.23 -5.76
C GLU F 401 -41.29 -37.75 -5.71
N TYR F 402 -42.07 -37.31 -6.69
CA TYR F 402 -42.32 -35.90 -6.91
C TYR F 402 -43.55 -35.41 -6.16
N PHE F 403 -43.68 -34.08 -6.06
CA PHE F 403 -44.89 -33.44 -5.58
C PHE F 403 -45.45 -32.50 -6.65
N PHE F 404 -46.69 -32.10 -6.48
CA PHE F 404 -47.30 -31.05 -7.30
C PHE F 404 -48.72 -30.77 -6.83
N ARG F 414 -32.51 -32.75 0.73
CA ARG F 414 -32.26 -33.06 2.13
C ARG F 414 -30.78 -33.31 2.38
N GLY F 415 -30.15 -32.42 3.14
CA GLY F 415 -28.78 -32.64 3.55
C GLY F 415 -28.67 -33.89 4.41
N MET F 416 -27.59 -34.63 4.22
CA MET F 416 -27.44 -35.91 4.90
C MET F 416 -27.17 -35.76 6.39
N GLY F 417 -26.95 -34.53 6.87
CA GLY F 417 -26.86 -34.26 8.29
C GLY F 417 -27.98 -33.35 8.76
N SER F 418 -29.13 -33.44 8.09
CA SER F 418 -30.26 -32.54 8.32
C SER F 418 -31.28 -33.10 9.29
N LEU F 419 -31.02 -34.25 9.89
CA LEU F 419 -31.97 -34.87 10.83
C LEU F 419 -33.27 -35.22 10.12
N LYS F 440 -28.00 -35.13 16.84
CA LYS F 440 -28.16 -34.30 18.03
C LYS F 440 -28.20 -32.82 17.68
N ILE F 441 -27.69 -32.47 16.50
CA ILE F 441 -27.70 -31.09 16.02
C ILE F 441 -27.90 -31.11 14.50
N ALA F 442 -28.66 -30.13 14.01
CA ALA F 442 -28.97 -30.08 12.59
C ALA F 442 -27.79 -29.51 11.82
N GLN F 443 -27.23 -30.33 10.92
CA GLN F 443 -26.17 -29.90 10.03
C GLN F 443 -26.65 -29.60 8.62
N GLY F 444 -27.94 -29.80 8.33
CA GLY F 444 -28.43 -29.63 7.00
C GLY F 444 -29.84 -29.07 6.97
N VAL F 445 -30.52 -29.32 5.86
CA VAL F 445 -31.83 -28.74 5.58
C VAL F 445 -32.54 -29.64 4.58
N SER F 446 -33.87 -29.60 4.61
CA SER F 446 -34.70 -30.36 3.68
C SER F 446 -35.32 -29.40 2.66
N GLY F 447 -34.96 -29.58 1.39
CA GLY F 447 -35.37 -28.66 0.35
C GLY F 447 -36.29 -29.29 -0.68
N SER F 448 -36.44 -28.58 -1.79
CA SER F 448 -37.24 -29.05 -2.92
C SER F 448 -36.73 -28.36 -4.18
N ILE F 449 -36.77 -29.09 -5.31
CA ILE F 449 -36.23 -28.59 -6.57
C ILE F 449 -37.20 -28.92 -7.69
N GLN F 450 -37.10 -28.17 -8.79
CA GLN F 450 -38.08 -28.12 -9.88
C GLN F 450 -38.05 -29.33 -10.81
N ASP F 451 -37.34 -30.44 -10.59
CA ASP F 451 -37.33 -31.54 -11.54
C ASP F 451 -36.63 -31.12 -12.83
N LYS F 452 -35.74 -31.98 -13.35
CA LYS F 452 -34.94 -31.60 -14.51
C LYS F 452 -34.77 -32.75 -15.51
N GLY F 453 -35.75 -33.62 -15.66
CA GLY F 453 -35.63 -34.64 -16.67
C GLY F 453 -34.73 -35.78 -16.23
N SER F 454 -33.95 -36.28 -17.19
CA SER F 454 -33.09 -37.43 -16.96
C SER F 454 -31.62 -37.04 -17.11
N ILE F 455 -30.75 -37.80 -16.45
CA ILE F 455 -29.31 -37.56 -16.57
C ILE F 455 -28.86 -37.78 -18.00
N GLN F 456 -29.34 -38.84 -18.64
CA GLN F 456 -28.88 -39.17 -19.98
C GLN F 456 -29.25 -38.11 -21.01
N LYS F 457 -30.15 -37.20 -20.68
CA LYS F 457 -30.48 -36.08 -21.55
C LYS F 457 -30.04 -34.74 -20.97
N PHE F 458 -29.56 -34.74 -19.73
CA PHE F 458 -29.18 -33.50 -19.06
C PHE F 458 -27.67 -33.30 -19.03
N VAL F 459 -26.91 -34.39 -18.97
CA VAL F 459 -25.46 -34.28 -18.85
C VAL F 459 -24.81 -33.88 -20.17
N PRO F 460 -25.28 -34.34 -21.34
CA PRO F 460 -24.65 -33.87 -22.59
C PRO F 460 -24.65 -32.35 -22.72
N TYR F 461 -25.72 -31.69 -22.30
CA TYR F 461 -25.72 -30.23 -22.28
C TYR F 461 -24.67 -29.71 -21.30
N LEU F 462 -24.51 -30.38 -20.18
CA LEU F 462 -23.52 -29.95 -19.17
C LEU F 462 -22.10 -30.12 -19.69
N ILE F 463 -21.88 -31.09 -20.57
CA ILE F 463 -20.57 -31.26 -21.21
C ILE F 463 -20.37 -30.18 -22.28
N ALA F 464 -21.39 -29.94 -23.10
CA ALA F 464 -21.26 -28.97 -24.17
C ALA F 464 -21.01 -27.57 -23.62
N GLY F 465 -21.65 -27.25 -22.50
CA GLY F 465 -21.40 -25.95 -21.87
C GLY F 465 -19.95 -25.79 -21.47
N ILE F 466 -19.36 -26.83 -20.87
CA ILE F 466 -17.96 -26.76 -20.46
C ILE F 466 -17.07 -26.64 -21.69
N GLN F 467 -17.37 -27.42 -22.73
CA GLN F 467 -16.56 -27.37 -23.95
C GLN F 467 -16.58 -25.97 -24.53
N HIS F 468 -17.76 -25.35 -24.61
CA HIS F 468 -17.84 -24.00 -25.18
C HIS F 468 -17.15 -22.99 -24.30
N GLY F 469 -17.25 -23.14 -22.97
CA GLY F 469 -16.55 -22.23 -22.08
C GLY F 469 -15.05 -22.29 -22.18
N CYS F 470 -14.49 -23.49 -22.36
CA CYS F 470 -13.05 -23.61 -22.58
C CYS F 470 -12.65 -23.16 -23.98
N GLN F 471 -13.49 -23.40 -24.98
CA GLN F 471 -13.19 -22.97 -26.34
C GLN F 471 -13.16 -21.45 -26.44
N ASP F 472 -14.06 -20.77 -25.72
CA ASP F 472 -14.03 -19.31 -25.70
C ASP F 472 -12.80 -18.78 -25.01
N ILE F 473 -12.06 -19.61 -24.29
CA ILE F 473 -10.84 -19.17 -23.61
C ILE F 473 -9.60 -19.52 -24.40
N GLY F 474 -9.64 -20.61 -25.18
CA GLY F 474 -8.50 -21.01 -25.96
C GLY F 474 -7.70 -22.16 -25.38
N ALA F 475 -8.34 -23.05 -24.62
CA ALA F 475 -7.67 -24.20 -24.06
C ALA F 475 -8.15 -25.46 -24.77
N ARG F 476 -7.22 -26.23 -25.34
CA ARG F 476 -7.58 -27.44 -26.06
C ARG F 476 -8.00 -28.56 -25.13
N SER F 477 -7.84 -28.40 -23.82
CA SER F 477 -8.22 -29.43 -22.86
C SER F 477 -8.14 -28.85 -21.45
N LEU F 478 -8.70 -29.58 -20.50
CA LEU F 478 -8.67 -29.15 -19.11
C LEU F 478 -7.24 -29.12 -18.57
N ASP F 479 -6.42 -30.10 -18.95
CA ASP F 479 -5.03 -30.09 -18.50
C ASP F 479 -4.30 -28.85 -19.01
N VAL F 480 -4.53 -28.50 -20.27
CA VAL F 480 -3.93 -27.29 -20.82
C VAL F 480 -4.47 -26.06 -20.12
N LEU F 481 -5.76 -26.07 -19.76
CA LEU F 481 -6.33 -24.92 -19.05
C LEU F 481 -5.65 -24.73 -17.69
N ARG F 482 -5.46 -25.82 -16.95
CA ARG F 482 -4.83 -25.70 -15.64
C ARG F 482 -3.35 -25.36 -15.76
N SER F 483 -2.68 -25.86 -16.80
CA SER F 483 -1.29 -25.45 -17.04
C SER F 483 -1.23 -23.97 -17.36
N MET F 484 -2.19 -23.46 -18.13
CA MET F 484 -2.28 -22.03 -18.41
C MET F 484 -2.47 -21.24 -17.12
N MET F 485 -3.34 -21.72 -16.23
CA MET F 485 -3.54 -21.04 -14.96
C MET F 485 -2.25 -21.02 -14.15
N TYR F 486 -1.54 -22.14 -14.09
CA TYR F 486 -0.28 -22.22 -13.37
C TYR F 486 0.86 -21.36 -13.92
N SER F 487 1.04 -21.31 -15.25
CA SER F 487 2.14 -20.55 -15.83
C SER F 487 1.88 -19.05 -15.83
N GLY F 488 0.65 -18.61 -15.64
CA GLY F 488 0.32 -17.21 -15.64
C GLY F 488 -0.28 -16.69 -16.91
N GLU F 489 -0.53 -17.56 -17.91
CA GLU F 489 -1.07 -17.11 -19.18
C GLU F 489 -2.55 -16.77 -19.08
N LEU F 490 -3.30 -17.51 -18.27
CA LEU F 490 -4.74 -17.30 -18.14
C LEU F 490 -4.97 -16.33 -16.98
N LYS F 491 -5.64 -15.21 -17.27
CA LYS F 491 -5.73 -14.10 -16.35
C LYS F 491 -7.17 -13.82 -15.96
N PHE F 492 -7.33 -13.39 -14.71
CA PHE F 492 -8.63 -13.21 -14.07
C PHE F 492 -8.91 -11.74 -13.86
N GLU F 493 -10.19 -11.42 -13.72
CA GLU F 493 -10.65 -10.07 -13.42
C GLU F 493 -11.65 -10.13 -12.29
N LYS F 494 -11.54 -9.21 -11.33
CA LYS F 494 -12.48 -9.18 -10.22
C LYS F 494 -13.81 -8.59 -10.66
N ARG F 495 -14.86 -8.94 -9.92
CA ARG F 495 -16.25 -8.72 -10.34
C ARG F 495 -17.02 -8.19 -9.14
N THR F 496 -17.03 -6.87 -8.98
CA THR F 496 -17.76 -6.25 -7.88
C THR F 496 -19.27 -6.47 -8.05
N MET F 497 -20.04 -6.03 -7.06
CA MET F 497 -21.46 -6.34 -7.06
C MET F 497 -22.18 -5.73 -8.25
N SER F 498 -21.85 -4.48 -8.59
CA SER F 498 -22.45 -3.84 -9.75
C SER F 498 -22.05 -4.49 -11.06
N ALA F 499 -21.02 -5.33 -11.06
CA ALA F 499 -20.69 -6.17 -12.20
C ALA F 499 -21.30 -7.56 -12.10
N GLN F 500 -21.70 -7.97 -10.90
CA GLN F 500 -22.43 -9.23 -10.73
C GLN F 500 -23.88 -9.09 -11.18
N ILE F 501 -24.47 -7.91 -10.94
CA ILE F 501 -25.85 -7.68 -11.32
C ILE F 501 -26.03 -7.68 -12.85
N GLU F 502 -24.93 -7.76 -13.61
CA GLU F 502 -25.00 -7.73 -15.06
C GLU F 502 -25.10 -9.11 -15.66
N GLY F 503 -25.70 -10.05 -14.93
CA GLY F 503 -26.09 -11.31 -15.51
C GLY F 503 -27.47 -11.19 -16.13
N GLY F 504 -28.44 -11.94 -15.60
CA GLY F 504 -29.81 -11.76 -16.03
C GLY F 504 -30.39 -10.46 -15.52
N VAL F 505 -29.94 -9.34 -16.12
CA VAL F 505 -30.29 -8.02 -15.59
C VAL F 505 -31.79 -7.88 -15.49
N HIS F 506 -32.23 -7.06 -14.54
CA HIS F 506 -33.65 -6.91 -14.24
C HIS F 506 -34.34 -5.92 -15.17
N GLY F 507 -33.76 -5.68 -16.35
CA GLY F 507 -34.39 -4.80 -17.31
C GLY F 507 -35.69 -5.36 -17.86
N LEU F 508 -35.89 -6.67 -17.71
CA LEU F 508 -37.08 -7.32 -18.25
C LEU F 508 -38.19 -7.36 -17.22
N HIS F 509 -39.42 -7.59 -17.70
CA HIS F 509 -40.57 -7.69 -16.80
C HIS F 509 -40.77 -9.13 -16.34
N SER F 510 -40.71 -10.07 -17.28
CA SER F 510 -40.79 -11.50 -16.98
C SER F 510 -40.04 -12.23 -18.09
N TYR F 511 -39.71 -13.49 -17.84
CA TYR F 511 -38.97 -14.23 -18.87
C TYR F 511 -38.96 -15.72 -18.58
N THR F 512 -38.45 -16.47 -19.56
CA THR F 512 -38.26 -17.92 -19.48
C THR F 512 -36.84 -18.23 -19.96
N PHE F 513 -36.30 -19.37 -19.52
CA PHE F 513 -34.91 -19.70 -19.84
C PHE F 513 -34.82 -20.72 -20.97
N LEU F 514 -35.40 -21.89 -20.77
CA LEU F 514 -35.34 -22.97 -21.75
C LEU F 514 -33.88 -23.22 -22.13
N PRO F 515 -33.11 -23.88 -21.27
CA PRO F 515 -31.84 -24.44 -21.75
C PRO F 515 -32.11 -25.75 -22.50
N PHE F 516 -31.37 -25.95 -23.59
CA PHE F 516 -31.64 -27.11 -24.44
C PHE F 516 -31.52 -28.40 -23.65
N THR F 517 -30.66 -28.43 -22.63
CA THR F 517 -30.56 -29.56 -21.73
C THR F 517 -30.33 -30.86 -22.50
N TYR G 14 7.12 -29.43 5.60
CA TYR G 14 6.78 -28.01 5.74
C TYR G 14 5.56 -27.66 4.90
N VAL G 15 4.66 -26.88 5.48
CA VAL G 15 3.40 -26.50 4.83
C VAL G 15 3.14 -25.02 5.10
N PRO G 16 2.88 -24.20 4.07
CA PRO G 16 2.79 -22.76 4.31
C PRO G 16 1.58 -22.40 5.16
N GLU G 17 1.71 -21.28 5.87
CA GLU G 17 0.62 -20.78 6.71
C GLU G 17 -0.41 -20.05 5.87
N ASP G 18 -1.68 -20.28 6.20
CA ASP G 18 -2.80 -19.71 5.47
C ASP G 18 -3.69 -18.91 6.42
N GLY G 19 -4.13 -17.74 5.95
CA GLY G 19 -5.08 -16.92 6.68
C GLY G 19 -4.42 -15.80 7.45
N LEU G 20 -5.27 -15.00 8.09
CA LEU G 20 -4.84 -13.84 8.85
C LEU G 20 -5.04 -14.10 10.34
N THR G 21 -4.04 -13.76 11.14
CA THR G 21 -4.23 -13.75 12.58
C THR G 21 -5.29 -12.71 12.92
N ALA G 22 -5.77 -12.75 14.16
CA ALA G 22 -6.75 -11.76 14.59
C ALA G 22 -6.18 -10.35 14.49
N GLN G 23 -4.92 -10.19 14.89
CA GLN G 23 -4.28 -8.88 14.84
C GLN G 23 -4.20 -8.36 13.42
N GLN G 24 -3.82 -9.22 12.48
CA GLN G 24 -3.75 -8.83 11.07
C GLN G 24 -5.14 -8.51 10.53
N LEU G 25 -6.14 -9.31 10.91
CA LEU G 25 -7.49 -9.12 10.42
C LEU G 25 -8.06 -7.78 10.88
N PHE G 26 -7.88 -7.46 12.16
CA PHE G 26 -8.43 -6.23 12.74
C PHE G 26 -7.56 -4.99 12.60
N ALA G 27 -6.37 -5.09 12.00
CA ALA G 27 -5.50 -3.93 11.85
C ALA G 27 -5.99 -3.00 10.76
N SER G 28 -6.67 -3.53 9.73
CA SER G 28 -7.13 -2.72 8.62
C SER G 28 -8.11 -1.64 9.04
N ALA G 29 -8.83 -1.82 10.15
CA ALA G 29 -9.79 -0.84 10.64
C ALA G 29 -10.87 -0.56 9.61
N ASP G 30 -11.62 -1.61 9.26
CA ASP G 30 -12.74 -1.51 8.33
C ASP G 30 -14.09 -1.73 9.00
N GLY G 31 -14.11 -2.16 10.26
CA GLY G 31 -15.37 -2.35 10.95
C GLY G 31 -15.99 -3.73 10.77
N LEU G 32 -15.26 -4.78 11.09
CA LEU G 32 -15.81 -6.13 10.98
C LEU G 32 -16.85 -6.47 12.03
N THR G 33 -17.79 -7.33 11.66
CA THR G 33 -18.75 -7.91 12.59
C THR G 33 -18.66 -9.42 12.52
N TYR G 34 -19.50 -10.09 13.30
CA TYR G 34 -19.44 -11.55 13.35
C TYR G 34 -19.72 -12.18 11.99
N ASN G 35 -20.57 -11.54 11.18
CA ASN G 35 -20.95 -12.11 9.89
C ASN G 35 -19.96 -11.75 8.78
N ASP G 36 -18.74 -11.37 9.13
CA ASP G 36 -17.81 -10.79 8.17
C ASP G 36 -16.46 -11.50 8.18
N PHE G 37 -16.32 -12.59 8.92
CA PHE G 37 -15.07 -13.35 8.91
C PHE G 37 -15.34 -14.77 9.39
N LEU G 38 -14.34 -15.63 9.20
CA LEU G 38 -14.42 -17.04 9.57
C LEU G 38 -13.14 -17.45 10.27
N ILE G 39 -13.20 -18.61 10.92
CA ILE G 39 -12.04 -19.21 11.58
C ILE G 39 -11.67 -20.48 10.84
N LEU G 40 -10.43 -20.58 10.41
CA LEU G 40 -10.02 -21.77 9.68
C LEU G 40 -9.82 -22.94 10.64
N PRO G 41 -10.10 -24.16 10.21
CA PRO G 41 -10.08 -25.30 11.14
C PRO G 41 -8.66 -25.73 11.48
N GLY G 42 -8.59 -26.70 12.40
CA GLY G 42 -7.32 -27.21 12.87
C GLY G 42 -7.23 -28.72 12.93
N PHE G 43 -6.89 -29.25 14.10
CA PHE G 43 -6.65 -30.68 14.29
C PHE G 43 -7.56 -31.19 15.39
N ILE G 44 -8.16 -32.36 15.18
CA ILE G 44 -9.12 -32.93 16.12
C ILE G 44 -8.48 -34.18 16.71
N ASP G 45 -8.26 -34.19 18.02
CA ASP G 45 -7.82 -35.39 18.71
C ASP G 45 -8.57 -35.60 20.02
N PHE G 46 -9.87 -35.30 20.04
CA PHE G 46 -10.65 -35.47 21.25
C PHE G 46 -12.13 -35.44 20.92
N ILE G 47 -12.90 -36.17 21.71
CA ILE G 47 -14.35 -36.16 21.56
C ILE G 47 -14.87 -34.76 21.90
N ALA G 48 -16.01 -34.39 21.30
CA ALA G 48 -16.55 -33.06 21.51
C ALA G 48 -16.91 -32.83 22.96
N ASP G 49 -17.51 -33.82 23.62
CA ASP G 49 -17.97 -33.64 24.99
C ASP G 49 -16.84 -33.32 25.94
N GLU G 50 -15.59 -33.62 25.58
CA GLU G 50 -14.46 -33.35 26.46
C GLU G 50 -14.18 -31.87 26.61
N VAL G 51 -14.61 -31.04 25.66
CA VAL G 51 -14.34 -29.60 25.73
C VAL G 51 -14.91 -29.05 27.02
N ASP G 52 -14.20 -28.10 27.62
CA ASP G 52 -14.56 -27.52 28.90
C ASP G 52 -14.84 -26.03 28.71
N LEU G 53 -15.99 -25.57 29.18
CA LEU G 53 -16.46 -24.22 28.92
C LEU G 53 -16.41 -23.31 30.14
N THR G 54 -15.75 -23.72 31.21
CA THR G 54 -15.69 -22.88 32.42
C THR G 54 -15.21 -21.47 32.05
N SER G 55 -16.07 -20.49 32.29
CA SER G 55 -15.80 -19.10 31.93
C SER G 55 -15.95 -18.22 33.14
N ALA G 56 -15.31 -17.06 33.11
CA ALA G 56 -15.29 -16.15 34.25
C ALA G 56 -16.25 -14.99 34.01
N LEU G 57 -17.22 -14.84 34.90
CA LEU G 57 -18.16 -13.72 34.80
C LEU G 57 -17.51 -12.43 35.26
N THR G 58 -17.07 -12.38 36.52
CA THR G 58 -16.25 -11.28 37.02
C THR G 58 -15.04 -11.88 37.72
N ARG G 59 -14.28 -11.03 38.40
CA ARG G 59 -13.00 -11.45 38.95
C ARG G 59 -13.15 -12.39 40.15
N LYS G 60 -14.37 -12.67 40.59
CA LYS G 60 -14.58 -13.64 41.67
C LYS G 60 -15.76 -14.58 41.40
N ILE G 61 -16.28 -14.61 40.18
CA ILE G 61 -17.35 -15.52 39.82
C ILE G 61 -16.96 -16.26 38.55
N THR G 62 -16.99 -17.58 38.60
CA THR G 62 -16.67 -18.44 37.46
C THR G 62 -17.91 -19.26 37.12
N LEU G 63 -18.37 -19.16 35.88
CA LEU G 63 -19.55 -19.89 35.45
C LEU G 63 -19.13 -21.10 34.62
N LYS G 64 -19.83 -22.22 34.83
CA LYS G 64 -19.51 -23.42 34.08
C LYS G 64 -19.92 -23.34 32.62
N THR G 65 -20.66 -22.32 32.21
CA THR G 65 -20.95 -22.04 30.82
C THR G 65 -20.98 -20.54 30.61
N PRO G 66 -20.64 -20.07 29.40
CA PRO G 66 -20.57 -18.61 29.18
C PRO G 66 -21.91 -17.92 29.11
N LEU G 67 -23.02 -18.65 28.98
CA LEU G 67 -24.30 -18.08 28.60
C LEU G 67 -24.81 -17.12 29.67
N ILE G 68 -25.29 -15.96 29.24
CA ILE G 68 -25.93 -14.99 30.10
C ILE G 68 -27.19 -14.49 29.42
N SER G 69 -28.21 -14.16 30.21
CA SER G 69 -29.44 -13.58 29.72
C SER G 69 -29.46 -12.10 30.02
N SER G 70 -29.79 -11.29 29.02
CA SER G 70 -29.68 -9.85 29.16
C SER G 70 -30.76 -9.32 30.10
N PRO G 71 -30.49 -8.23 30.84
CA PRO G 71 -31.54 -7.64 31.68
C PRO G 71 -32.50 -6.79 30.88
N MET G 72 -33.72 -7.29 30.68
CA MET G 72 -34.74 -6.59 29.92
C MET G 72 -36.10 -6.98 30.49
N ASP G 73 -37.11 -6.16 30.18
CA ASP G 73 -38.44 -6.42 30.73
C ASP G 73 -39.19 -7.50 29.95
N THR G 74 -38.63 -8.01 28.86
CA THR G 74 -39.21 -9.13 28.12
C THR G 74 -38.37 -10.38 28.23
N VAL G 75 -37.50 -10.46 29.25
CA VAL G 75 -36.61 -11.60 29.43
C VAL G 75 -35.99 -11.44 30.83
N THR G 76 -35.53 -12.54 31.42
CA THR G 76 -35.01 -12.53 32.78
C THR G 76 -36.08 -12.10 33.80
N GLU G 77 -37.13 -12.88 33.88
CA GLU G 77 -37.95 -12.91 35.07
C GLU G 77 -37.21 -13.67 36.17
N ALA G 78 -37.85 -13.78 37.33
CA ALA G 78 -37.34 -14.70 38.35
C ALA G 78 -37.37 -16.13 37.84
N ASP G 79 -38.46 -16.51 37.15
CA ASP G 79 -38.61 -17.87 36.65
C ASP G 79 -37.66 -18.20 35.51
N MET G 80 -37.00 -17.21 34.91
CA MET G 80 -35.96 -17.48 33.93
C MET G 80 -34.57 -17.38 34.54
N ALA G 81 -34.38 -16.48 35.50
CA ALA G 81 -33.10 -16.48 36.21
C ALA G 81 -32.88 -17.81 36.90
N ILE G 82 -33.92 -18.39 37.51
CA ILE G 82 -33.80 -19.71 38.10
C ILE G 82 -33.44 -20.74 37.05
N ALA G 83 -34.19 -20.76 35.95
CA ALA G 83 -34.03 -21.82 34.95
C ALA G 83 -32.76 -21.67 34.13
N MET G 84 -32.09 -20.52 34.23
CA MET G 84 -30.81 -20.33 33.55
C MET G 84 -29.63 -20.50 34.49
N ALA G 85 -29.80 -20.19 35.78
CA ALA G 85 -28.79 -20.54 36.77
C ALA G 85 -28.71 -22.05 36.96
N LEU G 86 -29.83 -22.75 36.83
CA LEU G 86 -29.80 -24.20 36.93
C LEU G 86 -28.95 -24.84 35.84
N MET G 87 -28.89 -24.22 34.66
CA MET G 87 -28.18 -24.78 33.53
C MET G 87 -26.75 -24.27 33.41
N GLY G 88 -26.21 -23.69 34.48
CA GLY G 88 -24.82 -23.28 34.51
C GLY G 88 -24.56 -21.82 34.26
N GLY G 89 -25.50 -21.10 33.66
CA GLY G 89 -25.34 -19.70 33.35
C GLY G 89 -25.75 -18.81 34.49
N ILE G 90 -26.07 -17.56 34.17
CA ILE G 90 -26.53 -16.58 35.15
C ILE G 90 -27.49 -15.63 34.44
N GLY G 91 -28.44 -15.10 35.19
CA GLY G 91 -29.43 -14.19 34.65
C GLY G 91 -29.52 -12.93 35.46
N PHE G 92 -29.66 -11.80 34.77
CA PHE G 92 -29.72 -10.49 35.40
C PHE G 92 -31.17 -10.02 35.41
N ILE G 93 -31.68 -9.69 36.59
CA ILE G 93 -33.07 -9.27 36.72
C ILE G 93 -33.20 -7.83 36.25
N HIS G 94 -34.13 -7.58 35.35
CA HIS G 94 -34.30 -6.24 34.80
C HIS G 94 -34.77 -5.28 35.88
N HIS G 95 -34.45 -4.00 35.69
CA HIS G 95 -34.75 -2.96 36.66
C HIS G 95 -35.84 -2.01 36.20
N ASN G 96 -36.68 -2.42 35.26
CA ASN G 96 -37.85 -1.63 34.87
C ASN G 96 -39.05 -2.02 35.73
N CYS G 97 -38.89 -1.99 37.05
CA CYS G 97 -39.95 -2.40 37.95
C CYS G 97 -39.72 -1.76 39.32
N THR G 98 -40.73 -1.89 40.17
CA THR G 98 -40.67 -1.32 41.50
C THR G 98 -39.50 -1.95 42.28
N PRO G 99 -38.79 -1.18 43.10
CA PRO G 99 -37.68 -1.78 43.86
C PRO G 99 -38.10 -2.97 44.71
N GLU G 100 -39.29 -2.92 45.33
CA GLU G 100 -39.80 -4.07 46.05
C GLU G 100 -40.01 -5.25 45.10
N PHE G 101 -40.47 -4.99 43.88
CA PHE G 101 -40.64 -6.06 42.91
C PHE G 101 -39.32 -6.71 42.56
N GLN G 102 -38.27 -5.91 42.37
CA GLN G 102 -36.95 -6.48 42.05
C GLN G 102 -36.41 -7.28 43.23
N ALA G 103 -36.58 -6.77 44.44
CA ALA G 103 -36.14 -7.51 45.62
C ALA G 103 -36.90 -8.84 45.73
N ASN G 104 -38.20 -8.84 45.45
CA ASN G 104 -38.96 -10.08 45.46
C ASN G 104 -38.45 -11.05 44.41
N GLU G 105 -38.13 -10.54 43.22
CA GLU G 105 -37.59 -11.41 42.17
C GLU G 105 -36.30 -12.06 42.63
N VAL G 106 -35.40 -11.28 43.23
CA VAL G 106 -34.12 -11.85 43.68
C VAL G 106 -34.35 -12.84 44.82
N ARG G 107 -35.30 -12.56 45.71
CA ARG G 107 -35.61 -13.51 46.77
C ARG G 107 -36.07 -14.84 46.18
N LYS G 108 -36.96 -14.79 45.19
CA LYS G 108 -37.44 -16.04 44.61
C LYS G 108 -36.35 -16.75 43.82
N VAL G 109 -35.39 -15.99 43.29
CA VAL G 109 -34.26 -16.62 42.61
C VAL G 109 -33.37 -17.35 43.60
N LYS G 110 -33.11 -16.73 44.76
CA LYS G 110 -32.21 -17.31 45.73
C LYS G 110 -32.85 -18.48 46.48
N LYS G 111 -34.17 -18.43 46.69
CA LYS G 111 -34.87 -19.50 47.41
C LYS G 111 -35.47 -20.51 46.44
N PHE G 112 -34.59 -21.16 45.68
CA PHE G 112 -35.01 -22.28 44.83
C PHE G 112 -34.35 -23.56 45.33
N GLU G 113 -33.04 -23.51 45.57
CA GLU G 113 -32.35 -24.53 46.33
C GLU G 113 -31.50 -23.84 47.36
N GLN G 114 -31.42 -24.43 48.56
CA GLN G 114 -30.96 -23.70 49.73
C GLN G 114 -29.80 -24.34 50.49
N GLY G 115 -29.74 -25.66 50.60
CA GLY G 115 -28.83 -26.25 51.55
C GLY G 115 -29.44 -26.14 52.95
N PHE G 116 -28.77 -25.44 53.85
CA PHE G 116 -29.37 -25.13 55.14
C PHE G 116 -30.46 -24.08 54.98
N ILE G 117 -31.72 -24.50 55.13
CA ILE G 117 -32.85 -23.57 55.07
C ILE G 117 -32.91 -22.89 56.44
N THR G 118 -32.34 -21.68 56.53
CA THR G 118 -32.16 -21.01 57.80
C THR G 118 -33.32 -20.13 58.20
N ASP G 119 -34.26 -19.84 57.29
CA ASP G 119 -35.48 -19.09 57.60
C ASP G 119 -36.70 -19.83 57.08
N PRO G 120 -36.94 -21.05 57.56
CA PRO G 120 -38.16 -21.76 57.18
C PRO G 120 -39.38 -21.15 57.85
N VAL G 121 -40.53 -21.35 57.20
CA VAL G 121 -41.80 -20.98 57.81
C VAL G 121 -42.15 -21.99 58.88
N VAL G 122 -42.47 -21.49 60.08
CA VAL G 122 -42.80 -22.36 61.21
C VAL G 122 -44.07 -21.82 61.85
N LEU G 123 -44.74 -22.69 62.61
CA LEU G 123 -46.02 -22.37 63.22
C LEU G 123 -46.10 -22.98 64.61
N SER G 124 -47.05 -22.50 65.41
CA SER G 124 -47.28 -23.06 66.73
C SER G 124 -48.34 -24.14 66.69
N PRO G 125 -48.36 -25.05 67.67
CA PRO G 125 -49.35 -26.13 67.65
C PRO G 125 -50.78 -25.63 67.66
N SER G 126 -51.02 -24.39 68.09
CA SER G 126 -52.37 -23.84 68.16
C SER G 126 -52.89 -23.39 66.80
N HIS G 127 -52.08 -23.45 65.75
CA HIS G 127 -52.55 -23.10 64.43
C HIS G 127 -53.48 -24.19 63.90
N THR G 128 -53.98 -23.98 62.69
CA THR G 128 -55.00 -24.85 62.11
C THR G 128 -54.55 -25.38 60.75
N VAL G 129 -55.11 -26.53 60.39
CA VAL G 129 -54.82 -27.13 59.10
C VAL G 129 -55.16 -26.16 57.99
N GLY G 130 -56.19 -25.34 58.20
CA GLY G 130 -56.45 -24.26 57.25
C GLY G 130 -55.29 -23.30 57.14
N ASP G 131 -54.64 -22.99 58.27
CA ASP G 131 -53.46 -22.12 58.23
C ASP G 131 -52.32 -22.77 57.46
N VAL G 132 -52.09 -24.07 57.67
CA VAL G 132 -51.03 -24.76 56.95
C VAL G 132 -51.32 -24.75 55.45
N LEU G 133 -52.57 -25.03 55.07
CA LEU G 133 -52.95 -24.99 53.67
C LEU G 133 -52.79 -23.59 53.09
N GLU G 134 -53.14 -22.57 53.86
CA GLU G 134 -52.98 -21.20 53.40
C GLU G 134 -51.52 -20.87 53.15
N ALA G 135 -50.64 -21.28 54.05
CA ALA G 135 -49.22 -21.03 53.85
C ALA G 135 -48.69 -21.79 52.63
N LYS G 136 -49.17 -23.03 52.45
CA LYS G 136 -48.81 -23.79 51.26
C LYS G 136 -49.19 -23.03 50.00
N MET G 137 -50.44 -22.59 49.92
CA MET G 137 -50.89 -21.83 48.75
C MET G 137 -50.12 -20.53 48.61
N ARG G 138 -49.68 -19.95 49.72
CA ARG G 138 -49.02 -18.65 49.68
C ARG G 138 -47.62 -18.76 49.11
N HIS G 139 -46.86 -19.77 49.56
CA HIS G 139 -45.45 -19.88 49.17
C HIS G 139 -45.20 -21.06 48.25
N GLY G 140 -45.56 -22.28 48.66
CA GLY G 140 -45.22 -23.46 47.90
C GLY G 140 -44.65 -24.55 48.78
N PHE G 141 -43.96 -24.17 49.84
CA PHE G 141 -43.41 -25.14 50.78
C PHE G 141 -44.52 -25.67 51.67
N SER G 142 -44.54 -26.97 51.88
CA SER G 142 -45.60 -27.62 52.63
C SER G 142 -45.14 -28.25 53.94
N GLY G 143 -43.85 -28.55 54.08
CA GLY G 143 -43.35 -29.17 55.29
C GLY G 143 -43.03 -28.17 56.40
N ILE G 144 -44.07 -27.52 56.91
CA ILE G 144 -43.89 -26.48 57.93
C ILE G 144 -43.51 -27.13 59.25
N PRO G 145 -42.34 -26.82 59.83
CA PRO G 145 -42.06 -27.30 61.19
C PRO G 145 -42.91 -26.58 62.22
N ILE G 146 -43.09 -27.21 63.37
CA ILE G 146 -43.92 -26.70 64.45
C ILE G 146 -43.08 -26.54 65.69
N THR G 147 -43.18 -25.37 66.34
CA THR G 147 -42.47 -25.08 67.57
C THR G 147 -43.42 -24.45 68.57
N GLU G 148 -43.11 -24.63 69.87
CA GLU G 148 -44.04 -24.21 70.92
C GLU G 148 -44.47 -22.77 70.74
N THR G 149 -43.52 -21.87 70.48
CA THR G 149 -43.82 -20.46 70.33
C THR G 149 -44.12 -20.06 68.89
N GLY G 150 -44.10 -21.00 67.96
CA GLY G 150 -44.30 -20.67 66.56
C GLY G 150 -43.18 -19.84 65.97
N THR G 151 -41.94 -20.11 66.34
CA THR G 151 -40.80 -19.40 65.78
C THR G 151 -39.56 -20.28 65.90
N MET G 152 -38.44 -19.77 65.38
CA MET G 152 -37.20 -20.54 65.43
C MET G 152 -36.73 -20.75 66.86
N GLY G 153 -36.82 -19.73 67.70
CA GLY G 153 -36.33 -19.84 69.06
C GLY G 153 -37.31 -20.55 69.99
N SER G 154 -37.43 -21.87 69.85
CA SER G 154 -38.33 -22.62 70.72
C SER G 154 -38.06 -24.11 70.55
N LYS G 155 -38.67 -24.89 71.44
CA LYS G 155 -38.55 -26.35 71.35
C LYS G 155 -39.20 -26.86 70.07
N LEU G 156 -38.56 -27.85 69.46
CA LEU G 156 -39.14 -28.55 68.31
C LEU G 156 -40.11 -29.61 68.82
N VAL G 157 -41.40 -29.41 68.56
CA VAL G 157 -42.41 -30.38 68.98
C VAL G 157 -42.83 -31.32 67.85
N GLY G 158 -42.80 -30.86 66.60
CA GLY G 158 -43.20 -31.72 65.50
C GLY G 158 -43.14 -30.96 64.18
N ILE G 159 -43.62 -31.64 63.14
CA ILE G 159 -43.61 -31.11 61.78
C ILE G 159 -44.88 -31.55 61.08
N VAL G 160 -45.36 -30.72 60.16
CA VAL G 160 -46.55 -31.01 59.37
C VAL G 160 -46.19 -30.87 57.90
N THR G 161 -46.55 -31.86 57.10
CA THR G 161 -46.18 -31.91 55.69
C THR G 161 -47.42 -32.23 54.87
N SER G 162 -47.23 -32.27 53.54
CA SER G 162 -48.35 -32.55 52.64
C SER G 162 -48.94 -33.92 52.90
N ARG G 163 -48.09 -34.93 53.15
CA ARG G 163 -48.60 -36.27 53.40
C ARG G 163 -49.48 -36.32 54.63
N ASP G 164 -49.39 -35.34 55.51
CA ASP G 164 -50.26 -35.26 56.68
C ASP G 164 -51.61 -34.62 56.37
N ILE G 165 -51.79 -34.07 55.16
CA ILE G 165 -52.97 -33.26 54.85
C ILE G 165 -53.64 -33.77 53.57
N ASP G 166 -53.50 -35.06 53.27
CA ASP G 166 -54.17 -35.65 52.11
C ASP G 166 -55.61 -36.02 52.46
N PHE G 167 -56.40 -35.00 52.78
CA PHE G 167 -57.80 -35.18 53.09
C PHE G 167 -58.58 -35.50 51.82
N ASP G 172 -63.35 -29.57 58.96
CA ASP G 172 -62.15 -30.41 58.95
C ASP G 172 -60.90 -29.55 58.96
N HIS G 173 -60.98 -28.36 58.35
CA HIS G 173 -59.84 -27.45 58.33
C HIS G 173 -59.70 -26.69 59.65
N THR G 174 -60.66 -26.84 60.57
CA THR G 174 -60.56 -26.14 61.84
C THR G 174 -59.71 -26.91 62.86
N THR G 175 -59.40 -28.17 62.58
CA THR G 175 -58.63 -28.97 63.53
C THR G 175 -57.25 -28.37 63.75
N LEU G 176 -56.80 -28.37 65.00
CA LEU G 176 -55.49 -27.83 65.33
C LEU G 176 -54.39 -28.73 64.82
N LEU G 177 -53.18 -28.17 64.71
CA LEU G 177 -52.05 -28.94 64.21
C LEU G 177 -51.66 -30.08 65.14
N SER G 178 -51.92 -29.93 66.44
CA SER G 178 -51.52 -30.98 67.37
C SER G 178 -52.16 -32.31 67.03
N GLU G 179 -53.28 -32.30 66.31
CA GLU G 179 -53.96 -33.55 65.95
C GLU G 179 -53.40 -34.17 64.68
N VAL G 180 -52.51 -33.48 63.97
CA VAL G 180 -51.97 -33.96 62.70
C VAL G 180 -50.45 -33.98 62.66
N MET G 181 -49.78 -33.36 63.63
CA MET G 181 -48.32 -33.38 63.68
C MET G 181 -47.83 -34.82 63.82
N THR G 182 -46.65 -35.10 63.25
CA THR G 182 -45.86 -36.26 63.69
C THR G 182 -45.03 -35.81 64.90
N PRO G 183 -45.28 -36.34 66.12
CA PRO G 183 -44.69 -35.78 67.31
C PRO G 183 -43.18 -35.94 67.40
N ARG G 184 -42.52 -35.28 68.35
CA ARG G 184 -41.07 -35.31 68.48
C ARG G 184 -40.59 -36.66 69.00
N ILE G 185 -41.42 -37.38 69.74
CA ILE G 185 -41.06 -38.71 70.22
C ILE G 185 -40.71 -39.62 69.06
N GLU G 186 -41.27 -39.36 67.87
CA GLU G 186 -41.06 -40.21 66.71
C GLU G 186 -40.04 -39.64 65.74
N LEU G 187 -39.83 -38.33 65.74
CA LEU G 187 -38.96 -37.70 64.76
C LEU G 187 -37.54 -38.24 64.85
N VAL G 188 -36.88 -38.31 63.70
CA VAL G 188 -35.45 -38.59 63.60
C VAL G 188 -34.75 -37.28 63.25
N VAL G 189 -33.90 -36.80 64.16
CA VAL G 189 -33.34 -35.47 64.06
C VAL G 189 -31.83 -35.57 64.25
N ALA G 190 -31.12 -34.59 63.70
CA ALA G 190 -29.67 -34.53 63.80
C ALA G 190 -29.25 -33.38 64.71
N PRO G 191 -28.28 -33.60 65.60
CA PRO G 191 -27.86 -32.52 66.50
C PRO G 191 -27.21 -31.38 65.72
N ALA G 192 -27.44 -30.15 66.19
CA ALA G 192 -26.91 -28.99 65.50
C ALA G 192 -25.39 -28.94 65.64
N GLY G 193 -24.76 -28.14 64.80
CA GLY G 193 -23.32 -28.02 64.77
C GLY G 193 -22.62 -29.05 63.93
N VAL G 194 -23.35 -30.03 63.38
CA VAL G 194 -22.74 -31.03 62.53
C VAL G 194 -22.53 -30.45 61.14
N THR G 195 -21.42 -30.83 60.51
CA THR G 195 -21.14 -30.38 59.16
C THR G 195 -22.26 -30.80 58.21
N LEU G 196 -22.26 -30.21 57.01
CA LEU G 196 -23.31 -30.51 56.05
C LEU G 196 -23.28 -31.97 55.64
N LYS G 197 -22.08 -32.51 55.39
CA LYS G 197 -21.98 -33.89 54.93
C LYS G 197 -22.66 -34.86 55.89
N GLU G 198 -22.31 -34.78 57.18
CA GLU G 198 -22.90 -35.69 58.15
C GLU G 198 -24.40 -35.50 58.25
N ALA G 199 -24.86 -34.25 58.12
CA ALA G 199 -26.30 -34.00 58.15
C ALA G 199 -26.99 -34.73 57.00
N ASN G 200 -26.42 -34.66 55.80
CA ASN G 200 -26.96 -35.42 54.67
C ASN G 200 -26.89 -36.91 54.94
N GLU G 201 -25.80 -37.40 55.52
CA GLU G 201 -25.71 -38.83 55.80
C GLU G 201 -26.86 -39.29 56.68
N ILE G 202 -27.10 -38.58 57.79
CA ILE G 202 -28.16 -39.03 58.69
C ILE G 202 -29.52 -38.85 58.01
N LEU G 203 -29.65 -37.85 57.15
CA LEU G 203 -30.89 -37.70 56.39
C LEU G 203 -31.13 -38.90 55.49
N GLN G 204 -30.09 -39.36 54.79
CA GLN G 204 -30.27 -40.40 53.79
C GLN G 204 -30.42 -41.78 54.43
N ARG G 205 -29.74 -42.05 55.54
CA ARG G 205 -30.08 -43.27 56.27
C ARG G 205 -31.51 -43.22 56.82
N SER G 206 -32.02 -42.02 57.10
CA SER G 206 -33.33 -41.92 57.70
C SER G 206 -34.44 -42.35 56.75
N LYS G 207 -34.25 -42.13 55.44
CA LYS G 207 -35.27 -42.44 54.44
C LYS G 207 -36.55 -41.65 54.65
N LYS G 208 -36.45 -40.48 55.26
CA LYS G 208 -37.59 -39.58 55.44
C LYS G 208 -37.25 -38.20 54.91
N GLY G 209 -38.29 -37.48 54.49
CA GLY G 209 -38.09 -36.30 53.65
C GLY G 209 -37.35 -35.16 54.31
N LYS G 210 -37.72 -34.80 55.53
CA LYS G 210 -37.18 -33.63 56.21
C LYS G 210 -36.33 -34.06 57.42
N LEU G 211 -35.27 -33.31 57.66
CA LEU G 211 -34.39 -33.54 58.81
C LEU G 211 -34.18 -32.22 59.54
N PRO G 212 -35.14 -31.76 60.34
CA PRO G 212 -34.88 -30.60 61.19
C PRO G 212 -33.54 -30.72 61.90
N ILE G 213 -33.01 -29.57 62.32
CA ILE G 213 -31.75 -29.50 63.04
C ILE G 213 -32.00 -28.74 64.34
N VAL G 214 -31.70 -29.37 65.47
CA VAL G 214 -31.87 -28.77 66.78
C VAL G 214 -30.54 -28.81 67.52
N ASN G 215 -30.33 -27.85 68.41
CA ASN G 215 -29.07 -27.77 69.15
C ASN G 215 -29.18 -28.59 70.43
N ASP G 216 -28.11 -28.56 71.22
CA ASP G 216 -28.07 -29.33 72.46
C ASP G 216 -29.20 -28.94 73.42
N CYS G 217 -29.76 -27.74 73.26
CA CYS G 217 -30.87 -27.29 74.07
C CYS G 217 -32.22 -27.65 73.47
N ASP G 218 -32.24 -28.39 72.37
CA ASP G 218 -33.47 -28.82 71.72
C ASP G 218 -34.21 -27.67 71.05
N GLU G 219 -33.47 -26.70 70.51
CA GLU G 219 -34.05 -25.52 69.90
C GLU G 219 -33.79 -25.52 68.40
N LEU G 220 -34.83 -25.21 67.63
CA LEU G 220 -34.75 -25.34 66.19
C LEU G 220 -33.82 -24.28 65.62
N VAL G 221 -32.88 -24.71 64.78
CA VAL G 221 -31.87 -23.85 64.22
C VAL G 221 -32.02 -23.72 62.70
N ALA G 222 -32.27 -24.82 62.00
CA ALA G 222 -32.45 -24.81 60.56
C ALA G 222 -32.87 -26.22 60.14
N ILE G 223 -33.22 -26.35 58.86
CA ILE G 223 -33.64 -27.64 58.31
C ILE G 223 -33.03 -27.83 56.94
N ILE G 224 -33.06 -29.07 56.47
CA ILE G 224 -32.65 -29.43 55.11
C ILE G 224 -33.72 -30.32 54.51
N ALA G 225 -33.73 -30.38 53.18
CA ALA G 225 -34.77 -31.09 52.45
C ALA G 225 -34.15 -32.08 51.48
N ARG G 226 -34.77 -33.27 51.39
CA ARG G 226 -34.35 -34.27 50.42
C ARG G 226 -34.37 -33.72 49.00
N THR G 227 -35.35 -32.84 48.72
CA THR G 227 -35.50 -32.35 47.36
C THR G 227 -34.33 -31.48 46.93
N ASP G 228 -33.65 -30.84 47.87
CA ASP G 228 -32.52 -29.99 47.50
C ASP G 228 -31.36 -30.83 46.97
N LEU G 229 -31.01 -31.90 47.67
CA LEU G 229 -29.98 -32.80 47.15
C LEU G 229 -30.47 -33.57 45.93
N LYS G 230 -31.79 -33.81 45.82
CA LYS G 230 -32.30 -34.40 44.58
C LYS G 230 -32.09 -33.45 43.41
N LYS G 231 -32.32 -32.16 43.61
CA LYS G 231 -32.06 -31.18 42.57
C LYS G 231 -30.57 -31.10 42.23
N ASN G 232 -29.72 -31.18 43.25
CA ASN G 232 -28.28 -31.22 42.99
C ASN G 232 -27.94 -32.43 42.12
N ARG G 233 -28.50 -33.59 42.44
CA ARG G 233 -28.28 -34.77 41.62
C ARG G 233 -28.77 -34.55 40.19
N ASP G 234 -29.93 -33.92 40.04
CA ASP G 234 -30.53 -33.75 38.71
C ASP G 234 -29.73 -32.77 37.85
N TYR G 235 -29.32 -31.64 38.43
CA TYR G 235 -28.64 -30.57 37.68
C TYR G 235 -27.17 -30.53 38.11
N PRO G 236 -26.28 -31.15 37.33
CA PRO G 236 -24.87 -31.20 37.74
C PRO G 236 -24.10 -29.92 37.48
N LEU G 237 -24.57 -29.05 36.58
CA LEU G 237 -23.82 -27.88 36.15
C LEU G 237 -24.30 -26.58 36.78
N ALA G 238 -25.23 -26.64 37.74
CA ALA G 238 -25.80 -25.41 38.31
C ALA G 238 -24.71 -24.52 38.87
N SER G 239 -25.03 -23.23 39.01
CA SER G 239 -24.13 -22.25 39.59
C SER G 239 -24.61 -21.88 40.98
N LYS G 240 -23.75 -22.05 41.97
CA LYS G 240 -24.12 -21.81 43.36
C LYS G 240 -22.98 -21.11 44.08
N ASP G 241 -23.32 -20.48 45.21
CA ASP G 241 -22.33 -19.88 46.09
C ASP G 241 -21.99 -20.88 47.21
N SER G 242 -21.22 -20.41 48.20
CA SER G 242 -20.75 -21.33 49.24
C SER G 242 -21.88 -21.91 50.06
N GLN G 243 -23.05 -21.26 50.06
CA GLN G 243 -24.21 -21.76 50.79
C GLN G 243 -25.08 -22.68 49.94
N LYS G 244 -24.64 -23.05 48.75
CA LYS G 244 -25.35 -23.99 47.90
C LYS G 244 -26.75 -23.46 47.56
N GLN G 245 -26.81 -22.19 47.21
CA GLN G 245 -28.05 -21.57 46.76
C GLN G 245 -27.77 -20.77 45.50
N LEU G 246 -28.74 -20.82 44.57
CA LEU G 246 -28.49 -20.37 43.20
C LEU G 246 -27.90 -18.97 43.19
N LEU G 247 -27.00 -18.75 42.23
CA LEU G 247 -26.37 -17.45 42.07
C LEU G 247 -27.28 -16.52 41.30
N CYS G 248 -27.50 -15.32 41.83
CA CYS G 248 -28.39 -14.34 41.22
C CYS G 248 -27.64 -13.06 40.93
N GLY G 249 -28.02 -12.41 39.84
CA GLY G 249 -27.51 -11.08 39.52
C GLY G 249 -28.65 -10.13 39.25
N ALA G 250 -28.40 -8.83 39.36
CA ALA G 250 -29.44 -7.83 39.14
C ALA G 250 -28.83 -6.60 38.51
N ALA G 251 -29.64 -5.85 37.78
CA ALA G 251 -29.21 -4.62 37.14
C ALA G 251 -29.85 -3.42 37.83
N VAL G 252 -29.14 -2.30 37.82
CA VAL G 252 -29.62 -1.05 38.40
C VAL G 252 -29.07 0.11 37.60
N GLY G 253 -29.82 1.20 37.56
CA GLY G 253 -29.44 2.39 36.83
C GLY G 253 -28.36 3.16 37.56
N THR G 254 -28.33 4.47 37.31
CA THR G 254 -27.35 5.35 37.95
C THR G 254 -27.97 6.64 38.46
N ARG G 255 -29.28 6.65 38.73
CA ARG G 255 -29.92 7.80 39.32
C ARG G 255 -29.66 7.84 40.83
N GLU G 256 -30.37 8.73 41.53
CA GLU G 256 -30.26 8.77 42.99
C GLU G 256 -31.09 7.68 43.64
N ASP G 257 -32.30 7.42 43.12
CA ASP G 257 -33.15 6.38 43.68
C ASP G 257 -32.50 5.00 43.59
N ASP G 258 -31.52 4.85 42.71
CA ASP G 258 -30.80 3.58 42.62
C ASP G 258 -30.08 3.25 43.91
N LYS G 259 -29.83 4.22 44.79
CA LYS G 259 -29.23 3.89 46.07
C LYS G 259 -30.21 3.08 46.94
N TYR G 260 -31.45 3.53 47.04
CA TYR G 260 -32.47 2.76 47.75
C TYR G 260 -32.76 1.45 47.04
N ARG G 261 -32.75 1.47 45.70
CA ARG G 261 -32.91 0.24 44.94
C ARG G 261 -31.85 -0.78 45.31
N LEU G 262 -30.60 -0.31 45.40
CA LEU G 262 -29.48 -1.21 45.72
C LEU G 262 -29.55 -1.67 47.16
N ASP G 263 -29.98 -0.81 48.07
CA ASP G 263 -30.21 -1.24 49.45
C ASP G 263 -31.19 -2.41 49.48
N LEU G 264 -32.33 -2.26 48.81
CA LEU G 264 -33.29 -3.36 48.77
C LEU G 264 -32.69 -4.60 48.12
N LEU G 265 -31.98 -4.43 47.02
CA LEU G 265 -31.40 -5.58 46.32
C LEU G 265 -30.46 -6.35 47.23
N THR G 266 -29.53 -5.66 47.89
CA THR G 266 -28.59 -6.33 48.78
C THR G 266 -29.29 -6.93 49.98
N GLN G 267 -30.40 -6.35 50.42
CA GLN G 267 -31.22 -7.01 51.43
C GLN G 267 -31.73 -8.34 50.90
N ALA G 268 -32.15 -8.37 49.63
CA ALA G 268 -32.63 -9.60 49.03
C ALA G 268 -31.54 -10.66 48.99
N GLY G 269 -30.29 -10.24 48.77
CA GLY G 269 -29.17 -11.17 48.76
C GLY G 269 -28.51 -11.29 47.41
N VAL G 270 -28.53 -10.22 46.61
CA VAL G 270 -27.90 -10.26 45.30
C VAL G 270 -26.42 -10.59 45.45
N ASP G 271 -25.85 -11.25 44.44
CA ASP G 271 -24.44 -11.59 44.43
C ASP G 271 -23.61 -10.72 43.49
N VAL G 272 -24.16 -10.33 42.35
CA VAL G 272 -23.45 -9.51 41.38
C VAL G 272 -24.43 -8.51 40.79
N ILE G 273 -23.97 -7.28 40.57
CA ILE G 273 -24.81 -6.18 40.12
C ILE G 273 -24.17 -5.57 38.89
N VAL G 274 -25.00 -5.21 37.91
CA VAL G 274 -24.54 -4.64 36.64
C VAL G 274 -25.17 -3.26 36.49
N LEU G 275 -24.36 -2.28 36.10
CA LEU G 275 -24.86 -0.94 35.87
C LEU G 275 -25.36 -0.82 34.44
N ASP G 276 -26.59 -0.31 34.30
CA ASP G 276 -27.28 -0.28 33.02
C ASP G 276 -27.29 1.15 32.48
N SER G 277 -26.64 1.35 31.34
CA SER G 277 -26.58 2.66 30.71
C SER G 277 -26.19 2.49 29.25
N SER G 278 -26.70 3.38 28.41
CA SER G 278 -26.42 3.28 26.98
C SER G 278 -24.95 3.49 26.68
N GLN G 279 -24.32 4.45 27.36
CA GLN G 279 -22.88 4.67 27.27
C GLN G 279 -22.32 4.72 28.68
N GLY G 280 -21.44 3.79 28.99
CA GLY G 280 -20.94 3.64 30.35
C GLY G 280 -20.03 4.76 30.83
N ASN G 281 -19.21 5.29 29.93
CA ASN G 281 -18.15 6.21 30.33
C ASN G 281 -18.72 7.57 30.71
N SER G 282 -19.07 7.76 31.98
CA SER G 282 -19.64 9.02 32.43
C SER G 282 -19.39 9.19 33.92
N VAL G 283 -19.39 10.46 34.35
CA VAL G 283 -19.15 10.77 35.74
C VAL G 283 -20.21 10.15 36.64
N TYR G 284 -21.45 10.03 36.14
CA TYR G 284 -22.50 9.45 36.96
C TYR G 284 -22.28 7.96 37.19
N GLN G 285 -21.88 7.23 36.14
CA GLN G 285 -21.54 5.83 36.31
C GLN G 285 -20.36 5.65 37.24
N ILE G 286 -19.35 6.52 37.10
CA ILE G 286 -18.18 6.40 37.98
C ILE G 286 -18.55 6.69 39.42
N ALA G 287 -19.45 7.64 39.65
CA ALA G 287 -19.91 7.92 41.01
C ALA G 287 -20.67 6.72 41.58
N MET G 288 -21.50 6.08 40.76
CA MET G 288 -22.17 4.87 41.22
C MET G 288 -21.17 3.78 41.56
N VAL G 289 -20.14 3.61 40.74
CA VAL G 289 -19.13 2.59 41.03
C VAL G 289 -18.45 2.87 42.36
N HIS G 290 -18.11 4.13 42.61
CA HIS G 290 -17.46 4.49 43.87
C HIS G 290 -18.38 4.26 45.06
N TYR G 291 -19.65 4.66 44.94
CA TYR G 291 -20.60 4.42 46.01
C TYR G 291 -20.74 2.93 46.30
N ILE G 292 -20.82 2.12 45.25
CA ILE G 292 -20.99 0.68 45.43
C ILE G 292 -19.77 0.11 46.14
N LYS G 293 -18.57 0.46 45.67
CA LYS G 293 -17.37 -0.11 46.25
C LYS G 293 -17.06 0.47 47.62
N GLN G 294 -17.75 1.53 48.03
CA GLN G 294 -17.60 1.98 49.41
C GLN G 294 -18.60 1.28 50.33
N LYS G 295 -19.89 1.34 50.00
CA LYS G 295 -20.90 0.78 50.90
C LYS G 295 -20.86 -0.75 50.94
N TYR G 296 -20.66 -1.41 49.80
CA TYR G 296 -20.70 -2.87 49.72
C TYR G 296 -19.41 -3.36 49.06
N PRO G 297 -18.31 -3.40 49.82
CA PRO G 297 -17.05 -3.91 49.25
C PRO G 297 -17.13 -5.34 48.77
N HIS G 298 -18.04 -6.16 49.31
CA HIS G 298 -18.14 -7.56 48.95
C HIS G 298 -18.98 -7.81 47.69
N LEU G 299 -19.52 -6.75 47.09
CA LEU G 299 -20.40 -6.92 45.94
C LEU G 299 -19.63 -6.64 44.64
N GLN G 300 -19.80 -7.52 43.66
CA GLN G 300 -19.15 -7.38 42.37
C GLN G 300 -20.01 -6.51 41.47
N VAL G 301 -19.43 -5.44 40.93
CA VAL G 301 -20.13 -4.49 40.08
C VAL G 301 -19.54 -4.58 38.69
N ILE G 302 -20.41 -4.66 37.69
CA ILE G 302 -20.01 -4.79 36.29
C ILE G 302 -20.21 -3.45 35.61
N GLY G 303 -19.21 -2.99 34.88
CA GLY G 303 -19.24 -1.66 34.31
C GLY G 303 -20.27 -1.53 33.19
N GLY G 304 -20.42 -0.31 32.70
CA GLY G 304 -21.41 -0.01 31.69
C GLY G 304 -20.90 -0.32 30.28
N ASN G 305 -21.75 -0.02 29.31
CA ASN G 305 -21.46 -0.34 27.92
C ASN G 305 -20.31 0.50 27.40
N VAL G 306 -19.18 -0.13 27.10
CA VAL G 306 -18.02 0.53 26.53
C VAL G 306 -17.61 -0.23 25.27
N VAL G 307 -17.12 0.53 24.29
CA VAL G 307 -16.77 -0.05 22.97
C VAL G 307 -15.31 0.30 22.69
N THR G 308 -14.64 1.08 23.56
CA THR G 308 -13.29 1.59 23.30
C THR G 308 -12.36 1.44 24.49
N ALA G 309 -11.06 1.44 24.20
CA ALA G 309 -10.06 1.33 25.26
C ALA G 309 -10.11 2.55 26.17
N ALA G 310 -10.29 3.74 25.60
CA ALA G 310 -10.38 4.94 26.42
C ALA G 310 -11.57 4.88 27.36
N GLN G 311 -12.72 4.42 26.88
CA GLN G 311 -13.87 4.25 27.76
C GLN G 311 -13.60 3.19 28.83
N ALA G 312 -12.94 2.10 28.45
CA ALA G 312 -12.70 1.02 29.40
C ALA G 312 -11.75 1.45 30.51
N LYS G 313 -10.80 2.33 30.20
CA LYS G 313 -9.74 2.64 31.15
C LYS G 313 -10.29 3.24 32.44
N ASN G 314 -11.10 4.28 32.31
CA ASN G 314 -11.59 4.96 33.51
C ASN G 314 -12.59 4.12 34.29
N LEU G 315 -13.38 3.27 33.63
CA LEU G 315 -14.18 2.32 34.39
C LEU G 315 -13.31 1.33 35.15
N ILE G 316 -12.24 0.84 34.53
CA ILE G 316 -11.32 -0.06 35.22
C ILE G 316 -10.74 0.65 36.44
N ASP G 317 -10.35 1.90 36.28
CA ASP G 317 -9.80 2.66 37.40
C ASP G 317 -10.84 2.84 38.49
N ALA G 318 -12.09 3.12 38.10
CA ALA G 318 -13.17 3.21 39.09
C ALA G 318 -13.30 1.90 39.86
N GLY G 319 -13.01 0.78 39.20
CA GLY G 319 -12.95 -0.50 39.89
C GLY G 319 -14.07 -1.45 39.55
N VAL G 320 -14.52 -1.42 38.29
CA VAL G 320 -15.51 -2.40 37.84
C VAL G 320 -14.85 -3.76 37.75
N ASP G 321 -15.46 -4.76 38.37
CA ASP G 321 -14.97 -6.13 38.32
C ASP G 321 -15.25 -6.81 36.98
N GLY G 322 -16.04 -6.19 36.13
CA GLY G 322 -16.27 -6.73 34.80
C GLY G 322 -16.65 -5.60 33.86
N LEU G 323 -16.78 -5.95 32.59
CA LEU G 323 -17.12 -4.98 31.56
C LEU G 323 -18.10 -5.51 30.53
N ARG G 324 -19.08 -4.68 30.18
CA ARG G 324 -20.07 -4.99 29.16
C ARG G 324 -19.69 -4.25 27.89
N VAL G 325 -19.44 -4.98 26.82
CA VAL G 325 -18.94 -4.41 25.58
C VAL G 325 -20.02 -4.53 24.51
N GLY G 326 -20.22 -3.43 23.76
CA GLY G 326 -21.16 -3.41 22.66
C GLY G 326 -22.13 -2.24 22.80
N MET G 327 -22.41 -1.57 21.70
CA MET G 327 -23.33 -0.43 21.72
C MET G 327 -23.79 -0.16 20.30
N GLY G 328 -25.10 -0.16 20.10
CA GLY G 328 -25.68 0.12 18.80
C GLY G 328 -25.97 -1.09 17.94
N CYS G 329 -25.60 -2.29 18.38
CA CYS G 329 -25.71 -3.49 17.54
C CYS G 329 -26.77 -4.47 18.04
N GLY G 330 -27.63 -4.07 18.97
CA GLY G 330 -28.65 -4.98 19.44
C GLY G 330 -29.70 -5.26 18.37
N SER G 331 -30.38 -6.40 18.52
CA SER G 331 -31.47 -6.72 17.61
C SER G 331 -32.61 -5.73 17.74
N ILE G 332 -32.94 -5.33 18.98
CA ILE G 332 -34.03 -4.43 19.26
C ILE G 332 -33.55 -2.98 19.40
N CYS G 333 -32.35 -2.67 18.92
CA CYS G 333 -31.71 -1.40 19.19
C CYS G 333 -31.79 -0.49 17.97
N ILE G 334 -32.22 0.75 18.19
CA ILE G 334 -32.27 1.78 17.16
C ILE G 334 -31.29 2.90 17.44
N THR G 335 -30.33 2.69 18.34
CA THR G 335 -29.43 3.75 18.77
C THR G 335 -28.59 4.26 17.61
N GLN G 336 -28.10 3.35 16.76
CA GLN G 336 -27.24 3.78 15.66
C GLN G 336 -27.95 4.74 14.71
N GLU G 337 -29.29 4.68 14.65
CA GLU G 337 -30.06 5.60 13.82
C GLU G 337 -30.52 6.85 14.57
N VAL G 338 -30.95 6.70 15.82
CA VAL G 338 -31.33 7.88 16.62
C VAL G 338 -30.14 8.77 16.94
N MET G 339 -28.93 8.22 16.96
CA MET G 339 -27.71 9.00 17.11
C MET G 339 -26.63 8.33 16.30
N ALA G 340 -25.55 9.07 16.02
CA ALA G 340 -24.54 8.59 15.08
C ALA G 340 -23.49 7.71 15.73
N CYS G 341 -23.55 7.50 17.04
CA CYS G 341 -22.47 6.83 17.73
C CYS G 341 -22.64 5.31 17.73
N GLY G 342 -21.52 4.61 17.89
CA GLY G 342 -21.54 3.17 17.96
C GLY G 342 -20.22 2.60 17.46
N ARG G 343 -20.19 1.28 17.32
CA ARG G 343 -19.05 0.57 16.77
C ARG G 343 -19.48 -0.85 16.42
N PRO G 344 -18.98 -1.41 15.32
CA PRO G 344 -19.32 -2.81 14.99
C PRO G 344 -18.88 -3.76 16.07
N GLN G 345 -19.69 -4.80 16.30
CA GLN G 345 -19.54 -5.62 17.49
C GLN G 345 -18.22 -6.38 17.51
N GLY G 346 -17.80 -6.94 16.37
CA GLY G 346 -16.58 -7.70 16.35
C GLY G 346 -15.36 -6.87 16.72
N THR G 347 -15.21 -5.70 16.09
CA THR G 347 -14.11 -4.82 16.42
C THR G 347 -14.20 -4.34 17.86
N ALA G 348 -15.40 -3.97 18.31
CA ALA G 348 -15.55 -3.54 19.69
C ALA G 348 -15.12 -4.60 20.70
N VAL G 349 -15.63 -5.82 20.58
CA VAL G 349 -15.28 -6.87 21.53
C VAL G 349 -13.79 -7.16 21.46
N TYR G 350 -13.24 -7.27 20.25
CA TYR G 350 -11.81 -7.56 20.16
C TYR G 350 -10.98 -6.49 20.85
N LYS G 351 -11.26 -5.21 20.58
CA LYS G 351 -10.37 -4.15 21.01
C LYS G 351 -10.62 -3.69 22.43
N VAL G 352 -11.65 -4.11 23.16
CA VAL G 352 -11.77 -3.79 24.61
C VAL G 352 -11.38 -5.08 25.29
N ALA G 353 -11.58 -6.30 24.77
CA ALA G 353 -11.08 -7.49 25.44
C ALA G 353 -9.58 -7.73 25.32
N GLU G 354 -8.93 -7.17 24.30
CA GLU G 354 -7.48 -7.26 24.22
C GLU G 354 -6.81 -6.30 25.20
N TYR G 355 -7.49 -5.21 25.56
CA TYR G 355 -6.97 -4.24 26.51
C TYR G 355 -7.29 -4.64 27.95
N ALA G 356 -8.52 -5.09 28.19
CA ALA G 356 -8.92 -5.46 29.54
C ALA G 356 -8.09 -6.62 30.09
N ARG G 357 -7.76 -7.59 29.25
CA ARG G 357 -6.98 -8.75 29.67
C ARG G 357 -5.77 -8.52 30.57
N ARG G 358 -5.14 -7.35 30.45
CA ARG G 358 -3.97 -7.07 31.27
C ARG G 358 -4.33 -6.88 32.74
N PHE G 359 -5.55 -6.43 33.01
CA PHE G 359 -6.02 -6.18 34.37
C PHE G 359 -6.91 -7.30 34.91
N GLY G 360 -7.20 -8.31 34.10
CA GLY G 360 -7.97 -9.45 34.56
C GLY G 360 -9.46 -9.25 34.62
N VAL G 361 -9.98 -8.11 34.16
CA VAL G 361 -11.41 -7.88 34.17
C VAL G 361 -12.01 -8.58 32.94
N PRO G 362 -12.91 -9.55 33.12
CA PRO G 362 -13.52 -10.19 31.96
C PRO G 362 -14.48 -9.27 31.24
N ILE G 363 -14.87 -9.69 30.05
CA ILE G 363 -15.75 -8.91 29.17
C ILE G 363 -17.00 -9.72 28.90
N ILE G 364 -18.12 -9.01 28.71
CA ILE G 364 -19.40 -9.62 28.37
C ILE G 364 -19.85 -9.00 27.06
N ALA G 365 -19.56 -9.65 25.95
CA ALA G 365 -19.96 -9.14 24.64
C ALA G 365 -21.46 -9.37 24.45
N ASP G 366 -22.23 -8.29 24.49
CA ASP G 366 -23.68 -8.36 24.43
C ASP G 366 -24.20 -7.74 23.15
N GLY G 367 -25.26 -8.32 22.60
CA GLY G 367 -25.87 -7.80 21.38
C GLY G 367 -25.25 -8.35 20.12
N GLY G 368 -26.08 -8.63 19.12
CA GLY G 368 -25.63 -9.16 17.86
C GLY G 368 -25.55 -10.67 17.80
N ILE G 369 -25.72 -11.36 18.93
CA ILE G 369 -25.67 -12.81 18.96
C ILE G 369 -26.96 -13.36 18.38
N GLN G 370 -26.89 -13.96 17.20
CA GLN G 370 -28.04 -14.59 16.58
C GLN G 370 -27.92 -16.11 16.49
N THR G 371 -26.71 -16.65 16.54
CA THR G 371 -26.51 -18.08 16.31
C THR G 371 -25.32 -18.57 17.11
N VAL G 372 -25.20 -19.90 17.15
CA VAL G 372 -24.07 -20.54 17.83
C VAL G 372 -22.76 -20.08 17.19
N GLY G 373 -22.78 -19.84 15.88
CA GLY G 373 -21.60 -19.33 15.22
C GLY G 373 -21.17 -17.99 15.77
N HIS G 374 -22.12 -17.09 16.01
CA HIS G 374 -21.80 -15.81 16.61
C HIS G 374 -21.33 -15.97 18.05
N VAL G 375 -21.94 -16.89 18.80
CA VAL G 375 -21.50 -17.12 20.18
C VAL G 375 -20.03 -17.54 20.19
N VAL G 376 -19.67 -18.51 19.36
CA VAL G 376 -18.29 -19.00 19.35
C VAL G 376 -17.35 -17.94 18.80
N LYS G 377 -17.78 -17.16 17.79
CA LYS G 377 -16.94 -16.09 17.28
C LYS G 377 -16.65 -15.07 18.37
N ALA G 378 -17.66 -14.69 19.14
CA ALA G 378 -17.42 -13.79 20.26
C ALA G 378 -16.54 -14.38 21.34
N LEU G 379 -16.68 -15.67 21.64
CA LEU G 379 -15.79 -16.31 22.59
C LEU G 379 -14.35 -16.38 22.08
N ALA G 380 -14.16 -16.42 20.76
CA ALA G 380 -12.82 -16.53 20.21
C ALA G 380 -12.07 -15.21 20.27
N LEU G 381 -12.80 -14.09 20.26
CA LEU G 381 -12.16 -12.78 20.15
C LEU G 381 -11.79 -12.17 21.49
N GLY G 382 -11.96 -12.91 22.59
CA GLY G 382 -11.55 -12.43 23.90
C GLY G 382 -12.66 -12.21 24.89
N ALA G 383 -13.92 -12.30 24.45
CA ALA G 383 -15.02 -12.11 25.38
C ALA G 383 -15.16 -13.32 26.29
N SER G 384 -14.98 -13.11 27.59
CA SER G 384 -15.07 -14.21 28.54
C SER G 384 -16.46 -14.83 28.55
N THR G 385 -17.50 -14.01 28.45
CA THR G 385 -18.87 -14.48 28.46
C THR G 385 -19.64 -13.75 27.36
N VAL G 386 -20.81 -14.28 27.02
CA VAL G 386 -21.66 -13.70 25.99
C VAL G 386 -23.06 -13.53 26.56
N MET G 387 -23.64 -12.35 26.36
CA MET G 387 -24.96 -12.02 26.90
C MET G 387 -25.96 -11.99 25.76
N MET G 388 -27.08 -12.69 25.94
CA MET G 388 -28.07 -12.90 24.89
C MET G 388 -29.30 -12.04 25.13
N GLY G 389 -29.89 -11.58 24.03
CA GLY G 389 -31.15 -10.89 24.04
C GLY G 389 -32.23 -11.69 23.36
N SER G 390 -32.50 -11.36 22.08
CA SER G 390 -33.59 -11.96 21.35
C SER G 390 -33.50 -13.49 21.33
N LEU G 391 -32.29 -14.05 21.39
CA LEU G 391 -32.17 -15.50 21.31
C LEU G 391 -32.99 -16.20 22.38
N LEU G 392 -33.20 -15.55 23.53
CA LEU G 392 -33.93 -16.14 24.63
C LEU G 392 -35.25 -15.43 24.92
N ALA G 393 -35.68 -14.51 24.06
CA ALA G 393 -36.85 -13.68 24.36
C ALA G 393 -38.15 -14.47 24.33
N ALA G 394 -38.33 -15.38 23.39
CA ALA G 394 -39.54 -16.18 23.27
C ALA G 394 -39.22 -17.59 23.74
N THR G 395 -39.60 -17.89 24.98
CA THR G 395 -39.35 -19.18 25.58
C THR G 395 -40.37 -19.39 26.68
N THR G 396 -40.54 -20.64 27.10
CA THR G 396 -41.53 -20.93 28.13
C THR G 396 -41.22 -20.17 29.42
N GLU G 397 -39.96 -19.80 29.64
CA GLU G 397 -39.58 -19.10 30.86
C GLU G 397 -39.57 -17.59 30.71
N ALA G 398 -39.83 -17.07 29.52
CA ALA G 398 -39.78 -15.63 29.33
C ALA G 398 -41.09 -14.98 29.80
N PRO G 399 -41.04 -13.70 30.19
CA PRO G 399 -42.25 -13.05 30.73
C PRO G 399 -43.35 -12.85 29.69
N GLY G 400 -44.59 -12.79 30.15
CA GLY G 400 -45.69 -12.43 29.27
C GLY G 400 -46.52 -13.62 28.83
N GLU G 401 -47.13 -13.49 27.66
CA GLU G 401 -47.98 -14.53 27.11
C GLU G 401 -47.94 -14.46 25.59
N TYR G 402 -48.40 -15.54 24.96
CA TYR G 402 -48.22 -15.73 23.52
C TYR G 402 -49.40 -15.18 22.73
N PHE G 403 -49.20 -15.04 21.43
CA PHE G 403 -50.27 -14.75 20.49
C PHE G 403 -50.37 -15.85 19.43
N PHE G 404 -51.48 -15.87 18.72
CA PHE G 404 -51.64 -16.72 17.54
C PHE G 404 -53.00 -16.51 16.90
N ARG G 414 -39.44 -6.40 23.07
CA ARG G 414 -39.54 -4.99 23.44
C ARG G 414 -38.25 -4.51 24.07
N GLY G 415 -37.56 -3.61 23.38
CA GLY G 415 -36.38 -2.99 23.96
C GLY G 415 -36.76 -2.17 25.20
N MET G 416 -35.89 -2.22 26.20
CA MET G 416 -36.19 -1.58 27.47
C MET G 416 -36.15 -0.06 27.39
N GLY G 417 -35.72 0.50 26.26
CA GLY G 417 -35.82 1.93 26.03
C GLY G 417 -36.73 2.24 24.87
N SER G 418 -37.73 1.38 24.64
CA SER G 418 -38.60 1.46 23.48
C SER G 418 -39.90 2.21 23.75
N LEU G 419 -40.05 2.80 24.93
CA LEU G 419 -41.27 3.53 25.29
C LEU G 419 -42.47 2.59 25.28
N LYS G 440 -38.63 10.08 26.57
CA LYS G 440 -38.77 11.27 25.74
C LYS G 440 -38.37 11.00 24.30
N ILE G 441 -37.57 9.95 24.08
CA ILE G 441 -37.13 9.55 22.76
C ILE G 441 -37.07 8.03 22.72
N ALA G 442 -37.45 7.46 21.58
CA ALA G 442 -37.51 6.01 21.44
C ALA G 442 -36.10 5.46 21.22
N GLN G 443 -35.62 4.67 22.18
CA GLN G 443 -34.35 3.97 22.03
C GLN G 443 -34.50 2.52 21.58
N GLY G 444 -35.73 2.03 21.46
CA GLY G 444 -35.92 0.62 21.15
C GLY G 444 -37.10 0.39 20.24
N VAL G 445 -37.61 -0.84 20.29
CA VAL G 445 -38.64 -1.32 19.38
C VAL G 445 -39.36 -2.47 20.05
N SER G 446 -40.63 -2.66 19.69
CA SER G 446 -41.45 -3.75 20.21
C SER G 446 -41.62 -4.81 19.12
N GLY G 447 -41.10 -6.02 19.38
CA GLY G 447 -41.06 -7.06 18.38
C GLY G 447 -41.91 -8.27 18.75
N SER G 448 -41.67 -9.35 18.01
CA SER G 448 -42.35 -10.62 18.25
C SER G 448 -41.47 -11.74 17.73
N ILE G 449 -41.48 -12.89 18.41
CA ILE G 449 -40.61 -14.01 18.07
C ILE G 449 -41.43 -15.30 18.13
N GLN G 450 -40.94 -16.32 17.42
CA GLN G 450 -41.67 -17.57 17.13
C GLN G 450 -41.80 -18.52 18.32
N ASP G 451 -41.43 -18.23 19.56
CA ASP G 451 -41.53 -19.21 20.65
C ASP G 451 -40.55 -20.34 20.43
N LYS G 452 -39.83 -20.75 21.49
CA LYS G 452 -38.78 -21.75 21.33
C LYS G 452 -38.72 -22.74 22.50
N GLY G 453 -39.87 -23.20 22.99
CA GLY G 453 -39.82 -24.22 24.03
C GLY G 453 -39.32 -23.65 25.35
N SER G 454 -38.56 -24.49 26.05
CA SER G 454 -38.08 -24.15 27.38
C SER G 454 -36.56 -24.04 27.41
N ILE G 455 -36.05 -23.27 28.36
CA ILE G 455 -34.61 -23.13 28.52
C ILE G 455 -33.97 -24.48 28.86
N GLN G 456 -34.60 -25.23 29.76
CA GLN G 456 -34.01 -26.48 30.22
C GLN G 456 -33.91 -27.52 29.11
N LYS G 457 -34.58 -27.30 27.99
CA LYS G 457 -34.47 -28.18 26.83
C LYS G 457 -33.77 -27.50 25.66
N PHE G 458 -33.55 -26.19 25.74
CA PHE G 458 -32.98 -25.44 24.62
C PHE G 458 -31.51 -25.11 24.84
N VAL G 459 -31.09 -24.94 26.10
CA VAL G 459 -29.71 -24.55 26.36
C VAL G 459 -28.74 -25.70 26.17
N PRO G 460 -29.10 -26.96 26.47
CA PRO G 460 -28.16 -28.05 26.16
C PRO G 460 -27.75 -28.10 24.70
N TYR G 461 -28.68 -27.81 23.79
CA TYR G 461 -28.33 -27.69 22.37
C TYR G 461 -27.34 -26.56 22.14
N LEU G 462 -27.54 -25.44 22.84
CA LEU G 462 -26.68 -24.28 22.66
C LEU G 462 -25.29 -24.52 23.24
N ILE G 463 -25.18 -25.41 24.22
CA ILE G 463 -23.88 -25.84 24.74
C ILE G 463 -23.21 -26.79 23.77
N ALA G 464 -23.97 -27.77 23.26
CA ALA G 464 -23.40 -28.77 22.36
C ALA G 464 -22.89 -28.12 21.08
N GLY G 465 -23.62 -27.11 20.59
CA GLY G 465 -23.16 -26.41 19.41
C GLY G 465 -21.81 -25.76 19.62
N ILE G 466 -21.63 -25.10 20.77
CA ILE G 466 -20.34 -24.48 21.09
C ILE G 466 -19.25 -25.52 21.20
N GLN G 467 -19.55 -26.64 21.87
CA GLN G 467 -18.56 -27.69 22.04
C GLN G 467 -18.11 -28.21 20.69
N HIS G 468 -19.06 -28.46 19.78
CA HIS G 468 -18.70 -28.98 18.46
C HIS G 468 -17.92 -27.94 17.65
N GLY G 469 -18.30 -26.67 17.77
CA GLY G 469 -17.56 -25.63 17.08
C GLY G 469 -16.12 -25.48 17.53
N CYS G 470 -15.86 -25.62 18.84
CA CYS G 470 -14.48 -25.59 19.32
C CYS G 470 -13.74 -26.87 18.98
N GLN G 471 -14.43 -28.01 19.01
CA GLN G 471 -13.80 -29.28 18.66
C GLN G 471 -13.36 -29.29 17.21
N ASP G 472 -14.17 -28.70 16.32
CA ASP G 472 -13.77 -28.61 14.91
C ASP G 472 -12.57 -27.69 14.72
N ILE G 473 -12.21 -26.90 15.73
CA ILE G 473 -11.06 -26.01 15.63
C ILE G 473 -9.83 -26.61 16.29
N GLY G 474 -10.01 -27.43 17.33
CA GLY G 474 -8.88 -28.02 18.02
C GLY G 474 -8.52 -27.37 19.32
N ALA G 475 -9.50 -26.78 20.02
CA ALA G 475 -9.26 -26.15 21.31
C ALA G 475 -9.92 -27.00 22.40
N ARG G 476 -9.13 -27.42 23.38
CA ARG G 476 -9.66 -28.26 24.45
C ARG G 476 -10.52 -27.46 25.43
N SER G 477 -10.56 -26.14 25.31
CA SER G 477 -11.35 -25.31 26.21
C SER G 477 -11.38 -23.89 25.67
N LEU G 478 -12.28 -23.08 26.23
CA LEU G 478 -12.37 -21.68 25.82
C LEU G 478 -11.12 -20.91 26.17
N ASP G 479 -10.51 -21.19 27.33
CA ASP G 479 -9.27 -20.51 27.68
C ASP G 479 -8.17 -20.83 26.68
N VAL G 480 -8.07 -22.09 26.28
CA VAL G 480 -7.09 -22.48 25.27
C VAL G 480 -7.41 -21.81 23.94
N LEU G 481 -8.69 -21.68 23.61
CA LEU G 481 -9.07 -21.02 22.36
C LEU G 481 -8.62 -19.57 22.35
N ARG G 482 -8.85 -18.86 23.46
CA ARG G 482 -8.44 -17.46 23.51
C ARG G 482 -6.93 -17.30 23.57
N SER G 483 -6.24 -18.23 24.24
CA SER G 483 -4.77 -18.22 24.20
C SER G 483 -4.27 -18.45 22.77
N MET G 484 -4.93 -19.34 22.03
CA MET G 484 -4.59 -19.55 20.63
C MET G 484 -4.80 -18.29 19.81
N MET G 485 -5.90 -17.59 20.06
CA MET G 485 -6.14 -16.34 19.35
C MET G 485 -5.06 -15.32 19.67
N TYR G 486 -4.68 -15.20 20.94
CA TYR G 486 -3.62 -14.27 21.33
C TYR G 486 -2.23 -14.59 20.80
N SER G 487 -1.81 -15.85 20.81
CA SER G 487 -0.46 -16.20 20.37
C SER G 487 -0.31 -16.17 18.85
N GLY G 488 -1.41 -16.18 18.10
CA GLY G 488 -1.35 -16.17 16.66
C GLY G 488 -1.57 -17.51 16.00
N GLU G 489 -1.84 -18.56 16.77
CA GLU G 489 -2.03 -19.89 16.20
C GLU G 489 -3.37 -20.02 15.47
N LEU G 490 -4.41 -19.39 16.00
CA LEU G 490 -5.74 -19.49 15.42
C LEU G 490 -5.92 -18.34 14.43
N LYS G 491 -6.22 -18.69 13.18
CA LYS G 491 -6.18 -17.75 12.07
C LYS G 491 -7.55 -17.59 11.44
N PHE G 492 -7.82 -16.36 10.97
CA PHE G 492 -9.12 -15.96 10.47
C PHE G 492 -9.04 -15.72 8.98
N GLU G 493 -10.20 -15.78 8.33
CA GLU G 493 -10.34 -15.51 6.90
C GLU G 493 -11.51 -14.55 6.71
N LYS G 494 -11.34 -13.56 5.84
CA LYS G 494 -12.42 -12.63 5.56
C LYS G 494 -13.46 -13.25 4.65
N ARG G 495 -14.67 -12.74 4.72
CA ARG G 495 -15.86 -13.37 4.14
C ARG G 495 -16.66 -12.29 3.42
N THR G 496 -16.37 -12.07 2.15
CA THR G 496 -17.10 -11.08 1.37
C THR G 496 -18.55 -11.52 1.18
N MET G 497 -19.35 -10.66 0.55
CA MET G 497 -20.79 -10.91 0.47
C MET G 497 -21.10 -12.18 -0.30
N SER G 498 -20.39 -12.40 -1.42
CA SER G 498 -20.60 -13.61 -2.19
C SER G 498 -20.12 -14.86 -1.47
N ALA G 499 -19.37 -14.71 -0.38
CA ALA G 499 -19.07 -15.82 0.51
C ALA G 499 -20.04 -15.91 1.68
N GLN G 500 -20.76 -14.82 1.98
CA GLN G 500 -21.80 -14.85 2.99
C GLN G 500 -23.05 -15.53 2.47
N ILE G 501 -23.34 -15.36 1.17
CA ILE G 501 -24.53 -15.96 0.60
C ILE G 501 -24.44 -17.48 0.54
N GLU G 502 -23.28 -18.05 0.91
CA GLU G 502 -23.07 -19.50 0.85
C GLU G 502 -23.46 -20.20 2.15
N GLY G 503 -24.38 -19.61 2.90
CA GLY G 503 -24.94 -20.29 4.05
C GLY G 503 -26.12 -21.13 3.62
N GLY G 504 -27.32 -20.76 4.05
CA GLY G 504 -28.52 -21.39 3.54
C GLY G 504 -28.82 -20.95 2.12
N VAL G 505 -27.98 -21.39 1.17
CA VAL G 505 -28.04 -20.86 -0.19
C VAL G 505 -29.44 -21.05 -0.76
N HIS G 506 -29.81 -20.17 -1.68
CA HIS G 506 -31.18 -20.11 -2.19
C HIS G 506 -31.42 -21.11 -3.32
N GLY G 507 -30.58 -22.14 -3.42
CA GLY G 507 -30.79 -23.16 -4.43
C GLY G 507 -32.09 -23.93 -4.23
N LEU G 508 -32.65 -23.86 -3.03
CA LEU G 508 -33.86 -24.62 -2.71
C LEU G 508 -35.11 -23.78 -2.95
N HIS G 509 -36.24 -24.47 -3.05
CA HIS G 509 -37.52 -23.79 -3.24
C HIS G 509 -38.16 -23.45 -1.90
N SER G 510 -38.18 -24.41 -0.98
CA SER G 510 -38.68 -24.21 0.37
C SER G 510 -37.97 -25.20 1.27
N TYR G 511 -38.02 -24.98 2.58
CA TYR G 511 -37.34 -25.88 3.48
C TYR G 511 -37.78 -25.67 4.91
N THR G 512 -37.31 -26.59 5.78
CA THR G 512 -37.51 -26.54 7.22
C THR G 512 -36.16 -26.78 7.90
N PHE G 513 -36.02 -26.29 9.13
CA PHE G 513 -34.74 -26.39 9.81
C PHE G 513 -34.71 -27.56 10.81
N LEU G 514 -35.62 -27.54 11.78
CA LEU G 514 -35.67 -28.55 12.83
C LEU G 514 -34.30 -28.71 13.49
N PRO G 515 -33.86 -27.76 14.31
CA PRO G 515 -32.72 -28.04 15.20
C PRO G 515 -33.18 -28.87 16.38
N PHE G 516 -32.33 -29.82 16.79
CA PHE G 516 -32.74 -30.74 17.84
C PHE G 516 -33.10 -30.00 19.13
N THR G 517 -32.45 -28.86 19.38
CA THR G 517 -32.81 -28.00 20.50
C THR G 517 -32.84 -28.79 21.81
N TYR H 14 -1.80 5.31 30.26
CA TYR H 14 -1.78 5.45 28.82
C TYR H 14 -2.71 4.43 28.16
N VAL H 15 -3.47 4.90 27.17
CA VAL H 15 -4.45 4.06 26.47
C VAL H 15 -4.37 4.34 24.97
N PRO H 16 -4.21 3.33 24.11
CA PRO H 16 -3.98 3.62 22.70
C PRO H 16 -5.18 4.26 22.03
N GLU H 17 -4.90 5.04 20.99
CA GLU H 17 -5.95 5.71 20.22
C GLU H 17 -6.60 4.74 19.25
N ASP H 18 -7.92 4.84 19.14
CA ASP H 18 -8.71 3.96 18.29
C ASP H 18 -9.52 4.78 17.29
N GLY H 19 -9.56 4.30 16.05
CA GLY H 19 -10.37 4.89 15.02
C GLY H 19 -9.60 5.83 14.11
N LEU H 20 -10.31 6.35 13.11
CA LEU H 20 -9.74 7.22 12.10
C LEU H 20 -10.26 8.64 12.30
N THR H 21 -9.35 9.61 12.24
CA THR H 21 -9.78 10.99 12.18
C THR H 21 -10.59 11.20 10.90
N ALA H 22 -11.27 12.35 10.82
CA ALA H 22 -12.02 12.64 9.60
C ALA H 22 -11.10 12.71 8.39
N GLN H 23 -9.93 13.33 8.57
CA GLN H 23 -8.98 13.45 7.48
C GLN H 23 -8.52 12.09 6.99
N GLN H 24 -8.22 11.19 7.92
CA GLN H 24 -7.81 9.83 7.56
C GLN H 24 -8.94 9.08 6.89
N LEU H 25 -10.16 9.25 7.40
CA LEU H 25 -11.31 8.54 6.86
C LEU H 25 -11.59 8.97 5.41
N PHE H 26 -11.55 10.27 5.15
CA PHE H 26 -11.86 10.80 3.83
C PHE H 26 -10.68 10.87 2.86
N ALA H 27 -9.48 10.47 3.28
CA ALA H 27 -8.33 10.53 2.38
C ALA H 27 -8.37 9.42 1.34
N SER H 28 -8.96 8.27 1.68
CA SER H 28 -8.99 7.14 0.76
C SER H 28 -9.72 7.44 -0.54
N ALA H 29 -10.65 8.39 -0.54
CA ALA H 29 -11.40 8.77 -1.73
C ALA H 29 -12.17 7.57 -2.29
N ASP H 30 -13.09 7.05 -1.47
CA ASP H 30 -13.96 5.96 -1.87
C ASP H 30 -15.41 6.38 -2.03
N GLY H 31 -15.78 7.59 -1.61
CA GLY H 31 -17.14 8.04 -1.76
C GLY H 31 -18.06 7.70 -0.61
N LEU H 32 -17.69 8.07 0.61
CA LEU H 32 -18.54 7.80 1.76
C LEU H 32 -19.79 8.66 1.84
N THR H 33 -20.85 8.11 2.41
CA THR H 33 -22.07 8.84 2.73
C THR H 33 -22.35 8.71 4.22
N TYR H 34 -23.48 9.29 4.64
CA TYR H 34 -23.82 9.28 6.07
C TYR H 34 -24.00 7.86 6.60
N ASN H 35 -24.48 6.94 5.76
CA ASN H 35 -24.78 5.59 6.22
C ASN H 35 -23.57 4.66 6.14
N ASP H 36 -22.36 5.21 6.12
CA ASP H 36 -21.17 4.43 5.81
C ASP H 36 -20.09 4.58 6.88
N PHE H 37 -20.30 5.42 7.88
CA PHE H 37 -19.32 5.58 8.95
C PHE H 37 -20.03 5.93 10.24
N LEU H 38 -19.27 5.87 11.33
CA LEU H 38 -19.79 6.15 12.67
C LEU H 38 -18.80 7.05 13.42
N ILE H 39 -19.26 7.60 14.53
CA ILE H 39 -18.44 8.43 15.40
C ILE H 39 -18.30 7.70 16.73
N LEU H 40 -17.06 7.48 17.15
CA LEU H 40 -16.84 6.77 18.40
C LEU H 40 -17.11 7.70 19.59
N PRO H 41 -17.64 7.17 20.69
CA PRO H 41 -18.07 8.02 21.79
C PRO H 41 -16.89 8.59 22.57
N GLY H 42 -17.23 9.45 23.54
CA GLY H 42 -16.24 10.11 24.36
C GLY H 42 -16.56 10.10 25.84
N PHE H 43 -16.58 11.29 26.45
CA PHE H 43 -16.75 11.45 27.89
C PHE H 43 -17.94 12.36 28.14
N ILE H 44 -18.77 11.99 29.11
CA ILE H 44 -20.00 12.72 29.42
C ILE H 44 -19.82 13.35 30.79
N ASP H 45 -19.85 14.68 30.86
CA ASP H 45 -19.86 15.38 32.14
C ASP H 45 -20.85 16.53 32.13
N PHE H 46 -22.01 16.34 31.51
CA PHE H 46 -23.02 17.40 31.48
C PHE H 46 -24.36 16.81 31.06
N ILE H 47 -25.42 17.43 31.57
CA ILE H 47 -26.77 17.02 31.17
C ILE H 47 -26.96 17.35 29.69
N ALA H 48 -27.83 16.57 29.03
CA ALA H 48 -28.05 16.75 27.60
C ALA H 48 -28.58 18.14 27.28
N ASP H 49 -29.54 18.63 28.09
CA ASP H 49 -30.16 19.91 27.80
C ASP H 49 -29.16 21.05 27.78
N GLU H 50 -28.00 20.89 28.41
CA GLU H 50 -27.01 21.97 28.45
C GLU H 50 -26.39 22.24 27.08
N VAL H 51 -26.42 21.26 26.17
CA VAL H 51 -25.80 21.46 24.86
C VAL H 51 -26.43 22.66 24.18
N ASP H 52 -25.61 23.41 23.44
CA ASP H 52 -26.04 24.65 22.79
C ASP H 52 -25.88 24.48 21.28
N LEU H 53 -26.94 24.78 20.54
CA LEU H 53 -27.00 24.50 19.12
C LEU H 53 -26.93 25.76 18.25
N THR H 54 -26.58 26.91 18.81
CA THR H 54 -26.53 28.13 18.03
C THR H 54 -25.65 27.93 16.80
N SER H 55 -26.25 28.06 15.62
CA SER H 55 -25.57 27.81 14.35
C SER H 55 -25.71 29.03 13.46
N ALA H 56 -24.79 29.15 12.51
CA ALA H 56 -24.74 30.33 11.64
C ALA H 56 -25.32 29.99 10.28
N LEU H 57 -26.37 30.71 9.87
CA LEU H 57 -26.94 30.50 8.55
C LEU H 57 -26.07 31.13 7.47
N THR H 58 -25.87 32.44 7.54
CA THR H 58 -24.91 33.13 6.70
C THR H 58 -24.02 33.99 7.60
N ARG H 59 -23.20 34.83 6.96
CA ARG H 59 -22.20 35.56 7.71
C ARG H 59 -22.79 36.67 8.59
N LYS H 60 -24.09 36.89 8.54
CA LYS H 60 -24.73 37.87 9.43
C LYS H 60 -26.05 37.36 10.02
N ILE H 61 -26.34 36.07 9.91
CA ILE H 61 -27.54 35.48 10.50
C ILE H 61 -27.11 34.26 11.31
N THR H 62 -27.49 34.25 12.59
CA THR H 62 -27.21 33.13 13.49
C THR H 62 -28.54 32.57 13.95
N LEU H 63 -28.72 31.27 13.75
CA LEU H 63 -29.96 30.61 14.14
C LEU H 63 -29.74 29.79 15.42
N LYS H 64 -30.72 29.83 16.31
CA LYS H 64 -30.60 29.09 17.56
C LYS H 64 -30.71 27.58 17.37
N THR H 65 -31.09 27.11 16.19
CA THR H 65 -31.03 25.70 15.85
C THR H 65 -30.64 25.56 14.39
N PRO H 66 -29.99 24.46 14.01
CA PRO H 66 -29.51 24.32 12.63
C PRO H 66 -30.59 24.05 11.60
N LEU H 67 -31.81 23.71 12.02
CA LEU H 67 -32.81 23.13 11.14
C LEU H 67 -33.25 24.15 10.09
N ILE H 68 -33.35 23.70 8.84
CA ILE H 68 -33.86 24.49 7.74
C ILE H 68 -34.83 23.63 6.94
N SER H 69 -35.89 24.27 6.43
CA SER H 69 -36.82 23.62 5.51
C SER H 69 -36.46 24.00 4.08
N SER H 70 -36.50 23.03 3.18
CA SER H 70 -36.01 23.25 1.83
C SER H 70 -37.06 24.01 1.01
N PRO H 71 -36.62 24.79 0.01
CA PRO H 71 -37.59 25.46 -0.86
C PRO H 71 -38.15 24.53 -1.93
N MET H 72 -39.41 24.12 -1.77
CA MET H 72 -40.06 23.23 -2.71
C MET H 72 -41.55 23.53 -2.69
N ASP H 73 -42.24 23.09 -3.74
CA ASP H 73 -43.67 23.36 -3.84
C ASP H 73 -44.51 22.43 -2.98
N THR H 74 -43.90 21.44 -2.34
CA THR H 74 -44.59 20.55 -1.41
C THR H 74 -44.12 20.74 0.02
N VAL H 75 -43.50 21.89 0.32
CA VAL H 75 -42.98 22.18 1.65
C VAL H 75 -42.60 23.66 1.65
N THR H 76 -42.55 24.27 2.84
CA THR H 76 -42.29 25.71 2.97
C THR H 76 -43.38 26.54 2.27
N GLU H 77 -44.61 26.39 2.76
CA GLU H 77 -45.59 27.44 2.57
C GLU H 77 -45.28 28.60 3.51
N ALA H 78 -46.11 29.64 3.45
CA ALA H 78 -46.04 30.67 4.47
C ALA H 78 -46.35 30.11 5.84
N ASP H 79 -47.36 29.23 5.92
CA ASP H 79 -47.77 28.64 7.20
C ASP H 79 -46.75 27.65 7.75
N MET H 80 -45.75 27.23 6.98
CA MET H 80 -44.66 26.43 7.51
C MET H 80 -43.43 27.28 7.78
N ALA H 81 -43.17 28.29 6.96
CA ALA H 81 -42.10 29.21 7.29
C ALA H 81 -42.35 29.87 8.64
N ILE H 82 -43.60 30.25 8.92
CA ILE H 82 -43.93 30.80 10.23
C ILE H 82 -43.67 29.77 11.32
N ALA H 83 -44.19 28.56 11.14
CA ALA H 83 -44.13 27.56 12.20
C ALA H 83 -42.74 26.99 12.39
N MET H 84 -41.83 27.23 11.46
CA MET H 84 -40.45 26.80 11.62
C MET H 84 -39.54 27.92 12.09
N ALA H 85 -39.84 29.17 11.74
CA ALA H 85 -39.15 30.30 12.36
C ALA H 85 -39.50 30.43 13.83
N LEU H 86 -40.73 30.07 14.20
CA LEU H 86 -41.09 30.10 15.62
C LEU H 86 -40.25 29.15 16.45
N MET H 87 -39.81 28.03 15.87
CA MET H 87 -39.08 27.01 16.60
C MET H 87 -37.57 27.17 16.48
N GLY H 88 -37.10 28.34 16.06
CA GLY H 88 -35.68 28.63 16.03
C GLY H 88 -35.01 28.49 14.69
N GLY H 89 -35.61 27.77 13.75
CA GLY H 89 -35.05 27.57 12.44
C GLY H 89 -35.42 28.67 11.47
N ILE H 90 -35.34 28.35 10.18
CA ILE H 90 -35.69 29.28 9.11
C ILE H 90 -36.24 28.46 7.96
N GLY H 91 -37.13 29.07 7.19
CA GLY H 91 -37.73 28.41 6.05
C GLY H 91 -37.65 29.26 4.80
N PHE H 92 -37.37 28.60 3.68
CA PHE H 92 -37.21 29.27 2.40
C PHE H 92 -38.46 29.06 1.57
N ILE H 93 -39.06 30.16 1.09
CA ILE H 93 -40.30 30.06 0.34
C ILE H 93 -39.97 29.65 -1.08
N HIS H 94 -40.63 28.60 -1.57
CA HIS H 94 -40.35 28.10 -2.91
C HIS H 94 -40.75 29.13 -3.95
N HIS H 95 -40.07 29.06 -5.10
CA HIS H 95 -40.25 30.02 -6.19
C HIS H 95 -40.97 29.44 -7.39
N ASN H 96 -41.72 28.34 -7.22
CA ASN H 96 -42.54 27.81 -8.29
C ASN H 96 -43.93 28.41 -8.23
N CYS H 97 -44.01 29.74 -8.20
CA CYS H 97 -45.28 30.44 -8.07
C CYS H 97 -45.14 31.85 -8.62
N THR H 98 -46.28 32.50 -8.78
CA THR H 98 -46.31 33.85 -9.30
C THR H 98 -45.51 34.79 -8.40
N PRO H 99 -44.77 35.76 -8.94
CA PRO H 99 -44.01 36.67 -8.07
C PRO H 99 -44.87 37.37 -7.04
N GLU H 100 -46.08 37.78 -7.40
CA GLU H 100 -46.99 38.34 -6.41
C GLU H 100 -47.34 37.33 -5.34
N PHE H 101 -47.49 36.06 -5.72
CA PHE H 101 -47.75 35.02 -4.73
C PHE H 101 -46.60 34.87 -3.75
N GLN H 102 -45.37 34.90 -4.25
CA GLN H 102 -44.21 34.78 -3.36
C GLN H 102 -44.10 35.99 -2.44
N ALA H 103 -44.35 37.18 -2.98
CA ALA H 103 -44.34 38.38 -2.14
C ALA H 103 -45.41 38.30 -1.05
N ASN H 104 -46.59 37.80 -1.40
CA ASN H 104 -47.64 37.63 -0.41
C ASN H 104 -47.23 36.62 0.66
N GLU H 105 -46.58 35.53 0.25
CA GLU H 105 -46.10 34.55 1.23
C GLU H 105 -45.13 35.19 2.21
N VAL H 106 -44.18 35.99 1.69
CA VAL H 106 -43.20 36.61 2.57
C VAL H 106 -43.86 37.65 3.47
N ARG H 107 -44.85 38.37 2.95
CA ARG H 107 -45.58 39.31 3.78
C ARG H 107 -46.25 38.59 4.95
N LYS H 108 -46.90 37.47 4.67
CA LYS H 108 -47.59 36.75 5.74
C LYS H 108 -46.59 36.13 6.71
N VAL H 109 -45.39 35.81 6.24
CA VAL H 109 -44.36 35.30 7.14
C VAL H 109 -43.88 36.40 8.08
N LYS H 110 -43.68 37.60 7.55
CA LYS H 110 -43.15 38.70 8.35
C LYS H 110 -44.20 39.26 9.32
N LYS H 111 -45.46 39.27 8.92
CA LYS H 111 -46.53 39.79 9.76
C LYS H 111 -47.19 38.68 10.59
N PHE H 112 -46.40 38.05 11.44
CA PHE H 112 -46.93 37.10 12.41
C PHE H 112 -46.72 37.64 13.81
N GLU H 113 -45.52 38.10 14.11
CA GLU H 113 -45.25 38.91 15.28
C GLU H 113 -44.43 40.11 14.84
N GLN H 114 -44.73 41.27 15.42
CA GLN H 114 -44.31 42.54 14.84
C GLN H 114 -43.52 43.44 15.77
N GLY H 115 -43.83 43.49 17.06
CA GLY H 115 -43.28 44.57 17.88
C GLY H 115 -44.08 45.83 17.61
N PHE H 116 -43.41 46.87 17.12
CA PHE H 116 -44.13 48.05 16.67
C PHE H 116 -44.86 47.77 15.37
N ILE H 117 -46.18 47.67 15.44
CA ILE H 117 -47.02 47.48 14.25
C ILE H 117 -47.13 48.84 13.58
N THR H 118 -46.31 49.08 12.56
CA THR H 118 -46.19 50.41 11.96
C THR H 118 -47.16 50.63 10.80
N ASP H 119 -47.80 49.59 10.28
CA ASP H 119 -48.82 49.71 9.23
C ASP H 119 -50.07 48.95 9.63
N PRO H 120 -50.69 49.31 10.74
CA PRO H 120 -51.97 48.70 11.11
C PRO H 120 -53.09 49.19 10.20
N VAL H 121 -54.12 48.35 10.08
CA VAL H 121 -55.33 48.76 9.40
C VAL H 121 -56.11 49.71 10.29
N VAL H 122 -56.51 50.86 9.73
CA VAL H 122 -57.26 51.86 10.47
C VAL H 122 -58.44 52.31 9.63
N LEU H 123 -59.43 52.90 10.30
CA LEU H 123 -60.67 53.29 9.66
C LEU H 123 -61.15 54.61 10.24
N SER H 124 -62.06 55.28 9.50
CA SER H 124 -62.64 56.52 9.98
C SER H 124 -63.93 56.25 10.75
N PRO H 125 -64.35 57.16 11.62
CA PRO H 125 -65.57 56.93 12.40
C PRO H 125 -66.81 56.71 11.54
N SER H 126 -66.79 57.15 10.28
CA SER H 126 -67.93 57.01 9.40
C SER H 126 -68.08 55.61 8.83
N HIS H 127 -67.14 54.71 9.11
CA HIS H 127 -67.27 53.34 8.64
C HIS H 127 -68.34 52.62 9.44
N THR H 128 -68.54 51.35 9.11
CA THR H 128 -69.63 50.56 9.68
C THR H 128 -69.10 49.27 10.30
N VAL H 129 -69.87 48.77 11.27
CA VAL H 129 -69.53 47.52 11.93
C VAL H 129 -69.40 46.42 10.89
N GLY H 130 -70.19 46.48 9.82
CA GLY H 130 -69.99 45.57 8.71
C GLY H 130 -68.62 45.71 8.09
N ASP H 131 -68.13 46.94 7.96
CA ASP H 131 -66.78 47.14 7.44
C ASP H 131 -65.72 46.54 8.36
N VAL H 132 -65.89 46.73 9.67
CA VAL H 132 -64.93 46.17 10.62
C VAL H 132 -64.94 44.64 10.52
N LEU H 133 -66.13 44.05 10.46
CA LEU H 133 -66.23 42.60 10.34
C LEU H 133 -65.62 42.12 9.03
N GLU H 134 -65.82 42.88 7.94
CA GLU H 134 -65.24 42.52 6.66
C GLU H 134 -63.72 42.53 6.72
N ALA H 135 -63.14 43.55 7.35
CA ALA H 135 -61.69 43.61 7.49
C ALA H 135 -61.18 42.46 8.36
N LYS H 136 -61.92 42.14 9.42
CA LYS H 136 -61.57 40.99 10.26
C LYS H 136 -61.50 39.73 9.41
N MET H 137 -62.57 39.44 8.65
CA MET H 137 -62.59 38.26 7.82
C MET H 137 -61.50 38.31 6.75
N ARG H 138 -61.13 39.51 6.31
CA ARG H 138 -60.16 39.65 5.23
C ARG H 138 -58.75 39.32 5.71
N HIS H 139 -58.36 39.84 6.88
CA HIS H 139 -56.98 39.70 7.36
C HIS H 139 -56.90 38.78 8.56
N GLY H 140 -57.62 39.06 9.64
CA GLY H 140 -57.47 38.31 10.87
C GLY H 140 -57.38 39.22 12.07
N PHE H 141 -56.80 40.41 11.88
CA PHE H 141 -56.70 41.37 12.96
C PHE H 141 -58.05 42.04 13.19
N SER H 142 -58.43 42.18 14.45
CA SER H 142 -59.75 42.70 14.80
C SER H 142 -59.70 44.03 15.53
N GLY H 143 -58.57 44.37 16.16
CA GLY H 143 -58.48 45.62 16.89
C GLY H 143 -58.12 46.81 16.02
N ILE H 144 -59.01 47.17 15.10
CA ILE H 144 -58.76 48.25 14.15
C ILE H 144 -58.80 49.59 14.90
N PRO H 145 -57.72 50.37 14.89
CA PRO H 145 -57.81 51.73 15.44
C PRO H 145 -58.63 52.63 14.53
N ILE H 146 -59.16 53.71 15.11
CA ILE H 146 -60.02 54.65 14.39
C ILE H 146 -59.39 56.04 14.47
N THR H 147 -59.31 56.71 13.33
CA THR H 147 -58.77 58.06 13.23
C THR H 147 -59.69 58.90 12.36
N GLU H 148 -59.65 60.21 12.59
CA GLU H 148 -60.62 61.11 11.95
C GLU H 148 -60.64 60.93 10.44
N THR H 149 -59.47 60.86 9.82
CA THR H 149 -59.36 60.75 8.37
C THR H 149 -59.26 59.30 7.89
N GLY H 150 -59.36 58.34 8.81
CA GLY H 150 -59.24 56.94 8.43
C GLY H 150 -57.86 56.56 7.93
N THR H 151 -56.81 57.11 8.54
CA THR H 151 -55.45 56.79 8.15
C THR H 151 -54.51 57.09 9.31
N MET H 152 -53.23 56.80 9.11
CA MET H 152 -52.25 57.02 10.16
C MET H 152 -52.08 58.51 10.46
N GLY H 153 -52.14 59.35 9.42
CA GLY H 153 -51.94 60.77 9.59
C GLY H 153 -53.20 61.50 10.03
N SER H 154 -53.57 61.34 11.29
CA SER H 154 -54.77 62.01 11.81
C SER H 154 -54.82 61.84 13.32
N LYS H 155 -55.73 62.59 13.94
CA LYS H 155 -55.97 62.44 15.37
C LYS H 155 -56.48 61.03 15.67
N LEU H 156 -56.05 60.48 16.80
CA LEU H 156 -56.52 59.19 17.26
C LEU H 156 -57.77 59.41 18.13
N VAL H 157 -58.93 58.99 17.62
CA VAL H 157 -60.18 59.18 18.31
C VAL H 157 -60.63 57.95 19.10
N GLY H 158 -60.29 56.76 18.66
CA GLY H 158 -60.68 55.56 19.39
C GLY H 158 -60.25 54.30 18.66
N ILE H 159 -60.67 53.17 19.21
CA ILE H 159 -60.31 51.86 18.71
C ILE H 159 -61.53 50.95 18.80
N VAL H 160 -61.62 49.99 17.87
CA VAL H 160 -62.69 49.01 17.84
C VAL H 160 -62.06 47.63 17.80
N THR H 161 -62.52 46.74 18.67
CA THR H 161 -61.94 45.41 18.80
C THR H 161 -63.05 44.37 18.79
N SER H 162 -62.66 43.11 18.87
CA SER H 162 -63.63 42.02 18.84
C SER H 162 -64.58 42.09 20.02
N ARG H 163 -64.08 42.44 21.20
CA ARG H 163 -64.96 42.55 22.37
C ARG H 163 -66.03 43.61 22.19
N ASP H 164 -65.85 44.53 21.25
CA ASP H 164 -66.87 45.52 20.95
C ASP H 164 -67.93 45.01 19.99
N ILE H 165 -67.74 43.83 19.39
CA ILE H 165 -68.59 43.36 18.32
C ILE H 165 -69.13 41.97 18.61
N ASP H 166 -69.28 41.63 19.90
CA ASP H 166 -69.86 40.35 20.29
C ASP H 166 -71.39 40.42 20.27
N PHE H 167 -71.93 40.66 19.08
CA PHE H 167 -73.37 40.72 18.89
C PHE H 167 -73.96 39.32 18.99
N ASP H 172 -78.23 45.81 12.04
CA ASP H 172 -77.30 45.97 13.15
C ASP H 172 -75.89 46.24 12.65
N HIS H 173 -75.55 45.69 11.49
CA HIS H 173 -74.24 45.91 10.91
C HIS H 173 -74.13 47.26 10.22
N THR H 174 -75.25 47.99 10.10
CA THR H 174 -75.21 49.30 9.46
C THR H 174 -74.77 50.40 10.43
N THR H 175 -74.73 50.12 11.73
CA THR H 175 -74.38 51.15 12.71
C THR H 175 -72.94 51.61 12.49
N LEU H 176 -72.74 52.92 12.62
CA LEU H 176 -71.41 53.50 12.44
C LEU H 176 -70.49 53.13 13.60
N LEU H 177 -69.18 53.34 13.38
CA LEU H 177 -68.20 52.99 14.40
C LEU H 177 -68.26 53.95 15.58
N SER H 178 -68.82 55.14 15.40
CA SER H 178 -68.90 56.07 16.52
C SER H 178 -69.76 55.53 17.64
N GLU H 179 -70.71 54.63 17.34
CA GLU H 179 -71.60 54.10 18.35
C GLU H 179 -71.00 52.91 19.11
N VAL H 180 -69.88 52.37 18.64
CA VAL H 180 -69.26 51.19 19.25
C VAL H 180 -67.82 51.44 19.68
N MET H 181 -67.22 52.55 19.26
CA MET H 181 -65.84 52.87 19.64
C MET H 181 -65.73 53.01 21.15
N THR H 182 -64.57 52.67 21.70
CA THR H 182 -64.17 53.15 23.02
C THR H 182 -63.50 54.50 22.82
N PRO H 183 -63.98 55.59 23.42
CA PRO H 183 -63.50 56.91 23.00
C PRO H 183 -62.19 57.35 23.65
N ARG H 184 -61.58 58.35 23.04
CA ARG H 184 -60.23 58.73 23.44
C ARG H 184 -60.20 59.26 24.87
N ILE H 185 -61.33 59.81 25.34
CA ILE H 185 -61.41 60.26 26.73
C ILE H 185 -61.12 59.12 27.70
N GLU H 186 -61.35 57.88 27.27
CA GLU H 186 -61.19 56.72 28.13
C GLU H 186 -59.88 55.97 27.87
N LEU H 187 -59.34 56.07 26.65
CA LEU H 187 -58.18 55.27 26.28
C LEU H 187 -56.99 55.58 27.16
N VAL H 188 -56.18 54.55 27.44
CA VAL H 188 -54.88 54.69 28.07
C VAL H 188 -53.83 54.56 26.97
N VAL H 189 -53.05 55.62 26.77
CA VAL H 189 -52.16 55.74 25.62
C VAL H 189 -50.79 56.15 26.11
N ALA H 190 -49.77 55.78 25.35
CA ALA H 190 -48.39 56.10 25.66
C ALA H 190 -47.84 57.12 24.67
N PRO H 191 -47.13 58.14 25.13
CA PRO H 191 -46.59 59.14 24.19
C PRO H 191 -45.56 58.53 23.27
N ALA H 192 -45.54 59.02 22.03
CA ALA H 192 -44.60 58.48 21.05
C ALA H 192 -43.17 58.89 21.39
N GLY H 193 -42.22 58.20 20.77
CA GLY H 193 -40.81 58.43 21.05
C GLY H 193 -40.26 57.67 22.23
N VAL H 194 -41.12 56.96 22.98
CA VAL H 194 -40.65 56.17 24.10
C VAL H 194 -40.06 54.85 23.59
N THR H 195 -38.99 54.41 24.25
CA THR H 195 -38.37 53.15 23.88
C THR H 195 -39.38 52.01 24.00
N LEU H 196 -39.02 50.86 23.43
CA LEU H 196 -39.92 49.72 23.43
C LEU H 196 -40.20 49.25 24.86
N LYS H 197 -39.16 49.19 25.69
CA LYS H 197 -39.34 48.67 27.04
C LYS H 197 -40.40 49.45 27.81
N GLU H 198 -40.28 50.78 27.82
CA GLU H 198 -41.24 51.59 28.56
C GLU H 198 -42.64 51.44 27.98
N ALA H 199 -42.74 51.26 26.66
CA ALA H 199 -44.05 51.03 26.05
C ALA H 199 -44.69 49.75 26.59
N ASN H 200 -43.91 48.67 26.67
CA ASN H 200 -44.40 47.44 27.26
C ASN H 200 -44.76 47.63 28.73
N GLU H 201 -43.97 48.40 29.46
CA GLU H 201 -44.30 48.66 30.87
C GLU H 201 -45.68 49.30 30.98
N ILE H 202 -45.92 50.38 30.23
CA ILE H 202 -47.20 51.07 30.40
C ILE H 202 -48.32 50.19 29.87
N LEU H 203 -48.04 49.37 28.86
CA LEU H 203 -49.05 48.42 28.38
C LEU H 203 -49.42 47.44 29.48
N GLN H 204 -48.41 46.94 30.21
CA GLN H 204 -48.66 45.86 31.16
C GLN H 204 -49.26 46.36 32.46
N ARG H 205 -48.92 47.59 32.88
CA ARG H 205 -49.69 48.17 33.98
C ARG H 205 -51.12 48.48 33.56
N SER H 206 -51.36 48.70 32.27
CA SER H 206 -52.69 49.09 31.82
C SER H 206 -53.68 47.93 31.93
N LYS H 207 -53.21 46.70 31.77
CA LYS H 207 -54.07 45.52 31.80
C LYS H 207 -55.13 45.53 30.70
N LYS H 208 -54.86 46.24 29.59
CA LYS H 208 -55.74 46.27 28.45
C LYS H 208 -54.96 45.87 27.19
N GLY H 209 -55.69 45.27 26.24
CA GLY H 209 -55.03 44.54 25.17
C GLY H 209 -54.16 45.35 24.24
N LYS H 210 -54.65 46.49 23.78
CA LYS H 210 -53.95 47.31 22.80
C LYS H 210 -53.45 48.59 23.45
N LEU H 211 -52.32 49.08 22.96
CA LEU H 211 -51.76 50.36 23.39
C LEU H 211 -51.33 51.15 22.17
N PRO H 212 -52.22 51.96 21.60
CA PRO H 212 -51.81 52.85 20.50
C PRO H 212 -50.75 53.83 20.95
N ILE H 213 -49.97 54.31 20.00
CA ILE H 213 -48.87 55.24 20.25
C ILE H 213 -49.14 56.50 19.45
N VAL H 214 -49.24 57.64 20.14
CA VAL H 214 -49.51 58.93 19.51
C VAL H 214 -48.38 59.87 19.91
N ASN H 215 -48.08 60.83 19.04
CA ASN H 215 -46.99 61.75 19.30
C ASN H 215 -47.52 62.95 20.09
N ASP H 216 -46.64 63.93 20.32
CA ASP H 216 -47.02 65.10 21.10
C ASP H 216 -48.17 65.87 20.47
N CYS H 217 -48.42 65.66 19.18
CA CYS H 217 -49.51 66.31 18.48
C CYS H 217 -50.81 65.50 18.50
N ASP H 218 -50.88 64.43 19.29
CA ASP H 218 -52.04 63.55 19.33
C ASP H 218 -52.28 62.85 18.01
N GLU H 219 -51.23 62.39 17.35
CA GLU H 219 -51.30 61.82 16.02
C GLU H 219 -50.78 60.40 16.02
N LEU H 220 -51.60 59.49 15.50
CA LEU H 220 -51.29 58.06 15.59
C LEU H 220 -50.04 57.73 14.79
N VAL H 221 -49.12 57.00 15.43
CA VAL H 221 -47.84 56.66 14.82
C VAL H 221 -47.71 55.15 14.62
N ALA H 222 -48.08 54.37 15.62
CA ALA H 222 -47.98 52.91 15.56
C ALA H 222 -48.65 52.35 16.81
N ILE H 223 -48.78 51.02 16.85
CA ILE H 223 -49.41 50.35 17.97
C ILE H 223 -48.63 49.08 18.31
N ILE H 224 -48.92 48.56 19.51
CA ILE H 224 -48.36 47.29 19.96
C ILE H 224 -49.50 46.46 20.54
N ALA H 225 -49.29 45.15 20.58
CA ALA H 225 -50.32 44.20 20.99
C ALA H 225 -49.82 43.32 22.11
N ARG H 226 -50.70 43.05 23.09
CA ARG H 226 -50.38 42.13 24.17
C ARG H 226 -50.01 40.76 23.62
N THR H 227 -50.65 40.35 22.52
CA THR H 227 -50.44 39.01 22.00
C THR H 227 -49.03 38.83 21.46
N ASP H 228 -48.38 39.90 21.04
CA ASP H 228 -47.02 39.76 20.51
C ASP H 228 -46.04 39.41 21.62
N LEU H 229 -46.10 40.11 22.76
CA LEU H 229 -45.28 39.73 23.89
C LEU H 229 -45.72 38.40 24.49
N LYS H 230 -47.00 38.06 24.38
CA LYS H 230 -47.43 36.72 24.81
C LYS H 230 -46.78 35.64 23.94
N LYS H 231 -46.70 35.88 22.64
CA LYS H 231 -46.02 34.94 21.75
C LYS H 231 -44.53 34.87 22.07
N ASN H 232 -43.92 36.01 22.38
CA ASN H 232 -42.52 35.99 22.80
C ASN H 232 -42.35 35.14 24.05
N ARG H 233 -43.24 35.29 25.02
CA ARG H 233 -43.20 34.47 26.22
C ARG H 233 -43.35 33.00 25.88
N ASP H 234 -44.27 32.68 24.96
CA ASP H 234 -44.55 31.28 24.64
C ASP H 234 -43.39 30.62 23.90
N TYR H 235 -42.80 31.30 22.92
CA TYR H 235 -41.75 30.74 22.06
C TYR H 235 -40.43 31.41 22.41
N PRO H 236 -39.60 30.77 23.24
CA PRO H 236 -38.34 31.41 23.67
C PRO H 236 -37.24 31.34 22.63
N LEU H 237 -37.30 30.43 21.66
CA LEU H 237 -36.21 30.18 20.73
C LEU H 237 -36.45 30.79 19.34
N ALA H 238 -37.51 31.57 19.16
CA ALA H 238 -37.83 32.08 17.82
C ALA H 238 -36.67 32.86 17.25
N SER H 239 -36.66 33.00 15.92
CA SER H 239 -35.66 33.78 15.21
C SER H 239 -36.27 35.09 14.74
N LYS H 240 -35.67 36.21 15.14
CA LYS H 240 -36.21 37.53 14.82
C LYS H 240 -35.07 38.46 14.43
N ASP H 241 -35.43 39.53 13.74
CA ASP H 241 -34.49 40.60 13.43
C ASP H 241 -34.62 41.71 14.47
N SER H 242 -33.95 42.84 14.23
CA SER H 242 -33.91 43.90 15.24
C SER H 242 -35.29 44.48 15.49
N GLN H 243 -36.23 44.33 14.57
CA GLN H 243 -37.59 44.82 14.75
C GLN H 243 -38.51 43.79 15.40
N LYS H 244 -37.97 42.67 15.88
CA LYS H 244 -38.74 41.68 16.60
C LYS H 244 -39.87 41.12 15.73
N GLN H 245 -39.54 40.84 14.47
CA GLN H 245 -40.48 40.21 13.54
C GLN H 245 -39.79 39.05 12.85
N LEU H 246 -40.54 37.99 12.63
CA LEU H 246 -39.96 36.70 12.26
C LEU H 246 -39.02 36.85 11.07
N LEU H 247 -37.94 36.06 11.09
CA LEU H 247 -36.99 36.08 10.01
C LEU H 247 -37.48 35.21 8.87
N CYS H 248 -37.48 35.76 7.66
CA CYS H 248 -37.96 35.04 6.47
C CYS H 248 -36.87 34.96 5.42
N GLY H 249 -36.86 33.85 4.69
CA GLY H 249 -35.98 33.69 3.56
C GLY H 249 -36.77 33.28 2.33
N ALA H 250 -36.22 33.47 1.14
CA ALA H 250 -36.91 33.13 -0.08
C ALA H 250 -35.89 32.69 -1.12
N ALA H 251 -36.35 31.86 -2.06
CA ALA H 251 -35.51 31.36 -3.14
C ALA H 251 -35.93 31.98 -4.46
N VAL H 252 -34.95 32.16 -5.35
CA VAL H 252 -35.20 32.70 -6.68
C VAL H 252 -34.23 32.05 -7.66
N GLY H 253 -34.67 31.95 -8.91
CA GLY H 253 -33.86 31.35 -9.95
C GLY H 253 -32.77 32.29 -10.41
N THR H 254 -32.35 32.12 -11.68
CA THR H 254 -31.31 32.96 -12.26
C THR H 254 -31.66 33.41 -13.68
N ARG H 255 -32.94 33.45 -14.02
CA ARG H 255 -33.37 33.99 -15.31
C ARG H 255 -33.37 35.52 -15.27
N GLU H 256 -33.94 36.12 -16.31
CA GLU H 256 -34.09 37.57 -16.32
C GLU H 256 -35.28 38.02 -15.48
N ASP H 257 -36.39 37.29 -15.55
CA ASP H 257 -37.57 37.66 -14.77
C ASP H 257 -37.29 37.61 -13.28
N ASP H 258 -36.25 36.90 -12.86
CA ASP H 258 -35.87 36.87 -11.45
C ASP H 258 -35.50 38.25 -10.93
N LYS H 259 -35.16 39.20 -11.81
CA LYS H 259 -34.92 40.56 -11.32
C LYS H 259 -36.19 41.20 -10.80
N TYR H 260 -37.29 41.11 -11.57
CA TYR H 260 -38.57 41.60 -11.08
C TYR H 260 -39.05 40.78 -9.90
N ARG H 261 -38.82 39.47 -9.92
CA ARG H 261 -39.15 38.63 -8.78
C ARG H 261 -38.46 39.14 -7.51
N LEU H 262 -37.17 39.46 -7.64
CA LEU H 262 -36.40 39.91 -6.48
C LEU H 262 -36.85 41.30 -6.05
N ASP H 263 -37.20 42.17 -7.00
CA ASP H 263 -37.76 43.46 -6.63
C ASP H 263 -39.00 43.28 -5.75
N LEU H 264 -39.93 42.43 -6.20
CA LEU H 264 -41.12 42.18 -5.40
C LEU H 264 -40.76 41.58 -4.05
N LEU H 265 -39.83 40.62 -4.02
CA LEU H 265 -39.46 39.98 -2.76
C LEU H 265 -38.93 41.00 -1.76
N THR H 266 -37.98 41.83 -2.19
CA THR H 266 -37.42 42.83 -1.29
C THR H 266 -38.45 43.88 -0.89
N GLN H 267 -39.43 44.15 -1.76
CA GLN H 267 -40.56 44.97 -1.32
C GLN H 267 -41.30 44.29 -0.17
N ALA H 268 -41.48 42.98 -0.27
CA ALA H 268 -42.15 42.25 0.80
C ALA H 268 -41.38 42.33 2.11
N GLY H 269 -40.04 42.35 2.04
CA GLY H 269 -39.21 42.48 3.22
C GLY H 269 -38.38 41.26 3.52
N VAL H 270 -37.99 40.53 2.47
CA VAL H 270 -37.17 39.33 2.66
C VAL H 270 -35.87 39.73 3.38
N ASP H 271 -35.31 38.79 4.15
CA ASP H 271 -34.06 39.01 4.84
C ASP H 271 -32.88 38.27 4.22
N VAL H 272 -33.09 37.05 3.74
CA VAL H 272 -32.03 36.26 3.12
C VAL H 272 -32.62 35.56 1.89
N ILE H 273 -31.82 35.50 0.82
CA ILE H 273 -32.26 34.97 -0.45
C ILE H 273 -31.28 33.89 -0.89
N VAL H 274 -31.80 32.81 -1.45
CA VAL H 274 -30.99 31.68 -1.89
C VAL H 274 -31.21 31.48 -3.38
N LEU H 275 -30.12 31.28 -4.12
CA LEU H 275 -30.21 31.03 -5.54
C LEU H 275 -30.40 29.54 -5.79
N ASP H 276 -31.40 29.22 -6.60
CA ASP H 276 -31.83 27.85 -6.82
C ASP H 276 -31.38 27.38 -8.20
N SER H 277 -30.51 26.38 -8.22
CA SER H 277 -30.00 25.84 -9.48
C SER H 277 -29.41 24.46 -9.21
N SER H 278 -29.51 23.59 -10.21
CA SER H 278 -29.03 22.22 -10.04
C SER H 278 -27.52 22.19 -9.86
N GLN H 279 -26.80 23.01 -10.61
CA GLN H 279 -25.35 23.17 -10.45
C GLN H 279 -25.06 24.66 -10.35
N GLY H 280 -24.51 25.07 -9.21
CA GLY H 280 -24.31 26.49 -8.93
C GLY H 280 -23.26 27.16 -9.77
N ASN H 281 -22.18 26.45 -10.08
CA ASN H 281 -21.00 27.05 -10.70
C ASN H 281 -21.26 27.41 -12.16
N SER H 282 -21.77 28.61 -12.42
CA SER H 282 -22.07 29.02 -13.79
C SER H 282 -22.06 30.53 -13.89
N VAL H 283 -21.80 31.00 -15.11
CA VAL H 283 -21.73 32.44 -15.35
C VAL H 283 -23.07 33.10 -15.02
N TYR H 284 -24.18 32.41 -15.23
CA TYR H 284 -25.48 33.01 -14.95
C TYR H 284 -25.68 33.20 -13.45
N GLN H 285 -25.32 32.19 -12.64
CA GLN H 285 -25.39 32.35 -11.20
C GLN H 285 -24.47 33.46 -10.72
N ILE H 286 -23.26 33.54 -11.29
CA ILE H 286 -22.33 34.58 -10.87
C ILE H 286 -22.88 35.97 -11.23
N ALA H 287 -23.51 36.09 -12.40
CA ALA H 287 -24.12 37.36 -12.77
C ALA H 287 -25.25 37.73 -11.82
N MET H 288 -26.07 36.75 -11.42
CA MET H 288 -27.10 37.04 -10.44
C MET H 288 -26.49 37.49 -9.11
N VAL H 289 -25.41 36.85 -8.68
CA VAL H 289 -24.76 37.25 -7.44
C VAL H 289 -24.28 38.70 -7.53
N HIS H 290 -23.67 39.05 -8.66
CA HIS H 290 -23.18 40.42 -8.81
C HIS H 290 -24.33 41.43 -8.84
N TYR H 291 -25.40 41.10 -9.56
CA TYR H 291 -26.57 42.00 -9.58
C TYR H 291 -27.13 42.18 -8.18
N ILE H 292 -27.23 41.10 -7.42
CA ILE H 292 -27.79 41.18 -6.07
C ILE H 292 -26.91 42.05 -5.20
N LYS H 293 -25.60 41.81 -5.22
CA LYS H 293 -24.70 42.57 -4.35
C LYS H 293 -24.50 44.00 -4.83
N GLN H 294 -24.95 44.33 -6.03
CA GLN H 294 -24.95 45.73 -6.43
C GLN H 294 -26.24 46.43 -6.02
N LYS H 295 -27.39 45.89 -6.41
CA LYS H 295 -28.65 46.59 -6.13
C LYS H 295 -29.02 46.55 -4.65
N TYR H 296 -28.79 45.43 -3.96
CA TYR H 296 -29.20 45.27 -2.56
C TYR H 296 -27.98 44.82 -1.74
N PRO H 297 -27.08 45.76 -1.42
CA PRO H 297 -25.92 45.39 -0.60
C PRO H 297 -26.28 44.83 0.76
N HIS H 298 -27.45 45.16 1.31
CA HIS H 298 -27.84 44.72 2.63
C HIS H 298 -28.48 43.34 2.65
N LEU H 299 -28.60 42.69 1.49
CA LEU H 299 -29.29 41.40 1.40
C LEU H 299 -28.26 40.28 1.34
N GLN H 300 -28.48 39.24 2.14
CA GLN H 300 -27.60 38.08 2.18
C GLN H 300 -28.02 37.09 1.11
N VAL H 301 -27.10 36.71 0.24
CA VAL H 301 -27.37 35.81 -0.88
C VAL H 301 -26.58 34.53 -0.64
N ILE H 302 -27.26 33.39 -0.78
CA ILE H 302 -26.66 32.08 -0.56
C ILE H 302 -26.39 31.44 -1.91
N GLY H 303 -25.18 30.91 -2.08
CA GLY H 303 -24.78 30.41 -3.38
C GLY H 303 -25.52 29.15 -3.77
N GLY H 304 -25.26 28.69 -5.00
CA GLY H 304 -25.94 27.54 -5.54
C GLY H 304 -25.30 26.24 -5.11
N ASN H 305 -25.85 25.14 -5.63
CA ASN H 305 -25.41 23.80 -5.23
C ASN H 305 -24.01 23.52 -5.76
N VAL H 306 -23.05 23.39 -4.84
CA VAL H 306 -21.68 23.06 -5.17
C VAL H 306 -21.25 21.86 -4.35
N VAL H 307 -20.43 21.01 -4.95
CA VAL H 307 -20.01 19.75 -4.30
C VAL H 307 -18.47 19.73 -4.26
N THR H 308 -17.78 20.74 -4.84
CA THR H 308 -16.34 20.74 -4.97
C THR H 308 -15.70 22.07 -4.58
N ALA H 309 -14.41 22.01 -4.24
CA ALA H 309 -13.68 23.21 -3.89
C ALA H 309 -13.58 24.16 -5.07
N ALA H 310 -13.34 23.62 -6.26
CA ALA H 310 -13.26 24.47 -7.45
C ALA H 310 -14.58 25.20 -7.69
N GLN H 311 -15.71 24.51 -7.54
CA GLN H 311 -17.00 25.17 -7.68
C GLN H 311 -17.19 26.22 -6.59
N ALA H 312 -16.79 25.90 -5.36
CA ALA H 312 -17.00 26.82 -4.26
C ALA H 312 -16.19 28.09 -4.42
N LYS H 313 -15.00 28.00 -5.02
CA LYS H 313 -14.08 29.13 -5.03
C LYS H 313 -14.68 30.32 -5.77
N ASN H 314 -15.16 30.12 -6.98
CA ASN H 314 -15.65 31.25 -7.75
C ASN H 314 -16.96 31.81 -7.21
N LEU H 315 -17.82 30.99 -6.60
CA LEU H 315 -18.96 31.54 -5.89
C LEU H 315 -18.52 32.40 -4.71
N ILE H 316 -17.52 31.93 -3.95
CA ILE H 316 -17.00 32.74 -2.84
C ILE H 316 -16.48 34.07 -3.37
N ASP H 317 -15.75 34.03 -4.48
CA ASP H 317 -15.24 35.26 -5.06
C ASP H 317 -16.38 36.18 -5.50
N ALA H 318 -17.42 35.60 -6.11
CA ALA H 318 -18.59 36.39 -6.47
C ALA H 318 -19.18 37.06 -5.24
N GLY H 319 -19.09 36.41 -4.09
CA GLY H 319 -19.48 37.04 -2.84
C GLY H 319 -20.73 36.46 -2.21
N VAL H 320 -20.94 35.16 -2.36
CA VAL H 320 -22.04 34.50 -1.67
C VAL H 320 -21.76 34.45 -0.19
N ASP H 321 -22.72 34.90 0.61
CA ASP H 321 -22.58 34.88 2.07
C ASP H 321 -22.78 33.48 2.65
N GLY H 322 -23.22 32.53 1.84
CA GLY H 322 -23.35 31.16 2.29
C GLY H 322 -23.26 30.22 1.11
N LEU H 323 -23.24 28.93 1.41
CA LEU H 323 -23.12 27.91 0.39
C LEU H 323 -24.02 26.70 0.63
N ARG H 324 -24.66 26.23 -0.44
CA ARG H 324 -25.50 25.05 -0.39
C ARG H 324 -24.73 23.90 -1.03
N VAL H 325 -24.52 22.84 -0.26
CA VAL H 325 -23.67 21.72 -0.68
C VAL H 325 -24.54 20.49 -0.86
N GLY H 326 -24.34 19.80 -1.98
CA GLY H 326 -25.05 18.57 -2.26
C GLY H 326 -25.64 18.58 -3.66
N MET H 327 -25.53 17.45 -4.37
CA MET H 327 -26.04 17.34 -5.73
C MET H 327 -26.23 15.88 -6.06
N GLY H 328 -27.46 15.50 -6.40
CA GLY H 328 -27.76 14.15 -6.81
C GLY H 328 -28.14 13.19 -5.71
N CYS H 329 -28.17 13.63 -4.45
CA CYS H 329 -28.42 12.74 -3.32
C CYS H 329 -29.77 12.99 -2.66
N GLY H 330 -30.65 13.78 -3.26
CA GLY H 330 -31.94 14.03 -2.66
C GLY H 330 -32.81 12.79 -2.67
N SER H 331 -33.78 12.75 -1.75
CA SER H 331 -34.75 11.66 -1.72
C SER H 331 -35.59 11.64 -2.98
N ILE H 332 -36.01 12.82 -3.45
CA ILE H 332 -36.87 12.94 -4.61
C ILE H 332 -36.08 13.24 -5.88
N CYS H 333 -34.77 12.99 -5.87
CA CYS H 333 -33.87 13.43 -6.94
C CYS H 333 -33.51 12.24 -7.83
N ILE H 334 -33.65 12.44 -9.14
CA ILE H 334 -33.24 11.47 -10.15
C ILE H 334 -32.07 11.98 -10.98
N THR H 335 -31.37 13.01 -10.51
CA THR H 335 -30.32 13.64 -11.30
C THR H 335 -29.18 12.67 -11.56
N GLN H 336 -28.81 11.88 -10.56
CA GLN H 336 -27.69 10.95 -10.74
C GLN H 336 -27.94 9.96 -11.86
N GLU H 337 -29.20 9.66 -12.17
CA GLU H 337 -29.55 8.76 -13.26
C GLU H 337 -29.81 9.47 -14.58
N VAL H 338 -30.46 10.64 -14.56
CA VAL H 338 -30.66 11.41 -15.78
C VAL H 338 -29.35 11.97 -16.33
N MET H 339 -28.34 12.17 -15.48
CA MET H 339 -27.02 12.59 -15.91
C MET H 339 -26.01 11.95 -14.96
N ALA H 340 -24.75 11.92 -15.39
CA ALA H 340 -23.74 11.17 -14.66
C ALA H 340 -23.09 11.96 -13.53
N CYS H 341 -23.44 13.24 -13.39
CA CYS H 341 -22.74 14.09 -12.43
C CYS H 341 -23.29 13.92 -11.02
N GLY H 342 -22.44 14.19 -10.04
CA GLY H 342 -22.83 14.12 -8.65
C GLY H 342 -21.63 13.85 -7.77
N ARG H 343 -21.91 13.66 -6.49
CA ARG H 343 -20.91 13.29 -5.50
C ARG H 343 -21.61 12.80 -4.24
N PRO H 344 -21.09 11.77 -3.58
CA PRO H 344 -21.72 11.32 -2.33
C PRO H 344 -21.72 12.42 -1.27
N GLN H 345 -22.80 12.45 -0.49
CA GLN H 345 -23.09 13.60 0.34
C GLN H 345 -22.03 13.81 1.42
N GLY H 346 -21.59 12.74 2.08
CA GLY H 346 -20.60 12.91 3.14
C GLY H 346 -19.30 13.52 2.64
N THR H 347 -18.75 12.97 1.56
CA THR H 347 -17.53 13.53 0.99
C THR H 347 -17.76 14.96 0.50
N ALA H 348 -18.88 15.21 -0.17
CA ALA H 348 -19.17 16.57 -0.62
C ALA H 348 -19.21 17.58 0.52
N VAL H 349 -19.99 17.31 1.57
CA VAL H 349 -20.09 18.26 2.66
C VAL H 349 -18.74 18.43 3.34
N TYR H 350 -18.02 17.33 3.59
CA TYR H 350 -16.73 17.47 4.24
C TYR H 350 -15.79 18.34 3.43
N LYS H 351 -15.68 18.08 2.11
CA LYS H 351 -14.64 18.70 1.32
C LYS H 351 -15.01 20.09 0.81
N VAL H 352 -16.22 20.61 0.95
CA VAL H 352 -16.52 22.04 0.62
C VAL H 352 -16.60 22.72 1.97
N ALA H 353 -17.00 22.11 3.09
CA ALA H 353 -16.96 22.80 4.37
C ALA H 353 -15.57 22.91 5.00
N GLU H 354 -14.63 22.05 4.63
CA GLU H 354 -13.26 22.22 5.09
C GLU H 354 -12.55 23.35 4.35
N TYR H 355 -12.98 23.63 3.11
CA TYR H 355 -12.40 24.70 2.32
C TYR H 355 -13.07 26.05 2.62
N ALA H 356 -14.40 26.06 2.73
CA ALA H 356 -15.11 27.30 2.98
C ALA H 356 -14.71 27.92 4.31
N ARG H 357 -14.50 27.10 5.34
CA ARG H 357 -14.14 27.58 6.67
C ARG H 357 -13.09 28.69 6.77
N ARG H 358 -12.16 28.75 5.81
CA ARG H 358 -11.12 29.77 5.84
C ARG H 358 -11.68 31.16 5.57
N PHE H 359 -12.78 31.24 4.82
CA PHE H 359 -13.39 32.51 4.46
C PHE H 359 -14.62 32.83 5.29
N GLY H 360 -15.02 31.94 6.20
CA GLY H 360 -16.12 32.20 7.09
C GLY H 360 -17.50 32.01 6.51
N VAL H 361 -17.61 31.54 5.28
CA VAL H 361 -18.93 31.30 4.67
C VAL H 361 -19.45 29.97 5.19
N PRO H 362 -20.58 29.94 5.89
CA PRO H 362 -21.11 28.65 6.36
C PRO H 362 -21.66 27.82 5.20
N ILE H 363 -21.96 26.57 5.51
CA ILE H 363 -22.44 25.60 4.52
C ILE H 363 -23.80 25.09 4.97
N ILE H 364 -24.62 24.69 3.99
CA ILE H 364 -25.93 24.12 4.25
C ILE H 364 -25.98 22.79 3.52
N ALA H 365 -25.65 21.70 4.22
CA ALA H 365 -25.68 20.38 3.62
C ALA H 365 -27.14 19.96 3.43
N ASP H 366 -27.56 19.85 2.17
CA ASP H 366 -28.95 19.57 1.84
C ASP H 366 -29.08 18.23 1.14
N GLY H 367 -30.18 17.53 1.41
CA GLY H 367 -30.41 16.24 0.79
C GLY H 367 -29.72 15.09 1.50
N GLY H 368 -30.38 13.94 1.53
CA GLY H 368 -29.84 12.76 2.18
C GLY H 368 -30.16 12.65 3.65
N ILE H 369 -30.70 13.70 4.26
CA ILE H 369 -31.05 13.68 5.67
C ILE H 369 -32.32 12.87 5.87
N GLN H 370 -32.19 11.68 6.45
CA GLN H 370 -33.33 10.84 6.77
C GLN H 370 -33.59 10.71 8.26
N THR H 371 -32.59 10.94 9.10
CA THR H 371 -32.72 10.69 10.52
C THR H 371 -31.86 11.65 11.32
N VAL H 372 -32.09 11.65 12.64
CA VAL H 372 -31.29 12.47 13.55
C VAL H 372 -29.83 12.09 13.44
N GLY H 373 -29.55 10.80 13.22
CA GLY H 373 -28.18 10.39 13.03
C GLY H 373 -27.52 11.06 11.85
N HIS H 374 -28.25 11.17 10.73
CA HIS H 374 -27.71 11.86 9.58
C HIS H 374 -27.56 13.36 9.84
N VAL H 375 -28.50 13.96 10.57
CA VAL H 375 -28.37 15.39 10.89
C VAL H 375 -27.10 15.64 11.68
N VAL H 376 -26.87 14.83 12.72
CA VAL H 376 -25.69 15.03 13.55
C VAL H 376 -24.41 14.68 12.79
N LYS H 377 -24.46 13.66 11.94
CA LYS H 377 -23.30 13.34 11.11
C LYS H 377 -22.94 14.50 10.20
N ALA H 378 -23.94 15.11 9.57
CA ALA H 378 -23.69 16.29 8.74
C ALA H 378 -23.16 17.48 9.51
N LEU H 379 -23.67 17.72 10.72
CA LEU H 379 -23.14 18.83 11.52
C LEU H 379 -21.75 18.53 12.06
N ALA H 380 -21.37 17.25 12.14
CA ALA H 380 -20.03 16.91 12.62
C ALA H 380 -18.98 17.13 11.56
N LEU H 381 -19.37 17.09 10.29
CA LEU H 381 -18.41 17.14 9.19
C LEU H 381 -18.14 18.56 8.72
N GLY H 382 -18.68 19.58 9.37
CA GLY H 382 -18.40 20.96 9.03
C GLY H 382 -19.58 21.74 8.52
N ALA H 383 -20.72 21.09 8.27
CA ALA H 383 -21.89 21.81 7.79
C ALA H 383 -22.49 22.63 8.93
N SER H 384 -22.49 23.95 8.75
CA SER H 384 -23.02 24.83 9.80
C SER H 384 -24.51 24.57 10.03
N THR H 385 -25.27 24.34 8.96
CA THR H 385 -26.70 24.11 9.06
C THR H 385 -27.05 22.95 8.14
N VAL H 386 -28.20 22.33 8.40
CA VAL H 386 -28.68 21.19 7.63
C VAL H 386 -30.10 21.49 7.18
N MET H 387 -30.35 21.32 5.88
CA MET H 387 -31.64 21.67 5.30
C MET H 387 -32.35 20.39 4.87
N MET H 388 -33.61 20.27 5.28
CA MET H 388 -34.38 19.05 5.15
C MET H 388 -35.37 19.15 3.99
N GLY H 389 -35.63 18.00 3.38
CA GLY H 389 -36.68 17.86 2.39
C GLY H 389 -37.79 16.95 2.88
N SER H 390 -37.71 15.68 2.47
CA SER H 390 -38.77 14.71 2.78
C SER H 390 -39.07 14.64 4.27
N LEU H 391 -38.08 14.87 5.13
CA LEU H 391 -38.32 14.75 6.56
C LEU H 391 -39.47 15.62 7.03
N LEU H 392 -39.70 16.75 6.35
CA LEU H 392 -40.75 17.69 6.71
C LEU H 392 -41.86 17.78 5.69
N ALA H 393 -41.89 16.90 4.69
CA ALA H 393 -42.84 17.04 3.59
C ALA H 393 -44.28 16.76 4.00
N ALA H 394 -44.51 15.75 4.84
CA ALA H 394 -45.84 15.38 5.30
C ALA H 394 -45.99 15.84 6.74
N THR H 395 -46.65 16.98 6.93
CA THR H 395 -46.84 17.56 8.25
C THR H 395 -48.07 18.45 8.18
N THR H 396 -48.63 18.78 9.34
CA THR H 396 -49.82 19.62 9.36
C THR H 396 -49.56 20.98 8.71
N GLU H 397 -48.31 21.42 8.69
CA GLU H 397 -47.98 22.72 8.12
C GLU H 397 -47.55 22.64 6.66
N ALA H 398 -47.46 21.45 6.08
CA ALA H 398 -47.00 21.34 4.71
C ALA H 398 -48.15 21.62 3.74
N PRO H 399 -47.85 22.07 2.52
CA PRO H 399 -48.92 22.43 1.57
C PRO H 399 -49.73 21.23 1.10
N GLY H 400 -50.99 21.46 0.73
CA GLY H 400 -51.77 20.42 0.08
C GLY H 400 -52.80 19.81 1.01
N GLU H 401 -53.14 18.55 0.71
CA GLU H 401 -54.13 17.81 1.49
C GLU H 401 -53.80 16.33 1.43
N TYR H 402 -54.40 15.57 2.35
CA TYR H 402 -54.03 14.18 2.57
C TYR H 402 -54.86 13.23 1.73
N PHE H 403 -54.40 11.98 1.65
CA PHE H 403 -55.18 10.89 1.09
C PHE H 403 -55.37 9.79 2.12
N PHE H 404 -56.30 8.88 1.85
CA PHE H 404 -56.46 7.65 2.63
C PHE H 404 -57.59 6.80 2.07
N ARG H 414 -43.20 15.69 -4.12
CA ARG H 414 -43.00 16.10 -5.50
C ARG H 414 -41.75 16.97 -5.63
N GLY H 415 -40.74 16.45 -6.32
CA GLY H 415 -39.57 17.24 -6.62
C GLY H 415 -39.93 18.43 -7.49
N MET H 416 -39.29 19.57 -7.22
CA MET H 416 -39.65 20.80 -7.91
C MET H 416 -39.20 20.80 -9.38
N GLY H 417 -38.45 19.79 -9.80
CA GLY H 417 -38.12 19.62 -11.20
C GLY H 417 -38.71 18.32 -11.75
N SER H 418 -39.83 17.90 -11.19
CA SER H 418 -40.44 16.61 -11.49
C SER H 418 -41.53 16.69 -12.55
N LEU H 419 -41.72 17.85 -13.16
CA LEU H 419 -42.76 18.03 -14.18
C LEU H 419 -44.15 17.78 -13.60
N LYS H 440 -38.78 20.08 -19.82
CA LYS H 440 -38.47 19.28 -21.01
C LYS H 440 -37.91 17.92 -20.64
N ILE H 441 -37.39 17.80 -19.42
CA ILE H 441 -36.85 16.54 -18.92
C ILE H 441 -37.17 16.44 -17.43
N ALA H 442 -37.47 15.22 -16.98
CA ALA H 442 -37.86 15.01 -15.59
C ALA H 442 -36.63 14.99 -14.70
N GLN H 443 -36.55 15.96 -13.79
CA GLN H 443 -35.49 16.00 -12.79
C GLN H 443 -35.93 15.50 -11.43
N GLY H 444 -37.20 15.13 -11.27
CA GLY H 444 -37.70 14.74 -9.96
C GLY H 444 -38.72 13.63 -10.06
N VAL H 445 -39.52 13.52 -9.01
CA VAL H 445 -40.46 12.44 -8.82
C VAL H 445 -41.58 12.92 -7.90
N SER H 446 -42.76 12.33 -8.05
CA SER H 446 -43.91 12.65 -7.22
C SER H 446 -44.14 11.50 -6.24
N GLY H 447 -44.02 11.79 -4.94
CA GLY H 447 -44.07 10.77 -3.92
C GLY H 447 -45.26 10.93 -2.98
N SER H 448 -45.18 10.19 -1.87
CA SER H 448 -46.20 10.25 -0.82
C SER H 448 -45.55 9.82 0.49
N ILE H 449 -45.98 10.43 1.59
CA ILE H 449 -45.39 10.19 2.90
C ILE H 449 -46.50 10.05 3.94
N GLN H 450 -46.17 9.38 5.05
CA GLN H 450 -47.13 8.91 6.06
C GLN H 450 -47.71 10.01 6.95
N ASP H 451 -47.52 11.32 6.76
CA ASP H 451 -48.05 12.32 7.68
C ASP H 451 -47.37 12.22 9.04
N LYS H 452 -46.97 13.35 9.62
CA LYS H 452 -46.21 13.34 10.86
C LYS H 452 -46.62 14.45 11.84
N GLY H 453 -47.92 14.72 11.98
CA GLY H 453 -48.32 15.69 12.96
C GLY H 453 -47.94 17.11 12.56
N SER H 454 -47.55 17.88 13.57
CA SER H 454 -47.24 19.30 13.38
C SER H 454 -45.77 19.59 13.67
N ILE H 455 -45.26 20.64 13.04
CA ILE H 455 -43.89 21.06 13.29
C ILE H 455 -43.69 21.43 14.75
N GLN H 456 -44.64 22.18 15.32
CA GLN H 456 -44.48 22.68 16.68
C GLN H 456 -44.45 21.55 17.71
N LYS H 457 -44.84 20.34 17.32
CA LYS H 457 -44.76 19.18 18.20
C LYS H 457 -43.72 18.19 17.73
N PHE H 458 -43.17 18.37 16.53
CA PHE H 458 -42.24 17.40 15.96
C PHE H 458 -40.79 17.87 16.06
N VAL H 459 -40.57 19.17 15.85
CA VAL H 459 -39.21 19.70 15.88
C VAL H 459 -38.56 19.53 17.25
N PRO H 460 -39.24 19.77 18.37
CA PRO H 460 -38.57 19.59 19.67
C PRO H 460 -37.97 18.22 19.86
N TYR H 461 -38.63 17.17 19.36
CA TYR H 461 -38.01 15.85 19.34
C TYR H 461 -36.73 15.85 18.51
N LEU H 462 -36.75 16.55 17.38
CA LEU H 462 -35.59 16.58 16.50
C LEU H 462 -34.44 17.37 17.11
N ILE H 463 -34.74 18.32 17.99
CA ILE H 463 -33.71 19.03 18.74
C ILE H 463 -33.16 18.16 19.85
N ALA H 464 -34.04 17.47 20.58
CA ALA H 464 -33.60 16.63 21.69
C ALA H 464 -32.73 15.49 21.20
N GLY H 465 -33.07 14.92 20.05
CA GLY H 465 -32.23 13.89 19.47
C GLY H 465 -30.83 14.37 19.18
N ILE H 466 -30.73 15.58 18.62
CA ILE H 466 -29.41 16.16 18.35
C ILE H 466 -28.64 16.38 19.64
N GLN H 467 -29.32 16.93 20.66
CA GLN H 467 -28.66 17.20 21.92
C GLN H 467 -28.13 15.91 22.53
N HIS H 468 -28.94 14.85 22.53
CA HIS H 468 -28.50 13.59 23.11
C HIS H 468 -27.36 12.98 22.31
N GLY H 469 -27.41 13.09 20.99
CA GLY H 469 -26.31 12.59 20.17
C GLY H 469 -25.00 13.30 20.40
N CYS H 470 -25.01 14.62 20.60
CA CYS H 470 -23.78 15.32 20.94
C CYS H 470 -23.35 15.06 22.37
N GLN H 471 -24.30 14.90 23.30
CA GLN H 471 -23.95 14.61 24.69
C GLN H 471 -23.28 13.25 24.81
N ASP H 472 -23.75 12.26 24.03
CA ASP H 472 -23.09 10.96 24.03
C ASP H 472 -21.69 11.02 23.46
N ILE H 473 -21.32 12.12 22.79
CA ILE H 473 -19.98 12.27 22.24
C ILE H 473 -19.09 13.10 23.14
N GLY H 474 -19.65 14.04 23.88
CA GLY H 474 -18.86 14.88 24.76
C GLY H 474 -18.59 16.26 24.23
N ALA H 475 -19.45 16.80 23.38
CA ALA H 475 -19.30 18.15 22.84
C ALA H 475 -20.34 19.05 23.48
N ARG H 476 -19.88 20.14 24.11
CA ARG H 476 -20.78 21.06 24.78
C ARG H 476 -21.57 21.91 23.79
N SER H 477 -21.24 21.85 22.50
CA SER H 477 -21.94 22.64 21.51
C SER H 477 -21.51 22.19 20.13
N LEU H 478 -22.26 22.62 19.10
CA LEU H 478 -21.91 22.27 17.73
C LEU H 478 -20.58 22.86 17.32
N ASP H 479 -20.28 24.09 17.75
CA ASP H 479 -18.99 24.69 17.42
C ASP H 479 -17.85 23.87 18.01
N VAL H 480 -18.01 23.43 19.26
CA VAL H 480 -16.99 22.58 19.88
C VAL H 480 -16.89 21.25 19.16
N LEU H 481 -18.02 20.71 18.69
CA LEU H 481 -17.98 19.46 17.94
C LEU H 481 -17.19 19.60 16.66
N ARG H 482 -17.42 20.68 15.91
CA ARG H 482 -16.68 20.87 14.67
C ARG H 482 -15.21 21.19 14.93
N SER H 483 -14.91 21.92 16.00
CA SER H 483 -13.52 22.13 16.38
C SER H 483 -12.84 20.80 16.73
N MET H 484 -13.56 19.92 17.42
CA MET H 484 -13.04 18.59 17.71
C MET H 484 -12.77 17.81 16.43
N MET H 485 -13.68 17.89 15.46
CA MET H 485 -13.46 17.22 14.19
C MET H 485 -12.23 17.76 13.49
N TYR H 486 -12.07 19.08 13.48
CA TYR H 486 -10.90 19.71 12.86
C TYR H 486 -9.55 19.41 13.54
N SER H 487 -9.48 19.41 14.87
CA SER H 487 -8.23 19.18 15.56
C SER H 487 -7.80 17.73 15.56
N GLY H 488 -8.72 16.80 15.28
CA GLY H 488 -8.41 15.39 15.28
C GLY H 488 -8.84 14.64 16.52
N GLU H 489 -9.51 15.30 17.46
CA GLU H 489 -9.93 14.64 18.70
C GLU H 489 -11.11 13.69 18.47
N LEU H 490 -12.02 14.07 17.59
CA LEU H 490 -13.21 13.26 17.33
C LEU H 490 -12.91 12.31 16.18
N LYS H 491 -13.07 11.02 16.42
CA LYS H 491 -12.59 9.98 15.53
C LYS H 491 -13.73 9.13 15.01
N PHE H 492 -13.58 8.67 13.77
CA PHE H 492 -14.62 7.98 13.04
C PHE H 492 -14.22 6.52 12.81
N GLU H 493 -15.24 5.69 12.57
CA GLU H 493 -15.04 4.28 12.26
C GLU H 493 -15.88 3.93 11.04
N LYS H 494 -15.29 3.17 10.12
CA LYS H 494 -16.02 2.76 8.94
C LYS H 494 -17.01 1.66 9.27
N ARG H 495 -18.06 1.55 8.45
CA ARG H 495 -19.23 0.73 8.76
C ARG H 495 -19.61 -0.05 7.50
N THR H 496 -19.04 -1.25 7.37
CA THR H 496 -19.34 -2.09 6.22
C THR H 496 -20.80 -2.55 6.26
N MET H 497 -21.22 -3.26 5.22
CA MET H 497 -22.64 -3.60 5.08
C MET H 497 -23.11 -4.49 6.23
N SER H 498 -22.30 -5.47 6.62
CA SER H 498 -22.67 -6.33 7.73
C SER H 498 -22.69 -5.59 9.06
N ALA H 499 -22.14 -4.39 9.12
CA ALA H 499 -22.29 -3.51 10.27
C ALA H 499 -23.44 -2.53 10.10
N GLN H 500 -23.89 -2.30 8.85
CA GLN H 500 -25.07 -1.48 8.61
C GLN H 500 -26.34 -2.24 8.94
N ILE H 501 -26.34 -3.55 8.69
CA ILE H 501 -27.52 -4.36 8.96
C ILE H 501 -27.80 -4.48 10.46
N GLU H 502 -26.92 -3.94 11.30
CA GLU H 502 -27.09 -4.03 12.75
C GLU H 502 -27.85 -2.84 13.33
N GLY H 503 -28.73 -2.25 12.53
CA GLY H 503 -29.64 -1.25 13.05
C GLY H 503 -30.90 -1.91 13.55
N GLY H 504 -32.03 -1.68 12.89
CA GLY H 504 -33.24 -2.42 13.18
C GLY H 504 -33.14 -3.83 12.66
N VAL H 505 -32.29 -4.64 13.31
CA VAL H 505 -31.98 -5.97 12.78
C VAL H 505 -33.26 -6.78 12.59
N HIS H 506 -33.22 -7.71 11.65
CA HIS H 506 -34.41 -8.44 11.23
C HIS H 506 -34.69 -9.64 12.13
N GLY H 507 -34.14 -9.64 13.34
CA GLY H 507 -34.43 -10.72 14.27
C GLY H 507 -35.90 -10.78 14.67
N LEU H 508 -36.63 -9.70 14.46
CA LEU H 508 -38.02 -9.61 14.88
C LEU H 508 -38.96 -10.03 13.74
N HIS H 509 -40.19 -10.36 14.10
CA HIS H 509 -41.19 -10.73 13.12
C HIS H 509 -41.95 -9.50 12.62
N SER H 510 -42.38 -8.65 13.55
CA SER H 510 -43.05 -7.40 13.22
C SER H 510 -42.78 -6.43 14.37
N TYR H 511 -43.01 -5.15 14.14
CA TYR H 511 -42.75 -4.19 15.20
C TYR H 511 -43.37 -2.83 14.88
N THR H 512 -43.32 -1.95 15.88
CA THR H 512 -43.75 -0.57 15.79
C THR H 512 -42.65 0.32 16.37
N PHE H 513 -42.61 1.59 15.94
CA PHE H 513 -41.53 2.47 16.38
C PHE H 513 -41.99 3.39 17.51
N LEU H 514 -43.02 4.20 17.26
CA LEU H 514 -43.51 5.18 18.23
C LEU H 514 -42.37 6.04 18.74
N PRO H 515 -41.85 6.98 17.94
CA PRO H 515 -41.00 8.03 18.50
C PRO H 515 -41.85 9.08 19.19
N PHE H 516 -41.37 9.59 20.32
CA PHE H 516 -42.18 10.51 21.10
C PHE H 516 -42.56 11.74 20.30
N THR H 517 -41.69 12.16 19.37
CA THR H 517 -42.02 13.24 18.45
C THR H 517 -42.48 14.49 19.19
PG GTP I . 25.58 -7.27 49.90
O1G GTP I . 24.16 -7.53 49.49
O2G GTP I . 26.31 -6.31 49.01
O3G GTP I . 26.37 -8.51 50.22
O3B GTP I . 25.46 -6.48 51.28
PB GTP I . 25.18 -4.90 51.31
O1B GTP I . 26.48 -4.20 51.44
O2B GTP I . 24.31 -4.61 50.16
O3A GTP I . 24.31 -4.83 52.63
PA GTP I . 24.70 -4.82 54.15
O1A GTP I . 23.70 -3.99 54.88
O2A GTP I . 26.13 -4.44 54.28
O5' GTP I . 24.44 -6.35 54.51
C5' GTP I . 25.50 -7.29 54.23
C4' GTP I . 26.01 -7.83 55.54
O4' GTP I . 26.97 -8.86 55.26
C3' GTP I . 26.78 -6.84 56.41
O3' GTP I . 26.91 -7.30 57.74
C2' GTP I . 28.14 -6.86 55.72
O2' GTP I . 29.14 -6.36 56.60
C1' GTP I . 28.29 -8.36 55.45
N9 GTP I . 29.07 -8.64 54.26
C8 GTP I . 28.76 -8.36 52.97
N7 GTP I . 29.68 -8.76 52.12
C5 GTP I . 30.66 -9.31 52.92
C6 GTP I . 31.89 -9.89 52.56
O6 GTP I . 32.38 -10.02 51.43
N1 GTP I . 32.59 -10.33 53.68
C2 GTP I . 32.16 -10.23 54.98
N2 GTP I . 32.96 -10.71 55.92
N3 GTP I . 31.00 -9.69 55.32
C4 GTP I . 30.31 -9.26 54.25
PA NAD J . 32.07 -24.61 17.16
O1A NAD J . 32.04 -24.92 18.62
O2A NAD J . 33.25 -25.05 16.37
O5B NAD J . 30.72 -25.16 16.47
C5B NAD J . 30.61 -25.07 15.04
C4B NAD J . 30.82 -26.43 14.42
O4B NAD J . 30.96 -27.42 15.46
C3B NAD J . 29.68 -26.92 13.52
O3B NAD J . 30.21 -27.36 12.28
C2B NAD J . 29.05 -28.04 14.33
O2B NAD J . 28.47 -29.05 13.53
C1B NAD J . 30.27 -28.58 15.05
N9A NAD J . 29.97 -29.39 16.22
C8A NAD J . 29.56 -28.96 17.46
N7A NAD J . 29.40 -29.94 18.31
C5A NAD J . 29.72 -31.07 17.59
C6A NAD J . 29.73 -32.44 17.94
N6A NAD J . 29.41 -32.89 19.14
N1A NAD J . 30.11 -33.32 16.98
C2A NAD J . 30.43 -32.85 15.78
N3A NAD J . 30.45 -31.60 15.34
C4A NAD J . 30.08 -30.75 16.31
O3 NAD J . 31.84 -23.04 16.98
PN NAD J . 32.19 -22.07 15.77
O1N NAD J . 30.98 -21.95 14.92
O2N NAD J . 33.47 -22.51 15.14
O5D NAD J . 32.44 -20.68 16.55
C5D NAD J . 33.47 -20.66 17.56
C4D NAD J . 33.64 -19.26 18.09
O4D NAD J . 33.35 -18.31 17.05
C3D NAD J . 32.71 -18.87 19.25
O3D NAD J . 33.30 -17.88 20.07
C2D NAD J . 31.51 -18.30 18.49
O2D NAD J . 30.69 -17.50 19.32
C1D NAD J . 32.27 -17.47 17.46
N1N NAD J . 31.44 -17.09 16.30
C2N NAD J . 30.38 -16.24 16.51
C3N NAD J . 29.57 -15.88 15.44
C7N NAD J . 28.41 -14.97 15.63
O7N NAD J . 27.27 -15.44 15.59
N7N NAD J . 28.65 -13.67 15.81
C4N NAD J . 29.82 -16.40 14.19
C5N NAD J . 30.88 -17.25 13.99
C6N NAD J . 31.68 -17.60 15.05
P IMP K . 31.50 -6.40 19.55
O1P IMP K . 30.44 -6.26 20.61
O2P IMP K . 32.94 -6.17 19.92
O3P IMP K . 31.15 -5.46 18.42
O5' IMP K . 31.41 -7.89 19.01
C5' IMP K . 31.81 -8.98 19.83
C4' IMP K . 30.92 -10.19 19.62
O4' IMP K . 31.22 -11.05 18.50
C3' IMP K . 30.33 -11.02 20.75
O3' IMP K . 28.91 -10.98 20.69
C2' IMP K . 30.83 -12.43 20.40
O2' IMP K . 30.33 -13.59 21.03
C1' IMP K . 31.14 -12.42 18.89
N9 IMP K . 32.41 -13.05 18.55
C8 IMP K . 33.42 -13.24 19.41
N7 IMP K . 34.41 -13.85 18.74
C5 IMP K . 34.02 -14.03 17.49
C6 IMP K . 34.71 -14.67 16.28
O6 IMP K . 35.81 -15.10 16.41
N1 IMP K . 34.04 -14.74 15.02
C2 IMP K . 32.71 -14.21 14.90
N3 IMP K . 32.05 -13.61 16.05
C4 IMP K . 32.75 -13.54 17.36
PG ATP L . 48.97 -4.73 57.35
O1G ATP L . 49.25 -3.62 58.28
O2G ATP L . 50.08 -4.92 56.36
O3G ATP L . 47.63 -4.61 56.71
PB ATP L . 47.84 -7.14 58.56
O1B ATP L . 48.24 -8.46 58.02
O2B ATP L . 46.52 -6.58 58.21
O3B ATP L . 48.98 -6.05 58.24
PA ATP L . 46.61 -7.28 61.08
O1A ATP L . 46.01 -5.92 61.23
O2A ATP L . 45.79 -8.38 60.53
O3A ATP L . 47.90 -7.17 60.16
O5' ATP L . 47.24 -7.74 62.47
C5' ATP L . 48.30 -6.97 63.06
C4' ATP L . 48.76 -7.67 64.31
O4' ATP L . 47.62 -8.30 64.94
C3' ATP L . 49.77 -8.80 64.08
O3' ATP L . 50.66 -8.94 65.19
C2' ATP L . 48.87 -10.02 63.99
O2' ATP L . 49.61 -11.20 64.28
C1' ATP L . 47.86 -9.68 65.07
N9 ATP L . 46.59 -10.36 64.97
C8 ATP L . 46.00 -10.95 63.89
N7 ATP L . 44.83 -11.48 64.17
C5 ATP L . 44.65 -11.22 65.52
C6 ATP L . 43.61 -11.50 66.42
N6 ATP L . 42.51 -12.18 66.11
N1 ATP L . 43.77 -11.10 67.69
C2 ATP L . 44.89 -10.45 68.03
N3 ATP L . 45.93 -10.11 67.27
C4 ATP L . 45.73 -10.53 66.01
PG GTP M . 44.34 -15.86 49.26
O1G GTP M . 43.47 -16.48 48.19
O2G GTP M . 44.52 -14.38 49.02
O3G GTP M . 45.67 -16.54 49.36
O3B GTP M . 43.69 -16.13 50.72
PB GTP M . 42.31 -16.08 51.52
O1B GTP M . 41.25 -16.81 50.83
O2B GTP M . 42.64 -16.40 52.92
O3A GTP M . 41.76 -14.57 51.42
PA GTP M . 40.93 -13.78 50.32
O1A GTP M . 41.75 -13.52 49.11
O2A GTP M . 39.79 -14.62 49.94
O5' GTP M . 40.40 -12.41 50.94
C5' GTP M . 40.99 -11.90 52.17
C4' GTP M . 42.08 -10.92 51.82
O4' GTP M . 42.98 -10.76 52.95
C3' GTP M . 43.01 -11.33 50.68
O3' GTP M . 42.46 -10.88 49.45
C2' GTP M . 44.33 -10.63 51.03
O2' GTP M . 44.72 -9.69 50.07
C1' GTP M . 43.94 -9.93 52.32
N9 GTP M . 45.11 -9.75 53.16
C8 GTP M . 45.85 -10.68 53.83
N7 GTP M . 46.87 -10.15 54.49
C5 GTP M . 46.78 -8.80 54.21
C6 GTP M . 47.59 -7.72 54.62
O6 GTP M . 48.59 -7.74 55.34
N1 GTP M . 47.15 -6.51 54.09
C2 GTP M . 46.06 -6.34 53.28
N2 GTP M . 45.79 -5.10 52.87
N3 GTP M . 45.29 -7.35 52.89
C4 GTP M . 45.70 -8.54 53.38
PG GTP N . 36.15 -41.91 -11.60
O1G GTP N . 34.64 -41.89 -11.60
O2G GTP N . 36.78 -40.82 -10.77
O3G GTP N . 36.77 -42.07 -12.95
O3B GTP N . 36.52 -43.24 -10.78
PB GTP N . 36.54 -43.26 -9.19
O1B GTP N . 37.92 -43.02 -8.72
O2B GTP N . 35.45 -42.36 -8.75
O3A GTP N . 36.06 -44.75 -8.95
PA GTP N . 36.84 -46.14 -9.02
O1A GTP N . 36.22 -47.05 -8.03
O2A GTP N . 38.29 -45.86 -8.91
O5' GTP N . 36.42 -46.60 -10.49
C5' GTP N . 37.19 -46.11 -11.60
C4' GTP N . 37.94 -47.26 -12.22
O4' GTP N . 38.61 -46.79 -13.40
C3' GTP N . 39.07 -47.86 -11.37
O3' GTP N . 39.46 -49.13 -11.84
C2' GTP N . 40.19 -46.86 -11.63
O2' GTP N . 41.43 -47.43 -11.32
C1' GTP N . 40.00 -46.63 -13.13
N9 GTP N . 40.38 -45.29 -13.56
C8 GTP N . 39.79 -44.10 -13.23
N7 GTP N . 40.38 -43.06 -13.78
C5 GTP N . 41.42 -43.62 -14.50
C6 GTP N . 42.40 -42.99 -15.29
O6 GTP N . 42.54 -41.78 -15.52
N1 GTP N . 43.27 -43.91 -15.85
C2 GTP N . 43.22 -45.27 -15.68
N2 GTP N . 44.15 -45.99 -16.30
N3 GTP N . 42.30 -45.87 -14.93
C4 GTP N . 41.44 -44.98 -14.38
PA NAD O . 30.79 -9.46 -29.87
O1A NAD O . 31.12 -10.87 -30.19
O2A NAD O . 31.61 -8.38 -30.51
O5B NAD O . 29.24 -9.19 -30.14
C5B NAD O . 28.76 -7.82 -30.05
C4B NAD O . 28.56 -7.26 -31.43
O4B NAD O . 28.78 -8.29 -32.42
C3B NAD O . 27.16 -6.70 -31.71
O3B NAD O . 27.26 -5.40 -32.25
C2B NAD O . 26.58 -7.70 -32.71
O2B NAD O . 25.65 -7.13 -33.60
C1B NAD O . 27.83 -8.12 -33.43
N9A NAD O . 27.71 -9.36 -34.19
C8A NAD O . 27.71 -10.64 -33.70
N7A NAD O . 27.60 -11.55 -34.64
C5A NAD O . 27.53 -10.82 -35.80
C6A NAD O . 27.40 -11.21 -37.15
N6A NAD O . 27.32 -12.47 -37.55
N1A NAD O . 27.35 -10.23 -38.08
C2A NAD O . 27.43 -8.96 -37.67
N3A NAD O . 27.55 -8.48 -36.45
C4A NAD O . 27.59 -9.47 -35.54
O3 NAD O . 30.83 -9.27 -28.28
PN NAD O . 30.98 -7.97 -27.36
O1N NAD O . 29.61 -7.49 -27.06
O2N NAD O . 31.94 -7.04 -28.01
O5D NAD O . 31.65 -8.60 -26.04
C5D NAD O . 32.91 -9.28 -26.18
C4D NAD O . 33.42 -9.70 -24.83
O4D NAD O . 33.04 -8.72 -23.85
C3D NAD O . 32.89 -11.03 -24.30
O3D NAD O . 33.82 -11.65 -23.43
C2D NAD O . 31.66 -10.58 -23.53
O2D NAD O . 31.20 -11.56 -22.61
C1D NAD O . 32.25 -9.36 -22.84
N1N NAD O . 31.22 -8.44 -22.33
C2N NAD O . 30.40 -8.87 -21.30
C3N NAD O . 29.41 -8.04 -20.82
C7N NAD O . 28.51 -8.47 -19.73
O7N NAD O . 27.33 -8.74 -20.00
N7N NAD O . 28.99 -8.55 -18.49
C4N NAD O . 29.22 -6.79 -21.38
C5N NAD O . 30.04 -6.37 -22.41
C6N NAD O . 31.03 -7.20 -22.88
P IMP P . 33.96 -11.06 -11.83
O1P IMP P . 33.27 -12.35 -11.49
O2P IMP P . 35.46 -11.03 -11.88
O3P IMP P . 33.50 -10.02 -10.84
O5' IMP P . 33.47 -10.64 -13.28
C5' IMP P . 33.88 -11.37 -14.43
C4' IMP P . 32.77 -11.45 -15.46
O4' IMP P . 32.63 -10.33 -16.37
C3' IMP P . 32.37 -12.73 -16.18
O3' IMP P . 31.00 -13.03 -15.89
C2' IMP P . 32.52 -12.34 -17.64
O2' IMP P . 32.01 -13.13 -18.71
C1' IMP P . 32.42 -10.80 -17.69
N9 IMP P . 33.41 -10.18 -18.55
C8 IMP P . 34.58 -10.76 -18.91
N7 IMP P . 35.25 -9.89 -19.69
C5 IMP P . 34.50 -8.78 -19.80
C6 IMP P . 34.74 -7.47 -20.55
O6 IMP P . 35.74 -7.33 -21.17
N1 IMP P . 33.77 -6.43 -20.51
C2 IMP P . 32.56 -6.63 -19.75
N3 IMP P . 32.33 -7.89 -19.04
C4 IMP P . 33.36 -8.96 -19.09
PG ATP Q . 60.74 -42.95 -13.21
O1G ATP Q . 61.44 -43.73 -12.16
O2G ATP Q . 61.48 -41.71 -13.59
O3G ATP Q . 59.32 -42.69 -12.86
PB ATP Q . 59.59 -44.51 -15.40
O1B ATP Q . 59.64 -43.97 -16.78
O2B ATP Q . 58.32 -44.47 -14.65
O3B ATP Q . 60.76 -43.86 -14.51
PA ATP Q . 59.05 -47.27 -15.29
O1A ATP Q . 58.73 -47.49 -13.85
O2A ATP Q . 57.92 -47.03 -16.23
O3A ATP Q . 60.05 -46.04 -15.42
O5' ATP Q . 59.93 -48.48 -15.83
C5' ATP Q . 61.21 -48.75 -15.24
C4' ATP Q . 61.87 -49.84 -16.02
O4' ATP Q . 60.86 -50.79 -16.45
C3' ATP Q . 62.57 -49.39 -17.31
O3' ATP Q . 63.70 -50.19 -17.61
C2' ATP Q . 61.49 -49.64 -18.36
O2' ATP Q . 62.08 -49.79 -19.63
C1' ATP Q . 60.89 -50.93 -17.85
N9 ATP Q . 59.54 -51.19 -18.28
C8 ATP Q . 58.57 -50.33 -18.74
N7 ATP Q . 57.45 -50.93 -19.05
C5 ATP Q . 57.70 -52.27 -18.77
C6 ATP Q . 56.91 -53.43 -18.88
N6 ATP Q . 55.66 -53.45 -19.34
N1 ATP Q . 57.49 -54.60 -18.53
C2 ATP Q . 58.75 -54.59 -18.10
N3 ATP Q . 59.57 -53.57 -17.95
C4 ATP Q . 58.98 -52.43 -18.31
PG GTP R . 52.31 -36.85 -23.35
O1G GTP R . 51.10 -36.07 -23.80
O2G GTP R . 52.68 -36.49 -21.93
O3G GTP R . 53.48 -36.64 -24.26
O3B GTP R . 52.05 -38.45 -23.49
PB GTP R . 50.97 -39.59 -23.20
O1B GTP R . 49.66 -39.25 -23.76
O2B GTP R . 51.63 -40.85 -23.60
O3A GTP R . 50.65 -39.58 -21.65
PA GTP R . 49.73 -38.67 -20.72
O1A GTP R . 50.24 -37.28 -20.63
O2A GTP R . 48.39 -38.63 -21.34
O5' GTP R . 49.61 -39.33 -19.26
C5' GTP R . 50.57 -40.35 -18.85
C4' GTP R . 51.69 -39.69 -18.10
O4' GTP R . 52.85 -40.54 -18.10
C3' GTP R . 52.19 -38.36 -18.67
O3' GTP R . 51.44 -37.29 -18.13
C2' GTP R . 53.65 -38.33 -18.21
O2' GTP R . 53.94 -37.26 -17.34
C1' GTP R . 53.75 -39.64 -17.45
N9 GTP R . 55.11 -40.15 -17.49
C8 GTP R . 55.84 -40.63 -18.54
N7 GTP R . 57.05 -40.98 -18.21
C5 GTP R . 57.14 -40.67 -16.85
C6 GTP R . 58.22 -40.82 -15.95
O6 GTP R . 59.35 -41.25 -16.17
N1 GTP R . 57.87 -40.36 -14.68
C2 GTP R . 56.65 -39.85 -14.31
N2 GTP R . 56.51 -39.48 -13.04
N3 GTP R . 55.64 -39.73 -15.16
C4 GTP R . 55.95 -40.15 -16.40
PG GTP S . 24.16 18.49 -47.67
O1G GTP S . 22.73 18.11 -47.39
O2G GTP S . 25.15 17.90 -46.70
O3G GTP S . 24.37 19.95 -47.93
O3B GTP S . 24.50 17.74 -49.04
PB GTP S . 24.93 16.21 -49.06
O1B GTP S . 26.41 16.12 -49.08
O2B GTP S . 24.17 15.54 -47.99
O3A GTP S . 24.29 15.78 -50.45
PA GTP S . 24.77 15.97 -51.95
O1A GTP S . 24.29 14.81 -52.73
O2A GTP S . 26.23 16.24 -51.93
O5' GTP S . 23.92 17.26 -52.34
C5' GTP S . 24.44 18.55 -52.00
C4' GTP S . 24.79 19.29 -53.26
O4' GTP S . 25.19 20.63 -52.92
C3' GTP S . 25.98 18.73 -54.04
O3' GTP S . 26.02 19.23 -55.37
C2' GTP S . 27.15 19.32 -53.25
O2' GTP S . 28.32 19.31 -54.03
C1' GTP S . 26.61 20.73 -52.99
N9 GTP S . 27.09 21.31 -51.75
C8 GTP S . 26.82 20.90 -50.47
N7 GTP S . 27.40 21.62 -49.56
C5 GTP S . 28.12 22.56 -50.29
C6 GTP S . 28.95 23.61 -49.84
O6 GTP S . 29.23 23.92 -48.68
N1 GTP S . 29.47 24.33 -50.91
C2 GTP S . 29.24 24.08 -52.22
N2 GTP S . 29.84 24.88 -53.11
N3 GTP S . 28.45 23.10 -52.66
C4 GTP S . 27.93 22.39 -51.63
PA NAD T . 19.81 36.32 -14.80
O1A NAD T . 19.79 36.66 -16.25
O2A NAD T . 20.59 37.19 -13.87
O5B NAD T . 18.30 36.18 -14.27
C5B NAD T . 18.09 36.03 -12.85
C4B NAD T . 17.64 37.34 -12.25
O4B NAD T . 17.42 38.31 -13.30
C3B NAD T . 16.33 37.28 -11.46
O3B NAD T . 16.51 37.89 -10.19
C2B NAD T . 15.35 38.04 -12.34
O2B NAD T . 14.33 38.69 -11.62
C1B NAD T . 16.29 39.05 -12.97
N9A NAD T . 15.77 39.68 -14.18
C8A NAD T . 15.69 39.15 -15.43
N7A NAD T . 15.18 39.96 -16.32
C5A NAD T . 14.92 41.12 -15.60
C6A NAD T . 14.38 42.36 -15.97
N6A NAD T . 14.00 42.66 -17.20
N1A NAD T . 14.26 43.30 -15.01
C2A NAD T . 14.65 43.00 -13.76
N3A NAD T . 15.17 41.87 -13.30
C4A NAD T . 15.28 40.96 -14.28
O3 NAD T . 20.29 34.80 -14.64
PN NAD T . 20.88 34.00 -13.39
O1N NAD T . 19.73 33.38 -12.69
O2N NAD T . 21.78 34.91 -12.61
O5D NAD T . 21.76 32.88 -14.11
C5D NAD T . 22.82 33.32 -15.01
C4D NAD T . 23.59 32.13 -15.50
O4D NAD T . 23.65 31.13 -14.47
C3D NAD T . 23.01 31.42 -16.72
O3D NAD T . 24.02 30.78 -17.49
C2D NAD T . 22.11 30.37 -16.05
O2D NAD T . 21.76 29.32 -16.94
C1D NAD T . 23.06 29.92 -14.96
N1N NAD T . 22.37 29.21 -13.86
C2N NAD T . 21.79 28.00 -14.15
C3N NAD T . 21.12 27.32 -13.15
C7N NAD T . 20.47 26.01 -13.41
O7N NAD T . 19.23 25.96 -13.47
N7N NAD T . 21.24 24.93 -13.57
C4N NAD T . 21.02 27.86 -11.88
C5N NAD T . 21.60 29.08 -11.61
C6N NAD T . 22.27 29.76 -12.60
P IMP U . 27.28 19.64 -16.92
O1P IMP U . 26.51 19.06 -18.08
O2P IMP U . 28.70 20.09 -17.15
O3P IMP U . 27.30 18.62 -15.82
O5' IMP U . 26.49 20.92 -16.44
C5' IMP U . 26.47 22.11 -17.22
C4' IMP U . 25.14 22.82 -17.10
O4' IMP U . 24.95 23.72 -15.98
C3' IMP U . 24.35 23.35 -18.29
O3' IMP U . 23.07 22.71 -18.34
C2' IMP U . 24.18 24.83 -17.94
O2' IMP U . 23.28 25.69 -18.62
C1' IMP U . 24.32 24.91 -16.40
N9 IMP U . 25.15 26.03 -15.96
C8 IMP U . 26.06 26.65 -16.73
N7 IMP U . 26.63 27.62 -15.98
C5 IMP U . 26.09 27.59 -14.77
C6 IMP U . 26.34 28.43 -13.53
O6 IMP U . 27.14 29.30 -13.56
N1 IMP U . 25.59 28.18 -12.34
C2 IMP U . 24.61 27.14 -12.32
N3 IMP U . 24.38 26.32 -13.51
C4 IMP U . 25.15 26.60 -14.75
PG ATP V . 46.92 26.34 -53.05
O1G ATP V . 47.72 25.47 -53.93
O2G ATP V . 47.73 26.97 -51.98
O3G ATP V . 45.70 25.66 -52.53
PB ATP V . 44.98 28.07 -54.40
O1B ATP V . 44.76 29.44 -53.85
O2B ATP V . 43.98 27.02 -54.14
O3B ATP V . 46.43 27.56 -53.97
PA ATP V . 44.03 27.69 -57.02
O1A ATP V . 44.10 26.21 -57.18
O2A ATP V . 42.75 28.30 -56.59
O3A ATP V . 45.14 28.16 -55.98
O5' ATP V . 44.52 28.39 -58.37
C5' ATP V . 45.85 28.14 -58.85
C4' ATP V . 46.10 29.01 -60.05
O4' ATP V . 44.86 29.12 -60.81
C3' ATP V . 46.50 30.45 -59.74
O3' ATP V . 47.35 30.99 -60.73
C2' ATP V . 45.16 31.19 -59.78
O2' ATP V . 45.37 32.55 -60.04
C1' ATP V . 44.49 30.46 -60.93
N9 ATP V . 43.05 30.52 -60.94
C8 ATP V . 42.18 30.75 -59.91
N7 ATP V . 40.93 30.73 -60.29
C5 ATP V . 40.98 30.47 -61.65
C6 ATP V . 39.98 30.31 -62.63
N6 ATP V . 38.68 30.43 -62.40
N1 ATP V . 40.40 30.06 -63.88
C2 ATP V . 41.70 29.97 -64.13
N3 ATP V . 42.72 30.09 -63.29
C4 ATP V . 42.28 30.34 -62.06
PG GTP W . 37.28 34.24 -45.56
O1G GTP W . 36.14 34.40 -44.60
O2G GTP W . 38.07 32.97 -45.27
O3G GTP W . 38.20 35.44 -45.56
O3B GTP W . 36.73 34.23 -47.09
PB GTP W . 35.58 33.63 -48.03
O1B GTP W . 34.25 33.83 -47.45
O2B GTP W . 35.89 34.12 -49.39
O3A GTP W . 35.70 32.03 -47.96
PA GTP W . 35.22 30.95 -46.90
O1A GTP W . 35.97 31.06 -45.63
O2A GTP W . 33.79 31.21 -46.63
O5' GTP W . 35.37 29.48 -47.53
C5' GTP W . 36.21 29.29 -48.70
C4' GTP W . 37.59 28.87 -48.24
O4' GTP W . 38.56 29.13 -49.29
C3' GTP W . 38.15 29.62 -47.03
O3' GTP W . 37.76 28.95 -45.85
C2' GTP W . 39.66 29.55 -47.26
O2' GTP W . 40.35 28.84 -46.25
C1' GTP W . 39.72 28.78 -48.57
N9 GTP W . 40.92 29.15 -49.30
C8 GTP W . 41.25 30.32 -49.92
N7 GTP W . 42.43 30.29 -50.48
C5 GTP W . 42.93 29.03 -50.18
C6 GTP W . 44.17 28.42 -50.50
O6 GTP W . 45.12 28.90 -51.14
N1 GTP W . 44.25 27.13 -50.00
C2 GTP W . 43.27 26.50 -49.28
N2 GTP W . 43.53 25.25 -48.87
N3 GTP W . 42.11 27.05 -48.97
C4 GTP W . 42.01 28.31 -49.45
PG GTP X . 13.60 53.13 13.81
O1G GTP X . 12.25 52.47 13.69
O2G GTP X . 14.70 52.41 13.07
O3G GTP X . 13.97 53.50 15.22
O3B GTP X . 13.44 54.50 13.02
PB GTP X . 13.59 54.56 11.43
O1B GTP X . 14.96 54.94 11.09
O2B GTP X . 13.02 53.29 10.92
O3A GTP X . 12.53 55.71 11.13
PA GTP X . 12.63 57.29 11.23
O1A GTP X . 11.77 57.86 10.18
O2A GTP X . 14.07 57.66 11.24
O5' GTP X . 11.94 57.50 12.65
C5' GTP X . 12.75 57.37 13.83
C4' GTP X . 12.87 58.72 14.49
O4' GTP X . 13.57 58.55 15.74
C3' GTP X . 13.70 59.75 13.74
O3' GTP X . 13.46 61.06 14.21
C2' GTP X . 15.11 59.31 14.10
O2' GTP X . 16.02 60.38 13.89
C1' GTP X . 14.91 59.00 15.59
N9 GTP X . 15.79 57.95 16.08
C8 GTP X . 15.81 56.63 15.73
N7 GTP X . 16.73 55.94 16.33
C5 GTP X . 17.37 56.87 17.14
C6 GTP X . 18.45 56.70 18.03
O6 GTP X . 19.08 55.66 18.28
N1 GTP X . 18.79 57.89 18.64
C2 GTP X . 18.18 59.10 18.43
N2 GTP X . 18.64 60.15 19.11
N3 GTP X . 17.15 59.27 17.60
C4 GTP X . 16.81 58.11 16.99
PA NAD Y . 21.07 21.14 32.18
O1A NAD Y . 20.74 22.55 32.51
O2A NAD Y . 22.20 20.49 32.91
O5B NAD Y . 19.76 20.23 32.30
C5B NAD Y . 19.91 18.80 32.20
C4B NAD Y . 19.89 18.19 33.58
O4B NAD Y . 19.56 19.21 34.57
C3B NAD Y . 18.87 17.07 33.78
O3B NAD Y . 19.49 15.94 34.37
C2B NAD Y . 17.83 17.69 34.72
O2B NAD Y . 17.18 16.76 35.54
C1B NAD Y . 18.73 18.61 35.52
N9A NAD Y . 18.02 19.66 36.25
C8A NAD Y . 17.51 20.83 35.75
N7A NAD Y . 16.94 21.58 36.65
C5A NAD Y . 17.08 20.86 37.83
C6A NAD Y . 16.69 21.11 39.15
N6A NAD Y . 16.04 22.20 39.52
N1A NAD Y . 17.00 20.18 40.08
C2A NAD Y . 17.64 19.08 39.69
N3A NAD Y . 18.06 18.73 38.48
C4A NAD Y . 17.75 19.67 37.59
O3 NAD Y . 21.34 21.03 30.61
PN NAD Y . 22.14 19.96 29.75
O1N NAD Y . 21.16 18.91 29.32
O2N NAD Y . 23.35 19.53 30.51
O5D NAD Y . 22.58 20.83 28.49
C5D NAD Y . 23.40 22.00 28.73
C4D NAD Y . 23.81 22.60 27.41
O4D NAD Y . 23.96 21.57 26.41
C3D NAD Y . 22.82 23.60 26.80
O3D NAD Y . 23.48 24.56 25.99
C2D NAD Y . 21.95 22.68 25.94
O2D NAD Y . 21.21 23.38 24.96
C1D NAD Y . 23.07 21.83 25.33
N1N NAD Y . 22.58 20.57 24.75
C2N NAD Y . 21.75 20.64 23.66
C3N NAD Y . 21.26 19.47 23.09
C7N NAD Y . 20.34 19.50 21.92
O7N NAD Y . 19.14 19.26 22.10
N7N NAD Y . 20.85 19.76 20.73
C4N NAD Y . 21.58 18.25 23.66
C5N NAD Y . 22.41 18.19 24.75
C6N NAD Y . 22.91 19.35 25.29
P IMP Z . 24.81 24.32 14.47
O1P IMP Z . 23.65 25.18 14.03
O2P IMP Z . 26.15 24.95 14.66
O3P IMP Z . 24.96 23.20 13.47
O5' IMP Z . 24.41 23.69 15.88
C5' IMP Z . 24.38 24.51 17.04
C4' IMP Z . 23.27 24.09 17.98
O4' IMP Z . 23.54 23.00 18.89
C3' IMP Z . 22.30 25.06 18.64
O3' IMP Z . 20.96 24.74 18.24
C2' IMP Z . 22.48 24.73 20.13
O2' IMP Z . 21.60 25.21 21.13
C1' IMP Z . 23.04 23.30 20.18
N9 IMP Z . 24.14 23.15 21.14
C8 IMP Z . 24.90 24.15 21.58
N7 IMP Z . 25.81 23.63 22.43
C5 IMP Z . 25.60 22.32 22.50
C6 IMP Z . 26.31 21.22 23.29
O6 IMP Z . 27.22 21.50 24.00
N1 IMP Z . 25.88 19.86 23.17
C2 IMP Z . 24.77 19.54 22.32
N3 IMP Z . 24.10 20.59 21.56
C4 IMP Z . 24.55 22.01 21.69
PG ATP AA . 35.15 64.55 17.50
O1G ATP AA . 35.53 65.56 16.49
O2G ATP AA . 36.32 63.76 17.98
O3G ATP AA . 34.01 63.70 17.06
PB ATP AA . 33.26 65.44 19.56
O1B ATP AA . 33.44 64.93 20.95
O2B ATP AA . 32.20 64.87 18.71
O3B ATP AA . 34.66 65.37 18.79
PA ATP AA . 31.59 67.70 19.35
O1A ATP AA . 31.34 67.78 17.90
O2A ATP AA . 30.61 66.97 20.21
O3A ATP AA . 33.01 67.01 19.60
O5' ATP AA . 31.81 69.16 19.95
C5' ATP AA . 32.90 69.96 19.45
C4' ATP AA . 32.97 71.21 20.27
O4' ATP AA . 31.61 71.64 20.60
C3' ATP AA . 33.68 71.07 21.62
O3' ATP AA . 34.33 72.27 22.00
C2' ATP AA . 32.52 70.81 22.58
O2' ATP AA . 32.88 71.18 23.88
C1' ATP AA . 31.46 71.73 21.99
N9 ATP AA . 30.10 71.38 22.30
C8 ATP AA . 29.57 70.18 22.69
N7 ATP AA . 28.28 70.23 22.90
C5 ATP AA . 27.94 71.56 22.62
C6 ATP AA . 26.71 72.26 22.63
N6 ATP AA . 25.56 71.73 22.98
N1 ATP AA . 26.76 73.56 22.31
C2 ATP AA . 27.94 74.11 21.99
N3 ATP AA . 29.13 73.56 21.93
C4 ATP AA . 29.06 72.26 22.26
PG GTP BA . 29.29 55.22 27.02
O1G GTP BA . 28.48 54.00 27.38
O2G GTP BA . 29.91 55.08 25.64
O3G GTP BA . 30.36 55.50 28.04
O3B GTP BA . 28.37 56.56 27.11
PB GTP BA . 26.93 57.13 26.72
O1B GTP BA . 25.84 56.23 27.15
O2B GTP BA . 26.95 58.54 27.15
O3A GTP BA . 26.77 57.03 25.13
PA GTP BA . 26.42 55.83 24.14
O1A GTP BA . 27.48 54.79 24.12
O2A GTP BA . 25.19 55.21 24.65
O5' GTP BA . 26.15 56.40 22.67
C5' GTP BA . 26.61 57.73 22.33
C4' GTP BA . 27.97 57.63 21.68
O4' GTP BA . 28.66 58.89 21.75
C3' GTP BA . 28.94 56.64 22.31
O3' GTP BA . 28.77 55.35 21.73
C2' GTP BA . 30.31 57.24 21.97
O2' GTP BA . 31.10 56.41 21.14
C1' GTP BA . 29.90 58.49 21.20
N9 GTP BA . 30.90 59.52 21.35
C8 GTP BA . 31.27 60.24 22.45
N7 GTP BA . 32.24 61.09 22.22
C5 GTP BA . 32.56 60.87 20.88
C6 GTP BA . 33.55 61.48 20.07
O6 GTP BA . 34.36 62.35 20.37
N1 GTP BA . 33.54 60.96 18.78
C2 GTP BA . 32.69 59.98 18.32
N2 GTP BA . 32.82 59.61 17.05
N3 GTP BA . 31.76 59.41 19.07
C4 GTP BA . 31.76 59.90 20.34
PG GTP CA . -27.95 17.03 -46.12
O1G GTP CA . -26.49 17.17 -45.76
O2G GTP CA . -28.86 16.80 -44.93
O3G GTP CA . -28.21 16.10 -47.26
O3B GTP CA . -28.37 18.48 -46.62
PB GTP CA . -28.77 19.64 -45.59
O1B GTP CA . -30.23 19.66 -45.44
O2B GTP CA . -27.91 19.44 -44.41
O3A GTP CA . -28.20 20.89 -46.39
PA GTP CA . -28.80 21.72 -47.61
O1A GTP CA . -28.34 23.12 -47.46
O2A GTP CA . -30.26 21.47 -47.67
O5' GTP CA . -28.01 21.04 -48.81
C5' GTP CA . -28.54 19.83 -49.37
C4' GTP CA . -29.00 20.10 -50.78
O4' GTP CA . -29.41 18.86 -51.37
C3' GTP CA . -30.22 21.00 -50.91
O3' GTP CA . -30.37 21.51 -52.22
C2' GTP CA . -31.35 20.01 -50.62
O2' GTP CA . -32.57 20.50 -51.12
C1' GTP CA . -30.83 18.80 -51.40
N9 GTP CA . -31.24 17.53 -50.82
C8 GTP CA . -30.88 16.99 -49.62
N7 GTP CA . -31.42 15.83 -49.37
C5 GTP CA . -32.19 15.59 -50.50
C6 GTP CA . -33.02 14.48 -50.80
O6 GTP CA . -33.23 13.48 -50.11
N1 GTP CA . -33.63 14.63 -52.03
C2 GTP CA . -33.49 15.71 -52.87
N2 GTP CA . -34.16 15.67 -54.02
N3 GTP CA . -32.71 16.75 -52.59
C4 GTP CA . -32.10 16.62 -51.39
PA NAD DA . -21.60 -17.83 -33.59
O1A NAD DA . -22.00 -17.08 -34.82
O2A NAD DA . -22.19 -19.19 -33.40
O5B NAD DA . -20.02 -17.92 -33.51
C5B NAD DA . -19.38 -18.52 -32.35
C4B NAD DA . -19.37 -20.01 -32.50
O4B NAD DA . -19.40 -20.37 -33.90
C3B NAD DA . -18.13 -20.72 -31.94
O3B NAD DA . -18.46 -22.00 -31.43
C2B NAD DA . -17.23 -20.80 -33.17
O2B NAD DA . -16.26 -21.82 -33.10
C1B NAD DA . -18.27 -21.13 -34.23
N9A NAD DA . -17.85 -20.81 -35.58
C8A NAD DA . -17.84 -19.58 -36.18
N7A NAD DA . -17.41 -19.61 -37.42
C5A NAD DA . -17.13 -20.95 -37.65
C6A NAD DA . -16.64 -21.62 -38.77
N6A NAD DA . -16.34 -21.03 -39.92
N1A NAD DA . -16.47 -22.96 -38.66
C2A NAD DA . -16.77 -23.55 -37.51
N3A NAD DA . -17.22 -23.02 -36.39
C4A NAD DA . -17.39 -21.69 -36.52
O3 NAD DA . -21.93 -16.93 -32.32
PN NAD DA . -22.67 -17.26 -30.95
O1N NAD DA . -21.65 -17.36 -29.87
O2N NAD DA . -23.58 -18.42 -31.16
O5D NAD DA . -23.55 -15.93 -30.74
C5D NAD DA . -24.65 -15.69 -31.65
C4D NAD DA . -25.44 -14.49 -31.19
O4D NAD DA . -25.42 -14.42 -29.75
C3D NAD DA . -24.93 -13.13 -31.67
O3D NAD DA . -25.98 -12.18 -31.75
C2D NAD DA . -23.97 -12.76 -30.54
O2D NAD DA . -23.67 -11.38 -30.52
C1D NAD DA . -24.84 -13.18 -29.36
N1N NAD DA . -24.07 -13.34 -28.12
C2N NAD DA . -23.50 -12.22 -27.56
C3N NAD DA . -22.75 -12.35 -26.40
C7N NAD DA . -22.10 -11.16 -25.76
O7N NAD DA . -20.88 -11.01 -25.88
N7N NAD DA . -22.86 -10.32 -25.08
C4N NAD DA . -22.56 -13.59 -25.83
C5N NAD DA . -23.14 -14.70 -26.40
C6N NAD DA . -23.88 -14.58 -27.54
P IMP EA . -28.91 -4.25 -23.72
O1P IMP EA . -30.35 -4.45 -24.10
O2P IMP EA . -28.18 -3.04 -24.23
O3P IMP EA . -28.83 -4.23 -22.20
O5' IMP EA . -28.13 -5.53 -24.24
C5' IMP EA . -28.19 -5.89 -25.62
C4' IMP EA . -26.87 -6.46 -26.09
O4' IMP EA . -26.64 -7.87 -25.85
C3' IMP EA . -26.18 -6.05 -27.39
O3' IMP EA . -24.90 -5.51 -27.10
C2' IMP EA . -26.03 -7.40 -28.11
O2' IMP EA . -25.21 -7.57 -29.25
C1' IMP EA . -26.07 -8.47 -27.01
N9 IMP EA . -26.90 -9.63 -27.36
C8 IMP EA . -27.87 -9.60 -28.28
N7 IMP EA . -28.43 -10.83 -28.32
C5 IMP EA . -27.80 -11.60 -27.44
C6 IMP EA . -27.98 -13.06 -27.04
O6 IMP EA . -28.82 -13.71 -27.58
N1 IMP EA . -27.16 -13.64 -26.04
C2 IMP EA . -26.14 -12.84 -25.40
N3 IMP EA . -25.97 -11.44 -25.78
C4 IMP EA . -26.84 -10.84 -26.83
PG ATP FA . -51.24 14.09 -53.71
O1G ATP FA . -52.08 15.31 -53.72
O2G ATP FA . -52.00 12.89 -53.26
O3G ATP FA . -49.97 14.28 -52.96
PB ATP FA . -49.46 13.72 -56.00
O1B ATP FA . -49.25 12.35 -56.52
O2B ATP FA . -48.41 14.36 -55.18
O3B ATP FA . -50.86 13.80 -55.23
PA ATP FA . -48.67 15.77 -57.78
O1A ATP FA . -48.68 16.97 -56.91
O2A ATP FA . -47.39 15.03 -57.96
O3A ATP FA . -49.73 14.71 -57.22
O5' ATP FA . -49.26 16.13 -59.21
C5' ATP FA . -50.61 16.61 -59.30
C4' ATP FA . -50.96 16.73 -60.76
O4' ATP FA . -49.79 17.19 -61.49
C3' ATP FA . -51.38 15.43 -61.44
O3' ATP FA . -52.32 15.65 -62.48
C2' ATP FA . -50.07 14.94 -62.05
O2' ATP FA . -50.33 14.09 -63.14
C1' ATP FA . -49.47 16.28 -62.51
N9 ATP FA . -48.03 16.28 -62.66
C8 ATP FA . -47.09 15.45 -62.11
N7 ATP FA . -45.87 15.76 -62.48
C5 ATP FA . -46.03 16.85 -63.31
C6 ATP FA . -45.12 17.65 -64.03
N6 ATP FA . -43.81 17.47 -64.05
N1 ATP FA . -45.63 18.66 -64.77
C2 ATP FA . -46.96 18.84 -64.78
N3 ATP FA . -47.90 18.17 -64.15
C4 ATP FA . -47.36 17.17 -63.43
PG GTP GA . -41.30 3.46 -54.03
O1G GTP GA . -40.09 2.74 -53.50
O2G GTP GA . -42.03 4.19 -52.93
O3G GTP GA . -42.23 2.53 -54.76
O3B GTP GA . -40.86 4.49 -55.21
PB GTP GA . -39.77 5.59 -55.59
O1B GTP GA . -38.39 5.09 -55.39
O2B GTP GA . -40.17 6.11 -56.91
O3A GTP GA . -39.82 6.75 -54.49
PA GTP GA . -39.25 6.87 -53.01
O1A GTP GA . -39.91 5.93 -52.09
O2A GTP GA . -37.82 6.53 -53.08
O5' GTP GA . -39.41 8.38 -52.49
C5' GTP GA . -40.33 9.27 -53.18
C4' GTP GA . -41.65 9.25 -52.47
O4' GTP GA . -42.70 9.72 -53.34
C3' GTP GA . -42.14 7.88 -52.02
O3' GTP GA . -41.65 7.60 -50.71
C2' GTP GA . -43.67 8.04 -52.02
O2' GTP GA . -44.26 7.89 -50.75
C1' GTP GA . -43.81 9.48 -52.49
N9 GTP GA . -45.06 9.65 -53.20
C8 GTP GA . -45.47 9.16 -54.40
N7 GTP GA . -46.68 9.52 -54.72
C5 GTP GA . -47.12 10.27 -53.63
C6 GTP GA . -48.36 10.91 -53.39
O6 GTP GA . -49.36 10.93 -54.11
N1 GTP GA . -48.37 11.54 -52.15
C2 GTP GA . -47.33 11.57 -51.26
N2 GTP GA . -47.52 12.24 -50.13
N3 GTP GA . -46.16 10.98 -51.48
C4 GTP GA . -46.13 10.34 -52.68
PG GTP HA . -14.00 -49.33 -23.85
O1G GTP HA . -12.66 -48.71 -23.59
O2G GTP HA . -15.13 -48.33 -23.85
O3G GTP HA . -14.29 -50.55 -23.02
O3B GTP HA . -13.94 -49.82 -25.37
PB GTP HA . -14.20 -48.82 -26.58
O1B GTP HA . -15.61 -48.91 -26.98
O2B GTP HA . -13.64 -47.51 -26.16
O3A GTP HA . -13.20 -49.45 -27.64
PA GTP HA . -13.34 -50.70 -28.60
O1A GTP HA . -12.57 -50.41 -29.84
O2A GTP HA . -14.77 -51.03 -28.74
O5' GTP HA . -12.54 -51.79 -27.75
C5' GTP HA . -13.27 -52.49 -26.71
C4' GTP HA . -13.38 -53.94 -27.10
O4' GTP HA . -13.98 -54.66 -26.01
C3' GTP HA . -14.29 -54.24 -28.29
O3' GTP HA . -14.06 -55.53 -28.81
C2' GTP HA . -15.65 -54.19 -27.62
O2' GTP HA . -16.60 -54.86 -28.41
C1' GTP HA . -15.34 -54.93 -26.32
N9 GTP HA . -16.16 -54.48 -25.21
C8 GTP HA . -16.15 -53.26 -24.60
N7 GTP HA . -17.01 -53.17 -23.61
C5 GTP HA . -17.63 -54.41 -23.58
C6 GTP HA . -18.65 -54.90 -22.74
O6 GTP HA . -19.22 -54.31 -21.82
N1 GTP HA . -18.97 -56.21 -23.05
C2 GTP HA . -18.41 -56.96 -24.05
N2 GTP HA . -18.86 -58.20 -24.19
N3 GTP HA . -17.45 -56.51 -24.84
C4 GTP HA . -17.11 -55.24 -24.56
PA NAD IA . -19.31 -37.71 11.53
O1A NAD IA . -18.97 -38.96 10.80
O2A NAD IA . -20.39 -37.78 12.55
O5B NAD IA . -17.99 -37.10 12.20
C5B NAD IA . -18.14 -35.96 13.07
C4B NAD IA . -17.97 -36.38 14.50
O4B NAD IA . -17.62 -37.78 14.56
C3B NAD IA . -16.89 -35.62 15.28
O3B NAD IA . -17.42 -35.15 16.51
C2B NAD IA . -15.80 -36.69 15.48
O2B NAD IA . -15.05 -36.52 16.66
C1B NAD IA . -16.66 -37.94 15.57
N9A NAD IA . -15.94 -39.18 15.35
C8A NAD IA . -15.52 -39.69 14.16
N7A NAD IA . -14.90 -40.85 14.27
C5A NAD IA . -14.95 -41.11 15.63
C6A NAD IA . -14.46 -42.18 16.40
N6A NAD IA . -13.83 -43.22 15.89
N1A NAD IA . -14.66 -42.13 17.74
C2A NAD IA . -15.30 -41.08 18.25
N3A NAD IA . -15.80 -40.01 17.62
C4A NAD IA . -15.59 -40.10 16.31
O3 NAD IA . -19.65 -36.58 10.46
PN NAD IA . -20.47 -35.22 10.61
O1N NAD IA . -19.50 -34.14 10.90
O2N NAD IA . -21.61 -35.44 11.54
O5D NAD IA . -21.04 -35.05 9.11
C5D NAD IA . -21.85 -36.12 8.58
C4D NAD IA . -22.39 -35.72 7.23
O4D NAD IA . -22.59 -34.29 7.18
C3D NAD IA . -21.48 -36.04 6.03
O3D NAD IA . -22.23 -36.25 4.85
C2D NAD IA . -20.65 -34.75 5.93
O2D NAD IA . -20.02 -34.62 4.67
C1D NAD IA . -21.79 -33.75 6.12
N1N NAD IA . -21.31 -32.40 6.48
C2N NAD IA . -20.57 -31.71 5.56
C3N NAD IA . -20.09 -30.44 5.88
C7N NAD IA . -19.28 -29.66 4.91
O7N NAD IA . -18.07 -29.53 5.12
N7N NAD IA . -19.90 -29.10 3.88
C4N NAD IA . -20.34 -29.91 7.12
C5N NAD IA . -21.08 -30.62 8.05
C6N NAD IA . -21.56 -31.87 7.72
P IMP JA . -24.37 -28.45 -3.51
O1P IMP JA . -25.73 -29.06 -3.70
O2P IMP JA . -23.27 -28.80 -4.47
O3P IMP JA . -24.52 -26.95 -3.50
O5' IMP JA . -23.88 -28.91 -2.07
C5' IMP JA . -23.78 -30.29 -1.74
C4' IMP JA . -22.59 -30.56 -0.86
O4' IMP JA . -22.75 -30.35 0.57
C3' IMP JA . -21.59 -31.70 -1.08
O3' IMP JA . -20.29 -31.17 -1.29
C2' IMP JA . -21.65 -32.44 0.26
O2' IMP JA . -20.71 -33.43 0.62
C1' IMP JA . -22.17 -31.43 1.29
N9 IMP JA . -23.20 -31.97 2.18
C8 IMP JA . -23.95 -33.04 1.90
N7 IMP JA . -24.78 -33.24 2.94
C5 IMP JA . -24.54 -32.30 3.84
C6 IMP JA . -25.16 -32.02 5.21
O6 IMP JA . -26.02 -32.72 5.61
N1 IMP JA . -24.70 -30.91 6.00
C2 IMP JA . -23.65 -30.07 5.49
N3 IMP JA . -23.06 -30.35 4.18
C4 IMP JA . -23.54 -31.49 3.38
PG ATP KA . -35.54 -60.91 -27.13
O1G ATP KA . -36.02 -61.03 -28.52
O2G ATP KA . -36.66 -60.66 -26.17
O3G ATP KA . -34.43 -59.93 -26.99
PB ATP KA . -33.52 -62.86 -26.33
O1B ATP KA . -33.54 -63.39 -24.94
O2B ATP KA . -32.52 -61.85 -26.71
O3B ATP KA . -34.98 -62.36 -26.74
PA ATP KA . -31.94 -64.40 -28.08
O1A ATP KA . -31.80 -63.51 -29.26
O2A ATP KA . -30.90 -64.39 -27.03
O3A ATP KA . -33.32 -64.08 -27.35
O5' ATP KA . -32.17 -65.90 -28.57
C5' ATP KA . -33.32 -66.22 -29.37
C4' ATP KA . -33.34 -67.71 -29.60
O4' ATP KA . -31.97 -68.18 -29.73
C3' ATP KA . -33.95 -68.54 -28.47
O3' ATP KA . -34.56 -69.73 -28.97
C2' ATP KA . -32.72 -68.91 -27.66
O2' ATP KA . -32.98 -70.06 -26.87
C1' ATP KA . -31.72 -69.17 -28.77
N9 ATP KA . -30.33 -69.09 -28.40
C8 ATP KA . -29.75 -68.45 -27.33
N7 ATP KA . -28.45 -68.59 -27.31
C5 ATP KA . -28.15 -69.36 -28.42
C6 ATP KA . -26.96 -69.85 -28.96
N6 ATP KA . -25.77 -69.67 -28.43
N1 ATP KA . -27.05 -70.60 -30.08
C2 ATP KA . -28.26 -70.83 -30.61
N3 ATP KA . -29.44 -70.40 -30.19
C4 ATP KA . -29.32 -69.67 -29.09
PG GTP LA . -28.81 -60.08 -14.30
O1G GTP LA . -27.95 -59.38 -13.26
O2G GTP LA . -29.49 -59.08 -15.20
O3G GTP LA . -29.81 -61.00 -13.66
O3B GTP LA . -27.89 -61.11 -15.16
PB GTP LA . -26.50 -61.21 -15.94
O1B GTP LA . -25.37 -60.78 -15.10
O2B GTP LA . -26.49 -62.54 -16.57
O3A GTP LA . -26.49 -60.06 -17.06
PA GTP LA . -26.14 -58.51 -17.04
O1A GTP LA . -27.17 -57.74 -16.30
O2A GTP LA . -24.85 -58.36 -16.34
O5' GTP LA . -26.00 -57.98 -18.54
C5' GTP LA . -26.53 -58.77 -19.64
C4' GTP LA . -27.92 -58.30 -19.96
O4' GTP LA . -28.64 -59.32 -20.69
C3' GTP LA . -28.83 -58.00 -18.76
O3' GTP LA . -28.65 -56.64 -18.37
C2' GTP LA . -30.22 -58.27 -19.31
O2' GTP LA . -31.06 -57.13 -19.31
C1' GTP LA . -29.90 -58.67 -20.74
N9 GTP LA . -30.93 -59.57 -21.25
C8 GTP LA . -31.23 -60.85 -20.90
N7 GTP LA . -32.24 -61.34 -21.57
C5 GTP LA . -32.64 -60.31 -22.39
C6 GTP LA . -33.69 -60.24 -23.34
O6 GTP LA . -34.51 -61.11 -23.65
N1 GTP LA . -33.75 -58.99 -23.94
C2 GTP LA . -32.91 -57.94 -23.69
N2 GTP LA . -33.12 -56.81 -24.37
N3 GTP LA . -31.92 -57.99 -22.81
C4 GTP LA . -31.84 -59.20 -22.20
PG GTP MA . -21.79 -28.23 43.89
O1G GTP MA . -20.40 -27.72 43.65
O2G GTP MA . -22.62 -28.39 42.63
O3G GTP MA . -22.53 -27.53 44.99
O3B GTP MA . -21.59 -29.74 44.37
PB GTP MA . -21.37 -30.92 43.34
O1B GTP MA . -22.66 -31.57 43.06
O2B GTP MA . -20.57 -30.36 42.23
O3A GTP MA . -20.39 -31.83 44.21
PA GTP MA . -20.67 -32.86 45.38
O1A GTP MA . -19.65 -33.92 45.31
O2A GTP MA . -22.10 -33.25 45.33
O5' GTP MA . -20.36 -31.92 46.64
C5' GTP MA . -21.40 -31.06 47.13
C4' GTP MA . -21.82 -31.54 48.50
O4' GTP MA . -22.77 -30.61 49.04
C3' GTP MA . -22.55 -32.88 48.54
O3' GTP MA . -22.56 -33.42 49.85
C2' GTP MA . -23.96 -32.46 48.15
O2' GTP MA . -24.88 -33.44 48.55
C1' GTP MA . -24.08 -31.16 48.94
N9 GTP MA . -24.94 -30.18 48.30
C8 GTP MA . -24.73 -29.51 47.12
N7 GTP MA . -25.69 -28.69 46.82
C5 GTP MA . -26.60 -28.83 47.85
C6 GTP MA . -27.84 -28.19 48.06
O6 GTP MA . -28.39 -27.35 47.34
N1 GTP MA . -28.43 -28.62 49.24
C2 GTP MA . -27.92 -29.53 50.11
N2 GTP MA . -28.64 -29.81 51.19
N3 GTP MA . -26.75 -30.13 49.92
C4 GTP MA . -26.15 -29.73 48.78
PA NAD NA . -30.14 6.26 31.33
O1A NAD NA . -30.03 5.55 32.64
O2A NAD NA . -31.33 7.10 31.10
O5B NAD NA . -28.81 7.13 31.08
C5B NAD NA . -28.80 8.03 29.96
C4B NAD NA . -29.01 9.44 30.42
O4B NAD NA . -29.02 9.48 31.87
C3B NAD NA . -27.92 10.44 29.99
O3B NAD NA . -28.52 11.59 29.41
C2B NAD NA . -27.20 10.76 31.30
O2B NAD NA . -26.65 12.06 31.33
C1B NAD NA . -28.35 10.64 32.27
N9A NAD NA . -27.94 10.49 33.67
C8A NAD NA . -27.45 9.37 34.28
N7A NAD NA . -27.19 9.56 35.55
C5A NAD NA . -27.54 10.88 35.79
C6A NAD NA . -27.50 11.67 36.94
N6A NAD NA . -27.07 11.24 38.12
N1A NAD NA . -27.91 12.96 36.83
C2A NAD NA . -28.34 13.38 35.63
N3A NAD NA . -28.42 12.72 34.49
C4A NAD NA . -28.00 11.46 34.63
O3 NAD NA . -30.00 5.18 30.16
PN NAD NA . -30.42 5.24 28.62
O1N NAD NA . -29.25 5.75 27.86
O2N NAD NA . -31.72 5.96 28.51
O5D NAD NA . -30.64 3.68 28.31
C5D NAD NA . -31.62 2.96 29.09
C4D NAD NA . -31.76 1.56 28.58
O4D NAD NA . -31.57 1.54 27.14
C3D NAD NA . -30.74 0.54 29.13
O3D NAD NA . -31.28 -0.77 29.14
C2D NAD NA . -29.62 0.65 28.11
O2D NAD NA . -28.74 -0.46 28.14
C1D NAD NA . -30.47 0.67 26.83
N1N NAD NA . -29.74 1.18 25.67
C2N NAD NA . -28.68 0.44 25.19
C3N NAD NA . -27.95 0.91 24.10
C7N NAD NA . -26.80 0.14 23.56
O7N NAD NA . -25.65 0.56 23.76
N7N NAD NA . -27.04 -0.97 22.87
C4N NAD NA . -28.26 2.12 23.53
C5N NAD NA . -29.32 2.86 24.02
C6N NAD NA . -30.04 2.39 25.09
P IMP OA . -29.86 -8.97 21.05
O1P IMP OA . -31.28 -9.41 21.28
O2P IMP OA . -28.74 -9.76 21.68
O3P IMP OA . -29.63 -8.92 19.56
O5' IMP OA . -29.75 -7.50 21.63
C5' IMP OA . -30.07 -7.23 22.99
C4' IMP OA . -29.17 -6.15 23.56
O4' IMP OA . -29.54 -4.78 23.33
C3' IMP OA . -28.49 -6.26 24.92
O3' IMP OA . -27.07 -6.20 24.75
C2' IMP OA . -28.97 -5.00 25.63
O2' IMP OA . -28.40 -4.52 26.84
C1' IMP OA . -29.39 -4.01 24.51
N9 IMP OA . -30.66 -3.34 24.77
C8 IMP OA . -31.60 -3.80 25.61
N7 IMP OA . -32.62 -2.93 25.59
C5 IMP OA . -32.30 -1.95 24.74
C6 IMP OA . -33.07 -0.69 24.31
O6 IMP OA . -34.14 -0.48 24.77
N1 IMP OA . -32.49 0.21 23.37
C2 IMP OA . -31.18 -0.07 22.84
N3 IMP OA . -30.46 -1.26 23.25
C4 IMP OA . -31.08 -2.20 24.23
PG ATP PA . -44.65 -35.69 49.41
O1G ATP PA . -44.89 -37.15 49.39
O2G ATP PA . -45.80 -34.91 48.87
O3G ATP PA . -43.36 -35.32 48.77
PB ATP PA . -43.39 -34.63 51.84
O1B ATP PA . -43.83 -33.31 52.35
O2B ATP PA . -42.12 -34.74 51.11
O3B ATP PA . -44.56 -35.27 50.95
PA ATP PA . -41.97 -36.18 53.71
O1A ATP PA . -41.39 -37.26 52.87
O2A ATP PA . -41.15 -34.97 53.98
O3A ATP PA . -43.33 -35.68 53.04
O5' ATP PA . -42.48 -36.78 55.08
C5' ATP PA . -43.50 -37.80 55.08
C4' ATP PA . -43.88 -38.09 56.51
O4' ATP PA . -42.69 -38.01 57.33
C3' ATP PA . -44.87 -37.10 57.14
O3' ATP PA . -45.71 -37.73 58.09
C2' ATP PA . -43.94 -36.13 57.84
O2' ATP PA . -44.64 -35.48 58.87
C1' ATP PA . -42.88 -37.07 58.36
N9 ATP PA . -41.60 -36.48 58.64
C8 ATP PA . -41.05 -35.31 58.16
N7 ATP PA . -39.85 -35.07 58.64
C5 ATP PA . -39.61 -36.15 59.49
C6 ATP PA . -38.51 -36.51 60.28
N6 ATP PA . -37.41 -35.77 60.42
N1 ATP PA . -38.61 -37.65 61.00
C2 ATP PA . -39.72 -38.37 60.90
N3 ATP PA . -40.80 -38.14 60.17
C4 ATP PA . -40.68 -37.01 59.48
PG GTP QA . -40.30 -21.85 50.38
O1G GTP QA . -39.49 -20.67 49.92
O2G GTP QA . -40.54 -22.81 49.22
O3G GTP QA . -41.61 -21.44 51.00
O3B GTP QA . -39.55 -22.62 51.61
PB GTP QA . -38.13 -23.16 52.09
O1B GTP QA . -37.10 -22.11 52.00
O2B GTP QA . -38.40 -23.83 53.38
O3A GTP QA . -37.60 -24.19 51.01
PA GTP QA . -36.90 -24.03 49.58
O1A GTP QA . -37.82 -23.44 48.58
O2A GTP QA . -35.76 -23.11 49.78
O5' GTP QA . -36.35 -25.45 49.09
C5' GTP QA . -36.85 -26.67 49.71
C4' GTP QA . -38.00 -27.20 48.89
O4' GTP QA . -38.81 -28.09 49.69
C3' GTP QA . -38.99 -26.16 48.37
O3' GTP QA . -38.55 -25.67 47.11
C2' GTP QA . -40.30 -26.95 48.26
O2' GTP QA . -40.79 -27.05 46.94
C1' GTP QA . -39.84 -28.32 48.73
N9 GTP QA . -40.95 -29.03 49.33
C8 GTP QA . -41.63 -28.79 50.50
N7 GTP QA . -42.60 -29.64 50.72
C5 GTP QA . -42.58 -30.48 49.61
C6 GTP QA . -43.40 -31.58 49.27
O6 GTP QA . -44.35 -32.05 49.91
N1 GTP QA . -43.04 -32.13 48.05
C2 GTP QA . -42.01 -31.70 47.25
N2 GTP QA . -41.81 -32.37 46.11
N3 GTP QA . -41.23 -30.67 47.57
C4 GTP QA . -41.58 -30.11 48.75
PG GTP RA . -35.74 38.13 21.61
O1G GTP RA . -34.25 38.15 21.49
O2G GTP RA . -36.33 36.73 21.55
O3G GTP RA . -36.46 39.12 20.74
O3B GTP RA . -36.02 38.57 23.12
PB GTP RA . -35.94 37.54 24.32
O1B GTP RA . -37.28 37.02 24.61
O2B GTP RA . -34.84 36.60 23.98
O3A GTP RA . -35.40 38.51 25.46
PA GTP RA . -36.14 39.57 26.38
O1A GTP RA . -35.43 39.61 27.68
O2A GTP RA . -37.58 39.25 26.39
O5' GTP RA . -35.82 40.91 25.57
C5' GTP RA . -36.68 41.25 24.47
C4' GTP RA . -37.44 42.50 24.81
O4' GTP RA . -38.20 42.92 23.66
C3' GTP RA . -38.48 42.35 25.92
O3' GTP RA . -38.88 43.61 26.44
C2' GTP RA . -39.64 41.74 25.14
O2' GTP RA . -40.85 41.92 25.83
C1' GTP RA . -39.56 42.57 23.85
N9 GTP RA . -40.01 41.85 22.68
C8 GTP RA . -39.43 40.75 22.09
N7 GTP RA . -40.08 40.32 21.04
C5 GTP RA . -41.16 41.18 20.94
C6 GTP RA . -42.21 41.21 20.00
O6 GTP RA . -42.40 40.45 19.04
N1 GTP RA . -43.09 42.25 20.26
C2 GTP RA . -42.99 43.14 21.28
N2 GTP RA . -43.95 44.07 21.37
N3 GTP RA . -42.01 43.13 22.17
C4 GTP RA . -41.13 42.13 21.93
PA NAD SA . -32.55 26.01 -13.88
O1A NAD SA . -32.87 27.28 -13.16
O2A NAD SA . -33.41 25.61 -15.01
O5B NAD SA . -31.02 26.04 -14.36
C5B NAD SA . -30.56 24.98 -15.22
C4B NAD SA . -30.49 25.46 -16.64
O4B NAD SA . -30.75 26.88 -16.69
C3B NAD SA . -29.13 25.27 -17.33
O3B NAD SA . -29.32 24.65 -18.59
C2B NAD SA . -28.59 26.69 -17.46
O2B NAD SA . -27.75 26.88 -18.57
C1B NAD SA . -29.90 27.46 -17.63
N9A NAD SA . -29.80 28.88 -17.38
C8A NAD SA . -29.73 29.52 -16.16
N7A NAD SA . -29.66 30.82 -16.26
C5A NAD SA . -29.69 31.06 -17.64
C6A NAD SA . -29.65 32.24 -18.39
N6A NAD SA . -29.56 33.45 -17.85
N1A NAD SA . -29.69 32.12 -19.73
C2A NAD SA . -29.77 30.90 -20.26
N3A NAD SA . -29.82 29.72 -19.66
C4A NAD SA . -29.77 29.87 -18.33
O3 NAD SA . -32.49 24.83 -12.81
PN NAD SA . -32.61 23.25 -12.97
O1N NAD SA . -31.23 22.71 -13.15
O2N NAD SA . -33.63 22.95 -14.01
O5D NAD SA . -33.17 22.83 -11.53
C5D NAD SA . -34.43 23.40 -11.10
C4D NAD SA . -34.83 22.80 -9.78
O4D NAD SA . -34.40 21.43 -9.72
C3D NAD SA . -34.23 23.47 -8.54
O3D NAD SA . -35.08 23.33 -7.41
C2D NAD SA . -32.96 22.66 -8.35
O2D NAD SA . -32.42 22.79 -7.05
C1D NAD SA . -33.53 21.26 -8.60
N1N NAD SA . -32.50 20.27 -8.91
C2N NAD SA . -31.59 19.94 -7.91
C3N NAD SA . -30.59 19.02 -8.17
C7N NAD SA . -29.60 18.64 -7.14
O7N NAD SA . -28.44 19.05 -7.24
N7N NAD SA . -30.00 17.86 -6.14
C4N NAD SA . -30.48 18.45 -9.43
C5N NAD SA . -31.39 18.79 -10.42
C6N NAD SA . -32.38 19.70 -10.15
P IMP TA . -34.41 15.21 0.88
O1P IMP TA . -35.92 15.19 0.91
O2P IMP TA . -33.68 15.97 1.96
O3P IMP TA . -33.93 13.79 0.90
O5' IMP TA . -34.02 15.88 -0.50
C5' IMP TA . -34.51 17.16 -0.86
C4' IMP TA . -33.47 17.93 -1.66
O4' IMP TA . -33.43 17.70 -3.09
C3' IMP TA . -33.09 19.38 -1.39
O3' IMP TA . -31.70 19.45 -1.07
C2' IMP TA . -33.36 20.05 -2.73
O2' IMP TA . -32.91 21.36 -3.04
C1' IMP TA . -33.30 18.93 -3.78
N9 IMP TA . -34.37 19.00 -4.77
C8 IMP TA . -35.53 19.64 -4.58
N7 IMP TA . -36.27 19.48 -5.70
C5 IMP TA . -35.57 18.75 -6.56
C6 IMP TA . -35.89 18.26 -7.97
O6 IMP TA . -36.93 18.54 -8.46
N1 IMP TA . -34.93 17.48 -8.69
C2 IMP TA . -33.67 17.16 -8.08
N3 IMP TA . -33.37 17.63 -6.72
C4 IMP TA . -34.38 18.45 -5.99
PG ATP UA . -60.35 39.32 22.82
O1G ATP UA . -60.95 39.19 24.17
O2G ATP UA . -61.16 38.64 21.77
O3G ATP UA . -58.92 38.93 22.80
PB ATP UA . -59.31 41.98 22.15
O1B ATP UA . -59.47 42.46 20.75
O2B ATP UA . -58.00 41.48 22.60
O3B ATP UA . -60.43 40.88 22.46
PA ATP UA . -58.70 43.98 24.03
O1A ATP UA . -58.31 43.19 25.22
O2A ATP UA . -57.63 44.45 23.10
O3A ATP UA . -59.73 43.13 23.16
O5' ATP UA . -59.58 45.23 24.47
C5' ATP UA . -60.82 44.99 25.17
C4' ATP UA . -61.51 46.32 25.37
O4' ATP UA . -60.51 47.34 25.61
C3' ATP UA . -62.32 46.81 24.16
O3' ATP UA . -63.44 47.58 24.56
C2' ATP UA . -61.31 47.71 23.46
O2' ATP UA . -61.99 48.65 22.66
C1' ATP UA . -60.62 48.35 24.65
N9 ATP UA . -59.30 48.86 24.39
C8 ATP UA . -58.41 48.52 23.41
N7 ATP UA . -57.28 49.20 23.48
C5 ATP UA . -57.45 50.03 24.59
C6 ATP UA . -56.62 50.97 25.20
N6 ATP UA . -55.40 51.31 24.77
N1 ATP UA . -57.11 51.62 26.28
C2 ATP UA . -58.35 51.32 26.71
N3 ATP UA . -59.20 50.44 26.22
C4 ATP UA . -58.69 49.83 25.15
PG GTP VA . -52.81 41.66 10.62
O1G GTP VA . -51.66 41.42 9.69
O2G GTP VA . -53.09 40.45 11.47
O3G GTP VA . -54.06 42.08 9.87
O3B GTP VA . -52.53 42.97 11.55
PB GTP VA . -51.41 43.67 12.44
O1B GTP VA . -50.13 43.80 11.71
O2B GTP VA . -52.05 44.86 13.03
O3A GTP VA . -50.98 42.63 13.58
PA GTP VA . -50.02 41.37 13.61
O1A GTP VA . -50.56 40.25 12.80
O2A GTP VA . -48.73 41.79 13.02
O5' GTP VA . -49.77 40.90 15.13
C5' GTP VA . -50.67 41.37 16.17
C4' GTP VA . -51.76 40.34 16.38
O4' GTP VA . -52.90 40.95 17.03
C3' GTP VA . -52.34 39.71 15.11
O3' GTP VA . -51.57 38.57 14.76
C2' GTP VA . -53.76 39.35 15.54
O2' GTP VA . -54.01 37.96 15.50
C1' GTP VA . -53.76 39.83 16.98
N9 GTP VA . -55.11 40.20 17.38
C8 GTP VA . -55.89 41.24 16.98
N7 GTP VA . -57.07 41.25 17.55
C5 GTP VA . -57.08 40.11 18.35
C6 GTP VA . -58.09 39.60 19.19
O6 GTP VA . -59.22 40.03 19.40
N1 GTP VA . -57.67 38.42 19.82
C2 GTP VA . -56.44 37.83 19.66
N2 GTP VA . -56.22 36.71 20.35
N3 GTP VA . -55.49 38.32 18.88
C4 GTP VA . -55.88 39.45 18.25
#